data_9D8L
#
_entry.id   9D8L
#
_cell.length_a   1.00
_cell.length_b   1.00
_cell.length_c   1.00
_cell.angle_alpha   90.00
_cell.angle_beta   90.00
_cell.angle_gamma   90.00
#
_symmetry.space_group_name_H-M   'P 1'
#
loop_
_entity.id
_entity.type
_entity.pdbx_description
1 polymer 'Spike glycoprotein'
2 branched 2-acetamido-2-deoxy-beta-D-glucopyranose-(1-4)-2-acetamido-2-deoxy-beta-D-glucopyranose
3 branched 2-acetamido-2-deoxy-beta-D-glucopyranose-(1-4)-[alpha-L-fucopyranose-(1-6)]2-acetamido-2-deoxy-beta-D-glucopyranose
4 non-polymer 2-acetamido-2-deoxy-beta-D-glucopyranose
#
_entity_poly.entity_id   1
_entity_poly.type   'polypeptide(L)'
_entity_poly.pdbx_seq_one_letter_code
;MFVFLVLLPLVSSQCVMPLFNLITTTQSYTNSFTRGVYYPDKVFRSSVLHLTQDLFLPFFSNVTWFHAISGTNGTKRFDN
PVLPFNDGVYFASTEKSNIIRGWIFGTTLDSKTQSLLIVNNATNVFIKVCEFQFCNDPFLDVYHKNNKSWMESESGVYSS
ANNCTFEYVSQPFLMDLEGKQGNFKNLREFVFKNIDGYFKIYSKHTPIIGRDFPQGFSALEPLVDLPIGINITRFQTLLA
LNRSYLTPGDSSSGWTAGAADYYVGYLQPRTFLLKYNENGTITDAVDCALDPLSETKCTLKSFTVEKGIYQTSNFRVQPT
ESIVRFPNVTNLCPFHEVFNATTFASVYAWNRTRISNCVADYSVLYNFAPFFAFKCYGVSPTKLNDLCFTNVYADSFVIK
GNEVSQIAPGQTGNIADYNYKLPDDFTGCVIAWNSNKLDSKHSGNYDYWYRSLRKSKLKPFERDISTEIYQAGNKPCKGK
GPNCYFPLQSYGFRPTYGVGHQPYRVVVLSFELLHAPATVCGPKKSTNLVKNKCVNFNFNGLTGTGVLTKSNKKFLPFQQ
FGRDIVDTTDAVRDPQTLEILDITPCSFGGVSVITPGTNTSNQVAVLYQGVNCTEVSVAIHADQLTPTWRVYSTGSNVFQ
TRAGCLIGAEYVNNSYECDIPIGAGICASYQTQTKSRRRARSVASQSIIAYTMSLGAENSVAYSNNSIAIPTNFTISVTT
EILPVSMTKTSVDCTMYICGDSTECSNLLLQYGSFCTQLKRALTGIAVEQDKNTQEVFAQVKQIYKTPPIKYFGGFNFSQ
ILPDPSKPSKRSFIEDLLFNKVTLADAGFIKQYGDCLGDIAARDLICAQKFNGLTVLPPLLTDEMIAQYTSALLAGTITS
GWTFGAGAALQIPFAMQMAYRFNGIGVTQNVLYENQKLIANQFNSAIGKIQDSLFSTASALGKLQDVVNHNAQALNTLVK
QLSSKFGAISSVLNDILSRLDPPEAEVQIDRLITGRLQSLQTYVTQQLIRAAEIRASANLAATKMSECVLGQSKRVDFCG
KGYHLMSFPQSAPHGVVFLHVTYVPAQEKNFTTAPAICHDGKAHFPREGVFVSNGTHWFLTQRNFYEPQIITTDNTFVSG
NCDVVIGIVNNTVYDPLQLELDSFKEELDKYFKNHTSPDVDLGDISGINASVVNIQKEIDRLNEVAKNLNESLIDLQELG
KYEQYIKWPWYIWLGFIAGLIAIVMVTIMLCCMTSCCSCLKGCCSCGSCCKFDEDDSEPVLKGVKLHYTGGGGSGGGGSW
SHPQFEKGGGGSGGGGSWSHPQFEK
;
_entity_poly.pdbx_strand_id   A,B,C
#
loop_
_chem_comp.id
_chem_comp.type
_chem_comp.name
_chem_comp.formula
FUC L-saccharide, alpha linking alpha-L-fucopyranose 'C6 H12 O5'
NAG D-saccharide, beta linking 2-acetamido-2-deoxy-beta-D-glucopyranose 'C8 H15 N O6'
#
# COMPACT_ATOMS: atom_id res chain seq x y z
N CYS A 15 57.40 -40.75 22.00
CA CYS A 15 56.92 -39.97 23.13
C CYS A 15 57.86 -40.10 24.32
N VAL A 16 58.75 -39.12 24.49
CA VAL A 16 59.70 -39.08 25.60
C VAL A 16 59.45 -37.78 26.36
N MET A 17 59.09 -37.89 27.63
CA MET A 17 58.84 -36.73 28.47
C MET A 17 59.83 -36.75 29.64
N PRO A 18 60.70 -35.76 29.77
CA PRO A 18 61.56 -35.68 30.96
C PRO A 18 60.74 -35.42 32.21
N LEU A 19 61.25 -35.91 33.34
CA LEU A 19 60.55 -35.73 34.61
C LEU A 19 60.61 -34.26 35.03
N PHE A 20 59.45 -33.70 35.34
CA PHE A 20 59.33 -32.30 35.74
C PHE A 20 58.42 -32.18 36.95
N ASN A 21 58.65 -31.14 37.73
CA ASN A 21 57.77 -30.80 38.86
C ASN A 21 56.58 -30.03 38.31
N LEU A 22 55.62 -30.77 37.78
CA LEU A 22 54.46 -30.15 37.15
C LEU A 22 53.66 -29.35 38.15
N ILE A 23 53.21 -28.17 37.72
CA ILE A 23 52.47 -27.24 38.57
C ILE A 23 51.04 -27.15 38.04
N THR A 24 50.08 -27.20 38.95
CA THR A 24 48.68 -27.08 38.56
C THR A 24 48.43 -25.73 37.88
N THR A 25 47.57 -25.74 36.88
CA THR A 25 47.35 -24.55 36.07
C THR A 25 46.64 -23.47 36.87
N THR A 26 47.10 -22.23 36.70
CA THR A 26 46.48 -21.06 37.31
C THR A 26 45.71 -20.32 36.23
N GLN A 27 44.42 -20.10 36.47
CA GLN A 27 43.52 -19.45 35.51
C GLN A 27 43.07 -18.12 36.10
N SER A 28 43.87 -17.08 35.88
CA SER A 28 43.47 -15.74 36.27
C SER A 28 42.47 -15.19 35.28
N TYR A 29 41.56 -14.35 35.77
CA TYR A 29 40.51 -13.78 34.95
C TYR A 29 40.78 -12.30 34.72
N THR A 30 40.51 -11.84 33.51
CA THR A 30 40.68 -10.43 33.18
C THR A 30 39.66 -10.04 32.12
N ASN A 31 39.36 -8.75 32.08
CA ASN A 31 38.45 -8.19 31.08
C ASN A 31 39.06 -8.25 29.68
N SER A 32 38.18 -8.29 28.67
CA SER A 32 38.62 -8.43 27.29
C SER A 32 38.76 -7.10 26.55
N PHE A 33 38.21 -6.01 27.07
CA PHE A 33 38.26 -4.70 26.40
C PHE A 33 37.62 -4.82 25.02
N THR A 34 38.08 -4.01 24.06
CA THR A 34 37.44 -3.92 22.76
C THR A 34 38.10 -4.78 21.70
N ARG A 35 39.10 -5.57 22.06
CA ARG A 35 39.80 -6.39 21.07
C ARG A 35 38.93 -7.54 20.61
N GLY A 36 39.23 -8.04 19.42
CA GLY A 36 38.53 -9.19 18.88
C GLY A 36 37.62 -8.85 17.72
N VAL A 37 38.01 -7.86 16.91
CA VAL A 37 37.25 -7.45 15.74
C VAL A 37 38.03 -7.88 14.51
N TYR A 38 37.40 -8.71 13.68
CA TYR A 38 38.01 -9.21 12.47
C TYR A 38 37.11 -8.92 11.27
N TYR A 39 37.68 -9.01 10.08
CA TYR A 39 36.93 -8.71 8.87
C TYR A 39 35.98 -9.86 8.57
N PRO A 40 34.67 -9.63 8.57
CA PRO A 40 33.73 -10.75 8.33
C PRO A 40 33.89 -11.39 6.98
N ASP A 41 34.26 -10.63 5.94
CA ASP A 41 34.31 -11.17 4.60
C ASP A 41 35.40 -10.45 3.81
N LYS A 42 35.72 -11.00 2.64
CA LYS A 42 36.76 -10.45 1.79
C LYS A 42 36.33 -9.18 1.06
N VAL A 43 35.03 -8.85 1.08
CA VAL A 43 34.55 -7.68 0.36
C VAL A 43 35.15 -6.41 0.94
N PHE A 44 35.59 -5.52 0.06
CA PHE A 44 36.21 -4.27 0.47
C PHE A 44 35.18 -3.15 0.48
N ARG A 45 35.12 -2.43 1.60
CA ARG A 45 34.26 -1.26 1.74
C ARG A 45 35.05 -0.13 2.36
N SER A 46 34.72 1.11 1.99
CA SER A 46 35.42 2.27 2.49
C SER A 46 34.43 3.37 2.84
N SER A 47 34.70 4.05 3.97
CA SER A 47 33.87 5.14 4.47
C SER A 47 32.39 4.75 4.55
N VAL A 48 32.15 3.55 5.10
CA VAL A 48 30.80 3.06 5.31
C VAL A 48 30.66 2.64 6.77
N LEU A 49 29.42 2.59 7.22
CA LEU A 49 29.06 2.12 8.55
C LEU A 49 28.32 0.80 8.35
N HIS A 50 29.06 -0.30 8.40
CA HIS A 50 28.53 -1.61 8.09
C HIS A 50 28.03 -2.29 9.35
N LEU A 51 26.75 -2.63 9.37
CA LEU A 51 26.16 -3.40 10.45
C LEU A 51 26.12 -4.86 10.03
N THR A 52 26.78 -5.73 10.80
CA THR A 52 26.93 -7.13 10.44
C THR A 52 26.56 -8.01 11.61
N GLN A 53 26.16 -9.24 11.29
CA GLN A 53 25.91 -10.28 12.28
C GLN A 53 26.89 -11.41 12.00
N ASP A 54 27.65 -11.79 13.02
CA ASP A 54 28.66 -12.83 12.86
C ASP A 54 29.04 -13.35 14.24
N LEU A 55 30.08 -14.18 14.29
CA LEU A 55 30.56 -14.77 15.53
C LEU A 55 31.74 -13.93 16.03
N PHE A 56 31.40 -12.83 16.68
CA PHE A 56 32.41 -11.91 17.20
C PHE A 56 32.76 -12.26 18.63
N LEU A 57 33.63 -11.45 19.24
CA LEU A 57 33.92 -11.55 20.66
C LEU A 57 33.19 -10.43 21.38
N PRO A 58 32.28 -10.74 22.31
CA PRO A 58 31.49 -9.68 22.94
C PRO A 58 32.38 -8.68 23.65
N PHE A 59 32.00 -7.40 23.55
CA PHE A 59 32.78 -6.34 24.14
C PHE A 59 32.76 -6.42 25.66
N PHE A 60 33.91 -6.04 26.25
CA PHE A 60 34.07 -6.02 27.70
C PHE A 60 33.71 -7.36 28.32
N SER A 61 34.13 -8.44 27.65
CA SER A 61 33.91 -9.78 28.16
C SER A 61 35.10 -10.22 28.99
N ASN A 62 35.05 -11.45 29.48
CA ASN A 62 36.02 -11.96 30.43
C ASN A 62 36.74 -13.18 29.85
N VAL A 63 38.04 -13.26 30.08
CA VAL A 63 38.88 -14.26 29.44
C VAL A 63 39.72 -14.97 30.48
N THR A 64 40.18 -16.17 30.13
CA THR A 64 40.95 -17.02 31.03
C THR A 64 42.44 -16.80 30.75
N TRP A 65 43.13 -16.15 31.68
CA TRP A 65 44.53 -15.80 31.52
C TRP A 65 45.40 -16.90 32.13
N PHE A 66 46.22 -17.52 31.30
CA PHE A 66 47.16 -18.53 31.74
C PHE A 66 48.58 -18.00 31.69
N HIS A 67 49.47 -18.66 32.43
CA HIS A 67 50.89 -18.32 32.43
C HIS A 67 51.71 -19.60 32.36
N ALA A 68 52.93 -19.46 31.86
CA ALA A 68 53.83 -20.61 31.72
C ALA A 68 55.26 -20.12 31.88
N ILE A 69 55.94 -20.58 32.93
CA ILE A 69 57.31 -20.17 33.22
C ILE A 69 58.03 -21.34 33.87
N SER A 70 59.36 -21.26 33.89
CA SER A 70 60.21 -22.23 34.58
C SER A 70 60.87 -21.54 35.77
N GLY A 71 60.65 -22.07 36.96
CA GLY A 71 61.19 -21.47 38.15
C GLY A 71 62.67 -21.74 38.33
N THR A 72 63.29 -20.97 39.23
CA THR A 72 64.69 -21.13 39.56
C THR A 72 64.93 -22.17 40.65
N ASN A 73 63.87 -22.76 41.19
CA ASN A 73 63.98 -23.78 42.23
C ASN A 73 63.88 -25.19 41.68
N GLY A 74 63.95 -25.35 40.36
CA GLY A 74 63.83 -26.66 39.73
C GLY A 74 62.42 -27.05 39.34
N THR A 75 61.42 -26.23 39.67
CA THR A 75 60.04 -26.50 39.32
C THR A 75 59.65 -25.67 38.11
N LYS A 76 59.15 -26.32 37.07
CA LYS A 76 58.76 -25.68 35.83
C LYS A 76 57.24 -25.78 35.68
N ARG A 77 56.60 -24.63 35.46
CA ARG A 77 55.15 -24.57 35.32
C ARG A 77 54.77 -25.09 33.93
N PHE A 78 54.15 -26.26 33.89
CA PHE A 78 53.70 -26.88 32.66
C PHE A 78 52.17 -26.80 32.65
N ASP A 79 51.66 -25.73 32.07
CA ASP A 79 50.21 -25.46 32.04
C ASP A 79 49.74 -25.58 30.61
N ASN A 80 49.22 -26.76 30.25
CA ASN A 80 48.57 -26.96 28.96
C ASN A 80 47.25 -27.71 29.18
N PRO A 81 46.26 -27.03 29.80
CA PRO A 81 44.96 -27.69 30.01
C PRO A 81 44.18 -27.87 28.73
N VAL A 82 42.99 -28.43 28.85
CA VAL A 82 42.15 -28.81 27.71
C VAL A 82 40.89 -27.96 27.76
N LEU A 83 40.68 -27.14 26.72
CA LEU A 83 39.65 -26.12 26.75
C LEU A 83 38.60 -26.34 25.66
N PRO A 84 37.32 -26.11 25.98
CA PRO A 84 36.26 -26.23 24.97
C PRO A 84 36.39 -25.19 23.87
N PHE A 85 35.93 -25.56 22.68
CA PHE A 85 35.92 -24.66 21.52
C PHE A 85 34.59 -23.94 21.36
N ASN A 86 33.48 -24.62 21.66
CA ASN A 86 32.14 -24.08 21.50
C ASN A 86 31.91 -23.57 20.07
N ASP A 87 31.87 -22.26 19.90
CA ASP A 87 31.64 -21.65 18.59
C ASP A 87 32.82 -20.85 18.09
N GLY A 88 33.86 -20.67 18.88
CA GLY A 88 35.03 -19.94 18.44
C GLY A 88 35.96 -19.67 19.60
N VAL A 89 37.18 -19.27 19.26
CA VAL A 89 38.21 -18.98 20.24
C VAL A 89 39.03 -17.80 19.75
N TYR A 90 39.17 -16.78 20.60
CA TYR A 90 40.05 -15.65 20.34
C TYR A 90 41.34 -15.86 21.13
N PHE A 91 42.43 -16.09 20.42
CA PHE A 91 43.70 -16.41 21.04
C PHE A 91 44.65 -15.23 20.90
N ALA A 92 45.13 -14.72 22.02
CA ALA A 92 46.13 -13.66 22.05
C ALA A 92 47.34 -14.16 22.81
N SER A 93 48.54 -13.91 22.28
CA SER A 93 49.77 -14.41 22.86
C SER A 93 50.80 -13.29 22.94
N THR A 94 51.69 -13.41 23.93
CA THR A 94 52.78 -12.47 24.11
C THR A 94 53.93 -13.20 24.77
N GLU A 95 55.09 -13.19 24.14
CA GLU A 95 56.24 -13.96 24.63
C GLU A 95 57.50 -13.39 24.01
N LYS A 96 58.64 -13.88 24.50
CA LYS A 96 59.96 -13.47 24.02
C LYS A 96 60.65 -14.53 23.19
N SER A 97 60.63 -15.79 23.62
CA SER A 97 61.29 -16.88 22.92
C SER A 97 60.34 -17.73 22.09
N ASN A 98 59.10 -17.26 21.89
CA ASN A 98 58.08 -17.98 21.13
C ASN A 98 57.84 -19.37 21.72
N ILE A 99 57.49 -19.38 23.01
CA ILE A 99 57.19 -20.64 23.69
C ILE A 99 55.96 -21.30 23.09
N ILE A 100 54.94 -20.50 22.76
CA ILE A 100 53.73 -21.00 22.11
C ILE A 100 54.09 -21.24 20.65
N ARG A 101 54.43 -22.48 20.32
CA ARG A 101 54.85 -22.84 18.96
C ARG A 101 53.72 -23.44 18.13
N GLY A 102 52.53 -23.57 18.70
CA GLY A 102 51.41 -24.11 17.94
C GLY A 102 50.28 -24.52 18.86
N TRP A 103 49.22 -25.05 18.23
CA TRP A 103 48.03 -25.50 18.93
C TRP A 103 47.54 -26.79 18.31
N ILE A 104 46.76 -27.53 19.09
CA ILE A 104 46.23 -28.82 18.67
C ILE A 104 44.71 -28.80 18.88
N PHE A 105 43.98 -29.29 17.88
CA PHE A 105 42.52 -29.23 17.88
C PHE A 105 41.97 -30.64 17.66
N GLY A 106 40.88 -30.94 18.35
CA GLY A 106 40.27 -32.26 18.24
C GLY A 106 39.12 -32.40 19.20
N THR A 107 38.63 -33.64 19.31
CA THR A 107 37.53 -33.96 20.20
C THR A 107 37.96 -34.90 21.33
N THR A 108 38.51 -36.07 20.98
CA THR A 108 38.96 -37.03 21.97
C THR A 108 40.48 -37.11 22.09
N LEU A 109 41.21 -36.42 21.22
CA LEU A 109 42.68 -36.38 21.25
C LEU A 109 43.28 -37.78 21.15
N ASP A 110 43.01 -38.43 20.02
CA ASP A 110 43.54 -39.75 19.74
C ASP A 110 43.49 -39.97 18.24
N SER A 111 43.95 -41.15 17.81
CA SER A 111 43.98 -41.50 16.39
C SER A 111 42.63 -41.98 15.88
N LYS A 112 41.63 -42.12 16.76
CA LYS A 112 40.31 -42.59 16.31
C LYS A 112 39.68 -41.60 15.34
N THR A 113 39.79 -40.31 15.62
CA THR A 113 39.24 -39.27 14.76
C THR A 113 40.35 -38.33 14.29
N GLN A 114 40.11 -37.69 13.15
CA GLN A 114 41.08 -36.75 12.60
C GLN A 114 41.23 -35.54 13.52
N SER A 115 42.44 -34.99 13.55
CA SER A 115 42.76 -33.85 14.39
C SER A 115 43.54 -32.82 13.59
N LEU A 116 43.49 -31.57 14.06
CA LEU A 116 44.19 -30.46 13.43
C LEU A 116 45.37 -30.05 14.31
N LEU A 117 46.54 -29.89 13.70
CA LEU A 117 47.74 -29.54 14.43
C LEU A 117 48.53 -28.50 13.64
N ILE A 118 49.11 -27.55 14.36
CA ILE A 118 49.92 -26.49 13.78
C ILE A 118 51.25 -26.44 14.51
N VAL A 119 52.35 -26.41 13.77
CA VAL A 119 53.70 -26.35 14.33
C VAL A 119 54.45 -25.20 13.68
N ASN A 120 55.08 -24.36 14.50
CA ASN A 120 55.94 -23.30 14.01
C ASN A 120 57.37 -23.81 13.92
N ASN A 121 57.93 -23.79 12.72
CA ASN A 121 59.28 -24.28 12.47
C ASN A 121 60.36 -23.21 12.63
N ALA A 122 59.96 -21.98 12.98
CA ALA A 122 60.81 -20.80 13.11
C ALA A 122 61.38 -20.36 11.77
N THR A 123 61.09 -21.07 10.68
CA THR A 123 61.48 -20.66 9.34
C THR A 123 60.26 -20.73 8.43
N ASN A 124 59.31 -21.58 8.80
CA ASN A 124 58.04 -21.71 8.09
C ASN A 124 56.97 -22.09 9.10
N VAL A 125 55.73 -22.21 8.61
CA VAL A 125 54.59 -22.58 9.44
C VAL A 125 54.03 -23.88 8.89
N PHE A 126 53.91 -24.89 9.75
CA PHE A 126 53.47 -26.22 9.38
C PHE A 126 52.04 -26.43 9.87
N ILE A 127 51.18 -26.92 8.98
CA ILE A 127 49.82 -27.29 9.33
C ILE A 127 49.58 -28.70 8.82
N LYS A 128 49.27 -29.62 9.74
CA LYS A 128 49.01 -31.01 9.40
C LYS A 128 47.67 -31.43 10.00
N VAL A 129 46.83 -32.06 9.19
CA VAL A 129 45.51 -32.52 9.61
C VAL A 129 45.45 -34.01 9.28
N CYS A 130 45.76 -34.86 10.27
CA CYS A 130 45.71 -36.30 10.10
C CYS A 130 45.20 -36.93 11.39
N GLU A 131 45.14 -38.26 11.40
CA GLU A 131 44.74 -39.01 12.59
C GLU A 131 45.97 -39.28 13.47
N PHE A 132 46.56 -38.19 13.96
CA PHE A 132 47.75 -38.27 14.78
C PHE A 132 47.45 -38.95 16.12
N GLN A 133 48.48 -39.57 16.69
CA GLN A 133 48.39 -40.20 18.01
C GLN A 133 49.33 -39.44 18.94
N PHE A 134 48.78 -38.53 19.73
CA PHE A 134 49.56 -37.68 20.61
C PHE A 134 49.98 -38.45 21.86
N CYS A 135 50.89 -37.85 22.62
CA CYS A 135 51.32 -38.38 23.90
C CYS A 135 50.41 -37.82 24.99
N ASN A 136 50.76 -38.10 26.26
CA ASN A 136 49.99 -37.54 27.36
C ASN A 136 50.12 -36.02 27.40
N ASP A 137 51.34 -35.50 27.24
CA ASP A 137 51.59 -34.07 27.18
C ASP A 137 52.50 -33.79 25.99
N PRO A 138 51.95 -33.83 24.77
CA PRO A 138 52.78 -33.61 23.58
C PRO A 138 53.39 -32.21 23.57
N PHE A 139 54.60 -32.13 23.04
CA PHE A 139 55.32 -30.87 22.96
C PHE A 139 56.39 -30.98 21.89
N LEU A 140 56.86 -29.82 21.42
CA LEU A 140 57.89 -29.76 20.40
C LEU A 140 59.27 -29.77 21.05
N ASP A 141 60.12 -30.68 20.61
CA ASP A 141 61.48 -30.83 21.15
C ASP A 141 62.41 -29.92 20.36
N VAL A 142 62.87 -28.84 20.99
CA VAL A 142 63.83 -27.91 20.40
C VAL A 142 65.08 -27.89 21.28
N TYR A 143 66.23 -28.08 20.66
CA TYR A 143 67.49 -28.12 21.40
C TYR A 143 68.64 -27.85 20.42
N HIS A 144 69.83 -27.71 20.96
CA HIS A 144 71.02 -27.40 20.18
C HIS A 144 71.56 -28.64 19.48
N LYS A 145 72.14 -28.44 18.31
CA LYS A 145 72.85 -29.48 17.57
C LYS A 145 74.29 -29.04 17.36
N ASN A 146 75.23 -29.87 17.80
CA ASN A 146 76.67 -29.60 17.70
C ASN A 146 77.08 -28.31 18.38
N ASN A 147 76.25 -27.83 19.32
CA ASN A 147 76.52 -26.61 20.08
C ASN A 147 76.72 -25.40 19.17
N LYS A 148 76.06 -25.39 18.01
CA LYS A 148 76.25 -24.31 17.05
C LYS A 148 74.94 -23.72 16.55
N SER A 149 73.89 -24.54 16.49
CA SER A 149 72.64 -24.11 15.88
C SER A 149 71.45 -24.58 16.70
N TRP A 150 70.34 -23.86 16.54
CA TRP A 150 69.07 -24.22 17.13
C TRP A 150 68.22 -24.98 16.11
N MET A 151 67.55 -26.04 16.56
CA MET A 151 66.62 -26.77 15.70
C MET A 151 65.54 -27.40 16.55
N GLU A 152 64.42 -27.71 15.91
CA GLU A 152 63.24 -28.26 16.56
C GLU A 152 62.88 -29.61 15.95
N SER A 153 62.25 -30.46 16.76
CA SER A 153 61.82 -31.77 16.33
C SER A 153 60.36 -32.00 16.70
N GLU A 154 59.64 -32.71 15.84
CA GLU A 154 58.24 -33.01 16.04
C GLU A 154 58.02 -34.41 16.60
N SER A 155 59.09 -35.10 17.00
CA SER A 155 58.96 -36.46 17.51
C SER A 155 58.16 -36.51 18.81
N GLY A 156 58.30 -35.48 19.65
CA GLY A 156 57.65 -35.46 20.95
C GLY A 156 56.19 -35.09 20.94
N VAL A 157 55.62 -34.78 19.78
CA VAL A 157 54.22 -34.40 19.67
C VAL A 157 53.34 -35.60 19.31
N TYR A 158 53.72 -36.34 18.28
CA TYR A 158 52.92 -37.45 17.78
C TYR A 158 53.82 -38.66 17.55
N SER A 159 53.21 -39.85 17.64
CA SER A 159 53.93 -41.09 17.39
C SER A 159 53.96 -41.43 15.90
N SER A 160 52.79 -41.51 15.27
CA SER A 160 52.69 -41.83 13.85
C SER A 160 51.52 -41.08 13.24
N ALA A 161 51.61 -40.86 11.93
CA ALA A 161 50.56 -40.18 11.17
C ALA A 161 49.96 -41.15 10.17
N ASN A 162 48.64 -41.28 10.20
CA ASN A 162 47.93 -42.19 9.30
C ASN A 162 46.70 -41.49 8.75
N ASN A 163 46.33 -41.87 7.52
CA ASN A 163 45.14 -41.35 6.85
C ASN A 163 45.16 -39.83 6.79
N CYS A 164 46.30 -39.28 6.38
CA CYS A 164 46.45 -37.84 6.26
C CYS A 164 45.54 -37.31 5.16
N THR A 165 44.89 -36.17 5.44
CA THR A 165 43.99 -35.55 4.49
C THR A 165 44.38 -34.13 4.09
N PHE A 166 45.27 -33.48 4.85
CA PHE A 166 45.66 -32.11 4.52
C PHE A 166 47.00 -31.85 5.18
N GLU A 167 48.01 -31.56 4.38
CA GLU A 167 49.30 -31.09 4.87
C GLU A 167 49.59 -29.73 4.26
N TYR A 168 50.06 -28.79 5.07
CA TYR A 168 50.30 -27.43 4.62
C TYR A 168 51.64 -26.96 5.17
N VAL A 169 52.52 -26.51 4.28
CA VAL A 169 53.82 -25.95 4.65
C VAL A 169 53.97 -24.65 3.90
N SER A 170 53.86 -23.53 4.61
CA SER A 170 53.97 -22.21 3.99
C SER A 170 54.29 -21.20 5.08
N GLN A 171 54.11 -19.92 4.76
CA GLN A 171 54.35 -18.80 5.66
C GLN A 171 55.81 -18.78 6.11
N PRO A 172 56.76 -18.48 5.21
CA PRO A 172 58.18 -18.40 5.58
C PRO A 172 58.55 -17.12 6.31
N PHE A 173 57.80 -16.81 7.36
CA PHE A 173 57.98 -15.59 8.13
C PHE A 173 58.38 -15.93 9.57
N LEU A 174 59.30 -15.14 10.11
CA LEU A 174 59.75 -15.31 11.48
C LEU A 174 58.91 -14.54 12.49
N MET A 175 57.84 -13.88 12.04
CA MET A 175 56.92 -13.14 12.90
C MET A 175 57.66 -12.03 13.64
N ASP A 176 58.07 -12.29 14.87
CA ASP A 176 58.74 -11.29 15.71
C ASP A 176 60.14 -11.03 15.14
N LEU A 177 60.31 -9.89 14.47
CA LEU A 177 61.59 -9.52 13.90
C LEU A 177 62.00 -8.08 14.19
N GLU A 178 61.06 -7.21 14.60
CA GLU A 178 61.43 -5.82 14.84
C GLU A 178 62.34 -5.66 16.06
N GLY A 179 62.17 -6.50 17.07
CA GLY A 179 62.99 -6.46 18.26
C GLY A 179 62.14 -6.60 19.49
N LYS A 180 62.68 -6.12 20.61
CA LYS A 180 62.04 -6.21 21.93
C LYS A 180 62.02 -4.83 22.59
N GLN A 181 61.59 -3.82 21.83
CA GLN A 181 61.62 -2.44 22.31
C GLN A 181 60.75 -2.23 23.55
N GLY A 182 59.43 -2.37 23.39
CA GLY A 182 58.55 -2.19 24.53
C GLY A 182 58.56 -3.39 25.47
N ASN A 183 57.99 -4.52 25.00
CA ASN A 183 58.16 -5.80 25.67
C ASN A 183 58.03 -6.89 24.61
N PHE A 184 59.17 -7.25 24.01
CA PHE A 184 59.28 -8.32 23.03
C PHE A 184 58.52 -8.03 21.74
N LYS A 185 57.77 -6.92 21.70
CA LYS A 185 56.99 -6.50 20.53
C LYS A 185 56.22 -7.67 19.92
N ASN A 186 55.51 -8.39 20.78
CA ASN A 186 54.91 -9.67 20.40
C ASN A 186 53.43 -9.72 20.78
N LEU A 187 52.68 -8.67 20.44
CA LEU A 187 51.23 -8.69 20.59
C LEU A 187 50.65 -9.47 19.42
N ARG A 188 50.35 -10.75 19.65
CA ARG A 188 49.93 -11.67 18.61
C ARG A 188 48.52 -12.15 18.92
N GLU A 189 47.59 -11.94 17.99
CA GLU A 189 46.19 -12.26 18.19
C GLU A 189 45.71 -13.19 17.09
N PHE A 190 44.99 -14.25 17.48
CA PHE A 190 44.39 -15.18 16.53
C PHE A 190 42.92 -15.41 16.85
N VAL A 191 42.15 -15.66 15.81
CA VAL A 191 40.73 -15.98 15.92
C VAL A 191 40.46 -17.23 15.09
N PHE A 192 39.91 -18.26 15.72
CA PHE A 192 39.61 -19.52 15.05
C PHE A 192 38.10 -19.71 15.01
N LYS A 193 37.57 -19.90 13.80
CA LYS A 193 36.14 -20.12 13.61
C LYS A 193 35.92 -21.50 13.02
N ASN A 194 35.04 -22.28 13.65
CA ASN A 194 34.77 -23.65 13.22
C ASN A 194 33.57 -23.66 12.26
N ILE A 195 33.83 -23.19 11.04
CA ILE A 195 32.79 -23.25 10.01
C ILE A 195 32.52 -24.71 9.65
N ASP A 196 31.37 -24.93 8.99
CA ASP A 196 30.98 -26.29 8.64
C ASP A 196 32.00 -26.94 7.71
N GLY A 197 32.53 -26.19 6.75
CA GLY A 197 33.53 -26.72 5.85
C GLY A 197 34.77 -25.87 5.77
N TYR A 198 35.06 -25.11 6.83
CA TYR A 198 36.20 -24.22 6.83
C TYR A 198 36.72 -24.04 8.24
N PHE A 199 37.98 -23.60 8.31
CA PHE A 199 38.61 -23.22 9.57
C PHE A 199 39.47 -21.99 9.26
N LYS A 200 39.05 -20.83 9.77
CA LYS A 200 39.65 -19.56 9.41
C LYS A 200 40.60 -19.08 10.50
N ILE A 201 41.70 -18.46 10.06
CA ILE A 201 42.68 -17.89 10.98
C ILE A 201 42.84 -16.40 10.64
N TYR A 202 42.77 -15.56 11.67
CA TYR A 202 42.96 -14.12 11.52
C TYR A 202 44.08 -13.70 12.46
N SER A 203 44.95 -12.81 12.01
CA SER A 203 46.12 -12.47 12.80
C SER A 203 46.46 -11.00 12.61
N LYS A 204 47.24 -10.48 13.56
CA LYS A 204 47.73 -9.11 13.54
C LYS A 204 48.85 -8.99 14.57
N HIS A 205 49.94 -8.34 14.18
CA HIS A 205 51.09 -8.15 15.05
C HIS A 205 51.21 -6.67 15.38
N THR A 206 51.32 -6.36 16.68
CA THR A 206 51.28 -4.98 17.14
C THR A 206 52.42 -4.73 18.12
N PRO A 207 53.10 -3.58 18.00
CA PRO A 207 54.09 -3.21 19.01
C PRO A 207 53.43 -2.94 20.36
N ILE A 208 54.22 -3.11 21.41
CA ILE A 208 53.72 -3.00 22.79
C ILE A 208 53.54 -1.54 23.14
N ILE A 209 52.40 -1.24 23.79
CA ILE A 209 52.14 0.09 24.36
C ILE A 209 51.77 -0.17 25.82
N GLY A 210 52.77 -0.12 26.69
CA GLY A 210 52.56 -0.47 28.09
C GLY A 210 53.28 -1.74 28.47
N ARG A 211 52.62 -2.59 29.26
CA ARG A 211 53.21 -3.86 29.68
C ARG A 211 52.47 -5.06 29.11
N ASP A 212 51.16 -5.16 29.34
CA ASP A 212 50.38 -6.31 28.88
C ASP A 212 48.93 -5.90 28.67
N PHE A 213 48.34 -6.40 27.59
CA PHE A 213 46.94 -6.16 27.26
C PHE A 213 46.58 -4.68 27.28
N PRO A 214 47.14 -3.88 26.37
CA PRO A 214 46.85 -2.45 26.36
C PRO A 214 45.43 -2.17 25.89
N GLN A 215 44.97 -0.95 26.19
CA GLN A 215 43.66 -0.49 25.78
C GLN A 215 43.77 0.17 24.42
N GLY A 216 43.10 -0.41 23.43
CA GLY A 216 43.11 0.15 22.09
C GLY A 216 42.30 -0.72 21.16
N PHE A 217 42.19 -0.26 19.92
CA PHE A 217 41.44 -0.97 18.89
C PHE A 217 42.37 -1.31 17.73
N SER A 218 42.21 -2.52 17.21
CA SER A 218 43.03 -2.99 16.10
C SER A 218 42.26 -4.07 15.36
N ALA A 219 41.98 -3.83 14.08
CA ALA A 219 41.26 -4.80 13.28
C ALA A 219 42.12 -6.04 13.06
N LEU A 220 41.46 -7.18 12.86
CA LEU A 220 42.13 -8.46 12.66
C LEU A 220 41.89 -8.90 11.22
N GLU A 221 42.85 -8.61 10.35
CA GLU A 221 42.73 -9.03 8.96
C GLU A 221 42.90 -10.55 8.85
N PRO A 222 42.19 -11.19 7.94
CA PRO A 222 42.37 -12.64 7.75
C PRO A 222 43.75 -12.95 7.20
N LEU A 223 44.28 -14.10 7.60
CA LEU A 223 45.61 -14.53 7.19
C LEU A 223 45.58 -15.78 6.32
N VAL A 224 44.99 -16.86 6.82
CA VAL A 224 45.02 -18.16 6.15
C VAL A 224 43.64 -18.80 6.27
N ASP A 225 43.19 -19.43 5.19
CA ASP A 225 41.92 -20.13 5.15
C ASP A 225 42.16 -21.62 4.95
N LEU A 226 41.52 -22.45 5.78
CA LEU A 226 41.66 -23.90 5.70
C LEU A 226 40.30 -24.53 5.40
N PRO A 227 40.13 -25.15 4.22
CA PRO A 227 38.88 -25.87 3.91
C PRO A 227 38.93 -27.34 4.33
N ILE A 228 39.27 -27.58 5.60
CA ILE A 228 39.40 -28.96 6.08
C ILE A 228 38.03 -29.62 6.18
N GLY A 229 37.04 -28.92 6.74
CA GLY A 229 35.73 -29.50 6.94
C GLY A 229 35.73 -30.66 7.91
N ILE A 230 36.40 -30.48 9.05
CA ILE A 230 36.48 -31.53 10.07
C ILE A 230 35.68 -31.10 11.29
N ASN A 231 35.56 -32.00 12.26
CA ASN A 231 34.87 -31.71 13.51
C ASN A 231 35.90 -31.33 14.57
N ILE A 232 35.66 -30.21 15.25
CA ILE A 232 36.49 -29.77 16.36
C ILE A 232 35.58 -29.47 17.55
N THR A 233 35.95 -29.97 18.71
CA THR A 233 35.25 -29.68 19.95
C THR A 233 36.18 -29.10 21.01
N ARG A 234 37.44 -29.50 21.01
CA ARG A 234 38.40 -29.08 22.02
C ARG A 234 39.67 -28.54 21.39
N PHE A 235 40.38 -27.70 22.14
CA PHE A 235 41.61 -27.10 21.67
C PHE A 235 42.60 -27.00 22.82
N GLN A 236 43.88 -27.16 22.50
CA GLN A 236 44.97 -27.15 23.48
C GLN A 236 46.18 -26.46 22.87
N THR A 237 46.99 -25.84 23.72
CA THR A 237 48.15 -25.09 23.29
C THR A 237 49.44 -25.84 23.60
N LEU A 238 50.42 -25.70 22.72
CA LEU A 238 51.71 -26.37 22.84
C LEU A 238 52.77 -25.38 23.33
N LEU A 239 53.71 -25.89 24.12
CA LEU A 239 54.76 -25.09 24.72
C LEU A 239 56.13 -25.56 24.23
N ALA A 240 57.03 -24.60 24.00
CA ALA A 240 58.37 -24.92 23.57
C ALA A 240 59.26 -25.25 24.77
N LEU A 241 59.98 -26.37 24.68
CA LEU A 241 60.87 -26.82 25.74
C LEU A 241 62.28 -26.91 25.17
N ASN A 242 63.18 -26.07 25.69
CA ASN A 242 64.56 -26.01 25.25
C ASN A 242 65.46 -26.62 26.32
N ARG A 243 66.40 -27.45 25.89
CA ARG A 243 67.31 -28.16 26.80
C ARG A 243 68.34 -27.17 27.34
N SER A 244 67.91 -26.38 28.32
CA SER A 244 68.76 -25.41 28.99
C SER A 244 69.37 -24.40 28.02
N TYR A 245 70.48 -23.79 28.43
CA TYR A 245 71.21 -22.82 27.61
C TYR A 245 70.32 -21.66 27.18
N LEU A 246 69.43 -21.23 28.08
CA LEU A 246 68.59 -20.06 27.86
C LEU A 246 68.88 -18.94 28.87
N THR A 247 68.87 -19.25 30.15
CA THR A 247 69.14 -18.26 31.18
C THR A 247 70.63 -18.24 31.50
N PRO A 248 71.33 -17.13 31.26
CA PRO A 248 72.77 -17.08 31.59
C PRO A 248 73.00 -17.22 33.08
N GLY A 249 74.12 -17.85 33.43
CA GLY A 249 74.48 -18.06 34.81
C GLY A 249 73.81 -19.24 35.48
N ASP A 250 73.00 -20.02 34.76
CA ASP A 250 72.32 -21.17 35.32
C ASP A 250 73.03 -22.43 34.89
N SER A 251 73.46 -23.23 35.86
CA SER A 251 74.15 -24.49 35.61
C SER A 251 73.21 -25.69 35.59
N SER A 252 71.91 -25.47 35.75
CA SER A 252 70.95 -26.57 35.76
C SER A 252 70.85 -27.19 34.38
N SER A 253 71.43 -28.38 34.21
CA SER A 253 71.42 -29.09 32.94
C SER A 253 70.08 -29.81 32.81
N GLY A 254 69.07 -29.08 32.34
CA GLY A 254 67.75 -29.64 32.18
C GLY A 254 66.91 -28.77 31.25
N TRP A 255 65.76 -29.32 30.86
CA TRP A 255 64.88 -28.61 29.95
C TRP A 255 64.24 -27.42 30.67
N THR A 256 64.40 -26.23 30.08
CA THR A 256 63.85 -25.01 30.66
C THR A 256 63.00 -24.29 29.61
N ALA A 257 61.98 -23.60 30.08
CA ALA A 257 61.06 -22.86 29.24
C ALA A 257 60.95 -21.42 29.73
N GLY A 258 60.93 -20.49 28.78
CA GLY A 258 60.80 -19.09 29.13
C GLY A 258 59.39 -18.71 29.56
N ALA A 259 59.26 -17.47 30.01
CA ALA A 259 57.95 -16.97 30.45
C ALA A 259 56.99 -16.91 29.27
N ALA A 260 55.77 -17.40 29.50
CA ALA A 260 54.76 -17.43 28.46
C ALA A 260 53.43 -16.97 29.04
N ASP A 261 52.75 -16.09 28.32
CA ASP A 261 51.45 -15.58 28.73
C ASP A 261 50.51 -15.55 27.52
N TYR A 262 49.28 -15.99 27.72
CA TYR A 262 48.30 -15.98 26.64
C TYR A 262 46.91 -15.94 27.24
N TYR A 263 45.95 -15.46 26.43
CA TYR A 263 44.57 -15.31 26.84
C TYR A 263 43.66 -15.96 25.81
N VAL A 264 42.58 -16.58 26.28
CA VAL A 264 41.60 -17.22 25.42
C VAL A 264 40.24 -16.61 25.70
N GLY A 265 39.59 -16.10 24.64
CA GLY A 265 38.24 -15.57 24.74
C GLY A 265 37.30 -16.45 23.94
N TYR A 266 36.03 -16.45 24.34
CA TYR A 266 35.02 -17.31 23.73
C TYR A 266 34.07 -16.47 22.89
N LEU A 267 33.86 -16.86 21.65
CA LEU A 267 33.02 -16.12 20.74
C LEU A 267 31.54 -16.37 21.04
N GLN A 268 30.69 -15.55 20.45
CA GLN A 268 29.25 -15.66 20.63
C GLN A 268 28.57 -15.03 19.42
N PRO A 269 27.35 -15.46 19.11
CA PRO A 269 26.61 -14.82 18.02
C PRO A 269 26.16 -13.42 18.40
N ARG A 270 26.81 -12.40 17.84
CA ARG A 270 26.53 -11.02 18.19
C ARG A 270 26.42 -10.18 16.91
N THR A 271 25.69 -9.08 17.01
CA THR A 271 25.58 -8.10 15.94
C THR A 271 26.53 -6.96 16.25
N PHE A 272 27.45 -6.69 15.35
CA PHE A 272 28.43 -5.61 15.49
C PHE A 272 28.10 -4.50 14.51
N LEU A 273 28.85 -3.40 14.61
CA LEU A 273 28.72 -2.27 13.69
C LEU A 273 30.13 -1.79 13.37
N LEU A 274 30.71 -2.35 12.31
CA LEU A 274 32.06 -2.01 11.92
C LEU A 274 32.08 -0.68 11.17
N LYS A 275 33.13 0.11 11.41
CA LYS A 275 33.32 1.39 10.76
C LYS A 275 34.57 1.29 9.90
N TYR A 276 34.38 0.98 8.62
CA TYR A 276 35.47 1.09 7.67
C TYR A 276 35.76 2.57 7.41
N ASN A 277 37.03 2.94 7.47
CA ASN A 277 37.36 4.32 7.18
C ASN A 277 37.24 4.59 5.69
N GLU A 278 37.58 5.80 5.29
CA GLU A 278 37.60 6.19 3.90
C GLU A 278 38.86 5.71 3.19
N ASN A 279 39.59 4.77 3.81
CA ASN A 279 40.97 4.54 3.42
C ASN A 279 41.24 3.03 3.28
N GLY A 280 40.36 2.17 3.80
CA GLY A 280 40.50 0.74 3.64
C GLY A 280 40.40 -0.11 4.90
N THR A 281 40.93 0.36 6.02
CA THR A 281 41.05 -0.45 7.21
C THR A 281 39.92 -0.15 8.18
N ILE A 282 39.58 -1.15 9.00
CA ILE A 282 38.57 -0.95 10.03
C ILE A 282 39.17 -0.14 11.17
N THR A 283 38.50 0.95 11.56
CA THR A 283 39.02 1.84 12.56
C THR A 283 38.25 1.80 13.88
N ASP A 284 37.02 1.30 13.90
CA ASP A 284 36.23 1.25 15.12
C ASP A 284 35.04 0.35 14.90
N ALA A 285 34.53 -0.21 16.01
CA ALA A 285 33.35 -1.05 15.95
C ALA A 285 32.59 -0.93 17.26
N VAL A 286 31.28 -1.10 17.18
CA VAL A 286 30.38 -0.93 18.32
C VAL A 286 29.48 -2.14 18.42
N ASP A 287 29.42 -2.74 19.61
CA ASP A 287 28.54 -3.86 19.86
C ASP A 287 27.10 -3.39 19.97
N CYS A 288 26.17 -4.24 19.54
CA CYS A 288 24.76 -3.90 19.54
C CYS A 288 24.00 -4.50 20.71
N ALA A 289 24.70 -5.09 21.69
CA ALA A 289 24.03 -5.61 22.88
C ALA A 289 24.81 -5.35 24.16
N LEU A 290 25.90 -4.57 24.10
CA LEU A 290 26.70 -4.36 25.30
C LEU A 290 25.97 -3.51 26.32
N ASP A 291 25.40 -2.38 25.89
CA ASP A 291 24.74 -1.45 26.80
C ASP A 291 23.75 -0.63 25.99
N PRO A 292 22.79 0.02 26.66
CA PRO A 292 21.76 0.76 25.90
C PRO A 292 22.31 1.80 24.94
N LEU A 293 23.37 2.51 25.31
CA LEU A 293 23.92 3.52 24.42
C LEU A 293 24.46 2.89 23.13
N SER A 294 25.17 1.78 23.26
CA SER A 294 25.70 1.11 22.07
C SER A 294 24.57 0.53 21.22
N GLU A 295 23.51 0.04 21.85
CA GLU A 295 22.36 -0.44 21.09
C GLU A 295 21.70 0.71 20.33
N THR A 296 21.61 1.88 20.95
CA THR A 296 21.09 3.06 20.26
C THR A 296 21.99 3.43 19.08
N LYS A 297 23.30 3.38 19.28
CA LYS A 297 24.24 3.66 18.19
C LYS A 297 24.01 2.71 17.03
N CYS A 298 23.84 1.42 17.33
CA CYS A 298 23.57 0.44 16.28
C CYS A 298 22.27 0.74 15.56
N THR A 299 21.23 1.11 16.31
CA THR A 299 19.93 1.39 15.71
C THR A 299 20.01 2.58 14.77
N LEU A 300 20.69 3.65 15.18
CA LEU A 300 20.83 4.82 14.32
C LEU A 300 21.93 4.67 13.28
N LYS A 301 22.74 3.62 13.37
CA LYS A 301 23.86 3.40 12.46
C LYS A 301 24.80 4.60 12.41
N SER A 302 25.18 5.07 13.60
CA SER A 302 26.12 6.17 13.71
C SER A 302 26.85 6.06 15.04
N PHE A 303 28.09 6.56 15.06
CA PHE A 303 28.89 6.53 16.29
C PHE A 303 28.61 7.72 17.19
N THR A 304 27.82 8.68 16.73
CA THR A 304 27.43 9.83 17.54
C THR A 304 25.91 9.92 17.56
N VAL A 305 25.35 10.13 18.75
CA VAL A 305 23.91 10.23 18.94
C VAL A 305 23.61 11.55 19.64
N GLU A 306 22.75 12.36 19.05
CA GLU A 306 22.37 13.63 19.63
C GLU A 306 21.34 13.42 20.73
N LYS A 307 21.10 14.48 21.50
CA LYS A 307 20.21 14.39 22.64
C LYS A 307 18.79 14.05 22.19
N GLY A 308 18.08 13.30 23.03
CA GLY A 308 16.73 12.89 22.73
C GLY A 308 16.43 11.49 23.22
N ILE A 309 15.19 11.05 23.05
CA ILE A 309 14.77 9.70 23.42
C ILE A 309 14.54 8.90 22.16
N TYR A 310 15.21 7.75 22.06
CA TYR A 310 15.24 6.96 20.83
C TYR A 310 14.58 5.61 21.08
N GLN A 311 13.53 5.32 20.32
CA GLN A 311 12.89 4.01 20.36
C GLN A 311 13.84 2.98 19.75
N THR A 312 14.40 2.14 20.60
CA THR A 312 15.49 1.24 20.19
C THR A 312 14.98 -0.15 19.80
N SER A 313 14.35 -0.85 20.73
CA SER A 313 13.93 -2.23 20.50
C SER A 313 12.80 -2.54 21.49
N ASN A 314 12.40 -3.80 21.53
CA ASN A 314 11.31 -4.24 22.40
C ASN A 314 11.80 -5.33 23.33
N PHE A 315 11.60 -5.14 24.62
CA PHE A 315 11.93 -6.15 25.61
C PHE A 315 10.83 -7.19 25.69
N ARG A 316 11.18 -8.36 26.21
CA ARG A 316 10.21 -9.44 26.32
C ARG A 316 10.68 -10.41 27.40
N VAL A 317 9.79 -10.71 28.35
CA VAL A 317 10.11 -11.65 29.41
C VAL A 317 10.19 -13.04 28.80
N GLN A 318 11.40 -13.57 28.67
CA GLN A 318 11.58 -14.88 28.06
C GLN A 318 10.96 -15.96 28.95
N PRO A 319 10.37 -16.99 28.36
CA PRO A 319 9.80 -18.07 29.16
C PRO A 319 10.85 -18.86 29.91
N THR A 320 10.45 -19.41 31.05
CA THR A 320 11.35 -20.18 31.89
C THR A 320 11.35 -21.66 31.51
N GLU A 321 10.17 -22.28 31.44
CA GLU A 321 10.07 -23.70 31.14
C GLU A 321 8.95 -23.93 30.13
N SER A 322 8.82 -25.18 29.69
CA SER A 322 7.79 -25.57 28.75
C SER A 322 7.03 -26.77 29.30
N ILE A 323 5.72 -26.78 29.09
CA ILE A 323 4.84 -27.83 29.61
C ILE A 323 3.96 -28.34 28.49
N VAL A 324 3.70 -29.65 28.50
CA VAL A 324 2.85 -30.29 27.52
C VAL A 324 1.81 -31.12 28.26
N ARG A 325 0.53 -30.91 27.95
CA ARG A 325 -0.56 -31.62 28.59
C ARG A 325 -1.42 -32.29 27.54
N PHE A 326 -1.87 -33.51 27.84
CA PHE A 326 -2.70 -34.30 26.95
C PHE A 326 -3.74 -35.02 27.78
N PRO A 327 -4.89 -35.39 27.18
CA PRO A 327 -6.05 -35.83 27.98
C PRO A 327 -5.77 -36.94 28.99
N ASN A 328 -5.40 -38.12 28.52
CA ASN A 328 -5.20 -39.27 29.39
C ASN A 328 -4.63 -40.41 28.56
N VAL A 329 -4.48 -41.58 29.17
CA VAL A 329 -4.07 -42.78 28.42
C VAL A 329 -5.14 -43.16 27.41
N THR A 330 -6.41 -43.14 27.84
CA THR A 330 -7.58 -43.31 26.97
C THR A 330 -7.54 -44.65 26.21
N ASN A 331 -7.63 -45.73 26.99
CA ASN A 331 -7.88 -47.08 26.46
C ASN A 331 -6.80 -47.49 25.46
N LEU A 332 -5.58 -47.64 25.99
CA LEU A 332 -4.45 -48.05 25.18
C LEU A 332 -4.67 -49.44 24.59
N CYS A 333 -4.04 -49.68 23.43
CA CYS A 333 -4.32 -50.87 22.63
C CYS A 333 -3.88 -52.13 23.37
N PRO A 334 -4.64 -53.22 23.24
CA PRO A 334 -4.28 -54.49 23.91
C PRO A 334 -3.26 -55.30 23.11
N PHE A 335 -2.03 -54.78 23.05
CA PHE A 335 -0.96 -55.49 22.35
C PHE A 335 -0.51 -56.72 23.14
N HIS A 336 -0.69 -56.71 24.46
CA HIS A 336 -0.27 -57.84 25.27
C HIS A 336 -1.05 -59.10 24.92
N GLU A 337 -2.35 -58.95 24.65
CA GLU A 337 -3.16 -60.10 24.27
C GLU A 337 -2.66 -60.71 22.95
N VAL A 338 -2.29 -59.88 21.99
CA VAL A 338 -1.76 -60.37 20.73
C VAL A 338 -0.41 -61.06 20.95
N PHE A 339 0.46 -60.46 21.76
CA PHE A 339 1.82 -60.93 21.91
C PHE A 339 1.99 -61.97 23.02
N ASN A 340 0.93 -62.32 23.75
CA ASN A 340 1.00 -63.33 24.79
C ASN A 340 -0.01 -64.45 24.54
N ALA A 341 -0.38 -64.67 23.28
CA ALA A 341 -1.31 -65.73 22.95
C ALA A 341 -0.68 -67.10 23.19
N THR A 342 -1.44 -67.99 23.83
CA THR A 342 -0.94 -69.33 24.10
C THR A 342 -0.71 -70.11 22.81
N THR A 343 -1.62 -69.99 21.86
CA THR A 343 -1.55 -70.72 20.59
C THR A 343 -1.34 -69.73 19.45
N PHE A 344 -0.42 -70.07 18.56
CA PHE A 344 -0.14 -69.25 17.37
C PHE A 344 -0.53 -70.02 16.12
N ALA A 345 -1.09 -69.32 15.15
CA ALA A 345 -1.55 -69.95 13.93
C ALA A 345 -0.37 -70.32 13.03
N SER A 346 -0.64 -71.18 12.06
CA SER A 346 0.39 -71.63 11.12
C SER A 346 0.75 -70.49 10.15
N VAL A 347 1.88 -70.68 9.48
CA VAL A 347 2.36 -69.66 8.54
C VAL A 347 1.42 -69.52 7.36
N TYR A 348 0.96 -70.64 6.80
CA TYR A 348 0.03 -70.59 5.68
C TYR A 348 -1.36 -70.12 6.11
N ALA A 349 -1.67 -70.22 7.39
CA ALA A 349 -2.96 -69.76 7.92
C ALA A 349 -2.74 -68.68 8.97
N TRP A 350 -1.87 -67.71 8.67
CA TRP A 350 -1.52 -66.67 9.61
C TRP A 350 -2.76 -65.90 10.04
N ASN A 351 -2.92 -65.72 11.35
CA ASN A 351 -4.05 -64.97 11.86
C ASN A 351 -3.87 -63.47 11.59
N ARG A 352 -4.96 -62.81 11.24
CA ARG A 352 -4.97 -61.37 10.98
C ARG A 352 -5.88 -60.70 11.98
N THR A 353 -5.39 -59.64 12.62
CA THR A 353 -6.15 -58.89 13.60
C THR A 353 -6.09 -57.40 13.26
N ARG A 354 -7.18 -56.70 13.55
CA ARG A 354 -7.29 -55.27 13.29
C ARG A 354 -7.34 -54.51 14.61
N ILE A 355 -6.45 -53.52 14.74
CA ILE A 355 -6.37 -52.70 15.94
C ILE A 355 -6.58 -51.25 15.52
N SER A 356 -7.52 -50.57 16.18
CA SER A 356 -7.84 -49.18 15.87
C SER A 356 -8.56 -48.57 17.05
N ASN A 357 -8.67 -47.23 17.02
CA ASN A 357 -9.38 -46.48 18.05
C ASN A 357 -8.81 -46.73 19.44
N CYS A 358 -7.48 -46.76 19.54
CA CYS A 358 -6.80 -46.97 20.81
C CYS A 358 -5.39 -46.40 20.70
N VAL A 359 -4.74 -46.28 21.84
CA VAL A 359 -3.38 -45.75 21.92
C VAL A 359 -2.40 -46.90 21.90
N ALA A 360 -1.46 -46.87 20.97
CA ALA A 360 -0.45 -47.92 20.83
C ALA A 360 0.75 -47.62 21.71
N ASP A 361 0.98 -48.47 22.71
CA ASP A 361 2.09 -48.32 23.63
C ASP A 361 3.24 -49.22 23.18
N TYR A 362 4.27 -48.63 22.61
CA TYR A 362 5.41 -49.37 22.11
C TYR A 362 6.49 -49.59 23.16
N SER A 363 6.37 -48.96 24.33
CA SER A 363 7.31 -49.24 25.42
C SER A 363 7.20 -50.69 25.88
N VAL A 364 5.97 -51.21 25.97
CA VAL A 364 5.78 -52.62 26.31
C VAL A 364 6.38 -53.51 25.23
N LEU A 365 6.24 -53.10 23.97
CA LEU A 365 6.85 -53.86 22.88
C LEU A 365 8.37 -53.90 23.01
N TYR A 366 8.97 -52.77 23.37
CA TYR A 366 10.42 -52.75 23.59
C TYR A 366 10.82 -53.53 24.84
N ASN A 367 9.91 -53.68 25.79
CA ASN A 367 10.25 -54.31 27.07
C ASN A 367 10.44 -55.82 26.94
N PHE A 368 9.98 -56.44 25.86
CA PHE A 368 10.09 -57.89 25.73
C PHE A 368 11.55 -58.29 25.56
N ALA A 369 11.99 -59.27 26.35
CA ALA A 369 13.37 -59.75 26.36
C ALA A 369 13.69 -60.72 25.22
N PRO A 370 12.87 -61.76 24.95
CA PRO A 370 13.29 -62.77 23.97
C PRO A 370 13.24 -62.29 22.52
N PHE A 371 13.03 -60.99 22.32
CA PHE A 371 12.97 -60.45 20.96
C PHE A 371 14.37 -60.36 20.37
N PHE A 372 14.59 -61.07 19.26
CA PHE A 372 15.87 -61.08 18.58
C PHE A 372 15.87 -60.31 17.27
N ALA A 373 14.90 -60.59 16.39
CA ALA A 373 14.83 -59.96 15.08
C ALA A 373 13.75 -58.89 15.11
N PHE A 374 14.13 -57.64 14.85
CA PHE A 374 13.21 -56.50 14.86
C PHE A 374 13.65 -55.53 13.78
N LYS A 375 12.94 -55.56 12.65
CA LYS A 375 13.28 -54.73 11.50
C LYS A 375 12.08 -53.91 11.09
N CYS A 376 12.29 -52.62 10.84
CA CYS A 376 11.26 -51.70 10.39
C CYS A 376 11.68 -51.07 9.07
N TYR A 377 10.72 -50.96 8.15
CA TYR A 377 10.98 -50.40 6.83
C TYR A 377 10.03 -49.24 6.57
N GLY A 378 10.59 -48.10 6.17
CA GLY A 378 9.83 -46.93 5.83
C GLY A 378 9.60 -45.95 6.97
N VAL A 379 9.78 -46.39 8.22
CA VAL A 379 9.58 -45.53 9.38
C VAL A 379 10.70 -45.77 10.38
N SER A 380 10.91 -44.78 11.24
CA SER A 380 11.90 -44.89 12.30
C SER A 380 11.30 -45.67 13.47
N PRO A 381 11.92 -46.76 13.92
CA PRO A 381 11.36 -47.51 15.05
C PRO A 381 11.20 -46.70 16.31
N THR A 382 12.11 -45.74 16.57
CA THR A 382 12.02 -44.92 17.76
C THR A 382 10.96 -43.84 17.69
N LYS A 383 10.41 -43.58 16.50
CA LYS A 383 9.38 -42.56 16.31
C LYS A 383 7.98 -43.14 16.23
N LEU A 384 7.81 -44.43 16.55
CA LEU A 384 6.48 -45.04 16.52
C LEU A 384 5.56 -44.40 17.56
N ASN A 385 6.10 -44.07 18.73
CA ASN A 385 5.29 -43.46 19.78
C ASN A 385 4.81 -42.06 19.41
N ASP A 386 5.39 -41.44 18.39
CA ASP A 386 4.98 -40.11 17.94
C ASP A 386 4.10 -40.14 16.71
N LEU A 387 4.41 -41.01 15.74
CA LEU A 387 3.65 -41.07 14.51
C LEU A 387 2.32 -41.78 14.73
N CYS A 388 1.28 -41.27 14.06
CA CYS A 388 -0.06 -41.85 14.13
C CYS A 388 -0.45 -42.42 12.77
N PHE A 389 -1.45 -43.29 12.78
CA PHE A 389 -1.92 -43.94 11.56
C PHE A 389 -3.43 -44.16 11.68
N THR A 390 -4.00 -44.74 10.62
CA THR A 390 -5.43 -45.00 10.59
C THR A 390 -5.77 -46.32 11.28
N ASN A 391 -5.23 -47.42 10.77
CA ASN A 391 -5.51 -48.74 11.31
C ASN A 391 -4.21 -49.54 11.39
N VAL A 392 -4.21 -50.53 12.29
CA VAL A 392 -3.06 -51.40 12.51
C VAL A 392 -3.46 -52.83 12.23
N TYR A 393 -2.67 -53.53 11.43
CA TYR A 393 -2.90 -54.93 11.11
C TYR A 393 -1.75 -55.76 11.66
N ALA A 394 -2.09 -56.79 12.44
CA ALA A 394 -1.12 -57.68 13.05
C ALA A 394 -1.29 -59.08 12.49
N ASP A 395 -0.19 -59.65 11.99
CA ASP A 395 -0.19 -61.00 11.41
C ASP A 395 0.84 -61.83 12.18
N SER A 396 0.36 -62.83 12.92
CA SER A 396 1.22 -63.67 13.75
C SER A 396 1.24 -65.08 13.19
N PHE A 397 2.43 -65.67 13.11
CA PHE A 397 2.61 -67.02 12.60
C PHE A 397 3.93 -67.56 13.09
N VAL A 398 4.11 -68.88 12.94
CA VAL A 398 5.30 -69.58 13.38
C VAL A 398 6.01 -70.16 12.17
N ILE A 399 7.29 -69.84 12.03
CA ILE A 399 8.13 -70.34 10.94
C ILE A 399 9.44 -70.84 11.53
N LYS A 400 10.31 -71.32 10.65
CA LYS A 400 11.63 -71.77 11.06
C LYS A 400 12.56 -70.58 11.27
N GLY A 401 13.69 -70.85 11.93
CA GLY A 401 14.66 -69.79 12.18
C GLY A 401 15.29 -69.26 10.91
N ASN A 402 15.64 -70.16 9.99
CA ASN A 402 16.25 -69.72 8.73
C ASN A 402 15.25 -69.03 7.81
N GLU A 403 13.96 -69.23 8.03
CA GLU A 403 12.92 -68.60 7.22
C GLU A 403 12.60 -67.18 7.68
N VAL A 404 13.23 -66.71 8.75
CA VAL A 404 12.95 -65.37 9.26
C VAL A 404 13.35 -64.32 8.23
N SER A 405 14.51 -64.48 7.60
CA SER A 405 14.97 -63.53 6.60
C SER A 405 14.05 -63.48 5.38
N GLN A 406 13.29 -64.54 5.13
CA GLN A 406 12.36 -64.54 4.00
C GLN A 406 11.22 -63.55 4.20
N ILE A 407 10.93 -63.16 5.43
CA ILE A 407 9.82 -62.23 5.72
C ILE A 407 10.41 -60.83 5.60
N ALA A 408 10.45 -60.33 4.36
CA ALA A 408 10.95 -58.99 4.07
C ALA A 408 10.48 -58.60 2.69
N PRO A 409 10.21 -57.31 2.45
CA PRO A 409 9.79 -56.89 1.11
C PRO A 409 10.87 -57.17 0.07
N GLY A 410 10.43 -57.60 -1.11
CA GLY A 410 11.34 -57.89 -2.19
C GLY A 410 12.10 -59.19 -2.06
N GLN A 411 11.77 -60.02 -1.08
CA GLN A 411 12.45 -61.29 -0.88
C GLN A 411 11.79 -62.41 -1.69
N THR A 412 12.51 -63.51 -1.83
CA THR A 412 12.03 -64.67 -2.55
C THR A 412 12.25 -65.93 -1.71
N GLY A 413 11.37 -66.90 -1.92
CA GLY A 413 11.45 -68.15 -1.19
C GLY A 413 10.09 -68.81 -1.13
N ASN A 414 10.11 -70.07 -0.66
CA ASN A 414 8.88 -70.84 -0.58
C ASN A 414 7.88 -70.18 0.37
N ILE A 415 8.36 -69.76 1.54
CA ILE A 415 7.48 -69.10 2.50
C ILE A 415 6.98 -67.77 1.94
N ALA A 416 7.87 -66.99 1.31
CA ALA A 416 7.46 -65.72 0.76
C ALA A 416 6.49 -65.90 -0.41
N ASP A 417 6.78 -66.83 -1.30
CA ASP A 417 5.97 -66.98 -2.51
C ASP A 417 4.62 -67.63 -2.23
N TYR A 418 4.58 -68.69 -1.42
CA TYR A 418 3.38 -69.52 -1.30
C TYR A 418 2.78 -69.55 0.10
N ASN A 419 3.41 -68.93 1.08
CA ASN A 419 2.88 -68.93 2.44
C ASN A 419 2.48 -67.55 2.91
N TYR A 420 3.38 -66.57 2.82
CA TYR A 420 3.08 -65.20 3.24
C TYR A 420 3.92 -64.24 2.44
N LYS A 421 3.28 -63.38 1.66
CA LYS A 421 3.95 -62.43 0.79
C LYS A 421 3.68 -61.02 1.29
N LEU A 422 4.74 -60.20 1.35
CA LEU A 422 4.63 -58.82 1.77
C LEU A 422 4.76 -57.89 0.57
N PRO A 423 4.08 -56.75 0.57
CA PRO A 423 4.19 -55.83 -0.56
C PRO A 423 5.57 -55.21 -0.64
N ASP A 424 5.95 -54.84 -1.87
CA ASP A 424 7.24 -54.19 -2.08
C ASP A 424 7.32 -52.85 -1.37
N ASP A 425 6.21 -52.12 -1.29
CA ASP A 425 6.14 -50.84 -0.61
C ASP A 425 5.63 -50.97 0.82
N PHE A 426 5.92 -52.10 1.48
CA PHE A 426 5.46 -52.32 2.84
C PHE A 426 6.07 -51.30 3.79
N THR A 427 5.23 -50.73 4.65
CA THR A 427 5.66 -49.74 5.64
C THR A 427 5.22 -50.25 7.01
N GLY A 428 6.10 -50.98 7.67
CA GLY A 428 5.77 -51.52 8.97
C GLY A 428 6.98 -52.18 9.61
N CYS A 429 6.71 -52.93 10.67
CA CYS A 429 7.75 -53.62 11.43
C CYS A 429 7.41 -55.10 11.55
N VAL A 430 8.44 -55.93 11.52
CA VAL A 430 8.31 -57.37 11.68
C VAL A 430 9.16 -57.79 12.87
N ILE A 431 8.55 -58.57 13.77
CA ILE A 431 9.22 -59.04 14.98
C ILE A 431 9.18 -60.56 15.01
N ALA A 432 10.34 -61.17 15.22
CA ALA A 432 10.48 -62.62 15.29
C ALA A 432 11.24 -62.99 16.56
N TRP A 433 10.76 -64.03 17.24
CA TRP A 433 11.43 -64.52 18.44
C TRP A 433 11.27 -66.03 18.52
N ASN A 434 12.25 -66.68 19.14
CA ASN A 434 12.24 -68.13 19.25
C ASN A 434 11.13 -68.60 20.18
N SER A 435 10.57 -69.77 19.86
CA SER A 435 9.53 -70.41 20.67
C SER A 435 9.85 -71.88 20.85
N ASN A 436 11.13 -72.20 21.02
CA ASN A 436 11.54 -73.60 21.19
C ASN A 436 10.96 -74.17 22.49
N LYS A 437 10.94 -73.38 23.55
CA LYS A 437 10.40 -73.85 24.82
C LYS A 437 8.88 -74.01 24.80
N LEU A 438 8.21 -73.51 23.77
CA LEU A 438 6.75 -73.56 23.68
C LEU A 438 6.24 -74.32 22.48
N ASP A 439 6.86 -74.14 21.30
CA ASP A 439 6.35 -74.71 20.06
C ASP A 439 7.10 -75.95 19.61
N SER A 440 7.92 -76.55 20.49
CA SER A 440 8.66 -77.75 20.16
C SER A 440 8.20 -78.90 21.03
N LYS A 441 8.13 -80.10 20.45
CA LYS A 441 7.74 -81.30 21.14
C LYS A 441 8.82 -82.36 20.98
N HIS A 442 9.02 -83.16 22.03
CA HIS A 442 10.04 -84.21 21.99
C HIS A 442 9.75 -85.21 20.88
N SER A 443 8.48 -85.59 20.72
CA SER A 443 8.08 -86.47 19.63
C SER A 443 7.90 -85.71 18.32
N GLY A 444 7.98 -84.39 18.34
CA GLY A 444 7.81 -83.59 17.14
C GLY A 444 6.52 -82.81 17.12
N ASN A 445 6.59 -81.51 16.86
CA ASN A 445 5.42 -80.65 16.78
C ASN A 445 4.96 -80.61 15.33
N TYR A 446 4.01 -81.47 14.98
CA TYR A 446 3.48 -81.55 13.63
C TYR A 446 2.22 -80.72 13.45
N ASP A 447 1.79 -79.97 14.47
CA ASP A 447 0.59 -79.15 14.34
C ASP A 447 0.82 -77.94 13.45
N TYR A 448 2.06 -77.59 13.17
CA TYR A 448 2.39 -76.45 12.31
C TYR A 448 2.65 -76.95 10.90
N TRP A 449 2.00 -76.32 9.93
CA TRP A 449 2.10 -76.70 8.53
C TRP A 449 2.43 -75.47 7.68
N TYR A 450 3.15 -75.69 6.59
CA TYR A 450 3.52 -74.63 5.67
C TYR A 450 3.19 -75.05 4.25
N ARG A 451 2.76 -74.09 3.44
CA ARG A 451 2.41 -74.33 2.04
C ARG A 451 3.64 -74.08 1.18
N SER A 452 4.38 -75.13 0.90
CA SER A 452 5.58 -75.02 0.08
C SER A 452 5.31 -75.16 -1.41
N LEU A 453 4.09 -75.48 -1.81
CA LEU A 453 3.74 -75.69 -3.21
C LEU A 453 2.46 -74.94 -3.52
N ARG A 454 2.47 -74.21 -4.64
CA ARG A 454 1.30 -73.47 -5.09
C ARG A 454 1.42 -73.24 -6.60
N LYS A 455 0.27 -73.06 -7.25
CA LYS A 455 0.27 -72.81 -8.69
C LYS A 455 0.97 -71.50 -9.02
N SER A 456 0.71 -70.46 -8.25
CA SER A 456 1.32 -69.15 -8.47
C SER A 456 1.72 -68.55 -7.14
N LYS A 457 2.65 -67.60 -7.19
CA LYS A 457 3.11 -66.94 -5.98
C LYS A 457 1.97 -66.12 -5.37
N LEU A 458 1.86 -66.17 -4.04
CA LEU A 458 0.80 -65.45 -3.35
C LEU A 458 0.99 -63.95 -3.48
N LYS A 459 -0.12 -63.24 -3.66
CA LYS A 459 -0.09 -61.79 -3.69
C LYS A 459 0.04 -61.22 -2.29
N PRO A 460 0.52 -59.98 -2.16
CA PRO A 460 0.59 -59.36 -0.83
C PRO A 460 -0.79 -59.26 -0.19
N PHE A 461 -0.83 -59.44 1.13
CA PHE A 461 -2.06 -59.42 1.91
C PHE A 461 -3.08 -60.43 1.40
N GLU A 462 -2.58 -61.60 1.01
CA GLU A 462 -3.43 -62.70 0.55
C GLU A 462 -3.07 -63.96 1.32
N ARG A 463 -4.10 -64.67 1.79
CA ARG A 463 -3.93 -65.90 2.54
C ARG A 463 -4.54 -67.06 1.77
N ASP A 464 -3.80 -68.15 1.65
CA ASP A 464 -4.25 -69.34 0.95
C ASP A 464 -4.61 -70.42 1.96
N ILE A 465 -5.82 -70.94 1.85
CA ILE A 465 -6.30 -71.99 2.75
C ILE A 465 -6.72 -73.25 2.02
N SER A 466 -6.79 -73.24 0.69
CA SER A 466 -7.20 -74.41 -0.06
C SER A 466 -6.18 -75.53 0.09
N THR A 467 -6.67 -76.76 0.23
CA THR A 467 -5.82 -77.93 0.39
C THR A 467 -5.79 -78.79 -0.88
N GLU A 468 -6.07 -78.19 -2.04
CA GLU A 468 -6.04 -78.92 -3.29
C GLU A 468 -4.64 -79.43 -3.58
N ILE A 469 -4.54 -80.70 -3.99
CA ILE A 469 -3.25 -81.31 -4.26
C ILE A 469 -2.60 -80.62 -5.45
N TYR A 470 -1.33 -80.24 -5.28
CA TYR A 470 -0.61 -79.58 -6.36
C TYR A 470 -0.46 -80.51 -7.56
N GLN A 471 -0.70 -79.97 -8.74
CA GLN A 471 -0.66 -80.72 -9.98
C GLN A 471 0.50 -80.22 -10.84
N ALA A 472 1.34 -81.13 -11.31
CA ALA A 472 2.47 -80.82 -12.17
C ALA A 472 2.16 -81.31 -13.57
N GLY A 473 1.93 -80.37 -14.49
CA GLY A 473 1.61 -80.71 -15.86
C GLY A 473 0.14 -80.51 -16.19
N ASN A 474 -0.41 -81.41 -17.02
CA ASN A 474 -1.80 -81.34 -17.41
C ASN A 474 -2.63 -82.53 -16.96
N LYS A 475 -2.01 -83.58 -16.44
CA LYS A 475 -2.75 -84.74 -15.98
C LYS A 475 -3.46 -84.41 -14.67
N PRO A 476 -4.78 -84.59 -14.57
CA PRO A 476 -5.48 -84.28 -13.32
C PRO A 476 -5.00 -85.17 -12.18
N CYS A 477 -4.99 -84.60 -10.98
CA CYS A 477 -4.51 -85.28 -9.78
C CYS A 477 -5.70 -85.79 -8.98
N LYS A 478 -5.81 -87.11 -8.83
CA LYS A 478 -6.86 -87.74 -8.06
C LYS A 478 -6.38 -88.20 -6.69
N GLY A 479 -5.13 -87.91 -6.33
CA GLY A 479 -4.59 -88.35 -5.07
C GLY A 479 -3.07 -88.30 -5.10
N LYS A 480 -2.49 -88.88 -4.05
CA LYS A 480 -1.03 -88.93 -3.95
C LYS A 480 -0.46 -89.84 -5.04
N GLY A 481 0.61 -89.37 -5.68
CA GLY A 481 1.24 -90.10 -6.74
C GLY A 481 2.19 -89.24 -7.56
N PRO A 482 2.55 -89.71 -8.76
CA PRO A 482 3.43 -88.92 -9.61
C PRO A 482 2.79 -87.58 -9.99
N ASN A 483 3.63 -86.55 -10.07
CA ASN A 483 3.24 -85.20 -10.47
C ASN A 483 2.22 -84.57 -9.51
N CYS A 484 1.86 -85.29 -8.45
CA CYS A 484 0.90 -84.81 -7.46
C CYS A 484 1.57 -84.79 -6.09
N TYR A 485 1.51 -83.64 -5.43
CA TYR A 485 2.08 -83.47 -4.10
C TYR A 485 1.16 -82.62 -3.25
N PHE A 486 1.18 -82.88 -1.95
CA PHE A 486 0.35 -82.12 -1.03
C PHE A 486 0.92 -80.72 -0.84
N PRO A 487 0.14 -79.67 -1.03
CA PRO A 487 0.68 -78.31 -0.87
C PRO A 487 1.20 -78.02 0.52
N LEU A 488 0.57 -78.57 1.55
CA LEU A 488 0.96 -78.31 2.93
C LEU A 488 1.86 -79.43 3.44
N GLN A 489 2.88 -79.04 4.21
CA GLN A 489 3.83 -79.97 4.78
C GLN A 489 4.00 -79.67 6.27
N SER A 490 4.08 -80.72 7.08
CA SER A 490 4.24 -80.55 8.51
C SER A 490 5.63 -80.03 8.84
N TYR A 491 5.71 -79.10 9.81
CA TYR A 491 7.00 -78.56 10.22
C TYR A 491 7.79 -79.59 11.02
N GLY A 492 7.14 -80.30 11.93
CA GLY A 492 7.81 -81.28 12.76
C GLY A 492 8.86 -80.69 13.66
N PHE A 493 8.52 -79.60 14.34
CA PHE A 493 9.47 -78.92 15.22
C PHE A 493 9.89 -79.81 16.38
N ARG A 494 11.19 -79.81 16.68
CA ARG A 494 11.74 -80.59 17.77
C ARG A 494 12.76 -79.74 18.52
N PRO A 495 12.82 -79.84 19.85
CA PRO A 495 13.82 -79.08 20.60
C PRO A 495 15.25 -79.43 20.23
N THR A 496 15.51 -80.69 19.86
CA THR A 496 16.87 -81.11 19.50
C THR A 496 17.34 -80.51 18.18
N TYR A 497 16.46 -79.90 17.42
CA TYR A 497 16.86 -79.30 16.15
C TYR A 497 17.70 -78.04 16.39
N GLY A 498 18.39 -77.62 15.33
CA GLY A 498 19.25 -76.45 15.42
C GLY A 498 18.46 -75.16 15.48
N VAL A 499 19.21 -74.06 15.64
CA VAL A 499 18.59 -72.75 15.74
C VAL A 499 17.85 -72.40 14.46
N GLY A 500 18.46 -72.70 13.31
CA GLY A 500 17.80 -72.44 12.04
C GLY A 500 16.52 -73.24 11.86
N HIS A 501 16.49 -74.46 12.37
CA HIS A 501 15.30 -75.31 12.28
C HIS A 501 14.36 -75.14 13.47
N GLN A 502 14.76 -74.40 14.50
CA GLN A 502 13.90 -74.19 15.65
C GLN A 502 12.71 -73.31 15.26
N PRO A 503 11.54 -73.56 15.86
CA PRO A 503 10.37 -72.71 15.56
C PRO A 503 10.60 -71.28 16.04
N TYR A 504 10.09 -70.32 15.27
CA TYR A 504 10.19 -68.91 15.60
C TYR A 504 8.83 -68.26 15.41
N ARG A 505 8.36 -67.58 16.44
CA ARG A 505 7.09 -66.87 16.36
C ARG A 505 7.32 -65.51 15.72
N VAL A 506 6.66 -65.26 14.59
CA VAL A 506 6.84 -64.04 13.81
C VAL A 506 5.53 -63.28 13.78
N VAL A 507 5.59 -62.01 14.17
CA VAL A 507 4.43 -61.12 14.15
C VAL A 507 4.74 -59.97 13.20
N VAL A 508 3.83 -59.69 12.27
CA VAL A 508 4.01 -58.65 11.26
C VAL A 508 3.06 -57.51 11.60
N LEU A 509 3.62 -56.32 11.77
CA LEU A 509 2.84 -55.12 12.07
C LEU A 509 2.68 -54.31 10.80
N SER A 510 1.44 -54.13 10.36
CA SER A 510 1.11 -53.38 9.16
C SER A 510 0.44 -52.07 9.55
N PHE A 511 0.95 -50.97 9.01
CA PHE A 511 0.42 -49.64 9.30
C PHE A 511 -0.34 -49.13 8.08
N GLU A 512 -1.56 -48.66 8.30
CA GLU A 512 -2.39 -48.13 7.24
C GLU A 512 -2.12 -46.64 7.06
N LEU A 513 -1.90 -46.23 5.82
CA LEU A 513 -1.60 -44.83 5.52
C LEU A 513 -2.81 -43.95 5.81
N LEU A 514 -2.61 -42.64 5.67
CA LEU A 514 -3.65 -41.67 5.99
C LEU A 514 -4.65 -41.61 4.83
N HIS A 515 -5.81 -42.24 5.03
CA HIS A 515 -6.92 -42.16 4.09
C HIS A 515 -8.19 -41.83 4.86
N ALA A 516 -8.19 -42.18 6.13
CA ALA A 516 -9.26 -41.91 7.09
C ALA A 516 -8.64 -41.23 8.30
N PRO A 517 -9.44 -40.52 9.09
CA PRO A 517 -8.88 -39.86 10.29
C PRO A 517 -8.18 -40.85 11.20
N ALA A 518 -7.06 -40.43 11.77
CA ALA A 518 -6.23 -41.32 12.58
C ALA A 518 -6.99 -41.78 13.82
N THR A 519 -6.88 -43.09 14.09
CA THR A 519 -7.51 -43.68 15.26
C THR A 519 -6.51 -44.26 16.25
N VAL A 520 -5.25 -44.45 15.85
CA VAL A 520 -4.22 -45.00 16.71
C VAL A 520 -3.09 -44.00 16.83
N CYS A 521 -2.67 -43.72 18.06
CA CYS A 521 -1.59 -42.79 18.33
C CYS A 521 -0.74 -43.31 19.49
N GLY A 522 0.30 -42.57 19.83
CA GLY A 522 1.18 -42.95 20.90
C GLY A 522 0.89 -42.19 22.17
N PRO A 523 1.23 -42.78 23.32
CA PRO A 523 0.96 -42.13 24.61
C PRO A 523 2.01 -41.05 24.90
N LYS A 524 1.55 -39.82 25.10
CA LYS A 524 2.43 -38.70 25.43
C LYS A 524 1.73 -37.82 26.46
N LYS A 525 2.37 -37.65 27.61
CA LYS A 525 1.87 -36.78 28.67
C LYS A 525 2.96 -36.61 29.71
N SER A 526 3.15 -35.38 30.16
CA SER A 526 4.18 -35.08 31.17
C SER A 526 3.86 -33.73 31.78
N THR A 527 4.81 -33.22 32.58
CA THR A 527 4.77 -31.86 33.15
C THR A 527 3.57 -31.63 34.05
N ASN A 528 3.48 -30.42 34.62
CA ASN A 528 2.40 -30.03 35.51
C ASN A 528 1.85 -28.69 35.03
N LEU A 529 0.83 -28.20 35.75
CA LEU A 529 0.20 -26.93 35.38
C LEU A 529 1.17 -25.77 35.52
N VAL A 530 1.94 -25.74 36.61
CA VAL A 530 2.84 -24.66 37.02
C VAL A 530 2.30 -23.30 36.60
N LYS A 531 1.48 -22.69 37.47
CA LYS A 531 0.83 -21.43 37.17
C LYS A 531 1.69 -20.25 37.63
N ASN A 532 1.26 -19.06 37.22
CA ASN A 532 1.90 -17.80 37.63
C ASN A 532 3.36 -17.75 37.22
N LYS A 533 3.67 -18.30 36.05
CA LYS A 533 5.01 -18.23 35.49
C LYS A 533 4.91 -18.27 33.97
N CYS A 534 5.68 -17.41 33.31
CA CYS A 534 5.64 -17.32 31.85
C CYS A 534 6.27 -18.58 31.26
N VAL A 535 5.43 -19.48 30.74
CA VAL A 535 5.88 -20.76 30.21
C VAL A 535 5.22 -20.99 28.85
N ASN A 536 5.77 -21.96 28.12
CA ASN A 536 5.18 -22.44 26.88
C ASN A 536 4.30 -23.64 27.16
N PHE A 537 3.10 -23.65 26.60
CA PHE A 537 2.13 -24.69 26.86
C PHE A 537 1.73 -25.37 25.56
N ASN A 538 1.23 -26.61 25.71
CA ASN A 538 0.74 -27.39 24.57
C ASN A 538 -0.45 -28.21 25.09
N PHE A 539 -1.65 -27.67 24.91
CA PHE A 539 -2.87 -28.31 25.41
C PHE A 539 -3.61 -28.93 24.22
N ASN A 540 -3.54 -30.26 24.12
CA ASN A 540 -4.33 -31.01 23.14
C ASN A 540 -4.12 -30.49 21.73
N GLY A 541 -2.87 -30.24 21.38
CA GLY A 541 -2.54 -29.75 20.05
C GLY A 541 -2.60 -28.25 19.87
N LEU A 542 -3.00 -27.51 20.89
CA LEU A 542 -2.98 -26.05 20.85
C LEU A 542 -1.71 -25.57 21.53
N THR A 543 -0.94 -24.74 20.84
CA THR A 543 0.35 -24.28 21.33
C THR A 543 0.35 -22.76 21.44
N GLY A 544 1.05 -22.27 22.46
CA GLY A 544 1.16 -20.84 22.66
C GLY A 544 2.13 -20.53 23.76
N THR A 545 2.21 -19.23 24.10
CA THR A 545 3.07 -18.77 25.17
C THR A 545 2.32 -17.75 26.01
N GLY A 546 2.51 -17.83 27.32
CA GLY A 546 1.87 -16.91 28.23
C GLY A 546 1.91 -17.44 29.64
N VAL A 547 1.23 -16.72 30.53
CA VAL A 547 1.09 -17.12 31.92
C VAL A 547 -0.30 -17.70 32.12
N LEU A 548 -0.40 -18.70 32.99
CA LEU A 548 -1.67 -19.36 33.28
C LEU A 548 -2.07 -19.07 34.71
N THR A 549 -3.31 -18.63 34.89
CA THR A 549 -3.83 -18.30 36.21
C THR A 549 -5.13 -19.05 36.44
N LYS A 550 -5.47 -19.24 37.72
CA LYS A 550 -6.76 -19.78 38.07
C LYS A 550 -7.86 -18.85 37.54
N SER A 551 -8.84 -19.43 36.87
CA SER A 551 -9.84 -18.65 36.14
C SER A 551 -11.22 -18.84 36.75
N ASN A 552 -11.96 -17.75 36.83
CA ASN A 552 -13.36 -17.79 37.23
C ASN A 552 -14.30 -17.92 36.04
N LYS A 553 -13.77 -18.04 34.83
CA LYS A 553 -14.59 -18.24 33.66
C LYS A 553 -15.32 -19.58 33.73
N LYS A 554 -16.52 -19.61 33.16
CA LYS A 554 -17.44 -20.73 33.33
C LYS A 554 -17.70 -21.36 31.96
N PHE A 555 -16.85 -22.32 31.60
CA PHE A 555 -16.96 -23.00 30.32
C PHE A 555 -18.18 -23.90 30.28
N LEU A 556 -18.65 -24.18 29.08
CA LEU A 556 -19.66 -25.21 28.88
C LEU A 556 -19.01 -26.58 29.01
N PRO A 557 -19.80 -27.62 29.30
CA PRO A 557 -19.21 -28.95 29.53
C PRO A 557 -18.38 -29.48 28.38
N PHE A 558 -18.68 -29.07 27.15
CA PHE A 558 -17.99 -29.62 25.99
C PHE A 558 -16.94 -28.70 25.39
N GLN A 559 -17.09 -27.38 25.54
CA GLN A 559 -16.18 -26.45 24.90
C GLN A 559 -14.78 -26.59 25.47
N GLN A 560 -13.78 -26.56 24.57
CA GLN A 560 -12.41 -26.88 24.95
C GLN A 560 -11.62 -25.64 25.38
N PHE A 561 -11.46 -24.68 24.49
CA PHE A 561 -10.67 -23.49 24.78
C PHE A 561 -11.42 -22.25 24.33
N GLY A 562 -11.23 -21.16 25.08
CA GLY A 562 -11.92 -19.92 24.80
C GLY A 562 -11.17 -19.04 23.83
N ARG A 563 -11.86 -18.02 23.33
CA ARG A 563 -11.27 -17.05 22.43
C ARG A 563 -11.79 -15.66 22.79
N ASP A 564 -11.00 -14.66 22.45
CA ASP A 564 -11.32 -13.28 22.77
C ASP A 564 -12.28 -12.75 21.70
N ILE A 565 -12.66 -11.46 21.78
CA ILE A 565 -13.56 -10.94 20.77
C ILE A 565 -12.86 -10.86 19.42
N VAL A 566 -11.54 -10.66 19.42
CA VAL A 566 -10.80 -10.39 18.20
C VAL A 566 -10.12 -11.71 17.79
N ASP A 567 -10.69 -12.83 18.22
CA ASP A 567 -10.28 -14.15 17.78
C ASP A 567 -8.80 -14.43 18.09
N THR A 568 -8.50 -14.47 19.38
CA THR A 568 -7.20 -14.92 19.85
C THR A 568 -7.39 -15.88 21.02
N THR A 569 -6.44 -16.78 21.20
CA THR A 569 -6.54 -17.77 22.26
C THR A 569 -6.42 -17.08 23.62
N ASP A 570 -7.47 -17.20 24.44
CA ASP A 570 -7.52 -16.53 25.72
C ASP A 570 -7.57 -17.50 26.90
N ALA A 571 -8.49 -18.45 26.90
CA ALA A 571 -8.64 -19.38 28.00
C ALA A 571 -8.60 -20.81 27.47
N VAL A 572 -7.97 -21.69 28.23
CA VAL A 572 -7.84 -23.09 27.86
C VAL A 572 -8.30 -23.96 29.01
N ARG A 573 -8.83 -25.13 28.67
CA ARG A 573 -9.24 -26.12 29.65
C ARG A 573 -8.13 -27.13 29.86
N ASP A 574 -7.92 -27.53 31.10
CA ASP A 574 -6.91 -28.53 31.40
C ASP A 574 -7.40 -29.88 30.89
N PRO A 575 -6.66 -30.56 30.02
CA PRO A 575 -7.14 -31.84 29.49
C PRO A 575 -7.36 -32.91 30.55
N GLN A 576 -6.61 -32.89 31.63
CA GLN A 576 -6.71 -33.92 32.66
C GLN A 576 -7.64 -33.50 33.80
N THR A 577 -7.35 -32.38 34.45
CA THR A 577 -8.08 -31.98 35.64
C THR A 577 -9.35 -31.20 35.33
N LEU A 578 -9.63 -30.93 34.07
CA LEU A 578 -10.85 -30.22 33.66
C LEU A 578 -10.96 -28.84 34.31
N GLU A 579 -9.82 -28.21 34.56
CA GLU A 579 -9.80 -26.86 35.11
C GLU A 579 -9.87 -25.83 33.98
N ILE A 580 -9.96 -24.56 34.35
CA ILE A 580 -9.98 -23.47 33.38
C ILE A 580 -8.83 -22.53 33.70
N LEU A 581 -8.01 -22.25 32.68
CA LEU A 581 -6.85 -21.38 32.84
C LEU A 581 -6.90 -20.25 31.82
N ASP A 582 -6.56 -19.06 32.27
CA ASP A 582 -6.55 -17.87 31.42
C ASP A 582 -5.14 -17.63 30.91
N ILE A 583 -5.00 -17.46 29.60
CA ILE A 583 -3.69 -17.27 28.98
C ILE A 583 -3.46 -15.77 28.85
N THR A 584 -2.82 -15.20 29.86
CA THR A 584 -2.36 -13.82 29.77
C THR A 584 -0.95 -13.81 29.19
N PRO A 585 -0.69 -13.09 28.10
CA PRO A 585 0.61 -13.19 27.44
C PRO A 585 1.73 -12.68 28.32
N CYS A 586 2.92 -13.24 28.11
CA CYS A 586 4.10 -12.81 28.84
C CYS A 586 4.36 -11.33 28.57
N SER A 587 4.79 -10.62 29.61
CA SER A 587 4.91 -9.17 29.52
C SER A 587 5.90 -8.77 28.43
N PHE A 588 5.57 -7.70 27.72
CA PHE A 588 6.43 -7.17 26.67
C PHE A 588 6.05 -5.72 26.43
N GLY A 589 6.95 -5.01 25.75
CA GLY A 589 6.69 -3.62 25.42
C GLY A 589 7.92 -3.01 24.77
N GLY A 590 7.77 -1.74 24.41
CA GLY A 590 8.87 -1.02 23.82
C GLY A 590 9.95 -0.69 24.83
N VAL A 591 11.13 -0.39 24.32
CA VAL A 591 12.27 0.05 25.12
C VAL A 591 12.81 1.33 24.50
N SER A 592 13.02 2.34 25.33
CA SER A 592 13.53 3.63 24.86
C SER A 592 14.75 4.01 25.66
N VAL A 593 15.68 4.71 25.02
CA VAL A 593 16.91 5.17 25.63
C VAL A 593 16.87 6.69 25.64
N ILE A 594 17.04 7.28 26.82
CA ILE A 594 17.01 8.73 26.98
C ILE A 594 18.47 9.19 27.09
N THR A 595 18.97 9.82 26.03
CA THR A 595 20.38 10.19 25.96
C THR A 595 20.53 11.70 26.08
N PRO A 596 21.53 12.17 26.81
CA PRO A 596 21.78 13.61 26.90
C PRO A 596 22.71 14.11 25.80
N GLY A 597 22.93 13.29 24.78
CA GLY A 597 23.87 13.64 23.74
C GLY A 597 25.23 13.03 24.02
N THR A 598 25.74 12.23 23.07
CA THR A 598 26.95 11.45 23.33
C THR A 598 28.18 12.31 23.54
N ASN A 599 28.21 13.52 22.99
CA ASN A 599 29.37 14.39 23.22
C ASN A 599 29.35 14.96 24.63
N THR A 600 28.16 15.27 25.15
CA THR A 600 28.07 15.81 26.50
C THR A 600 28.39 14.74 27.55
N SER A 601 27.80 13.57 27.40
CA SER A 601 28.02 12.48 28.36
C SER A 601 27.61 11.16 27.73
N ASN A 602 27.93 10.08 28.43
CA ASN A 602 27.60 8.73 27.97
C ASN A 602 26.54 8.04 28.82
N GLN A 603 26.19 8.59 29.98
CA GLN A 603 25.16 7.97 30.81
C GLN A 603 23.82 8.00 30.08
N VAL A 604 23.04 6.93 30.24
CA VAL A 604 21.76 6.80 29.57
C VAL A 604 20.70 6.41 30.58
N ALA A 605 19.46 6.81 30.29
CA ALA A 605 18.30 6.43 31.07
C ALA A 605 17.40 5.56 30.20
N VAL A 606 16.93 4.45 30.76
CA VAL A 606 16.18 3.45 30.01
C VAL A 606 14.74 3.46 30.48
N LEU A 607 13.81 3.39 29.52
CA LEU A 607 12.39 3.36 29.80
C LEU A 607 11.80 2.07 29.24
N TYR A 608 11.22 1.25 30.11
CA TYR A 608 10.52 0.03 29.70
C TYR A 608 9.05 0.37 29.56
N GLN A 609 8.57 0.47 28.32
CA GLN A 609 7.25 1.01 28.08
C GLN A 609 6.16 0.07 28.58
N GLY A 610 5.20 0.62 29.31
CA GLY A 610 3.98 -0.10 29.66
C GLY A 610 4.14 -1.30 30.56
N VAL A 611 4.98 -1.19 31.59
CA VAL A 611 5.11 -2.24 32.59
C VAL A 611 5.35 -1.61 33.95
N ASN A 612 4.95 -2.32 35.00
CA ASN A 612 5.35 -1.96 36.35
C ASN A 612 6.85 -2.16 36.53
N CYS A 613 7.40 -1.44 37.52
CA CYS A 613 8.80 -1.63 37.88
C CYS A 613 9.00 -2.95 38.60
N THR A 614 8.00 -3.41 39.35
CA THR A 614 8.13 -4.67 40.07
C THR A 614 8.30 -5.83 39.11
N GLU A 615 7.51 -5.86 38.03
CA GLU A 615 7.63 -6.94 37.05
C GLU A 615 9.00 -6.92 36.39
N VAL A 616 9.49 -5.73 36.03
CA VAL A 616 10.81 -5.62 35.40
C VAL A 616 11.89 -6.10 36.35
N SER A 617 11.82 -5.69 37.61
CA SER A 617 12.83 -6.12 38.58
C SER A 617 12.78 -7.63 38.79
N VAL A 618 11.58 -8.20 38.88
CA VAL A 618 11.45 -9.64 39.07
C VAL A 618 12.04 -10.39 37.88
N ALA A 619 11.74 -9.94 36.66
CA ALA A 619 12.33 -10.56 35.48
C ALA A 619 13.84 -10.40 35.45
N ILE A 620 14.35 -9.28 35.97
CA ILE A 620 15.80 -9.08 36.04
C ILE A 620 16.42 -10.11 36.99
N HIS A 621 15.79 -10.30 38.15
CA HIS A 621 16.31 -11.27 39.13
C HIS A 621 16.29 -12.69 38.57
N ALA A 622 15.38 -12.97 37.63
CA ALA A 622 15.27 -14.29 37.03
C ALA A 622 15.91 -14.35 35.65
N ASP A 623 16.70 -13.34 35.28
CA ASP A 623 17.35 -13.21 33.97
C ASP A 623 16.42 -13.66 32.84
N GLN A 624 15.26 -13.01 32.77
CA GLN A 624 14.24 -13.35 31.79
C GLN A 624 14.05 -12.30 30.71
N LEU A 625 14.58 -11.10 30.88
CA LEU A 625 14.39 -10.07 29.85
C LEU A 625 15.18 -10.41 28.59
N THR A 626 14.55 -10.17 27.43
CA THR A 626 15.23 -10.44 26.17
C THR A 626 16.46 -9.58 25.96
N PRO A 627 16.41 -8.25 26.10
CA PRO A 627 17.65 -7.47 25.97
C PRO A 627 18.53 -7.69 27.18
N THR A 628 19.79 -8.04 26.93
CA THR A 628 20.71 -8.51 27.96
C THR A 628 21.70 -7.45 28.39
N TRP A 629 21.28 -6.19 28.51
CA TRP A 629 22.19 -5.15 28.97
C TRP A 629 21.69 -4.53 30.26
N ARG A 630 21.32 -5.37 31.22
CA ARG A 630 20.69 -4.94 32.46
C ARG A 630 21.39 -3.75 33.07
N VAL A 631 20.66 -2.64 33.21
CA VAL A 631 21.23 -1.40 33.74
C VAL A 631 21.23 -1.46 35.26
N TYR A 632 22.34 -1.06 35.86
CA TYR A 632 22.47 -1.07 37.31
C TYR A 632 21.42 -0.17 37.95
N SER A 633 20.76 -0.68 38.98
CA SER A 633 19.74 0.05 39.72
C SER A 633 20.18 0.14 41.18
N THR A 634 20.23 1.36 41.70
CA THR A 634 20.66 1.60 43.07
C THR A 634 19.50 1.83 44.02
N GLY A 635 18.28 1.53 43.60
CA GLY A 635 17.10 1.79 44.42
C GLY A 635 16.47 3.13 44.17
N SER A 636 17.27 4.20 44.27
CA SER A 636 16.79 5.54 43.94
C SER A 636 16.76 5.81 42.45
N ASN A 637 17.42 4.97 41.65
CA ASN A 637 17.41 5.15 40.21
C ASN A 637 16.09 4.71 39.58
N VAL A 638 15.45 3.70 40.14
CA VAL A 638 14.21 3.17 39.56
C VAL A 638 13.05 4.09 39.94
N PHE A 639 12.33 4.56 38.93
CA PHE A 639 11.17 5.43 39.13
C PHE A 639 10.02 4.89 38.27
N GLN A 640 8.84 4.82 38.86
CA GLN A 640 7.66 4.31 38.17
C GLN A 640 6.92 5.45 37.49
N THR A 641 6.64 5.27 36.21
CA THR A 641 5.97 6.28 35.40
C THR A 641 4.77 5.67 34.70
N ARG A 642 3.77 6.51 34.41
CA ARG A 642 2.61 6.03 33.67
C ARG A 642 2.96 5.59 32.26
N ALA A 643 4.12 5.98 31.76
CA ALA A 643 4.61 5.50 30.47
C ALA A 643 5.45 4.24 30.59
N GLY A 644 5.71 3.77 31.80
CA GLY A 644 6.49 2.56 32.02
C GLY A 644 7.61 2.79 33.01
N CYS A 645 8.18 1.67 33.45
CA CYS A 645 9.27 1.72 34.42
C CYS A 645 10.47 2.46 33.84
N LEU A 646 11.02 3.38 34.61
CA LEU A 646 12.14 4.21 34.19
C LEU A 646 13.32 3.96 35.12
N ILE A 647 14.44 3.55 34.54
CA ILE A 647 15.65 3.23 35.29
C ILE A 647 16.80 4.06 34.75
N GLY A 648 17.61 4.58 35.65
CA GLY A 648 18.73 5.43 35.29
C GLY A 648 18.50 6.91 35.50
N ALA A 649 17.27 7.31 35.82
CA ALA A 649 16.94 8.71 36.05
C ALA A 649 16.36 8.87 37.44
N GLU A 650 16.73 9.96 38.11
CA GLU A 650 16.31 10.23 39.48
C GLU A 650 15.19 11.26 39.49
N TYR A 651 14.10 10.94 40.18
CA TYR A 651 13.01 11.88 40.35
C TYR A 651 13.46 13.04 41.25
N VAL A 652 13.19 14.26 40.80
CA VAL A 652 13.41 15.46 41.60
C VAL A 652 12.04 16.09 41.85
N ASN A 653 11.87 16.66 43.04
CA ASN A 653 10.59 17.24 43.41
C ASN A 653 10.33 18.58 42.74
N ASN A 654 11.33 19.18 42.11
CA ASN A 654 11.13 20.44 41.42
C ASN A 654 10.32 20.24 40.14
N SER A 655 10.10 21.34 39.42
CA SER A 655 9.35 21.31 38.17
C SER A 655 10.02 22.28 37.20
N TYR A 656 10.60 21.74 36.13
CA TYR A 656 11.26 22.53 35.11
C TYR A 656 10.53 22.34 33.78
N GLU A 657 10.97 23.10 32.78
CA GLU A 657 10.43 22.95 31.44
C GLU A 657 10.89 21.64 30.82
N CYS A 658 10.11 21.13 29.88
CA CYS A 658 10.41 19.86 29.26
C CYS A 658 11.60 19.99 28.31
N ASP A 659 12.55 19.06 28.44
CA ASP A 659 13.68 18.99 27.53
C ASP A 659 13.65 17.70 26.70
N ILE A 660 13.57 16.55 27.36
CA ILE A 660 13.45 15.27 26.67
C ILE A 660 12.12 14.65 27.07
N PRO A 661 11.12 14.63 26.19
CA PRO A 661 9.82 14.07 26.56
C PRO A 661 9.90 12.59 26.84
N ILE A 662 9.05 12.13 27.76
CA ILE A 662 8.93 10.72 28.10
C ILE A 662 7.49 10.22 27.92
N GLY A 663 6.54 10.90 28.53
CA GLY A 663 5.14 10.54 28.41
C GLY A 663 4.42 10.73 29.73
N ALA A 664 3.12 11.06 29.64
CA ALA A 664 2.27 11.28 30.80
C ALA A 664 2.84 12.38 31.71
N GLY A 665 3.20 13.49 31.09
CA GLY A 665 3.65 14.64 31.85
C GLY A 665 4.93 14.46 32.62
N ILE A 666 5.87 13.70 32.06
CA ILE A 666 7.19 13.51 32.66
C ILE A 666 8.23 13.78 31.58
N CYS A 667 9.23 14.59 31.92
CA CYS A 667 10.31 14.89 30.99
C CYS A 667 11.64 14.81 31.71
N ALA A 668 12.64 14.24 31.04
CA ALA A 668 13.98 14.09 31.60
C ALA A 668 14.93 15.11 31.00
N SER A 669 16.00 15.38 31.72
CA SER A 669 17.02 16.31 31.25
C SER A 669 18.31 16.04 32.01
N TYR A 670 19.41 16.51 31.43
CA TYR A 670 20.74 16.34 32.00
C TYR A 670 21.08 17.59 32.81
N GLN A 671 21.09 17.45 34.14
CA GLN A 671 21.40 18.57 35.02
C GLN A 671 22.15 18.02 36.23
N THR A 672 22.32 18.86 37.24
CA THR A 672 23.04 18.47 38.44
C THR A 672 22.08 18.01 39.54
N SER A 685 28.45 16.79 39.86
CA SER A 685 28.12 15.45 39.36
C SER A 685 26.82 15.49 38.56
N GLN A 686 26.93 15.79 37.27
CA GLN A 686 25.76 15.84 36.41
C GLN A 686 25.21 14.44 36.17
N SER A 687 23.89 14.33 36.12
CA SER A 687 23.22 13.05 35.88
C SER A 687 21.88 13.34 35.22
N ILE A 688 21.15 12.26 34.92
CA ILE A 688 19.84 12.36 34.28
C ILE A 688 18.77 12.45 35.36
N ILE A 689 17.90 13.44 35.25
CA ILE A 689 16.84 13.66 36.22
C ILE A 689 15.50 13.69 35.50
N ALA A 690 14.52 12.97 36.04
CA ALA A 690 13.17 12.96 35.52
C ALA A 690 12.26 13.76 36.45
N TYR A 691 11.46 14.66 35.88
CA TYR A 691 10.65 15.57 36.65
C TYR A 691 9.34 15.82 35.94
N THR A 692 8.35 16.28 36.71
CA THR A 692 7.07 16.65 36.13
C THR A 692 7.21 17.95 35.34
N MET A 693 6.44 18.04 34.25
CA MET A 693 6.51 19.21 33.39
C MET A 693 6.02 20.46 34.10
N SER A 694 6.58 21.60 33.70
CA SER A 694 6.16 22.90 34.19
C SER A 694 5.42 23.63 33.08
N LEU A 695 4.22 24.09 33.38
CA LEU A 695 3.38 24.78 32.42
C LEU A 695 3.59 26.29 32.43
N GLY A 696 4.52 26.79 33.21
CA GLY A 696 4.77 28.22 33.28
C GLY A 696 4.69 28.75 34.69
N ALA A 697 5.26 29.93 34.93
CA ALA A 697 5.26 30.51 36.26
C ALA A 697 3.84 30.83 36.68
N GLU A 698 3.46 30.40 37.87
CA GLU A 698 2.13 30.65 38.41
C GLU A 698 1.96 32.14 38.67
N ASN A 699 1.10 32.78 37.89
CA ASN A 699 0.83 34.21 38.03
C ASN A 699 -0.66 34.42 38.22
N SER A 700 -1.02 35.24 39.20
CA SER A 700 -2.41 35.56 39.49
C SER A 700 -2.67 37.00 39.08
N VAL A 701 -3.56 37.18 38.10
CA VAL A 701 -3.87 38.53 37.62
C VAL A 701 -4.54 39.31 38.75
N ALA A 702 -4.06 40.53 38.97
CA ALA A 702 -4.63 41.40 40.00
C ALA A 702 -5.93 42.01 39.49
N TYR A 703 -6.90 41.14 39.23
CA TYR A 703 -8.19 41.58 38.70
C TYR A 703 -8.98 42.22 39.83
N SER A 704 -8.91 43.53 39.91
CA SER A 704 -9.71 44.28 40.89
C SER A 704 -11.12 44.44 40.34
N ASN A 705 -11.86 45.38 40.90
CA ASN A 705 -13.28 45.54 40.62
C ASN A 705 -13.55 46.79 39.80
N ASN A 706 -12.77 47.85 40.02
CA ASN A 706 -12.83 49.09 39.25
C ASN A 706 -11.44 49.61 38.97
N SER A 707 -10.50 48.71 38.64
CA SER A 707 -9.13 49.10 38.37
C SER A 707 -8.69 48.53 37.03
N ILE A 708 -7.98 49.34 36.26
CA ILE A 708 -7.50 48.94 34.94
C ILE A 708 -6.00 49.22 34.87
N ALA A 709 -5.30 48.42 34.07
CA ALA A 709 -3.86 48.53 33.91
C ALA A 709 -3.55 49.02 32.51
N ILE A 710 -2.76 50.09 32.42
CA ILE A 710 -2.45 50.71 31.14
C ILE A 710 -0.94 50.85 31.02
N PRO A 711 -0.34 50.39 29.94
CA PRO A 711 1.11 50.52 29.79
C PRO A 711 1.52 51.97 29.62
N THR A 712 2.73 52.28 30.09
CA THR A 712 3.33 53.59 29.91
C THR A 712 4.51 53.56 28.96
N ASN A 713 4.84 52.40 28.40
CA ASN A 713 5.95 52.25 27.47
C ASN A 713 5.66 51.04 26.60
N PHE A 714 6.64 50.65 25.78
CA PHE A 714 6.45 49.53 24.87
C PHE A 714 7.82 48.99 24.49
N THR A 715 7.80 47.92 23.71
CA THR A 715 9.03 47.30 23.21
C THR A 715 8.76 46.73 21.83
N ILE A 716 9.52 47.17 20.84
CA ILE A 716 9.40 46.62 19.50
C ILE A 716 10.15 45.29 19.46
N SER A 717 9.48 44.24 19.00
CA SER A 717 10.05 42.91 18.95
C SER A 717 10.01 42.39 17.53
N VAL A 718 11.08 41.73 17.12
CA VAL A 718 11.20 41.15 15.78
C VAL A 718 11.34 39.64 15.98
N THR A 719 10.21 38.93 15.94
CA THR A 719 10.21 37.49 16.09
C THR A 719 10.53 36.84 14.74
N THR A 720 10.47 35.51 14.71
CA THR A 720 10.77 34.76 13.50
C THR A 720 9.72 33.69 13.30
N GLU A 721 9.51 33.30 12.05
CA GLU A 721 8.58 32.22 11.73
C GLU A 721 9.04 31.57 10.43
N ILE A 722 9.44 30.31 10.52
CA ILE A 722 9.99 29.57 9.39
C ILE A 722 9.00 28.52 8.94
N LEU A 723 8.65 28.55 7.66
CA LEU A 723 7.66 27.64 7.10
C LEU A 723 8.28 26.97 5.87
N PRO A 724 8.33 25.64 5.81
CA PRO A 724 8.75 24.99 4.57
C PRO A 724 7.82 25.34 3.43
N VAL A 725 8.38 25.55 2.25
CA VAL A 725 7.59 26.01 1.11
C VAL A 725 7.60 24.95 0.01
N SER A 726 8.70 24.19 -0.09
CA SER A 726 8.83 23.22 -1.14
C SER A 726 9.83 22.15 -0.70
N MET A 727 9.79 21.02 -1.40
CA MET A 727 10.68 19.91 -1.11
C MET A 727 11.34 19.43 -2.40
N THR A 728 12.31 18.55 -2.24
CA THR A 728 13.09 18.06 -3.37
C THR A 728 12.21 17.36 -4.39
N LYS A 729 12.37 17.72 -5.65
CA LYS A 729 11.64 17.08 -6.74
C LYS A 729 12.46 15.88 -7.22
N THR A 730 11.91 14.69 -7.04
CA THR A 730 12.58 13.45 -7.42
C THR A 730 11.78 12.75 -8.51
N SER A 731 12.47 12.33 -9.56
CA SER A 731 11.89 11.52 -10.62
C SER A 731 12.58 10.17 -10.63
N VAL A 732 11.79 9.10 -10.61
CA VAL A 732 12.30 7.74 -10.50
C VAL A 732 11.91 6.99 -11.77
N ASP A 733 12.88 6.28 -12.34
CA ASP A 733 12.65 5.43 -13.51
C ASP A 733 12.42 4.00 -13.02
N CYS A 734 11.28 3.43 -13.39
CA CYS A 734 11.02 2.03 -13.03
C CYS A 734 12.06 1.09 -13.62
N THR A 735 12.06 0.94 -14.94
CA THR A 735 12.79 -0.16 -15.56
C THR A 735 14.24 -0.21 -15.10
N MET A 736 14.87 0.95 -14.93
CA MET A 736 16.23 0.97 -14.42
C MET A 736 16.29 0.52 -12.96
N TYR A 737 15.31 0.92 -12.15
CA TYR A 737 15.35 0.57 -10.74
C TYR A 737 15.03 -0.91 -10.50
N ILE A 738 14.01 -1.42 -11.17
CA ILE A 738 13.57 -2.78 -10.94
C ILE A 738 14.38 -3.77 -11.75
N CYS A 739 14.50 -3.54 -13.06
CA CYS A 739 15.14 -4.48 -13.96
C CYS A 739 16.27 -3.82 -14.73
N GLY A 740 17.15 -3.12 -14.01
CA GLY A 740 18.21 -2.36 -14.64
C GLY A 740 19.07 -3.15 -15.60
N ASP A 741 18.96 -2.82 -16.89
CA ASP A 741 19.72 -3.47 -17.96
C ASP A 741 19.49 -4.99 -17.94
N SER A 742 18.23 -5.34 -18.21
CA SER A 742 17.84 -6.74 -18.26
C SER A 742 16.62 -6.85 -19.16
N THR A 743 16.82 -7.39 -20.37
CA THR A 743 15.71 -7.55 -21.30
C THR A 743 14.65 -8.49 -20.74
N GLU A 744 15.08 -9.61 -20.15
CA GLU A 744 14.13 -10.59 -19.63
C GLU A 744 13.30 -10.01 -18.50
N CYS A 745 13.93 -9.30 -17.56
CA CYS A 745 13.18 -8.70 -16.47
C CYS A 745 12.25 -7.61 -16.98
N SER A 746 12.70 -6.83 -17.97
CA SER A 746 11.83 -5.80 -18.54
C SER A 746 10.61 -6.41 -19.19
N ASN A 747 10.79 -7.51 -19.93
CA ASN A 747 9.65 -8.19 -20.54
C ASN A 747 8.72 -8.74 -19.47
N LEU A 748 9.28 -9.30 -18.39
CA LEU A 748 8.46 -9.78 -17.30
C LEU A 748 7.75 -8.65 -16.56
N LEU A 749 8.25 -7.42 -16.70
CA LEU A 749 7.64 -6.29 -15.99
C LEU A 749 6.34 -5.84 -16.66
N LEU A 750 6.23 -6.00 -17.98
CA LEU A 750 5.00 -5.60 -18.67
C LEU A 750 3.79 -6.39 -18.20
N GLN A 751 3.99 -7.55 -17.60
CA GLN A 751 2.88 -8.36 -17.13
C GLN A 751 2.17 -7.74 -15.93
N TYR A 752 2.72 -6.69 -15.33
CA TYR A 752 2.12 -6.03 -14.18
C TYR A 752 1.35 -4.77 -14.58
N GLY A 753 0.87 -4.71 -15.82
CA GLY A 753 0.01 -3.61 -16.22
C GLY A 753 0.73 -2.27 -16.19
N SER A 754 0.01 -1.25 -15.75
CA SER A 754 0.50 0.12 -15.72
C SER A 754 0.99 0.52 -14.33
N PHE A 755 1.61 -0.41 -13.61
CA PHE A 755 2.11 -0.09 -12.28
C PHE A 755 3.31 0.82 -12.31
N CYS A 756 3.63 1.43 -13.46
CA CYS A 756 4.76 2.35 -13.56
C CYS A 756 4.39 3.67 -14.22
N THR A 757 3.44 3.66 -15.16
CA THR A 757 2.91 4.92 -15.64
C THR A 757 2.27 5.69 -14.49
N GLN A 758 1.62 4.99 -13.57
CA GLN A 758 1.07 5.64 -12.39
C GLN A 758 2.15 6.25 -11.51
N LEU A 759 3.24 5.51 -11.29
CA LEU A 759 4.32 6.05 -10.45
C LEU A 759 4.95 7.28 -11.10
N LYS A 760 5.20 7.22 -12.40
CA LYS A 760 5.77 8.36 -13.10
C LYS A 760 4.82 9.55 -13.07
N ARG A 761 3.52 9.30 -13.25
CA ARG A 761 2.54 10.39 -13.21
C ARG A 761 2.49 11.02 -11.84
N ALA A 762 2.49 10.21 -10.78
CA ALA A 762 2.44 10.75 -9.42
C ALA A 762 3.67 11.58 -9.12
N LEU A 763 4.86 11.08 -9.47
CA LEU A 763 6.08 11.82 -9.18
C LEU A 763 6.16 13.10 -9.99
N THR A 764 5.74 13.06 -11.26
CA THR A 764 5.73 14.28 -12.07
C THR A 764 4.77 15.30 -11.50
N GLY A 765 3.58 14.85 -11.07
CA GLY A 765 2.65 15.77 -10.46
C GLY A 765 3.20 16.39 -9.19
N ILE A 766 3.90 15.60 -8.38
CA ILE A 766 4.50 16.13 -7.16
C ILE A 766 5.56 17.19 -7.49
N ALA A 767 6.39 16.93 -8.51
CA ALA A 767 7.42 17.91 -8.88
C ALA A 767 6.80 19.21 -9.38
N VAL A 768 5.80 19.10 -10.25
CA VAL A 768 5.12 20.30 -10.75
C VAL A 768 4.48 21.05 -9.59
N GLU A 769 3.92 20.31 -8.63
CA GLU A 769 3.32 20.93 -7.46
C GLU A 769 4.35 21.66 -6.61
N GLN A 770 5.57 21.12 -6.51
CA GLN A 770 6.63 21.81 -5.79
C GLN A 770 6.97 23.14 -6.46
N ASP A 771 7.10 23.12 -7.78
CA ASP A 771 7.39 24.36 -8.50
C ASP A 771 6.27 25.38 -8.29
N LYS A 772 5.02 24.90 -8.36
CA LYS A 772 3.87 25.79 -8.14
C LYS A 772 3.87 26.35 -6.74
N ASN A 773 4.24 25.54 -5.74
CA ASN A 773 4.30 26.03 -4.37
C ASN A 773 5.29 27.16 -4.23
N THR A 774 6.50 26.98 -4.79
CA THR A 774 7.50 28.03 -4.68
C THR A 774 7.04 29.30 -5.40
N GLN A 775 6.48 29.16 -6.60
CA GLN A 775 6.02 30.34 -7.34
C GLN A 775 4.90 31.05 -6.59
N GLU A 776 3.94 30.30 -6.05
CA GLU A 776 2.83 30.90 -5.32
C GLU A 776 3.32 31.63 -4.09
N VAL A 777 4.31 31.07 -3.39
CA VAL A 777 4.80 31.70 -2.17
C VAL A 777 5.55 32.98 -2.49
N PHE A 778 6.43 32.95 -3.49
CA PHE A 778 7.32 34.09 -3.70
C PHE A 778 6.83 35.06 -4.77
N ALA A 779 6.37 34.57 -5.90
CA ALA A 779 6.00 35.45 -7.00
C ALA A 779 4.66 36.14 -6.73
N GLN A 780 4.66 37.07 -5.77
CA GLN A 780 3.48 37.87 -5.46
C GLN A 780 3.60 39.31 -5.93
N VAL A 781 4.69 39.66 -6.60
CA VAL A 781 4.95 41.04 -7.03
C VAL A 781 5.05 41.07 -8.55
N LYS A 782 4.30 41.98 -9.16
CA LYS A 782 4.34 42.12 -10.61
C LYS A 782 5.69 42.64 -11.08
N GLN A 783 6.25 43.63 -10.37
CA GLN A 783 7.49 44.28 -10.76
C GLN A 783 8.54 44.07 -9.68
N ILE A 784 9.80 44.19 -10.08
CA ILE A 784 10.93 44.02 -9.16
C ILE A 784 11.28 45.40 -8.63
N TYR A 785 10.64 45.78 -7.54
CA TYR A 785 10.91 47.08 -6.92
C TYR A 785 12.32 47.12 -6.36
N LYS A 786 12.93 48.29 -6.40
CA LYS A 786 14.29 48.49 -5.94
C LYS A 786 14.35 49.66 -4.98
N THR A 787 15.14 49.50 -3.92
CA THR A 787 15.34 50.60 -2.98
C THR A 787 16.17 51.70 -3.63
N PRO A 788 15.99 52.95 -3.19
CA PRO A 788 16.82 54.04 -3.71
C PRO A 788 18.28 53.81 -3.37
N PRO A 789 19.20 54.39 -4.16
CA PRO A 789 20.62 54.10 -3.94
C PRO A 789 21.11 54.48 -2.54
N ILE A 790 20.56 55.53 -1.94
CA ILE A 790 20.92 55.94 -0.58
C ILE A 790 19.83 55.44 0.37
N LYS A 791 20.25 54.69 1.38
CA LYS A 791 19.32 53.95 2.24
C LYS A 791 19.15 54.70 3.55
N TYR A 792 18.18 55.61 3.59
CA TYR A 792 17.71 56.22 4.83
C TYR A 792 16.21 56.04 4.92
N PHE A 793 15.74 55.49 6.03
CA PHE A 793 14.35 55.15 6.22
C PHE A 793 13.87 55.59 7.60
N GLY A 794 14.18 56.83 7.96
CA GLY A 794 13.78 57.33 9.26
C GLY A 794 14.58 56.78 10.42
N GLY A 795 15.80 56.31 10.16
CA GLY A 795 16.67 55.80 11.20
C GLY A 795 16.68 54.30 11.31
N PHE A 796 15.70 53.61 10.75
CA PHE A 796 15.65 52.16 10.82
C PHE A 796 16.78 51.56 9.99
N ASN A 797 17.38 50.50 10.52
CA ASN A 797 18.58 49.88 9.93
C ASN A 797 18.15 48.61 9.20
N PHE A 798 17.96 48.71 7.89
CA PHE A 798 17.59 47.56 7.07
C PHE A 798 18.79 46.92 6.39
N SER A 799 20.01 47.37 6.72
CA SER A 799 21.20 46.90 6.00
C SER A 799 21.47 45.42 6.18
N GLN A 800 20.84 44.77 7.15
CA GLN A 800 21.05 43.35 7.35
C GLN A 800 20.05 42.48 6.60
N ILE A 801 19.04 43.07 5.98
CA ILE A 801 18.07 42.31 5.19
C ILE A 801 18.04 42.74 3.73
N LEU A 802 18.66 43.85 3.37
CA LEU A 802 18.69 44.30 2.00
C LEU A 802 19.76 43.55 1.21
N PRO A 803 19.63 43.47 -0.11
CA PRO A 803 20.62 42.74 -0.90
C PRO A 803 22.00 43.35 -0.78
N ASP A 804 23.01 42.48 -0.81
CA ASP A 804 24.41 42.92 -0.75
C ASP A 804 25.02 42.77 -2.14
N PRO A 805 25.32 43.86 -2.83
CA PRO A 805 25.84 43.74 -4.21
C PRO A 805 27.18 43.04 -4.30
N SER A 806 27.96 42.97 -3.24
CA SER A 806 29.30 42.39 -3.30
C SER A 806 29.30 40.90 -3.01
N LYS A 807 28.41 40.18 -3.69
CA LYS A 807 28.36 38.72 -3.62
C LYS A 807 27.97 38.20 -5.00
N PRO A 808 28.34 36.96 -5.32
CA PRO A 808 27.89 36.38 -6.60
C PRO A 808 26.38 36.33 -6.73
N SER A 809 25.67 36.12 -5.63
CA SER A 809 24.21 36.18 -5.60
C SER A 809 23.79 37.28 -4.64
N LYS A 810 22.82 38.09 -5.05
CA LYS A 810 22.38 39.21 -4.23
C LYS A 810 21.54 38.72 -3.07
N ARG A 811 22.15 37.97 -2.16
CA ARG A 811 21.47 37.44 -0.98
C ARG A 811 21.85 38.27 0.23
N SER A 812 20.84 38.66 1.02
CA SER A 812 21.08 39.48 2.19
C SER A 812 21.92 38.72 3.21
N PHE A 813 22.33 39.44 4.25
CA PHE A 813 23.16 38.84 5.30
C PHE A 813 22.42 37.71 5.99
N ILE A 814 21.17 37.95 6.37
CA ILE A 814 20.38 36.89 7.01
C ILE A 814 20.14 35.74 6.05
N GLU A 815 19.89 36.05 4.77
CA GLU A 815 19.72 35.00 3.78
C GLU A 815 21.00 34.19 3.61
N ASP A 816 22.15 34.85 3.61
CA ASP A 816 23.42 34.15 3.52
C ASP A 816 23.62 33.23 4.71
N LEU A 817 23.32 33.71 5.91
CA LEU A 817 23.45 32.88 7.10
C LEU A 817 22.53 31.67 7.03
N LEU A 818 21.29 31.88 6.60
CA LEU A 818 20.35 30.76 6.50
C LEU A 818 20.79 29.75 5.46
N PHE A 819 21.33 30.23 4.34
CA PHE A 819 21.80 29.32 3.30
C PHE A 819 22.97 28.49 3.80
N ASN A 820 23.94 29.13 4.47
CA ASN A 820 25.09 28.39 4.96
C ASN A 820 24.72 27.45 6.11
N LYS A 821 23.66 27.77 6.85
CA LYS A 821 23.26 26.92 7.97
C LYS A 821 22.63 25.62 7.49
N VAL A 822 21.73 25.71 6.50
CA VAL A 822 21.05 24.53 6.00
C VAL A 822 21.98 23.81 5.02
N THR A 823 22.34 22.58 5.37
CA THR A 823 23.26 21.78 4.55
C THR A 823 22.45 20.75 3.77
N LEU A 824 22.55 20.81 2.45
CA LEU A 824 21.83 19.87 1.59
C LEU A 824 22.53 18.52 1.57
N PHE A 829 20.47 19.57 -5.23
CA PHE A 829 21.19 18.29 -5.16
C PHE A 829 21.82 17.94 -6.50
N ILE A 830 21.09 18.18 -7.58
CA ILE A 830 21.53 17.74 -8.90
C ILE A 830 22.79 18.48 -9.32
N LYS A 831 22.77 19.81 -9.20
CA LYS A 831 23.85 20.65 -9.71
C LYS A 831 24.22 20.25 -11.13
N GLN A 832 25.40 19.66 -11.30
CA GLN A 832 25.84 19.08 -12.56
C GLN A 832 26.47 17.72 -12.31
N TYR A 833 25.77 16.88 -11.57
CA TYR A 833 26.27 15.57 -11.14
C TYR A 833 26.32 14.56 -12.25
N GLY A 834 26.17 14.94 -13.52
CA GLY A 834 26.24 13.96 -14.60
C GLY A 834 27.52 13.15 -14.59
N ASP A 835 28.60 13.73 -14.08
CA ASP A 835 29.84 13.00 -13.84
C ASP A 835 29.97 12.71 -12.34
N CYS A 836 30.47 11.52 -12.01
CA CYS A 836 30.67 11.13 -10.62
C CYS A 836 32.12 11.30 -10.19
N LEU A 837 32.87 12.18 -10.84
CA LEU A 837 34.25 12.51 -10.51
C LEU A 837 35.16 11.29 -10.58
N GLY A 838 34.75 10.24 -11.30
CA GLY A 838 35.56 9.05 -11.43
C GLY A 838 35.82 8.32 -10.13
N ASP A 839 34.95 8.50 -9.14
CA ASP A 839 35.10 7.87 -7.82
C ASP A 839 36.47 8.16 -7.23
N ILE A 840 36.83 9.44 -7.22
CA ILE A 840 38.14 9.85 -6.72
C ILE A 840 38.27 9.54 -5.23
N ALA A 841 37.20 9.76 -4.47
CA ALA A 841 37.18 9.49 -3.03
C ALA A 841 35.95 8.64 -2.74
N ALA A 842 36.09 7.32 -2.87
CA ALA A 842 34.99 6.38 -2.67
C ALA A 842 33.79 6.74 -3.53
N ARG A 843 32.59 6.64 -2.97
CA ARG A 843 31.37 6.96 -3.70
C ARG A 843 30.37 7.57 -2.73
N ASP A 844 29.83 8.73 -3.10
CA ASP A 844 28.86 9.42 -2.27
C ASP A 844 27.48 8.76 -2.41
N LEU A 845 26.58 9.13 -1.50
CA LEU A 845 25.22 8.61 -1.56
C LEU A 845 24.52 9.02 -2.84
N ILE A 846 24.67 10.28 -3.24
CA ILE A 846 23.95 10.80 -4.40
C ILE A 846 24.37 10.07 -5.66
N CYS A 847 25.68 9.82 -5.81
CA CYS A 847 26.16 9.10 -6.98
C CYS A 847 25.62 7.68 -7.02
N ALA A 848 25.57 7.01 -5.87
CA ALA A 848 25.04 5.66 -5.83
C ALA A 848 23.55 5.64 -6.17
N GLN A 849 22.80 6.61 -5.66
CA GLN A 849 21.37 6.68 -5.98
C GLN A 849 21.15 6.95 -7.47
N LYS A 850 21.97 7.83 -8.05
CA LYS A 850 21.80 8.15 -9.46
C LYS A 850 22.00 6.92 -10.33
N PHE A 851 22.92 6.05 -9.96
CA PHE A 851 23.24 4.89 -10.79
C PHE A 851 22.11 3.88 -10.85
N ASN A 852 21.07 4.01 -10.01
CA ASN A 852 19.88 3.17 -10.13
C ASN A 852 18.66 4.09 -10.17
N GLY A 853 18.37 4.63 -11.35
CA GLY A 853 17.11 5.31 -11.63
C GLY A 853 16.56 6.28 -10.60
N LEU A 854 17.40 6.87 -9.77
CA LEU A 854 16.96 7.84 -8.77
C LEU A 854 17.63 9.18 -9.08
N THR A 855 16.90 10.05 -9.76
CA THR A 855 17.39 11.35 -10.15
C THR A 855 16.62 12.46 -9.43
N VAL A 856 17.28 13.58 -9.22
CA VAL A 856 16.68 14.75 -8.58
C VAL A 856 16.64 15.87 -9.61
N LEU A 857 15.43 16.34 -9.92
CA LEU A 857 15.33 17.45 -10.85
C LEU A 857 15.58 18.77 -10.13
N PRO A 858 16.13 19.76 -10.83
CA PRO A 858 16.44 21.03 -10.18
C PRO A 858 15.20 21.89 -10.04
N PRO A 859 15.14 22.73 -9.01
CA PRO A 859 14.00 23.64 -8.88
C PRO A 859 13.93 24.61 -10.06
N LEU A 860 12.70 24.98 -10.43
CA LEU A 860 12.52 25.84 -11.59
C LEU A 860 13.17 27.20 -11.38
N LEU A 861 13.03 27.76 -10.20
CA LEU A 861 13.60 29.06 -9.87
C LEU A 861 14.89 28.85 -9.10
N THR A 862 16.01 29.29 -9.68
CA THR A 862 17.27 29.24 -8.95
C THR A 862 17.22 30.21 -7.77
N ASP A 863 18.05 29.93 -6.76
CA ASP A 863 18.02 30.71 -5.54
C ASP A 863 18.32 32.18 -5.77
N GLU A 864 19.00 32.51 -6.88
CA GLU A 864 19.16 33.91 -7.24
C GLU A 864 17.81 34.56 -7.55
N MET A 865 16.93 33.85 -8.26
CA MET A 865 15.61 34.40 -8.55
C MET A 865 14.76 34.50 -7.30
N ILE A 866 14.87 33.53 -6.39
CA ILE A 866 14.16 33.63 -5.12
C ILE A 866 14.64 34.84 -4.33
N ALA A 867 15.96 35.06 -4.30
CA ALA A 867 16.49 36.22 -3.60
C ALA A 867 16.03 37.51 -4.25
N GLN A 868 15.94 37.54 -5.58
CA GLN A 868 15.44 38.73 -6.26
C GLN A 868 13.99 38.99 -5.92
N TYR A 869 13.17 37.94 -5.86
CA TYR A 869 11.76 38.12 -5.48
C TYR A 869 11.64 38.64 -4.05
N THR A 870 12.43 38.08 -3.13
CA THR A 870 12.38 38.55 -1.75
C THR A 870 12.83 40.00 -1.65
N SER A 871 13.88 40.37 -2.39
CA SER A 871 14.32 41.76 -2.39
C SER A 871 13.25 42.68 -2.96
N ALA A 872 12.54 42.23 -4.00
CA ALA A 872 11.45 43.03 -4.54
C ALA A 872 10.37 43.26 -3.51
N LEU A 873 9.99 42.19 -2.79
CA LEU A 873 8.98 42.34 -1.75
C LEU A 873 9.45 43.31 -0.66
N LEU A 874 10.71 43.19 -0.25
CA LEU A 874 11.23 44.06 0.80
C LEU A 874 11.25 45.52 0.35
N ALA A 875 11.73 45.78 -0.86
CA ALA A 875 11.77 47.16 -1.35
C ALA A 875 10.37 47.73 -1.47
N GLY A 876 9.42 46.94 -1.96
CA GLY A 876 8.05 47.41 -2.03
C GLY A 876 7.44 47.71 -0.68
N THR A 877 7.69 46.85 0.30
CA THR A 877 7.06 47.01 1.60
C THR A 877 7.74 48.04 2.49
N ILE A 878 8.97 48.46 2.17
CA ILE A 878 9.61 49.51 2.93
C ILE A 878 9.65 50.85 2.21
N THR A 879 9.33 50.88 0.91
CA THR A 879 9.25 52.13 0.18
C THR A 879 7.83 52.55 -0.18
N SER A 880 6.85 51.66 -0.03
CA SER A 880 5.49 51.98 -0.46
C SER A 880 4.43 51.45 0.51
N GLY A 881 4.82 51.07 1.72
CA GLY A 881 3.85 50.52 2.67
C GLY A 881 3.20 49.27 2.14
N TRP A 882 1.88 49.19 2.28
CA TRP A 882 1.11 48.09 1.74
C TRP A 882 0.35 48.46 0.47
N THR A 883 0.63 49.64 -0.09
CA THR A 883 -0.05 50.07 -1.31
C THR A 883 0.31 49.17 -2.47
N PHE A 884 1.53 48.64 -2.50
CA PHE A 884 1.96 47.81 -3.62
C PHE A 884 1.31 46.44 -3.62
N GLY A 885 0.81 45.97 -2.48
CA GLY A 885 0.15 44.68 -2.41
C GLY A 885 -1.30 44.70 -2.85
N ALA A 886 -1.85 45.88 -3.10
CA ALA A 886 -3.25 46.06 -3.50
C ALA A 886 -3.34 47.01 -4.68
N GLY A 887 -2.48 46.81 -5.67
CA GLY A 887 -2.45 47.68 -6.83
C GLY A 887 -1.07 48.25 -7.11
N ALA A 888 -1.02 49.47 -7.64
CA ALA A 888 0.25 50.10 -7.94
C ALA A 888 0.95 50.53 -6.66
N ALA A 889 2.28 50.63 -6.75
CA ALA A 889 3.11 50.99 -5.61
C ALA A 889 3.18 52.51 -5.50
N LEU A 890 2.62 53.05 -4.42
CA LEU A 890 2.65 54.48 -4.15
C LEU A 890 3.65 54.73 -3.03
N GLN A 891 4.68 55.52 -3.32
CA GLN A 891 5.72 55.76 -2.34
C GLN A 891 5.18 56.57 -1.15
N ILE A 892 5.83 56.42 -0.01
CA ILE A 892 5.44 57.09 1.22
C ILE A 892 6.61 57.02 2.20
N PRO A 893 6.94 58.11 2.89
CA PRO A 893 8.07 58.07 3.82
C PRO A 893 7.88 57.02 4.89
N PHE A 894 8.99 56.41 5.30
CA PHE A 894 8.89 55.27 6.22
C PHE A 894 8.38 55.68 7.59
N ALA A 895 8.73 56.87 8.06
CA ALA A 895 8.19 57.32 9.34
C ALA A 895 6.68 57.50 9.26
N MET A 896 6.19 58.03 8.15
CA MET A 896 4.76 58.21 7.97
C MET A 896 4.05 56.85 7.89
N GLN A 897 4.68 55.89 7.22
CA GLN A 897 4.12 54.53 7.17
C GLN A 897 4.10 53.89 8.55
N MET A 898 5.16 54.12 9.34
CA MET A 898 5.17 53.61 10.71
C MET A 898 4.05 54.23 11.54
N ALA A 899 3.82 55.53 11.37
CA ALA A 899 2.68 56.15 12.07
C ALA A 899 1.37 55.55 11.61
N TYR A 900 1.26 55.23 10.33
CA TYR A 900 0.08 54.56 9.80
C TYR A 900 -0.14 53.22 10.49
N ARG A 901 0.90 52.42 10.60
CA ARG A 901 0.78 51.10 11.21
C ARG A 901 0.48 51.21 12.69
N PHE A 902 1.04 52.23 13.35
CA PHE A 902 0.69 52.48 14.75
C PHE A 902 -0.79 52.81 14.90
N ASN A 903 -1.30 53.67 14.02
CA ASN A 903 -2.72 53.97 14.04
C ASN A 903 -3.56 52.75 13.72
N GLY A 904 -2.99 51.76 13.03
CA GLY A 904 -3.72 50.54 12.75
C GLY A 904 -4.05 49.76 14.01
N ILE A 905 -3.12 49.72 14.96
CA ILE A 905 -3.28 48.90 16.15
C ILE A 905 -3.87 49.71 17.30
N GLY A 906 -4.35 50.91 16.99
CA GLY A 906 -5.05 51.71 17.98
C GLY A 906 -4.18 52.63 18.81
N VAL A 907 -2.94 52.89 18.39
CA VAL A 907 -2.06 53.84 19.06
C VAL A 907 -1.93 55.07 18.16
N THR A 908 -2.13 56.24 18.74
CA THR A 908 -2.10 57.47 17.95
C THR A 908 -0.71 57.67 17.33
N GLN A 909 -0.67 58.46 16.25
CA GLN A 909 0.57 58.63 15.51
C GLN A 909 1.54 59.55 16.23
N ASN A 910 1.05 60.45 17.07
CA ASN A 910 1.96 61.28 17.86
C ASN A 910 2.82 60.45 18.79
N VAL A 911 2.36 59.25 19.16
CA VAL A 911 3.18 58.35 19.96
C VAL A 911 4.46 57.99 19.21
N LEU A 912 4.34 57.68 17.92
CA LEU A 912 5.53 57.36 17.14
C LEU A 912 6.35 58.60 16.84
N TYR A 913 5.67 59.68 16.43
CA TYR A 913 6.42 60.86 16.01
C TYR A 913 7.20 61.49 17.15
N GLU A 914 6.68 61.42 18.37
CA GLU A 914 7.41 61.93 19.52
C GLU A 914 8.40 60.92 20.08
N ASN A 915 8.47 59.73 19.50
CA ASN A 915 9.39 58.69 19.96
C ASN A 915 10.07 57.98 18.79
N GLN A 916 10.29 58.70 17.68
CA GLN A 916 10.83 58.04 16.49
C GLN A 916 12.23 57.51 16.72
N LYS A 917 13.09 58.29 17.38
CA LYS A 917 14.48 57.86 17.57
C LYS A 917 14.55 56.64 18.49
N LEU A 918 13.79 56.64 19.59
CA LEU A 918 13.81 55.51 20.50
C LEU A 918 13.26 54.25 19.84
N ILE A 919 12.18 54.39 19.06
CA ILE A 919 11.62 53.25 18.36
C ILE A 919 12.59 52.73 17.32
N ALA A 920 13.28 53.64 16.63
CA ALA A 920 14.27 53.21 15.64
C ALA A 920 15.42 52.47 16.30
N ASN A 921 15.87 52.95 17.46
CA ASN A 921 16.93 52.25 18.19
C ASN A 921 16.47 50.87 18.63
N GLN A 922 15.23 50.76 19.10
CA GLN A 922 14.69 49.46 19.48
C GLN A 922 14.64 48.51 18.30
N PHE A 923 14.18 49.00 17.14
CA PHE A 923 14.12 48.15 15.96
C PHE A 923 15.50 47.72 15.52
N ASN A 924 16.48 48.64 15.55
CA ASN A 924 17.84 48.28 15.17
C ASN A 924 18.42 47.23 16.09
N SER A 925 18.22 47.39 17.41
CA SER A 925 18.70 46.38 18.35
C SER A 925 18.02 45.03 18.12
N ALA A 926 16.70 45.06 17.86
CA ALA A 926 15.99 43.81 17.63
C ALA A 926 16.46 43.10 16.38
N ILE A 927 16.69 43.86 15.29
CA ILE A 927 17.18 43.24 14.07
C ILE A 927 18.61 42.76 14.24
N GLY A 928 19.39 43.41 15.10
CA GLY A 928 20.74 42.94 15.37
C GLY A 928 20.78 41.60 16.04
N LYS A 929 19.81 41.32 16.91
CA LYS A 929 19.75 40.06 17.64
C LYS A 929 19.13 38.93 16.84
N ILE A 930 18.64 39.21 15.62
CA ILE A 930 17.99 38.17 14.84
C ILE A 930 19.01 37.17 14.30
N GLN A 931 20.28 37.54 14.22
CA GLN A 931 21.32 36.64 13.75
C GLN A 931 21.93 35.83 14.87
N ASP A 932 21.50 36.03 16.11
CA ASP A 932 21.97 35.26 17.25
C ASP A 932 20.92 34.33 17.82
N SER A 933 19.64 34.71 17.78
CA SER A 933 18.55 33.88 18.25
C SER A 933 17.92 33.05 17.15
N LEU A 934 18.67 32.71 16.11
CA LEU A 934 18.15 31.94 15.00
C LEU A 934 19.01 30.70 14.75
N PHE A 935 20.30 30.80 15.05
CA PHE A 935 21.24 29.72 14.79
C PHE A 935 21.90 29.17 16.05
N SER A 936 21.65 29.76 17.22
CA SER A 936 22.27 29.32 18.45
C SER A 936 21.30 28.72 19.46
N THR A 937 20.03 29.09 19.41
CA THR A 937 19.03 28.57 20.32
C THR A 937 18.30 27.35 19.76
N ALA A 938 18.68 26.87 18.58
CA ALA A 938 18.03 25.75 17.90
C ALA A 938 16.56 26.12 17.70
N SER A 939 15.61 25.42 18.29
CA SER A 939 14.18 25.74 18.19
C SER A 939 13.75 25.79 16.73
N ALA A 940 13.74 26.98 16.14
CA ALA A 940 13.38 27.14 14.75
C ALA A 940 14.54 26.68 13.86
N LEU A 941 14.36 26.86 12.55
CA LEU A 941 15.31 26.44 11.52
C LEU A 941 15.50 24.93 11.51
N GLY A 942 14.66 24.18 12.20
CA GLY A 942 14.75 22.74 12.18
C GLY A 942 13.74 22.13 11.22
N LYS A 943 12.78 22.92 10.76
CA LYS A 943 11.76 22.40 9.87
C LYS A 943 12.29 22.18 8.45
N LEU A 944 13.07 23.12 7.93
CA LEU A 944 13.66 22.93 6.61
C LEU A 944 14.66 21.78 6.62
N GLN A 945 15.51 21.73 7.64
CA GLN A 945 16.44 20.62 7.77
C GLN A 945 15.70 19.30 7.97
N ASP A 946 14.57 19.32 8.67
CA ASP A 946 13.78 18.11 8.82
C ASP A 946 13.21 17.66 7.48
N VAL A 947 12.77 18.59 6.65
CA VAL A 947 12.28 18.23 5.31
C VAL A 947 13.40 17.58 4.50
N VAL A 948 14.59 18.19 4.53
CA VAL A 948 15.71 17.65 3.78
C VAL A 948 16.09 16.27 4.30
N ASN A 949 16.10 16.10 5.62
CA ASN A 949 16.43 14.80 6.20
C ASN A 949 15.40 13.75 5.84
N HIS A 950 14.11 14.11 5.86
CA HIS A 950 13.08 13.15 5.47
C HIS A 950 13.24 12.71 4.03
N ASN A 951 13.50 13.66 3.12
CA ASN A 951 13.68 13.31 1.72
C ASN A 951 14.89 12.41 1.54
N ALA A 952 16.01 12.76 2.19
CA ALA A 952 17.23 11.97 2.05
C ALA A 952 17.05 10.58 2.63
N GLN A 953 16.38 10.46 3.77
CA GLN A 953 16.16 9.15 4.38
C GLN A 953 15.24 8.29 3.52
N ALA A 954 14.19 8.88 2.96
CA ALA A 954 13.31 8.11 2.08
C ALA A 954 14.07 7.61 0.86
N LEU A 955 14.89 8.47 0.25
CA LEU A 955 15.66 8.04 -0.91
C LEU A 955 16.67 6.96 -0.54
N ASN A 956 17.32 7.11 0.62
CA ASN A 956 18.30 6.12 1.05
C ASN A 956 17.64 4.77 1.29
N THR A 957 16.48 4.77 1.94
CA THR A 957 15.77 3.52 2.16
C THR A 957 15.34 2.89 0.84
N LEU A 958 14.90 3.73 -0.11
CA LEU A 958 14.49 3.19 -1.40
C LEU A 958 15.67 2.58 -2.15
N VAL A 959 16.85 3.21 -2.05
CA VAL A 959 17.99 2.70 -2.80
C VAL A 959 18.61 1.47 -2.12
N LYS A 960 18.43 1.34 -0.80
CA LYS A 960 18.96 0.19 -0.10
C LYS A 960 18.09 -1.06 -0.26
N GLN A 961 16.86 -0.90 -0.74
CA GLN A 961 16.00 -2.05 -0.99
C GLN A 961 16.45 -2.87 -2.19
N LEU A 962 17.40 -2.35 -2.97
CA LEU A 962 17.94 -3.11 -4.10
C LEU A 962 18.89 -4.22 -3.65
N SER A 963 19.29 -4.22 -2.39
CA SER A 963 20.16 -5.26 -1.86
C SER A 963 19.40 -6.41 -1.22
N SER A 964 18.08 -6.33 -1.15
CA SER A 964 17.30 -7.40 -0.57
C SER A 964 17.04 -8.51 -1.59
N LYS A 965 16.72 -9.69 -1.09
CA LYS A 965 16.44 -10.84 -1.94
C LYS A 965 14.95 -11.14 -2.05
N PHE A 966 14.15 -10.75 -1.06
CA PHE A 966 12.71 -10.98 -1.05
C PHE A 966 12.35 -12.45 -1.20
N GLY A 967 13.27 -13.35 -0.85
CA GLY A 967 13.06 -14.77 -1.02
C GLY A 967 13.77 -15.39 -2.20
N ALA A 968 14.36 -14.58 -3.07
CA ALA A 968 15.07 -15.10 -4.23
C ALA A 968 16.44 -15.63 -3.80
N ILE A 969 17.28 -15.97 -4.77
CA ILE A 969 18.59 -16.52 -4.47
C ILE A 969 19.70 -15.47 -4.53
N SER A 970 19.46 -14.31 -5.13
CA SER A 970 20.45 -13.25 -5.16
C SER A 970 19.76 -11.94 -5.47
N SER A 971 20.37 -10.85 -5.01
CA SER A 971 19.81 -9.52 -5.18
C SER A 971 20.27 -8.83 -6.45
N VAL A 972 21.08 -9.50 -7.27
CA VAL A 972 21.58 -8.95 -8.51
C VAL A 972 20.95 -9.73 -9.65
N LEU A 973 20.30 -9.01 -10.58
CA LEU A 973 19.62 -9.68 -11.68
C LEU A 973 20.61 -10.35 -12.63
N ASN A 974 21.80 -9.78 -12.79
CA ASN A 974 22.79 -10.38 -13.67
C ASN A 974 23.20 -11.76 -13.19
N ASP A 975 23.38 -11.91 -11.88
CA ASP A 975 23.74 -13.22 -11.33
C ASP A 975 22.66 -14.26 -11.61
N ILE A 976 21.41 -13.91 -11.32
CA ILE A 976 20.31 -14.86 -11.54
C ILE A 976 20.19 -15.20 -13.02
N LEU A 977 20.35 -14.20 -13.89
CA LEU A 977 20.29 -14.46 -15.32
C LEU A 977 21.42 -15.37 -15.77
N SER A 978 22.61 -15.19 -15.22
CA SER A 978 23.75 -15.98 -15.66
C SER A 978 23.66 -17.41 -15.16
N ARG A 979 23.17 -17.62 -13.93
CA ARG A 979 23.25 -18.93 -13.30
C ARG A 979 22.02 -19.80 -13.50
N LEU A 980 21.00 -19.31 -14.20
CA LEU A 980 19.78 -20.09 -14.35
C LEU A 980 19.31 -20.08 -15.79
N ASP A 981 18.56 -21.12 -16.15
CA ASP A 981 17.85 -21.15 -17.41
C ASP A 981 16.70 -20.14 -17.37
N PRO A 982 16.27 -19.65 -18.53
CA PRO A 982 15.15 -18.68 -18.56
C PRO A 982 13.93 -19.19 -17.82
N PRO A 983 13.39 -20.39 -18.14
CA PRO A 983 12.14 -20.80 -17.48
C PRO A 983 12.26 -20.93 -15.98
N GLU A 984 13.41 -21.34 -15.47
CA GLU A 984 13.61 -21.37 -14.02
C GLU A 984 13.88 -19.99 -13.45
N ALA A 985 14.56 -19.12 -14.21
CA ALA A 985 14.87 -17.78 -13.72
C ALA A 985 13.64 -16.88 -13.69
N GLU A 986 12.57 -17.25 -14.40
CA GLU A 986 11.36 -16.44 -14.35
C GLU A 986 10.86 -16.27 -12.91
N VAL A 987 10.94 -17.33 -12.11
CA VAL A 987 10.41 -17.27 -10.75
C VAL A 987 11.19 -16.28 -9.91
N GLN A 988 12.52 -16.36 -9.94
CA GLN A 988 13.34 -15.42 -9.17
C GLN A 988 13.15 -13.99 -9.67
N ILE A 989 13.11 -13.81 -10.99
CA ILE A 989 12.89 -12.48 -11.54
C ILE A 989 11.56 -11.92 -11.05
N ASP A 990 10.52 -12.76 -11.02
CA ASP A 990 9.20 -12.29 -10.59
C ASP A 990 9.20 -11.96 -9.11
N ARG A 991 9.91 -12.74 -8.29
CA ARG A 991 9.99 -12.44 -6.87
C ARG A 991 10.66 -11.10 -6.63
N LEU A 992 11.77 -10.85 -7.33
CA LEU A 992 12.45 -9.57 -7.17
C LEU A 992 11.61 -8.41 -7.71
N ILE A 993 10.87 -8.65 -8.79
CA ILE A 993 9.98 -7.64 -9.33
C ILE A 993 8.91 -7.28 -8.30
N THR A 994 8.32 -8.29 -7.67
CA THR A 994 7.30 -8.02 -6.66
C THR A 994 7.88 -7.21 -5.50
N GLY A 995 9.06 -7.60 -5.02
CA GLY A 995 9.66 -6.87 -3.90
C GLY A 995 9.95 -5.43 -4.25
N ARG A 996 10.57 -5.19 -5.41
CA ARG A 996 10.92 -3.83 -5.78
C ARG A 996 9.69 -3.00 -6.10
N LEU A 997 8.66 -3.60 -6.69
CA LEU A 997 7.43 -2.87 -6.94
C LEU A 997 6.75 -2.47 -5.64
N GLN A 998 6.76 -3.35 -4.64
CA GLN A 998 6.21 -2.97 -3.33
C GLN A 998 7.00 -1.82 -2.73
N SER A 999 8.34 -1.87 -2.83
CA SER A 999 9.15 -0.79 -2.29
C SER A 999 8.85 0.53 -2.99
N LEU A 1000 8.73 0.50 -4.32
CA LEU A 1000 8.44 1.71 -5.07
C LEU A 1000 7.06 2.26 -4.71
N GLN A 1001 6.07 1.39 -4.56
CA GLN A 1001 4.73 1.85 -4.18
C GLN A 1001 4.76 2.52 -2.81
N THR A 1002 5.48 1.92 -1.86
CA THR A 1002 5.58 2.54 -0.54
C THR A 1002 6.24 3.90 -0.63
N TYR A 1003 7.33 4.01 -1.39
CA TYR A 1003 8.02 5.28 -1.51
C TYR A 1003 7.11 6.34 -2.13
N VAL A 1004 6.37 5.98 -3.17
CA VAL A 1004 5.51 6.95 -3.83
C VAL A 1004 4.38 7.39 -2.90
N THR A 1005 3.82 6.46 -2.12
CA THR A 1005 2.75 6.84 -1.20
C THR A 1005 3.27 7.80 -0.13
N GLN A 1006 4.42 7.50 0.46
CA GLN A 1006 4.99 8.40 1.46
C GLN A 1006 5.30 9.76 0.86
N GLN A 1007 5.82 9.78 -0.37
CA GLN A 1007 6.11 11.05 -1.03
C GLN A 1007 4.84 11.84 -1.28
N LEU A 1008 3.75 11.16 -1.66
CA LEU A 1008 2.50 11.87 -1.90
C LEU A 1008 1.97 12.51 -0.63
N ILE A 1009 2.01 11.77 0.48
CA ILE A 1009 1.53 12.35 1.73
C ILE A 1009 2.41 13.52 2.17
N ARG A 1010 3.73 13.38 2.04
CA ARG A 1010 4.63 14.47 2.39
C ARG A 1010 4.38 15.67 1.49
N ALA A 1011 4.09 15.43 0.21
CA ALA A 1011 3.80 16.52 -0.71
C ALA A 1011 2.53 17.25 -0.32
N ALA A 1012 1.51 16.52 0.13
CA ALA A 1012 0.30 17.18 0.60
C ALA A 1012 0.58 18.05 1.81
N GLU A 1013 1.37 17.54 2.76
CA GLU A 1013 1.71 18.34 3.93
C GLU A 1013 2.51 19.58 3.55
N ILE A 1014 3.47 19.43 2.64
CA ILE A 1014 4.29 20.56 2.22
C ILE A 1014 3.45 21.58 1.46
N ARG A 1015 2.49 21.12 0.67
CA ARG A 1015 1.61 22.05 -0.03
C ARG A 1015 0.72 22.82 0.93
N ALA A 1016 0.26 22.15 1.99
CA ALA A 1016 -0.49 22.86 3.02
C ALA A 1016 0.38 23.94 3.68
N SER A 1017 1.63 23.59 3.99
CA SER A 1017 2.54 24.58 4.56
C SER A 1017 2.84 25.71 3.58
N ALA A 1018 2.92 25.41 2.29
CA ALA A 1018 3.20 26.45 1.30
C ALA A 1018 2.01 27.38 1.12
N ASN A 1019 0.79 26.83 1.18
CA ASN A 1019 -0.40 27.68 1.17
C ASN A 1019 -0.42 28.59 2.40
N LEU A 1020 -0.07 28.04 3.57
CA LEU A 1020 0.03 28.88 4.76
C LEU A 1020 1.08 29.95 4.60
N ALA A 1021 2.23 29.61 4.00
CA ALA A 1021 3.29 30.59 3.79
C ALA A 1021 2.85 31.70 2.84
N ALA A 1022 2.15 31.34 1.77
CA ALA A 1022 1.66 32.36 0.85
C ALA A 1022 0.63 33.26 1.51
N THR A 1023 -0.26 32.68 2.32
CA THR A 1023 -1.22 33.48 3.07
C THR A 1023 -0.50 34.43 4.04
N LYS A 1024 0.53 33.94 4.72
CA LYS A 1024 1.29 34.78 5.63
C LYS A 1024 1.96 35.91 4.89
N MET A 1025 2.57 35.62 3.74
CA MET A 1025 3.20 36.66 2.94
C MET A 1025 2.19 37.72 2.55
N SER A 1026 1.06 37.30 1.99
CA SER A 1026 0.07 38.24 1.49
C SER A 1026 -0.52 39.08 2.60
N GLU A 1027 -0.76 38.48 3.77
CA GLU A 1027 -1.51 39.17 4.82
C GLU A 1027 -0.63 39.81 5.89
N CYS A 1028 0.67 39.55 5.91
CA CYS A 1028 1.57 40.20 6.85
C CYS A 1028 2.63 41.06 6.18
N VAL A 1029 3.17 40.63 5.04
CA VAL A 1029 4.17 41.45 4.35
C VAL A 1029 3.48 42.50 3.49
N LEU A 1030 2.47 42.09 2.73
CA LEU A 1030 1.74 42.99 1.83
C LEU A 1030 0.63 43.75 2.53
N GLY A 1031 0.67 43.83 3.85
CA GLY A 1031 -0.35 44.56 4.59
C GLY A 1031 -0.15 44.40 6.07
N GLN A 1032 -1.04 45.03 6.83
CA GLN A 1032 -1.05 44.91 8.29
C GLN A 1032 -2.19 43.99 8.69
N SER A 1033 -1.90 43.05 9.57
CA SER A 1033 -2.84 41.99 9.92
C SER A 1033 -3.41 42.23 11.32
N LYS A 1034 -4.73 42.19 11.43
CA LYS A 1034 -5.41 42.24 12.71
C LYS A 1034 -5.70 40.86 13.27
N ARG A 1035 -5.27 39.81 12.60
CA ARG A 1035 -5.45 38.45 13.09
C ARG A 1035 -4.47 38.19 14.22
N VAL A 1036 -4.99 37.78 15.38
CA VAL A 1036 -4.15 37.64 16.56
C VAL A 1036 -3.21 36.45 16.37
N ASP A 1037 -1.93 36.67 16.68
CA ASP A 1037 -0.88 35.65 16.66
C ASP A 1037 -0.68 35.01 15.30
N PHE A 1038 -1.29 35.56 14.25
CA PHE A 1038 -1.03 35.05 12.92
C PHE A 1038 0.33 35.49 12.41
N CYS A 1039 0.67 36.76 12.63
CA CYS A 1039 1.95 37.30 12.17
C CYS A 1039 2.78 37.78 13.35
N GLY A 1040 2.89 36.96 14.39
CA GLY A 1040 3.77 37.26 15.49
C GLY A 1040 3.06 37.45 16.82
N LYS A 1041 3.78 37.20 17.91
CA LYS A 1041 3.24 37.35 19.25
C LYS A 1041 3.25 38.83 19.60
N GLY A 1042 2.08 39.46 19.57
CA GLY A 1042 1.95 40.86 19.88
C GLY A 1042 1.01 41.52 18.88
N TYR A 1043 1.07 42.85 18.83
CA TYR A 1043 0.33 43.61 17.84
C TYR A 1043 1.19 43.77 16.61
N HIS A 1044 0.71 43.26 15.47
CA HIS A 1044 1.54 43.17 14.27
C HIS A 1044 1.73 44.54 13.64
N LEU A 1045 2.98 44.89 13.35
CA LEU A 1045 3.32 46.11 12.62
C LEU A 1045 3.65 45.83 11.17
N MET A 1046 4.67 45.03 10.90
CA MET A 1046 4.93 44.57 9.54
C MET A 1046 5.72 43.27 9.63
N SER A 1047 6.00 42.69 8.47
CA SER A 1047 6.85 41.53 8.37
C SER A 1047 7.77 41.67 7.18
N PHE A 1048 8.94 41.07 7.27
CA PHE A 1048 9.87 41.05 6.16
C PHE A 1048 10.19 39.61 5.77
N PRO A 1049 10.20 39.28 4.49
CA PRO A 1049 10.47 37.92 4.08
C PRO A 1049 11.96 37.69 3.83
N GLN A 1050 12.37 36.45 4.04
CA GLN A 1050 13.72 36.02 3.72
C GLN A 1050 13.65 34.63 3.09
N SER A 1051 14.57 34.36 2.17
CA SER A 1051 14.59 33.09 1.47
C SER A 1051 15.56 32.14 2.16
N ALA A 1052 15.08 30.95 2.45
CA ALA A 1052 15.88 29.89 3.03
C ALA A 1052 15.77 28.66 2.15
N PRO A 1053 16.77 27.77 2.17
CA PRO A 1053 16.72 26.59 1.29
C PRO A 1053 15.48 25.75 1.52
N HIS A 1054 14.62 25.69 0.49
CA HIS A 1054 13.37 24.96 0.55
C HIS A 1054 12.45 25.51 1.65
N GLY A 1055 12.27 26.81 1.66
CA GLY A 1055 11.39 27.43 2.62
C GLY A 1055 11.48 28.94 2.57
N VAL A 1056 10.76 29.57 3.50
CA VAL A 1056 10.75 31.01 3.64
C VAL A 1056 10.83 31.36 5.12
N VAL A 1057 11.39 32.53 5.42
CA VAL A 1057 11.56 33.00 6.79
C VAL A 1057 10.97 34.40 6.89
N PHE A 1058 10.17 34.63 7.91
CA PHE A 1058 9.54 35.92 8.15
C PHE A 1058 10.16 36.58 9.37
N LEU A 1059 10.20 37.91 9.37
CA LEU A 1059 10.69 38.69 10.49
C LEU A 1059 9.55 39.59 10.95
N HIS A 1060 8.73 39.09 11.86
CA HIS A 1060 7.51 39.77 12.25
C HIS A 1060 7.84 40.89 13.24
N VAL A 1061 7.69 42.13 12.81
CA VAL A 1061 7.85 43.28 13.70
C VAL A 1061 6.55 43.48 14.48
N THR A 1062 6.62 43.37 15.79
CA THR A 1062 5.44 43.44 16.63
C THR A 1062 5.62 44.48 17.72
N TYR A 1063 4.51 45.06 18.16
CA TYR A 1063 4.48 46.08 19.19
C TYR A 1063 3.95 45.44 20.48
N VAL A 1064 4.78 45.44 21.52
CA VAL A 1064 4.46 44.78 22.78
C VAL A 1064 4.50 45.81 23.90
N PRO A 1065 3.38 46.04 24.60
CA PRO A 1065 3.42 46.92 25.78
C PRO A 1065 4.28 46.32 26.88
N ALA A 1066 5.05 47.18 27.57
CA ALA A 1066 6.04 46.70 28.51
C ALA A 1066 5.78 47.12 29.95
N GLN A 1067 5.68 48.41 30.23
CA GLN A 1067 5.68 48.92 31.62
C GLN A 1067 4.26 49.37 31.97
N GLU A 1068 3.58 48.58 32.79
CA GLU A 1068 2.18 48.79 33.11
C GLU A 1068 2.04 49.38 34.50
N LYS A 1069 1.27 50.46 34.61
CA LYS A 1069 0.87 51.04 35.89
C LYS A 1069 -0.65 51.03 35.94
N ASN A 1070 -1.22 50.47 37.00
CA ASN A 1070 -2.66 50.30 37.07
C ASN A 1070 -3.31 51.41 37.86
N PHE A 1071 -4.34 52.02 37.26
CA PHE A 1071 -5.09 53.13 37.84
C PHE A 1071 -6.45 52.63 38.31
N THR A 1072 -7.30 53.57 38.75
CA THR A 1072 -8.68 53.29 39.11
C THR A 1072 -9.57 53.82 38.00
N THR A 1073 -10.43 52.96 37.46
CA THR A 1073 -11.21 53.27 36.28
C THR A 1073 -12.67 53.50 36.63
N ALA A 1074 -13.48 53.75 35.60
CA ALA A 1074 -14.91 53.97 35.70
C ALA A 1074 -15.53 53.94 34.32
N PRO A 1075 -16.74 53.42 34.17
CA PRO A 1075 -17.33 53.31 32.83
C PRO A 1075 -17.77 54.64 32.24
N ALA A 1076 -18.20 55.59 33.07
CA ALA A 1076 -18.69 56.87 32.57
C ALA A 1076 -18.53 57.93 33.64
N ILE A 1077 -18.81 59.17 33.26
CA ILE A 1077 -18.67 60.32 34.14
C ILE A 1077 -19.99 61.08 34.14
N CYS A 1078 -20.65 61.16 35.29
CA CYS A 1078 -21.89 61.90 35.43
C CYS A 1078 -21.55 63.31 35.90
N HIS A 1079 -21.58 64.28 35.00
CA HIS A 1079 -21.18 65.65 35.31
C HIS A 1079 -22.37 66.52 35.68
N ASP A 1080 -23.33 66.67 34.78
CA ASP A 1080 -24.51 67.49 34.99
C ASP A 1080 -25.77 66.66 34.97
N GLY A 1081 -25.74 65.51 35.63
CA GLY A 1081 -26.83 64.57 35.56
C GLY A 1081 -26.88 63.75 34.30
N LYS A 1082 -25.85 63.79 33.47
CA LYS A 1082 -25.78 63.04 32.23
C LYS A 1082 -24.53 62.19 32.22
N ALA A 1083 -24.64 60.96 31.70
CA ALA A 1083 -23.51 60.05 31.63
C ALA A 1083 -22.66 60.36 30.41
N HIS A 1084 -21.36 60.58 30.63
CA HIS A 1084 -20.43 60.92 29.57
C HIS A 1084 -19.47 59.76 29.35
N PHE A 1085 -19.70 59.00 28.30
CA PHE A 1085 -18.85 57.88 27.93
C PHE A 1085 -17.66 58.36 27.10
N PRO A 1086 -16.57 57.61 27.09
CA PRO A 1086 -15.41 58.02 26.29
C PRO A 1086 -15.63 57.80 24.81
N ARG A 1087 -15.27 58.81 24.01
CA ARG A 1087 -15.30 58.63 22.56
C ARG A 1087 -14.28 57.59 22.12
N GLU A 1088 -13.08 57.63 22.69
CA GLU A 1088 -12.06 56.63 22.43
C GLU A 1088 -11.15 56.56 23.65
N GLY A 1089 -10.87 55.35 24.11
CA GLY A 1089 -10.07 55.16 25.29
C GLY A 1089 -10.91 54.90 26.52
N VAL A 1090 -10.24 54.92 27.67
CA VAL A 1090 -10.86 54.59 28.95
C VAL A 1090 -10.61 55.74 29.92
N PHE A 1091 -11.48 55.83 30.92
CA PHE A 1091 -11.33 56.80 31.99
C PHE A 1091 -10.41 56.23 33.06
N VAL A 1092 -9.46 57.02 33.51
CA VAL A 1092 -8.52 56.61 34.55
C VAL A 1092 -8.35 57.75 35.54
N SER A 1093 -7.86 57.41 36.73
CA SER A 1093 -7.59 58.39 37.77
C SER A 1093 -6.37 57.95 38.55
N ASN A 1094 -5.49 58.91 38.85
CA ASN A 1094 -4.31 58.62 39.64
C ASN A 1094 -4.54 58.82 41.13
N GLY A 1095 -5.75 59.19 41.53
CA GLY A 1095 -6.06 59.34 42.94
C GLY A 1095 -6.82 60.61 43.27
N THR A 1096 -6.55 61.67 42.53
CA THR A 1096 -7.18 62.96 42.77
C THR A 1096 -8.00 63.46 41.59
N HIS A 1097 -7.54 63.24 40.37
CA HIS A 1097 -8.20 63.76 39.18
C HIS A 1097 -8.44 62.62 38.20
N TRP A 1098 -9.41 62.82 37.33
CA TRP A 1098 -9.79 61.84 36.31
C TRP A 1098 -9.38 62.36 34.94
N PHE A 1099 -8.77 61.50 34.14
CA PHE A 1099 -8.35 61.85 32.79
C PHE A 1099 -8.96 60.87 31.80
N LEU A 1100 -8.72 61.12 30.52
CA LEU A 1100 -9.11 60.20 29.46
C LEU A 1100 -7.86 59.88 28.66
N THR A 1101 -7.46 58.61 28.67
CA THR A 1101 -6.25 58.16 28.02
C THR A 1101 -6.59 57.13 26.95
N GLN A 1102 -5.72 57.02 25.96
CA GLN A 1102 -5.90 55.97 24.99
C GLN A 1102 -5.67 54.61 25.64
N ARG A 1103 -5.81 53.57 24.84
CA ARG A 1103 -6.06 52.25 25.39
C ARG A 1103 -4.81 51.40 25.46
N ASN A 1104 -3.80 51.70 24.64
CA ASN A 1104 -2.55 50.94 24.58
C ASN A 1104 -1.35 51.73 25.06
N PHE A 1105 -1.55 52.88 25.69
CA PHE A 1105 -0.46 53.77 26.04
C PHE A 1105 -0.99 54.82 27.01
N TYR A 1106 -0.20 55.17 28.01
CA TYR A 1106 -0.65 56.14 29.01
C TYR A 1106 -0.40 57.54 28.50
N GLU A 1107 -1.44 58.15 27.93
CA GLU A 1107 -1.40 59.53 27.43
C GLU A 1107 -2.61 60.25 28.00
N PRO A 1108 -2.55 60.62 29.29
CA PRO A 1108 -3.73 61.21 29.93
C PRO A 1108 -4.10 62.55 29.34
N GLN A 1109 -5.40 62.75 29.12
CA GLN A 1109 -5.94 63.99 28.60
C GLN A 1109 -7.11 64.43 29.47
N ILE A 1110 -7.29 65.74 29.60
CA ILE A 1110 -8.39 66.26 30.39
C ILE A 1110 -9.70 65.85 29.73
N ILE A 1111 -10.65 65.39 30.56
CA ILE A 1111 -11.93 64.95 30.03
C ILE A 1111 -12.73 66.17 29.61
N THR A 1112 -13.01 66.27 28.31
CA THR A 1112 -13.80 67.35 27.75
C THR A 1112 -15.00 66.78 27.00
N THR A 1113 -15.80 67.68 26.43
CA THR A 1113 -16.92 67.25 25.61
C THR A 1113 -16.48 66.80 24.23
N ASP A 1114 -15.26 67.17 23.81
CA ASP A 1114 -14.79 66.77 22.49
C ASP A 1114 -14.51 65.28 22.42
N ASN A 1115 -14.03 64.69 23.51
CA ASN A 1115 -13.70 63.27 23.57
C ASN A 1115 -14.71 62.47 24.39
N THR A 1116 -15.90 63.02 24.62
CA THR A 1116 -16.95 62.30 25.34
C THR A 1116 -18.28 62.53 24.65
N PHE A 1117 -19.18 61.57 24.79
CA PHE A 1117 -20.54 61.68 24.28
C PHE A 1117 -21.52 61.25 25.35
N VAL A 1118 -22.69 61.89 25.35
CA VAL A 1118 -23.68 61.73 26.40
C VAL A 1118 -24.80 60.84 25.89
N SER A 1119 -25.20 59.85 26.70
CA SER A 1119 -26.32 58.98 26.39
C SER A 1119 -27.08 58.69 27.68
N GLY A 1120 -28.15 59.45 27.92
CA GLY A 1120 -28.96 59.24 29.09
C GLY A 1120 -28.39 59.88 30.34
N ASN A 1121 -29.07 59.64 31.45
CA ASN A 1121 -28.65 60.16 32.75
C ASN A 1121 -27.72 59.16 33.43
N CYS A 1122 -27.28 59.51 34.63
CA CYS A 1122 -26.35 58.68 35.40
C CYS A 1122 -27.05 57.82 36.45
N ASP A 1123 -28.26 57.35 36.14
CA ASP A 1123 -28.99 56.48 37.04
C ASP A 1123 -29.01 55.03 36.57
N VAL A 1124 -28.47 54.73 35.40
CA VAL A 1124 -28.50 53.38 34.85
C VAL A 1124 -27.12 52.76 34.77
N VAL A 1125 -26.09 53.57 34.48
CA VAL A 1125 -24.74 53.05 34.37
C VAL A 1125 -24.25 52.62 35.75
N ILE A 1126 -23.71 51.41 35.83
CA ILE A 1126 -23.20 50.87 37.08
C ILE A 1126 -21.75 51.28 37.25
N GLY A 1127 -21.42 51.87 38.40
CA GLY A 1127 -20.08 52.33 38.66
C GLY A 1127 -19.75 53.70 38.13
N ILE A 1128 -20.75 54.46 37.68
CA ILE A 1128 -20.50 55.79 37.13
C ILE A 1128 -19.95 56.70 38.22
N VAL A 1129 -18.95 57.49 37.88
CA VAL A 1129 -18.19 58.27 38.84
C VAL A 1129 -18.38 59.76 38.58
N ASN A 1130 -18.63 60.51 39.65
CA ASN A 1130 -18.77 61.95 39.56
C ASN A 1130 -17.43 62.59 39.18
N ASN A 1131 -17.48 63.53 38.25
CA ASN A 1131 -16.35 64.39 37.93
C ASN A 1131 -16.86 65.59 37.15
N THR A 1132 -15.96 66.50 36.81
CA THR A 1132 -16.30 67.68 36.05
C THR A 1132 -15.88 67.48 34.60
N VAL A 1133 -16.83 67.62 33.68
CA VAL A 1133 -16.54 67.53 32.26
C VAL A 1133 -16.30 68.95 31.74
N TYR A 1134 -15.09 69.21 31.29
CA TYR A 1134 -14.71 70.56 30.87
C TYR A 1134 -15.30 70.88 29.50
N ASP A 1135 -15.91 72.07 29.39
N ASP A 1135 -15.93 72.05 29.40
CA ASP A 1135 -16.51 72.53 28.14
CA ASP A 1135 -16.52 72.49 28.15
C ASP A 1135 -15.76 73.75 27.63
C ASP A 1135 -15.68 73.60 27.54
N PRO A 1136 -14.89 73.61 26.64
N PRO A 1136 -14.95 73.35 26.45
CA PRO A 1136 -14.16 74.79 26.14
CA PRO A 1136 -14.13 74.42 25.86
C PRO A 1136 -15.07 75.87 25.59
C PRO A 1136 -14.94 75.61 25.39
N LEU A 1137 -16.17 75.50 24.93
N LEU A 1137 -16.16 75.40 24.90
CA LEU A 1137 -17.08 76.48 24.37
CA LEU A 1137 -16.95 76.50 24.36
C LEU A 1137 -17.68 77.35 25.46
C LEU A 1137 -17.28 77.53 25.43
N GLN A 1138 -18.19 76.72 26.53
N GLN A 1138 -17.76 77.06 26.59
CA GLN A 1138 -18.74 77.47 27.64
CA GLN A 1138 -18.12 77.98 27.66
C GLN A 1138 -17.68 78.29 28.34
C GLN A 1138 -16.91 78.73 28.19
N LEU A 1139 -16.45 77.78 28.43
N LEU A 1139 -15.79 78.03 28.36
CA LEU A 1139 -15.37 78.53 29.06
CA LEU A 1139 -14.58 78.69 28.86
C LEU A 1139 -15.10 79.82 28.29
C LEU A 1139 -14.08 79.74 27.87
N GLU A 1140 -14.97 79.74 26.97
N GLU A 1140 -14.08 79.42 26.58
CA GLU A 1140 -14.73 80.93 26.17
CA GLU A 1140 -13.66 80.40 25.58
C GLU A 1140 -15.93 81.88 26.22
C GLU A 1140 -14.60 81.59 25.53
N LEU A 1141 -17.14 81.32 26.20
N LEU A 1141 -15.91 81.34 25.64
CA LEU A 1141 -18.33 82.16 26.28
CA LEU A 1141 -16.87 82.44 25.66
C LEU A 1141 -18.38 82.94 27.59
C LEU A 1141 -16.64 83.35 26.86
N ASP A 1142 -18.06 82.26 28.71
N ASP A 1142 -16.41 82.77 28.03
CA ASP A 1142 -18.02 82.96 29.99
CA ASP A 1142 -16.15 83.57 29.23
C ASP A 1142 -16.90 83.98 30.03
C ASP A 1142 -14.86 84.36 29.09
N SER A 1143 -15.76 83.66 29.42
N SER A 1143 -13.81 83.73 28.54
CA SER A 1143 -14.64 84.60 29.40
CA SER A 1143 -12.55 84.42 28.35
C SER A 1143 -15.00 85.89 28.67
C SER A 1143 -12.71 85.60 27.40
N PHE A 1144 -15.69 85.77 27.53
N PHE A 1144 -13.45 85.41 26.31
CA PHE A 1144 -16.09 86.97 26.82
CA PHE A 1144 -13.66 86.50 25.36
C PHE A 1144 -17.27 87.67 27.49
C PHE A 1144 -14.52 87.60 25.98
N LYS A 1145 -18.19 86.90 28.09
N LYS A 1145 -15.51 87.22 26.80
CA LYS A 1145 -19.34 87.50 28.75
CA LYS A 1145 -16.35 88.21 27.46
C LYS A 1145 -18.93 88.33 29.95
C LYS A 1145 -15.55 89.04 28.45
N GLU A 1146 -17.94 87.85 30.72
N GLU A 1146 -14.60 88.42 29.14
CA GLU A 1146 -17.47 88.62 31.87
CA GLU A 1146 -13.73 89.16 30.06
C GLU A 1146 -16.89 89.96 31.44
C GLU A 1146 -12.91 90.21 29.30
N GLU A 1147 -16.09 89.97 30.38
N GLU A 1147 -12.33 89.82 28.16
CA GLU A 1147 -15.53 91.22 29.88
CA GLU A 1147 -11.57 90.78 27.36
C GLU A 1147 -16.62 92.15 29.36
C GLU A 1147 -12.46 91.88 26.82
N LEU A 1148 -17.60 91.60 28.66
N LEU A 1148 -13.68 91.54 26.41
CA LEU A 1148 -18.69 92.43 28.15
CA LEU A 1148 -14.61 92.54 25.92
C LEU A 1148 -19.50 93.03 29.30
C LEU A 1148 -14.97 93.54 27.01
N ASP A 1149 -19.78 92.24 30.34
N ASP A 1149 -15.21 93.06 28.23
CA ASP A 1149 -20.51 92.74 31.49
CA ASP A 1149 -15.51 93.94 29.35
C ASP A 1149 -19.71 93.81 32.23
C ASP A 1149 -14.31 94.82 29.68
N LYS A 1150 -18.40 93.61 32.37
N LYS A 1150 -13.10 94.26 29.62
CA LYS A 1150 -17.57 94.63 33.01
CA LYS A 1150 -11.90 95.06 29.88
C LYS A 1150 -17.58 95.93 32.21
C LYS A 1150 -11.76 96.16 28.83
N TYR A 1151 -17.49 95.83 30.88
N TYR A 1151 -11.98 95.83 27.56
CA TYR A 1151 -17.54 97.03 30.05
CA TYR A 1151 -11.89 96.84 26.50
C TYR A 1151 -18.88 97.72 30.17
C TYR A 1151 -12.95 97.91 26.68
N PHE A 1152 -19.98 96.95 30.20
N PHE A 1152 -14.17 97.51 27.07
CA PHE A 1152 -21.30 97.53 30.36
CA PHE A 1152 -15.23 98.48 27.30
C PHE A 1152 -21.44 98.24 31.70
C PHE A 1152 -14.86 99.43 28.44
N LYS A 1153 -20.93 97.62 32.77
N LYS A 1153 -14.34 98.88 29.54
CA LYS A 1153 -20.99 98.23 34.09
CA LYS A 1153 -13.97 99.70 30.68
C LYS A 1153 -20.17 99.52 34.14
C LYS A 1153 -12.72 100.53 30.42
N ASN A 1154 -18.99 99.51 33.52
N ASN A 1154 -11.93 100.17 29.41
CA ASN A 1154 -18.16 100.72 33.47
CA ASN A 1154 -10.74 100.95 29.08
C ASN A 1154 -18.86 101.82 32.68
C ASN A 1154 -11.10 102.37 28.67
N HIS A 1155 -19.49 101.48 31.57
N HIS A 1155 -12.15 102.54 27.88
CA HIS A 1155 -20.20 102.48 30.77
CA HIS A 1155 -12.55 103.84 27.38
C HIS A 1155 -21.38 103.06 31.54
C HIS A 1155 -13.82 104.38 28.02
N THR A 1156 -22.15 102.21 32.22
N THR A 1156 -14.81 103.53 28.31
CA THR A 1156 -23.30 102.71 32.99
CA THR A 1156 -16.04 104.02 28.94
C THR A 1156 -22.85 103.59 34.14
C THR A 1156 -15.77 104.51 30.36
N SER A 1157 -21.78 103.21 34.83
N SER A 1157 -14.95 103.78 31.11
CA SER A 1157 -21.28 104.00 35.96
CA SER A 1157 -14.63 104.15 32.48
C SER A 1157 -19.77 103.82 36.11
C SER A 1157 -13.15 104.49 32.64
N CYS B 15 -35.84 -60.94 8.85
CA CYS B 15 -36.77 -60.04 8.16
C CYS B 15 -38.16 -60.65 8.08
N VAL B 16 -38.88 -60.64 9.20
CA VAL B 16 -40.23 -61.19 9.29
C VAL B 16 -41.18 -60.02 9.46
N MET B 17 -41.82 -59.59 8.37
CA MET B 17 -42.73 -58.46 8.41
C MET B 17 -44.15 -58.97 8.59
N PRO B 18 -44.82 -58.69 9.70
CA PRO B 18 -46.22 -59.10 9.85
C PRO B 18 -47.12 -58.34 8.87
N LEU B 19 -48.24 -58.98 8.52
CA LEU B 19 -49.18 -58.37 7.60
C LEU B 19 -49.86 -57.17 8.25
N PHE B 20 -49.82 -56.03 7.58
CA PHE B 20 -50.39 -54.79 8.10
C PHE B 20 -51.04 -54.02 6.96
N ASN B 21 -51.98 -53.14 7.33
CA ASN B 21 -52.63 -52.25 6.38
C ASN B 21 -51.75 -51.01 6.24
N LEU B 22 -50.83 -51.04 5.28
CA LEU B 22 -49.91 -49.94 5.09
C LEU B 22 -50.64 -48.70 4.60
N ILE B 23 -50.23 -47.55 5.12
CA ILE B 23 -50.83 -46.25 4.77
C ILE B 23 -49.76 -45.38 4.14
N THR B 24 -50.10 -44.74 3.03
CA THR B 24 -49.15 -43.90 2.32
C THR B 24 -48.70 -42.74 3.18
N THR B 25 -47.41 -42.39 3.04
CA THR B 25 -46.83 -41.32 3.85
C THR B 25 -47.36 -39.97 3.40
N THR B 26 -47.77 -39.15 4.36
CA THR B 26 -48.26 -37.79 4.10
C THR B 26 -47.16 -36.80 4.47
N GLN B 27 -46.79 -35.93 3.52
CA GLN B 27 -45.72 -34.97 3.73
C GLN B 27 -46.32 -33.58 3.92
N SER B 28 -46.69 -33.29 5.17
CA SER B 28 -47.15 -31.95 5.51
C SER B 28 -45.98 -30.98 5.56
N TYR B 29 -46.27 -29.71 5.28
CA TYR B 29 -45.25 -28.67 5.20
C TYR B 29 -45.53 -27.58 6.23
N THR B 30 -44.48 -27.16 6.93
CA THR B 30 -44.61 -26.10 7.94
C THR B 30 -43.27 -25.39 8.08
N ASN B 31 -43.33 -24.15 8.55
CA ASN B 31 -42.14 -23.31 8.65
C ASN B 31 -41.17 -23.87 9.68
N SER B 32 -39.89 -23.53 9.52
CA SER B 32 -38.85 -23.98 10.44
C SER B 32 -38.65 -23.02 11.60
N PHE B 33 -39.30 -21.86 11.59
CA PHE B 33 -39.19 -20.86 12.66
C PHE B 33 -37.72 -20.46 12.80
N THR B 34 -37.31 -20.06 14.01
CA THR B 34 -35.93 -19.64 14.25
C THR B 34 -35.06 -20.77 14.79
N ARG B 35 -35.60 -21.97 14.94
CA ARG B 35 -34.85 -23.07 15.53
C ARG B 35 -33.87 -23.65 14.51
N GLY B 36 -33.07 -24.61 14.96
CA GLY B 36 -32.14 -25.30 14.11
C GLY B 36 -30.72 -24.78 14.12
N VAL B 37 -30.37 -23.90 15.05
CA VAL B 37 -29.03 -23.35 15.12
C VAL B 37 -28.20 -24.19 16.09
N TYR B 38 -27.05 -24.65 15.62
CA TYR B 38 -26.14 -25.47 16.41
C TYR B 38 -24.83 -24.72 16.61
N TYR B 39 -24.00 -25.25 17.50
CA TYR B 39 -22.71 -24.64 17.78
C TYR B 39 -21.77 -24.86 16.60
N PRO B 40 -21.24 -23.80 15.98
CA PRO B 40 -20.35 -24.00 14.84
C PRO B 40 -19.09 -24.77 15.16
N ASP B 41 -18.56 -24.62 16.37
CA ASP B 41 -17.29 -25.26 16.73
C ASP B 41 -17.23 -25.48 18.23
N LYS B 42 -16.07 -25.92 18.70
CA LYS B 42 -15.82 -26.24 20.10
C LYS B 42 -15.28 -25.06 20.89
N VAL B 43 -15.13 -23.90 20.28
CA VAL B 43 -14.47 -22.77 20.90
C VAL B 43 -15.45 -22.04 21.82
N PHE B 44 -14.97 -21.64 22.99
CA PHE B 44 -15.75 -20.82 23.90
C PHE B 44 -15.55 -19.35 23.58
N ARG B 45 -16.62 -18.57 23.76
CA ARG B 45 -16.58 -17.14 23.46
C ARG B 45 -17.62 -16.43 24.31
N SER B 46 -17.21 -15.37 24.98
CA SER B 46 -18.04 -14.68 25.97
C SER B 46 -18.42 -13.29 25.49
N SER B 47 -19.73 -13.00 25.50
CA SER B 47 -20.28 -11.67 25.25
C SER B 47 -19.72 -11.08 23.95
N VAL B 48 -19.96 -11.79 22.85
CA VAL B 48 -19.46 -11.40 21.55
C VAL B 48 -20.60 -11.49 20.54
N LEU B 49 -20.41 -10.84 19.40
CA LEU B 49 -21.32 -10.92 18.26
C LEU B 49 -20.55 -11.64 17.15
N HIS B 50 -20.62 -12.97 17.16
CA HIS B 50 -19.83 -13.77 16.25
C HIS B 50 -20.51 -13.88 14.90
N LEU B 51 -19.73 -13.71 13.83
CA LEU B 51 -20.21 -13.89 12.46
C LEU B 51 -19.43 -15.05 11.86
N THR B 52 -20.17 -16.05 11.37
CA THR B 52 -19.54 -17.25 10.83
C THR B 52 -20.32 -17.74 9.62
N GLN B 53 -19.63 -18.48 8.76
CA GLN B 53 -20.23 -19.11 7.59
C GLN B 53 -20.08 -20.62 7.78
N ASP B 54 -21.22 -21.30 7.82
CA ASP B 54 -21.21 -22.75 8.03
C ASP B 54 -22.53 -23.30 7.52
N LEU B 55 -22.59 -24.63 7.40
CA LEU B 55 -23.80 -25.30 6.97
C LEU B 55 -24.87 -25.12 8.03
N PHE B 56 -25.84 -24.27 7.76
CA PHE B 56 -26.88 -23.91 8.70
C PHE B 56 -28.26 -24.22 8.12
N LEU B 57 -29.23 -24.41 9.00
CA LEU B 57 -30.62 -24.53 8.57
C LEU B 57 -31.16 -23.14 8.27
N PRO B 58 -31.63 -22.88 7.05
CA PRO B 58 -32.11 -21.53 6.72
C PRO B 58 -33.29 -21.13 7.59
N PHE B 59 -33.30 -19.85 7.97
CA PHE B 59 -34.35 -19.32 8.82
C PHE B 59 -35.65 -19.21 8.03
N PHE B 60 -36.76 -19.55 8.70
CA PHE B 60 -38.11 -19.32 8.18
C PHE B 60 -38.33 -19.99 6.81
N SER B 61 -37.84 -21.21 6.66
CA SER B 61 -38.20 -22.07 5.55
C SER B 61 -39.09 -23.21 6.05
N ASN B 62 -39.79 -23.89 5.13
CA ASN B 62 -40.43 -25.11 5.57
C ASN B 62 -39.51 -26.29 5.72
N VAL B 63 -39.90 -27.14 6.66
CA VAL B 63 -39.31 -28.43 6.99
C VAL B 63 -40.45 -29.44 6.96
N THR B 64 -40.28 -30.51 6.19
CA THR B 64 -41.39 -31.43 5.95
C THR B 64 -41.83 -32.12 7.23
N TRP B 65 -43.13 -32.41 7.32
CA TRP B 65 -43.74 -32.99 8.50
C TRP B 65 -44.26 -34.38 8.16
N PHE B 66 -43.94 -35.36 9.02
CA PHE B 66 -44.47 -36.71 8.90
C PHE B 66 -45.21 -37.10 10.17
N HIS B 67 -46.13 -38.05 10.04
CA HIS B 67 -46.87 -38.58 11.17
C HIS B 67 -46.77 -40.10 11.18
N ALA B 68 -46.84 -40.67 12.38
CA ALA B 68 -46.75 -42.13 12.54
C ALA B 68 -47.59 -42.51 13.75
N ILE B 69 -48.81 -43.01 13.49
CA ILE B 69 -49.72 -43.43 14.54
C ILE B 69 -50.39 -44.73 14.11
N SER B 70 -50.97 -45.42 15.08
CA SER B 70 -51.73 -46.64 14.85
C SER B 70 -53.20 -46.36 15.10
N GLY B 71 -54.05 -46.62 14.10
CA GLY B 71 -55.45 -46.35 14.23
C GLY B 71 -56.18 -47.40 15.07
N THR B 72 -57.39 -47.03 15.49
CA THR B 72 -58.25 -47.92 16.25
C THR B 72 -59.11 -48.81 15.38
N ASN B 73 -59.08 -48.62 14.06
CA ASN B 73 -59.87 -49.42 13.13
C ASN B 73 -59.09 -50.61 12.56
N GLY B 74 -57.89 -50.86 13.07
CA GLY B 74 -57.06 -51.93 12.57
C GLY B 74 -56.03 -51.52 11.55
N THR B 75 -56.12 -50.29 11.03
CA THR B 75 -55.16 -49.77 10.07
C THR B 75 -54.16 -48.89 10.80
N LYS B 76 -52.87 -49.26 10.72
CA LYS B 76 -51.81 -48.56 11.40
C LYS B 76 -50.92 -47.87 10.37
N ARG B 77 -50.67 -46.58 10.57
CA ARG B 77 -49.88 -45.79 9.63
C ARG B 77 -48.39 -46.05 9.86
N PHE B 78 -47.73 -46.64 8.87
CA PHE B 78 -46.30 -46.91 8.91
C PHE B 78 -45.65 -46.08 7.79
N ASP B 79 -45.01 -44.99 8.18
CA ASP B 79 -44.36 -44.07 7.24
C ASP B 79 -42.85 -44.25 7.38
N ASN B 80 -42.26 -45.02 6.47
CA ASN B 80 -40.81 -45.25 6.45
C ASN B 80 -40.29 -45.02 5.04
N PRO B 81 -40.26 -43.77 4.59
CA PRO B 81 -39.76 -43.47 3.26
C PRO B 81 -38.27 -43.15 3.27
N VAL B 82 -37.71 -43.02 2.08
CA VAL B 82 -36.30 -42.71 1.89
C VAL B 82 -36.16 -41.26 1.47
N LEU B 83 -35.30 -40.52 2.15
CA LEU B 83 -35.07 -39.12 1.85
C LEU B 83 -33.59 -38.87 1.58
N PRO B 84 -33.27 -38.04 0.60
CA PRO B 84 -31.86 -37.76 0.29
C PRO B 84 -31.19 -37.00 1.43
N PHE B 85 -29.89 -37.23 1.57
CA PHE B 85 -29.11 -36.56 2.61
C PHE B 85 -28.47 -35.28 2.12
N ASN B 86 -27.94 -35.29 0.89
CA ASN B 86 -27.35 -34.10 0.28
C ASN B 86 -26.20 -33.55 1.10
N ASP B 87 -26.43 -32.45 1.82
CA ASP B 87 -25.37 -31.79 2.56
C ASP B 87 -25.61 -31.74 4.06
N GLY B 88 -26.77 -32.19 4.54
CA GLY B 88 -27.03 -32.19 5.96
C GLY B 88 -28.50 -32.29 6.30
N VAL B 89 -28.82 -32.88 7.46
CA VAL B 89 -30.20 -33.12 7.87
C VAL B 89 -30.39 -32.61 9.28
N TYR B 90 -31.44 -31.83 9.47
CA TYR B 90 -31.90 -31.43 10.81
C TYR B 90 -33.14 -32.24 11.16
N PHE B 91 -33.11 -32.92 12.29
CA PHE B 91 -34.16 -33.86 12.68
C PHE B 91 -34.74 -33.43 14.01
N ALA B 92 -36.02 -33.05 14.00
CA ALA B 92 -36.76 -32.72 15.20
C ALA B 92 -37.89 -33.73 15.37
N SER B 93 -37.99 -34.33 16.56
CA SER B 93 -38.97 -35.37 16.80
C SER B 93 -39.64 -35.16 18.14
N THR B 94 -40.88 -35.64 18.25
CA THR B 94 -41.65 -35.59 19.48
C THR B 94 -42.44 -36.89 19.61
N GLU B 95 -42.28 -37.58 20.74
CA GLU B 95 -42.92 -38.86 20.94
C GLU B 95 -43.01 -39.13 22.44
N LYS B 96 -43.83 -40.13 22.79
CA LYS B 96 -44.03 -40.53 24.18
C LYS B 96 -43.38 -41.86 24.52
N SER B 97 -43.50 -42.86 23.66
CA SER B 97 -42.95 -44.18 23.90
C SER B 97 -41.64 -44.42 23.16
N ASN B 98 -41.03 -43.36 22.62
CA ASN B 98 -39.78 -43.45 21.86
C ASN B 98 -39.94 -44.40 20.67
N ILE B 99 -40.89 -44.06 19.80
CA ILE B 99 -41.12 -44.84 18.59
C ILE B 99 -39.90 -44.78 17.67
N ILE B 100 -39.32 -43.60 17.52
CA ILE B 100 -38.12 -43.41 16.68
C ILE B 100 -36.93 -43.91 17.50
N ARG B 101 -36.49 -45.13 17.22
CA ARG B 101 -35.42 -45.77 17.97
C ARG B 101 -34.08 -45.73 17.25
N GLY B 102 -33.99 -45.02 16.13
CA GLY B 102 -32.72 -44.90 15.45
C GLY B 102 -32.88 -44.35 14.05
N TRP B 103 -31.74 -44.24 13.38
CA TRP B 103 -31.67 -43.70 12.02
C TRP B 103 -30.75 -44.56 11.18
N ILE B 104 -30.98 -44.54 9.87
CA ILE B 104 -30.18 -45.30 8.92
C ILE B 104 -29.59 -44.34 7.89
N PHE B 105 -28.32 -44.52 7.59
CA PHE B 105 -27.61 -43.67 6.63
C PHE B 105 -26.89 -44.55 5.62
N GLY B 106 -26.97 -44.16 4.35
CA GLY B 106 -26.34 -44.92 3.30
C GLY B 106 -26.70 -44.36 1.94
N THR B 107 -26.25 -45.07 0.90
CA THR B 107 -26.51 -44.68 -0.48
C THR B 107 -27.53 -45.59 -1.15
N THR B 108 -27.30 -46.90 -1.15
CA THR B 108 -28.19 -47.85 -1.80
C THR B 108 -28.95 -48.73 -0.82
N LEU B 109 -28.61 -48.68 0.46
CA LEU B 109 -29.29 -49.48 1.50
C LEU B 109 -29.21 -50.97 1.19
N ASP B 110 -27.97 -51.46 1.10
CA ASP B 110 -27.73 -52.87 0.84
C ASP B 110 -26.32 -53.22 1.32
N SER B 111 -26.02 -54.51 1.28
CA SER B 111 -24.69 -54.98 1.67
C SER B 111 -23.62 -54.60 0.66
N LYS B 112 -23.99 -54.13 -0.53
CA LYS B 112 -23.00 -53.73 -1.52
C LYS B 112 -22.19 -52.54 -1.03
N THR B 113 -22.83 -51.57 -0.38
CA THR B 113 -22.18 -50.36 0.10
C THR B 113 -22.25 -50.31 1.62
N GLN B 114 -21.22 -49.72 2.23
CA GLN B 114 -21.19 -49.58 3.67
C GLN B 114 -22.30 -48.65 4.15
N SER B 115 -22.89 -48.98 5.29
CA SER B 115 -23.98 -48.22 5.85
C SER B 115 -23.70 -47.93 7.33
N LEU B 116 -24.17 -46.77 7.79
CA LEU B 116 -24.02 -46.36 9.17
C LEU B 116 -25.38 -46.44 9.85
N LEU B 117 -25.42 -47.10 11.01
CA LEU B 117 -26.66 -47.36 11.72
C LEU B 117 -26.54 -46.91 13.17
N ILE B 118 -27.63 -46.34 13.69
CA ILE B 118 -27.73 -45.94 15.09
C ILE B 118 -28.96 -46.62 15.67
N VAL B 119 -28.78 -47.28 16.81
CA VAL B 119 -29.84 -48.08 17.42
C VAL B 119 -29.99 -47.66 18.87
N ASN B 120 -31.23 -47.39 19.28
CA ASN B 120 -31.54 -47.16 20.69
C ASN B 120 -31.90 -48.46 21.37
N ASN B 121 -31.70 -48.50 22.69
CA ASN B 121 -31.89 -49.72 23.47
C ASN B 121 -32.61 -49.47 24.79
N ALA B 122 -32.95 -48.22 25.10
CA ALA B 122 -33.53 -47.76 26.36
C ALA B 122 -32.54 -47.87 27.52
N THR B 123 -31.36 -48.43 27.29
CA THR B 123 -30.26 -48.48 28.24
C THR B 123 -28.97 -47.93 27.67
N ASN B 124 -28.72 -48.14 26.37
CA ASN B 124 -27.53 -47.63 25.71
C ASN B 124 -27.89 -47.36 24.25
N VAL B 125 -26.91 -46.85 23.50
CA VAL B 125 -27.06 -46.56 22.08
C VAL B 125 -25.89 -47.17 21.34
N PHE B 126 -26.18 -47.88 20.25
CA PHE B 126 -25.16 -48.54 19.44
C PHE B 126 -24.98 -47.79 18.13
N ILE B 127 -23.72 -47.61 17.73
CA ILE B 127 -23.37 -47.00 16.44
C ILE B 127 -22.46 -47.98 15.71
N LYS B 128 -22.93 -48.50 14.59
CA LYS B 128 -22.19 -49.49 13.82
C LYS B 128 -22.13 -49.07 12.35
N VAL B 129 -20.96 -49.22 11.75
CA VAL B 129 -20.76 -48.95 10.33
C VAL B 129 -20.27 -50.22 9.68
N CYS B 130 -21.10 -50.80 8.82
CA CYS B 130 -20.78 -52.05 8.14
C CYS B 130 -21.44 -52.05 6.77
N GLU B 131 -21.07 -53.03 5.95
CA GLU B 131 -21.78 -53.31 4.71
C GLU B 131 -23.08 -54.00 5.10
N PHE B 132 -24.07 -53.17 5.47
CA PHE B 132 -25.23 -53.63 6.20
C PHE B 132 -26.35 -53.98 5.24
N GLN B 133 -26.87 -55.20 5.35
CA GLN B 133 -27.97 -55.67 4.52
C GLN B 133 -29.28 -55.43 5.24
N PHE B 134 -30.22 -54.77 4.58
CA PHE B 134 -31.50 -54.38 5.17
C PHE B 134 -32.62 -55.21 4.60
N CYS B 135 -33.76 -55.18 5.29
CA CYS B 135 -34.98 -55.81 4.80
C CYS B 135 -35.76 -54.80 3.97
N ASN B 136 -36.96 -55.17 3.53
CA ASN B 136 -37.82 -54.23 2.81
C ASN B 136 -38.22 -53.07 3.71
N ASP B 137 -38.67 -53.37 4.92
CA ASP B 137 -39.00 -52.37 5.93
C ASP B 137 -38.36 -52.77 7.25
N PRO B 138 -37.04 -52.61 7.38
CA PRO B 138 -36.38 -53.02 8.62
C PRO B 138 -36.88 -52.24 9.83
N PHE B 139 -36.95 -52.92 10.97
CA PHE B 139 -37.44 -52.33 12.19
C PHE B 139 -36.90 -53.10 13.38
N LEU B 140 -36.88 -52.44 14.54
CA LEU B 140 -36.39 -53.04 15.77
C LEU B 140 -37.54 -53.76 16.47
N ASP B 141 -37.41 -55.08 16.61
CA ASP B 141 -38.46 -55.90 17.21
C ASP B 141 -38.39 -55.75 18.73
N VAL B 142 -39.37 -55.03 19.29
CA VAL B 142 -39.47 -54.82 20.73
C VAL B 142 -40.80 -55.41 21.20
N TYR B 143 -40.74 -56.28 22.20
CA TYR B 143 -41.93 -56.92 22.73
C TYR B 143 -41.63 -57.39 24.15
N HIS B 144 -42.64 -57.97 24.79
CA HIS B 144 -42.55 -58.39 26.18
C HIS B 144 -42.04 -59.83 26.28
N LYS B 145 -41.27 -60.08 27.34
CA LYS B 145 -40.73 -61.41 27.62
C LYS B 145 -41.26 -61.90 28.95
N ASN B 146 -41.87 -63.09 28.94
CA ASN B 146 -42.43 -63.73 30.13
C ASN B 146 -43.47 -62.87 30.83
N ASN B 147 -44.06 -61.91 30.11
CA ASN B 147 -45.07 -61.00 30.66
C ASN B 147 -44.56 -60.24 31.88
N LYS B 148 -43.24 -60.03 31.95
CA LYS B 148 -42.66 -59.36 33.12
C LYS B 148 -41.72 -58.22 32.72
N SER B 149 -41.05 -58.35 31.58
CA SER B 149 -40.02 -57.40 31.19
C SER B 149 -40.17 -57.00 29.73
N TRP B 150 -39.76 -55.76 29.44
CA TRP B 150 -39.73 -55.23 28.08
C TRP B 150 -38.30 -55.30 27.54
N MET B 151 -38.17 -55.75 26.29
CA MET B 151 -36.86 -55.84 25.66
C MET B 151 -37.00 -55.65 24.16
N GLU B 152 -35.88 -55.32 23.52
CA GLU B 152 -35.84 -55.05 22.10
C GLU B 152 -34.91 -56.05 21.42
N SER B 153 -35.21 -56.37 20.16
CA SER B 153 -34.42 -57.31 19.38
C SER B 153 -34.10 -56.70 18.02
N GLU B 154 -32.92 -57.03 17.51
CA GLU B 154 -32.47 -56.56 16.21
C GLU B 154 -32.68 -57.59 15.10
N SER B 155 -33.43 -58.65 15.39
CA SER B 155 -33.65 -59.69 14.38
C SER B 155 -34.43 -59.13 13.18
N GLY B 156 -35.42 -58.27 13.44
CA GLY B 156 -36.21 -57.71 12.37
C GLY B 156 -35.52 -56.64 11.55
N VAL B 157 -34.35 -56.17 12.00
CA VAL B 157 -33.65 -55.12 11.27
C VAL B 157 -32.90 -55.70 10.08
N TYR B 158 -32.34 -56.90 10.22
CA TYR B 158 -31.43 -57.44 9.22
C TYR B 158 -31.34 -58.96 9.41
N SER B 159 -30.53 -59.58 8.55
CA SER B 159 -30.18 -60.99 8.66
C SER B 159 -28.73 -61.21 9.07
N SER B 160 -27.81 -60.42 8.53
CA SER B 160 -26.40 -60.53 8.89
C SER B 160 -25.70 -59.23 8.56
N ALA B 161 -24.54 -59.03 9.19
CA ALA B 161 -23.69 -57.87 8.94
C ALA B 161 -22.28 -58.36 8.63
N ASN B 162 -21.68 -57.81 7.58
CA ASN B 162 -20.36 -58.26 7.13
C ASN B 162 -19.49 -57.05 6.83
N ASN B 163 -18.17 -57.27 6.94
CA ASN B 163 -17.16 -56.25 6.66
C ASN B 163 -17.41 -54.98 7.48
N CYS B 164 -17.61 -55.17 8.78
CA CYS B 164 -17.82 -54.03 9.68
C CYS B 164 -16.54 -53.21 9.78
N THR B 165 -16.67 -51.89 9.62
CA THR B 165 -15.53 -50.99 9.68
C THR B 165 -15.51 -50.10 10.90
N PHE B 166 -16.63 -49.96 11.61
CA PHE B 166 -16.68 -49.12 12.80
C PHE B 166 -17.89 -49.52 13.63
N GLU B 167 -17.66 -49.86 14.90
CA GLU B 167 -18.72 -50.14 15.85
C GLU B 167 -18.47 -49.32 17.10
N TYR B 168 -19.54 -48.76 17.66
CA TYR B 168 -19.43 -47.86 18.80
C TYR B 168 -20.70 -47.96 19.64
N VAL B 169 -20.55 -48.41 20.88
CA VAL B 169 -21.66 -48.51 21.83
C VAL B 169 -21.32 -47.63 23.02
N SER B 170 -22.18 -46.65 23.28
CA SER B 170 -21.95 -45.71 24.38
C SER B 170 -23.30 -45.08 24.76
N GLN B 171 -23.24 -43.98 25.50
CA GLN B 171 -24.40 -43.21 25.93
C GLN B 171 -25.36 -44.07 26.76
N PRO B 172 -24.98 -44.44 27.99
CA PRO B 172 -25.90 -45.19 28.87
C PRO B 172 -26.95 -44.29 29.51
N PHE B 173 -27.71 -43.61 28.66
CA PHE B 173 -28.70 -42.64 29.11
C PHE B 173 -30.09 -43.03 28.58
N LEU B 174 -31.10 -42.76 29.39
CA LEU B 174 -32.49 -43.04 29.03
C LEU B 174 -33.19 -41.85 28.39
N MET B 175 -32.47 -40.74 28.16
CA MET B 175 -33.01 -39.55 27.52
C MET B 175 -34.21 -39.01 28.29
N ASP B 176 -35.41 -39.36 27.87
CA ASP B 176 -36.64 -38.86 28.50
C ASP B 176 -36.79 -39.48 29.88
N LEU B 177 -36.50 -38.68 30.91
CA LEU B 177 -36.64 -39.14 32.30
C LEU B 177 -37.36 -38.17 33.21
N GLU B 178 -37.53 -36.90 32.81
CA GLU B 178 -38.20 -35.94 33.69
C GLU B 178 -39.68 -36.25 33.85
N GLY B 179 -40.33 -36.74 32.79
CA GLY B 179 -41.73 -37.08 32.85
C GLY B 179 -42.45 -36.59 31.61
N LYS B 180 -43.76 -36.42 31.75
CA LYS B 180 -44.64 -35.99 30.66
C LYS B 180 -45.45 -34.77 31.09
N GLN B 181 -44.77 -33.78 31.67
CA GLN B 181 -45.44 -32.61 32.23
C GLN B 181 -46.21 -31.83 31.17
N GLY B 182 -45.51 -31.23 30.22
CA GLY B 182 -46.19 -30.50 29.17
C GLY B 182 -46.81 -31.41 28.13
N ASN B 183 -45.97 -32.05 27.32
CA ASN B 183 -46.42 -33.15 26.46
C ASN B 183 -45.22 -34.07 26.23
N PHE B 184 -45.07 -35.05 27.13
CA PHE B 184 -44.02 -36.07 27.06
C PHE B 184 -42.62 -35.49 27.23
N LYS B 185 -42.52 -34.15 27.29
CA LYS B 185 -41.25 -33.44 27.50
C LYS B 185 -40.15 -33.99 26.58
N ASN B 186 -40.49 -34.18 25.31
CA ASN B 186 -39.63 -34.93 24.39
C ASN B 186 -39.48 -34.22 23.06
N LEU B 187 -39.13 -32.93 23.09
CA LEU B 187 -38.75 -32.21 21.88
C LEU B 187 -37.25 -32.46 21.67
N ARG B 188 -36.93 -33.32 20.71
CA ARG B 188 -35.56 -33.71 20.44
C ARG B 188 -35.15 -33.21 19.06
N GLU B 189 -34.10 -32.40 19.01
CA GLU B 189 -33.58 -31.86 17.77
C GLU B 189 -32.20 -32.43 17.50
N PHE B 190 -31.99 -32.92 16.29
CA PHE B 190 -30.71 -33.50 15.88
C PHE B 190 -30.29 -32.93 14.54
N VAL B 191 -29.03 -32.52 14.44
CA VAL B 191 -28.45 -32.02 13.20
C VAL B 191 -27.29 -32.92 12.85
N PHE B 192 -27.32 -33.49 11.65
CA PHE B 192 -26.29 -34.39 11.17
C PHE B 192 -25.57 -33.75 9.99
N LYS B 193 -24.24 -33.68 10.07
CA LYS B 193 -23.42 -33.12 9.01
C LYS B 193 -22.53 -34.22 8.44
N ASN B 194 -22.57 -34.38 7.13
CA ASN B 194 -21.79 -35.41 6.45
C ASN B 194 -20.50 -34.81 5.91
N ILE B 195 -19.57 -34.53 6.84
CA ILE B 195 -18.25 -34.05 6.46
C ILE B 195 -17.47 -35.20 5.81
N ASP B 196 -16.41 -34.81 5.08
CA ASP B 196 -15.60 -35.81 4.39
C ASP B 196 -14.94 -36.77 5.36
N GLY B 197 -14.44 -36.25 6.49
CA GLY B 197 -13.73 -37.09 7.43
C GLY B 197 -14.49 -37.40 8.70
N TYR B 198 -15.59 -36.70 8.95
CA TYR B 198 -16.33 -36.87 10.19
C TYR B 198 -17.82 -36.86 9.93
N PHE B 199 -18.58 -37.35 10.91
CA PHE B 199 -20.04 -37.31 10.90
C PHE B 199 -20.46 -36.64 12.21
N LYS B 200 -20.51 -35.32 12.19
CA LYS B 200 -20.83 -34.56 13.39
C LYS B 200 -22.31 -34.68 13.72
N ILE B 201 -22.61 -34.85 15.00
CA ILE B 201 -23.98 -35.01 15.48
C ILE B 201 -24.22 -34.00 16.59
N TYR B 202 -25.27 -33.19 16.44
CA TYR B 202 -25.64 -32.19 17.43
C TYR B 202 -27.05 -32.48 17.94
N SER B 203 -27.27 -32.20 19.22
CA SER B 203 -28.54 -32.54 19.85
C SER B 203 -28.83 -31.56 20.99
N LYS B 204 -30.06 -31.62 21.47
CA LYS B 204 -30.52 -30.78 22.58
C LYS B 204 -31.85 -31.32 23.09
N HIS B 205 -32.00 -31.36 24.41
CA HIS B 205 -33.23 -31.79 25.05
C HIS B 205 -33.91 -30.59 25.68
N THR B 206 -35.18 -30.36 25.33
CA THR B 206 -35.93 -29.21 25.80
C THR B 206 -37.27 -29.65 26.39
N PRO B 207 -37.82 -28.87 27.31
CA PRO B 207 -39.16 -29.15 27.84
C PRO B 207 -40.25 -28.52 26.98
N ILE B 208 -41.46 -29.09 27.10
CA ILE B 208 -42.59 -28.63 26.32
C ILE B 208 -43.07 -27.28 26.83
N ILE B 209 -43.25 -26.34 25.90
CA ILE B 209 -43.93 -25.07 26.17
C ILE B 209 -45.02 -24.94 25.11
N GLY B 210 -46.22 -25.42 25.41
CA GLY B 210 -47.30 -25.44 24.46
C GLY B 210 -47.71 -26.83 24.03
N ARG B 211 -47.99 -27.01 22.74
CA ARG B 211 -48.38 -28.32 22.21
C ARG B 211 -47.36 -28.88 21.23
N ASP B 212 -47.03 -28.14 20.17
CA ASP B 212 -46.13 -28.65 19.15
C ASP B 212 -45.36 -27.49 18.52
N PHE B 213 -44.04 -27.64 18.42
CA PHE B 213 -43.14 -26.68 17.79
C PHE B 213 -43.33 -25.28 18.35
N PRO B 214 -42.97 -25.03 19.60
CA PRO B 214 -43.11 -23.68 20.16
C PRO B 214 -42.16 -22.71 19.51
N GLN B 215 -42.56 -21.44 19.50
CA GLN B 215 -41.74 -20.37 18.94
C GLN B 215 -40.72 -19.94 19.99
N GLY B 216 -39.46 -20.27 19.75
CA GLY B 216 -38.40 -19.90 20.68
C GLY B 216 -37.07 -20.33 20.12
N PHE B 217 -36.00 -19.94 20.83
CA PHE B 217 -34.64 -20.22 20.40
C PHE B 217 -33.96 -21.14 21.39
N SER B 218 -33.29 -22.17 20.87
CA SER B 218 -32.49 -23.08 21.69
C SER B 218 -31.37 -23.62 20.83
N ALA B 219 -30.14 -23.51 21.32
CA ALA B 219 -28.99 -23.99 20.57
C ALA B 219 -28.90 -25.51 20.64
N LEU B 220 -28.09 -26.08 19.75
CA LEU B 220 -27.93 -27.52 19.63
C LEU B 220 -26.49 -27.88 19.98
N GLU B 221 -26.30 -28.45 21.18
CA GLU B 221 -24.97 -28.82 21.61
C GLU B 221 -24.50 -30.08 20.89
N PRO B 222 -23.24 -30.15 20.47
CA PRO B 222 -22.72 -31.39 19.90
C PRO B 222 -22.62 -32.48 20.95
N LEU B 223 -22.72 -33.72 20.50
CA LEU B 223 -22.60 -34.88 21.38
C LEU B 223 -21.44 -35.77 21.01
N VAL B 224 -21.27 -36.12 19.73
CA VAL B 224 -20.22 -37.03 19.32
C VAL B 224 -19.92 -36.76 17.85
N ASP B 225 -18.67 -37.02 17.45
CA ASP B 225 -18.22 -36.83 16.07
C ASP B 225 -17.52 -38.12 15.63
N LEU B 226 -18.27 -39.00 15.00
CA LEU B 226 -17.72 -40.28 14.55
C LEU B 226 -16.91 -40.07 13.29
N PRO B 227 -15.62 -40.45 13.27
CA PRO B 227 -14.80 -40.32 12.05
C PRO B 227 -14.89 -41.56 11.16
N ILE B 228 -16.06 -41.79 10.58
CA ILE B 228 -16.27 -42.98 9.76
C ILE B 228 -15.97 -42.74 8.28
N GLY B 229 -16.19 -41.51 7.79
CA GLY B 229 -15.88 -41.15 6.42
C GLY B 229 -16.38 -42.10 5.35
N ILE B 230 -17.71 -42.20 5.19
CA ILE B 230 -18.32 -43.09 4.22
C ILE B 230 -19.27 -42.30 3.34
N ASN B 231 -19.66 -42.92 2.23
CA ASN B 231 -20.63 -42.30 1.33
C ASN B 231 -22.02 -42.37 1.95
N ILE B 232 -22.67 -41.21 2.06
CA ILE B 232 -24.04 -41.13 2.58
C ILE B 232 -24.86 -40.29 1.62
N THR B 233 -25.89 -40.89 1.05
CA THR B 233 -26.79 -40.21 0.13
C THR B 233 -28.24 -40.26 0.57
N ARG B 234 -28.70 -41.40 1.05
CA ARG B 234 -30.09 -41.59 1.47
C ARG B 234 -30.18 -41.65 2.99
N PHE B 235 -31.38 -41.37 3.50
CA PHE B 235 -31.62 -41.32 4.93
C PHE B 235 -33.02 -41.89 5.19
N GLN B 236 -33.09 -42.90 6.06
CA GLN B 236 -34.36 -43.47 6.47
C GLN B 236 -34.38 -43.66 7.98
N THR B 237 -35.54 -43.44 8.58
CA THR B 237 -35.70 -43.52 10.03
C THR B 237 -36.35 -44.84 10.41
N LEU B 238 -36.54 -45.02 11.73
CA LEU B 238 -37.11 -46.24 12.28
C LEU B 238 -38.30 -45.91 13.17
N LEU B 239 -39.25 -46.84 13.23
CA LEU B 239 -40.40 -46.75 14.11
C LEU B 239 -40.49 -48.01 14.95
N ALA B 240 -40.64 -47.84 16.25
CA ALA B 240 -40.73 -48.99 17.16
C ALA B 240 -42.12 -49.60 17.09
N LEU B 241 -42.18 -50.93 16.96
CA LEU B 241 -43.42 -51.67 16.93
C LEU B 241 -43.46 -52.62 18.11
N ASN B 242 -44.49 -52.48 18.95
CA ASN B 242 -44.65 -53.30 20.13
C ASN B 242 -45.85 -54.24 19.94
N ARG B 243 -45.68 -55.50 20.35
CA ARG B 243 -46.71 -56.52 20.18
C ARG B 243 -47.82 -56.28 21.20
N SER B 244 -48.69 -55.31 20.86
CA SER B 244 -49.85 -54.97 21.66
C SER B 244 -49.47 -54.57 23.09
N TYR B 245 -50.43 -54.66 24.01
CA TYR B 245 -50.23 -54.34 25.42
C TYR B 245 -49.74 -52.89 25.59
N LEU B 246 -50.27 -51.99 24.78
CA LEU B 246 -49.96 -50.57 24.88
C LEU B 246 -51.16 -49.73 25.26
N THR B 247 -52.26 -49.84 24.51
CA THR B 247 -53.46 -49.07 24.80
C THR B 247 -54.37 -49.88 25.72
N PRO B 248 -54.66 -49.40 26.92
CA PRO B 248 -55.56 -50.13 27.81
C PRO B 248 -56.96 -50.24 27.22
N GLY B 249 -57.61 -51.37 27.49
CA GLY B 249 -58.94 -51.62 26.98
C GLY B 249 -59.01 -52.14 25.57
N ASP B 250 -57.87 -52.39 24.92
CA ASP B 250 -57.82 -52.88 23.56
C ASP B 250 -57.46 -54.37 23.58
N SER B 251 -58.32 -55.20 23.00
CA SER B 251 -58.12 -56.63 22.93
C SER B 251 -57.49 -57.09 21.62
N SER B 252 -57.11 -56.15 20.76
CA SER B 252 -56.52 -56.49 19.47
C SER B 252 -55.13 -57.09 19.68
N SER B 253 -55.02 -58.40 19.49
CA SER B 253 -53.75 -59.11 19.66
C SER B 253 -52.92 -58.92 18.40
N GLY B 254 -52.24 -57.78 18.32
CA GLY B 254 -51.42 -57.45 17.17
C GLY B 254 -50.46 -56.34 17.50
N TRP B 255 -49.46 -56.18 16.63
CA TRP B 255 -48.45 -55.15 16.83
C TRP B 255 -49.09 -53.76 16.76
N THR B 256 -48.71 -52.90 17.70
CA THR B 256 -49.22 -51.55 17.78
C THR B 256 -48.07 -50.58 18.00
N ALA B 257 -48.28 -49.34 17.55
CA ALA B 257 -47.29 -48.28 17.69
C ALA B 257 -47.96 -47.02 18.24
N GLY B 258 -47.26 -46.32 19.12
CA GLY B 258 -47.78 -45.09 19.67
C GLY B 258 -47.71 -43.93 18.70
N ALA B 259 -48.30 -42.81 19.10
CA ALA B 259 -48.26 -41.60 18.29
C ALA B 259 -46.84 -41.07 18.17
N ALA B 260 -46.46 -40.70 16.95
CA ALA B 260 -45.10 -40.21 16.71
C ALA B 260 -45.13 -39.23 15.55
N ASP B 261 -44.63 -38.02 15.79
CA ASP B 261 -44.51 -36.99 14.77
C ASP B 261 -43.08 -36.47 14.75
N TYR B 262 -42.56 -36.24 13.54
CA TYR B 262 -41.19 -35.77 13.40
C TYR B 262 -41.06 -34.91 12.16
N TYR B 263 -40.02 -34.07 12.14
CA TYR B 263 -39.74 -33.17 11.04
C TYR B 263 -38.28 -33.29 10.64
N VAL B 264 -38.00 -33.18 9.35
CA VAL B 264 -36.64 -33.30 8.83
C VAL B 264 -36.29 -32.02 8.07
N GLY B 265 -35.27 -31.31 8.56
CA GLY B 265 -34.81 -30.08 7.94
C GLY B 265 -33.77 -30.34 6.87
N TYR B 266 -33.19 -29.25 6.39
CA TYR B 266 -32.14 -29.33 5.38
C TYR B 266 -31.06 -28.30 5.67
N LEU B 267 -29.81 -28.74 5.60
CA LEU B 267 -28.67 -27.90 5.90
C LEU B 267 -28.18 -27.24 4.62
N GLN B 268 -27.97 -25.93 4.67
CA GLN B 268 -27.54 -25.17 3.51
C GLN B 268 -26.35 -24.29 3.87
N PRO B 269 -25.50 -23.97 2.92
CA PRO B 269 -24.41 -23.01 3.19
C PRO B 269 -24.96 -21.61 3.37
N ARG B 270 -24.90 -21.11 4.60
CA ARG B 270 -25.46 -19.80 4.92
C ARG B 270 -24.57 -19.13 5.96
N THR B 271 -24.63 -17.80 6.00
CA THR B 271 -23.88 -17.02 6.97
C THR B 271 -24.82 -16.58 8.09
N PHE B 272 -24.34 -16.69 9.33
CA PHE B 272 -25.13 -16.36 10.50
C PHE B 272 -24.34 -15.44 11.42
N LEU B 273 -25.05 -14.69 12.24
CA LEU B 273 -24.45 -13.84 13.25
C LEU B 273 -24.88 -14.36 14.61
N LEU B 274 -24.07 -15.23 15.20
CA LEU B 274 -24.40 -15.83 16.48
C LEU B 274 -23.99 -14.91 17.61
N LYS B 275 -24.90 -14.68 18.56
CA LYS B 275 -24.64 -13.87 19.73
C LYS B 275 -24.40 -14.77 20.93
N TYR B 276 -23.27 -14.58 21.59
CA TYR B 276 -22.92 -15.32 22.79
C TYR B 276 -23.12 -14.45 24.01
N ASN B 277 -23.62 -15.05 25.08
CA ASN B 277 -23.69 -14.38 26.37
C ASN B 277 -22.36 -14.58 27.10
N GLU B 278 -22.29 -14.17 28.36
CA GLU B 278 -21.05 -14.32 29.12
C GLU B 278 -20.84 -15.74 29.61
N ASN B 279 -21.80 -16.63 29.39
CA ASN B 279 -21.66 -18.05 29.69
C ASN B 279 -21.35 -18.89 28.46
N GLY B 280 -21.27 -18.28 27.29
CA GLY B 280 -21.00 -19.00 26.07
C GLY B 280 -22.20 -19.65 25.43
N THR B 281 -23.38 -19.53 26.02
CA THR B 281 -24.59 -20.12 25.49
C THR B 281 -25.24 -19.15 24.49
N ILE B 282 -25.52 -19.64 23.29
CA ILE B 282 -26.10 -18.80 22.25
C ILE B 282 -27.48 -18.33 22.69
N THR B 283 -27.61 -17.03 22.95
CA THR B 283 -28.89 -16.48 23.37
C THR B 283 -29.79 -16.22 22.16
N ASP B 284 -29.25 -15.53 21.14
CA ASP B 284 -30.03 -15.22 19.95
C ASP B 284 -29.08 -15.18 18.76
N ALA B 285 -29.66 -15.27 17.57
CA ALA B 285 -28.90 -15.21 16.34
C ALA B 285 -29.79 -14.65 15.23
N VAL B 286 -29.15 -14.04 14.24
CA VAL B 286 -29.85 -13.50 13.07
C VAL B 286 -29.21 -14.08 11.82
N ASP B 287 -30.02 -14.31 10.79
CA ASP B 287 -29.50 -14.77 9.52
C ASP B 287 -28.92 -13.59 8.75
N CYS B 288 -28.19 -13.91 7.69
CA CYS B 288 -27.59 -12.89 6.84
C CYS B 288 -28.25 -12.81 5.47
N ALA B 289 -29.32 -13.56 5.23
CA ALA B 289 -30.02 -13.49 3.96
C ALA B 289 -31.53 -13.58 4.09
N LEU B 290 -32.07 -13.56 5.31
CA LEU B 290 -33.52 -13.74 5.47
C LEU B 290 -34.29 -12.50 5.01
N ASP B 291 -33.83 -11.31 5.40
CA ASP B 291 -34.53 -10.07 5.10
C ASP B 291 -33.52 -8.94 5.14
N PRO B 292 -33.84 -7.76 4.57
CA PRO B 292 -32.83 -6.69 4.51
C PRO B 292 -32.28 -6.29 5.87
N LEU B 293 -33.13 -6.24 6.89
CA LEU B 293 -32.66 -5.83 8.21
C LEU B 293 -31.67 -6.84 8.78
N SER B 294 -31.93 -8.13 8.56
CA SER B 294 -31.00 -9.15 9.03
C SER B 294 -29.65 -9.03 8.34
N GLU B 295 -29.65 -8.76 7.04
CA GLU B 295 -28.38 -8.59 6.33
C GLU B 295 -27.66 -7.32 6.78
N THR B 296 -28.40 -6.25 7.09
CA THR B 296 -27.77 -5.07 7.65
C THR B 296 -27.13 -5.36 9.00
N LYS B 297 -27.84 -6.11 9.86
CA LYS B 297 -27.29 -6.49 11.15
C LYS B 297 -26.03 -7.33 10.98
N CYS B 298 -26.05 -8.28 10.04
CA CYS B 298 -24.87 -9.08 9.76
C CYS B 298 -23.70 -8.21 9.31
N THR B 299 -23.97 -7.25 8.42
CA THR B 299 -22.91 -6.38 7.92
C THR B 299 -22.31 -5.55 9.05
N LEU B 300 -23.15 -5.00 9.93
CA LEU B 300 -22.63 -4.21 11.03
C LEU B 300 -22.11 -5.06 12.18
N LYS B 301 -22.33 -6.38 12.15
CA LYS B 301 -21.92 -7.28 13.23
C LYS B 301 -22.51 -6.83 14.56
N SER B 302 -23.75 -6.36 14.53
CA SER B 302 -24.44 -5.95 15.75
C SER B 302 -25.93 -6.24 15.60
N PHE B 303 -26.59 -6.44 16.74
CA PHE B 303 -28.01 -6.74 16.73
C PHE B 303 -28.88 -5.51 16.61
N THR B 304 -28.32 -4.32 16.81
CA THR B 304 -29.07 -3.07 16.75
C THR B 304 -28.44 -2.14 15.72
N VAL B 305 -29.27 -1.55 14.87
CA VAL B 305 -28.83 -0.59 13.88
C VAL B 305 -29.50 0.75 14.19
N GLU B 306 -28.79 1.83 13.89
CA GLU B 306 -29.28 3.18 14.14
C GLU B 306 -29.87 3.76 12.86
N LYS B 307 -30.57 4.87 13.03
CA LYS B 307 -31.18 5.55 11.89
C LYS B 307 -30.12 5.93 10.87
N GLY B 308 -30.38 5.62 9.61
CA GLY B 308 -29.44 5.95 8.56
C GLY B 308 -29.53 4.96 7.42
N ILE B 309 -28.67 5.16 6.44
CA ILE B 309 -28.61 4.33 5.24
C ILE B 309 -27.26 3.64 5.21
N TYR B 310 -27.28 2.31 5.07
CA TYR B 310 -26.08 1.49 5.12
C TYR B 310 -25.92 0.73 3.81
N GLN B 311 -24.75 0.82 3.20
CA GLN B 311 -24.43 0.02 2.02
C GLN B 311 -24.32 -1.44 2.45
N THR B 312 -25.26 -2.27 1.98
CA THR B 312 -25.38 -3.62 2.51
C THR B 312 -24.62 -4.65 1.67
N SER B 313 -24.98 -4.78 0.39
CA SER B 313 -24.42 -5.85 -0.43
C SER B 313 -24.55 -5.45 -1.89
N ASN B 314 -24.38 -6.41 -2.79
CA ASN B 314 -24.35 -6.14 -4.21
C ASN B 314 -25.37 -7.04 -4.90
N PHE B 315 -26.27 -6.43 -5.66
CA PHE B 315 -27.29 -7.18 -6.40
C PHE B 315 -26.82 -7.38 -7.83
N ARG B 316 -27.07 -8.59 -8.36
CA ARG B 316 -26.64 -8.93 -9.71
C ARG B 316 -27.63 -9.92 -10.31
N VAL B 317 -28.13 -9.61 -11.50
CA VAL B 317 -29.09 -10.50 -12.15
C VAL B 317 -28.35 -11.72 -12.67
N GLN B 318 -28.79 -12.90 -12.25
CA GLN B 318 -28.11 -14.12 -12.61
C GLN B 318 -28.48 -14.57 -14.02
N PRO B 319 -27.58 -15.25 -14.71
CA PRO B 319 -27.88 -15.75 -16.06
C PRO B 319 -28.93 -16.85 -16.03
N THR B 320 -29.67 -16.97 -17.14
CA THR B 320 -30.71 -17.98 -17.26
C THR B 320 -30.19 -19.25 -17.94
N GLU B 321 -29.69 -19.11 -19.16
CA GLU B 321 -29.22 -20.25 -19.94
C GLU B 321 -27.76 -20.06 -20.34
N SER B 322 -27.20 -21.09 -20.95
CA SER B 322 -25.84 -21.08 -21.46
C SER B 322 -25.86 -21.49 -22.93
N ILE B 323 -25.19 -20.70 -23.77
CA ILE B 323 -25.16 -20.96 -25.21
C ILE B 323 -23.71 -21.13 -25.65
N VAL B 324 -23.54 -21.88 -26.73
CA VAL B 324 -22.22 -22.10 -27.34
C VAL B 324 -22.41 -22.05 -28.85
N ARG B 325 -21.56 -21.26 -29.53
CA ARG B 325 -21.64 -21.11 -30.98
C ARG B 325 -20.25 -21.29 -31.57
N PHE B 326 -20.11 -22.30 -32.44
CA PHE B 326 -18.89 -22.57 -33.19
C PHE B 326 -19.20 -22.55 -34.68
N PRO B 327 -18.21 -22.21 -35.53
CA PRO B 327 -18.53 -21.84 -36.92
C PRO B 327 -19.30 -22.89 -37.70
N ASN B 328 -18.70 -24.05 -37.92
CA ASN B 328 -19.30 -25.13 -38.70
C ASN B 328 -18.43 -26.36 -38.55
N VAL B 329 -18.74 -27.41 -39.33
CA VAL B 329 -17.87 -28.57 -39.37
C VAL B 329 -16.52 -28.22 -39.99
N THR B 330 -16.50 -27.23 -40.88
CA THR B 330 -15.27 -26.73 -41.52
C THR B 330 -14.49 -27.85 -42.19
N ASN B 331 -15.11 -28.44 -43.21
CA ASN B 331 -14.53 -29.53 -43.99
C ASN B 331 -14.21 -30.72 -43.07
N LEU B 332 -15.29 -31.30 -42.54
CA LEU B 332 -15.19 -32.41 -41.60
C LEU B 332 -14.32 -33.52 -42.16
N CYS B 333 -13.54 -34.15 -41.29
CA CYS B 333 -12.60 -35.18 -41.71
C CYS B 333 -13.35 -36.33 -42.39
N PRO B 334 -12.85 -36.83 -43.53
CA PRO B 334 -13.57 -37.91 -44.24
C PRO B 334 -13.33 -39.27 -43.61
N PHE B 335 -13.83 -39.43 -42.39
CA PHE B 335 -13.74 -40.73 -41.71
C PHE B 335 -14.59 -41.78 -42.41
N HIS B 336 -15.68 -41.37 -43.06
CA HIS B 336 -16.52 -42.32 -43.79
C HIS B 336 -15.75 -42.97 -44.93
N GLU B 337 -14.94 -42.20 -45.65
CA GLU B 337 -14.14 -42.76 -46.73
C GLU B 337 -13.14 -43.78 -46.19
N VAL B 338 -12.52 -43.48 -45.05
CA VAL B 338 -11.55 -44.41 -44.46
C VAL B 338 -12.25 -45.69 -44.02
N PHE B 339 -13.42 -45.56 -43.38
CA PHE B 339 -14.09 -46.71 -42.78
C PHE B 339 -15.06 -47.41 -43.73
N ASN B 340 -15.21 -46.91 -44.97
CA ASN B 340 -16.05 -47.57 -45.96
C ASN B 340 -15.28 -47.94 -47.22
N ALA B 341 -13.97 -48.10 -47.12
CA ALA B 341 -13.16 -48.47 -48.27
C ALA B 341 -13.51 -49.88 -48.72
N THR B 342 -13.67 -50.05 -50.03
CA THR B 342 -14.01 -51.37 -50.57
C THR B 342 -12.88 -52.37 -50.34
N THR B 343 -11.63 -51.94 -50.54
CA THR B 343 -10.47 -52.80 -50.40
C THR B 343 -9.64 -52.34 -49.22
N PHE B 344 -9.23 -53.29 -48.38
CA PHE B 344 -8.39 -53.02 -47.22
C PHE B 344 -7.03 -53.66 -47.42
N ALA B 345 -5.98 -52.95 -47.00
CA ALA B 345 -4.62 -53.45 -47.18
C ALA B 345 -4.33 -54.59 -46.21
N SER B 346 -3.25 -55.31 -46.51
CA SER B 346 -2.85 -56.43 -45.67
C SER B 346 -2.24 -55.93 -44.36
N VAL B 347 -2.12 -56.83 -43.40
CA VAL B 347 -1.60 -56.47 -42.09
C VAL B 347 -0.14 -56.05 -42.18
N TYR B 348 0.67 -56.80 -42.93
CA TYR B 348 2.08 -56.46 -43.09
C TYR B 348 2.27 -55.21 -43.93
N ALA B 349 1.28 -54.83 -44.73
CA ALA B 349 1.34 -53.63 -45.56
C ALA B 349 0.21 -52.68 -45.20
N TRP B 350 0.01 -52.45 -43.91
CA TRP B 350 -1.14 -51.68 -43.43
C TRP B 350 -1.17 -50.29 -44.06
N ASN B 351 -2.33 -49.94 -44.59
CA ASN B 351 -2.53 -48.61 -45.16
C ASN B 351 -2.47 -47.56 -44.06
N ARG B 352 -1.73 -46.48 -44.33
CA ARG B 352 -1.59 -45.38 -43.39
C ARG B 352 -2.03 -44.09 -44.06
N THR B 353 -2.90 -43.34 -43.37
CA THR B 353 -3.41 -42.08 -43.88
C THR B 353 -3.24 -41.01 -42.82
N ARG B 354 -2.94 -39.78 -43.24
CA ARG B 354 -2.77 -38.65 -42.34
C ARG B 354 -3.98 -37.75 -42.42
N ILE B 355 -4.56 -37.45 -41.27
CA ILE B 355 -5.75 -36.61 -41.17
C ILE B 355 -5.41 -35.39 -40.33
N SER B 356 -5.64 -34.21 -40.88
CA SER B 356 -5.32 -32.95 -40.20
C SER B 356 -6.11 -31.83 -40.85
N ASN B 357 -6.13 -30.68 -40.18
CA ASN B 357 -6.80 -29.47 -40.66
C ASN B 357 -8.28 -29.73 -40.93
N CYS B 358 -8.91 -30.49 -40.04
CA CYS B 358 -10.33 -30.79 -40.17
C CYS B 358 -10.89 -31.13 -38.79
N VAL B 359 -12.21 -31.09 -38.68
CA VAL B 359 -12.89 -31.41 -37.43
C VAL B 359 -13.30 -32.87 -37.49
N ALA B 360 -12.88 -33.65 -36.49
CA ALA B 360 -13.15 -35.08 -36.43
C ALA B 360 -14.46 -35.32 -35.69
N ASP B 361 -15.43 -35.89 -36.38
CA ASP B 361 -16.73 -36.22 -35.79
C ASP B 361 -16.75 -37.70 -35.43
N TYR B 362 -16.76 -37.99 -34.13
CA TYR B 362 -16.80 -39.35 -33.65
C TYR B 362 -18.21 -39.88 -33.46
N SER B 363 -19.23 -39.04 -33.70
CA SER B 363 -20.60 -39.52 -33.63
C SER B 363 -20.87 -40.56 -34.70
N VAL B 364 -20.34 -40.36 -35.91
CA VAL B 364 -20.49 -41.35 -36.97
C VAL B 364 -19.80 -42.64 -36.59
N LEU B 365 -18.62 -42.56 -35.96
CA LEU B 365 -17.92 -43.74 -35.51
C LEU B 365 -18.73 -44.49 -34.45
N TYR B 366 -19.34 -43.76 -33.53
CA TYR B 366 -20.18 -44.38 -32.51
C TYR B 366 -21.41 -45.04 -33.13
N ASN B 367 -21.98 -44.42 -34.16
CA ASN B 367 -23.20 -44.93 -34.80
C ASN B 367 -22.96 -46.23 -35.56
N PHE B 368 -21.70 -46.61 -35.79
CA PHE B 368 -21.42 -47.85 -36.51
C PHE B 368 -21.84 -49.05 -35.68
N ALA B 369 -22.75 -49.87 -36.23
CA ALA B 369 -23.39 -50.95 -35.50
C ALA B 369 -22.47 -52.16 -35.28
N PRO B 370 -21.84 -52.73 -36.34
CA PRO B 370 -21.13 -54.00 -36.14
C PRO B 370 -19.81 -53.87 -35.39
N PHE B 371 -19.55 -52.71 -34.79
CA PHE B 371 -18.35 -52.53 -33.98
C PHE B 371 -18.47 -53.36 -32.71
N PHE B 372 -17.50 -54.25 -32.47
CA PHE B 372 -17.48 -55.09 -31.29
C PHE B 372 -16.34 -54.77 -30.33
N ALA B 373 -15.18 -54.38 -30.86
CA ALA B 373 -14.02 -54.04 -30.04
C ALA B 373 -13.72 -52.56 -30.20
N PHE B 374 -13.68 -51.84 -29.07
CA PHE B 374 -13.39 -50.41 -29.08
C PHE B 374 -12.64 -50.09 -27.78
N LYS B 375 -11.30 -50.09 -27.87
CA LYS B 375 -10.44 -49.85 -26.72
C LYS B 375 -9.63 -48.59 -26.94
N CYS B 376 -9.62 -47.71 -25.94
CA CYS B 376 -8.85 -46.48 -25.99
C CYS B 376 -7.88 -46.47 -24.81
N TYR B 377 -6.63 -46.10 -25.09
CA TYR B 377 -5.57 -46.06 -24.08
C TYR B 377 -5.04 -44.65 -23.97
N GLY B 378 -5.02 -44.11 -22.75
CA GLY B 378 -4.50 -42.79 -22.48
C GLY B 378 -5.50 -41.66 -22.61
N VAL B 379 -6.65 -41.90 -23.26
CA VAL B 379 -7.68 -40.88 -23.44
C VAL B 379 -9.03 -41.47 -23.09
N SER B 380 -9.94 -40.61 -22.67
CA SER B 380 -11.30 -41.03 -22.38
C SER B 380 -12.11 -41.11 -23.67
N PRO B 381 -12.70 -42.26 -23.99
CA PRO B 381 -13.44 -42.37 -25.26
C PRO B 381 -14.58 -41.38 -25.40
N THR B 382 -15.21 -40.98 -24.30
CA THR B 382 -16.28 -39.99 -24.36
C THR B 382 -15.75 -38.58 -24.51
N LYS B 383 -14.45 -38.35 -24.35
CA LYS B 383 -13.85 -37.03 -24.44
C LYS B 383 -13.10 -36.80 -25.76
N LEU B 384 -13.23 -37.72 -26.71
CA LEU B 384 -12.59 -37.50 -28.02
C LEU B 384 -13.19 -36.31 -28.73
N ASN B 385 -14.50 -36.13 -28.66
CA ASN B 385 -15.15 -35.00 -29.29
C ASN B 385 -14.76 -33.67 -28.66
N ASP B 386 -14.26 -33.69 -27.42
CA ASP B 386 -13.83 -32.48 -26.72
C ASP B 386 -12.33 -32.25 -26.82
N LEU B 387 -11.53 -33.29 -26.68
CA LEU B 387 -10.08 -33.14 -26.74
C LEU B 387 -9.61 -32.90 -28.17
N CYS B 388 -8.63 -32.02 -28.32
CA CYS B 388 -8.05 -31.68 -29.61
C CYS B 388 -6.60 -32.16 -29.67
N PHE B 389 -6.13 -32.41 -30.89
CA PHE B 389 -4.79 -32.89 -31.12
C PHE B 389 -4.20 -32.16 -32.33
N THR B 390 -2.94 -32.48 -32.65
CA THR B 390 -2.30 -31.88 -33.81
C THR B 390 -2.65 -32.63 -35.10
N ASN B 391 -2.30 -33.91 -35.16
CA ASN B 391 -2.56 -34.72 -36.34
C ASN B 391 -3.11 -36.08 -35.92
N VAL B 392 -3.84 -36.70 -36.84
CA VAL B 392 -4.43 -38.02 -36.61
C VAL B 392 -3.86 -38.99 -37.62
N TYR B 393 -3.40 -40.13 -37.13
CA TYR B 393 -2.86 -41.20 -37.96
C TYR B 393 -3.80 -42.40 -37.89
N ALA B 394 -4.27 -42.86 -39.05
CA ALA B 394 -5.17 -43.99 -39.14
C ALA B 394 -4.49 -45.12 -39.91
N ASP B 395 -4.44 -46.30 -39.30
CA ASP B 395 -3.84 -47.48 -39.90
C ASP B 395 -4.91 -48.55 -40.04
N SER B 396 -5.15 -48.99 -41.26
CA SER B 396 -6.18 -49.97 -41.57
C SER B 396 -5.54 -51.26 -42.08
N PHE B 397 -5.96 -52.39 -41.52
CA PHE B 397 -5.43 -53.68 -41.92
C PHE B 397 -6.43 -54.76 -41.53
N VAL B 398 -6.25 -55.95 -42.11
CA VAL B 398 -7.13 -57.09 -41.89
C VAL B 398 -6.33 -58.20 -41.22
N ILE B 399 -6.82 -58.66 -40.07
CA ILE B 399 -6.19 -59.74 -39.31
C ILE B 399 -7.27 -60.75 -38.92
N LYS B 400 -6.85 -61.81 -38.25
CA LYS B 400 -7.76 -62.83 -37.77
C LYS B 400 -8.48 -62.35 -36.51
N GLY B 401 -9.55 -63.06 -36.15
CA GLY B 401 -10.30 -62.69 -34.96
C GLY B 401 -9.51 -62.85 -33.69
N ASN B 402 -8.77 -63.95 -33.56
CA ASN B 402 -7.94 -64.17 -32.37
C ASN B 402 -6.75 -63.24 -32.31
N GLU B 403 -6.36 -62.65 -33.44
CA GLU B 403 -5.23 -61.72 -33.48
C GLU B 403 -5.63 -60.30 -33.09
N VAL B 404 -6.91 -60.05 -32.82
CA VAL B 404 -7.35 -58.72 -32.43
C VAL B 404 -6.71 -58.31 -31.11
N SER B 405 -6.67 -59.24 -30.15
CA SER B 405 -6.06 -58.94 -28.86
C SER B 405 -4.57 -58.64 -28.98
N GLN B 406 -3.91 -59.12 -30.04
CA GLN B 406 -2.50 -58.83 -30.24
C GLN B 406 -2.24 -57.36 -30.56
N ILE B 407 -3.25 -56.64 -31.02
CA ILE B 407 -3.09 -55.21 -31.37
C ILE B 407 -3.37 -54.43 -30.09
N ALA B 408 -2.34 -54.29 -29.26
CA ALA B 408 -2.43 -53.57 -28.01
C ALA B 408 -1.02 -53.24 -27.54
N PRO B 409 -0.81 -52.09 -26.90
CA PRO B 409 0.55 -51.76 -26.42
C PRO B 409 1.03 -52.77 -25.39
N GLY B 410 2.32 -53.10 -25.48
CA GLY B 410 2.93 -54.03 -24.56
C GLY B 410 2.60 -55.48 -24.79
N GLN B 411 1.94 -55.80 -25.91
CA GLN B 411 1.57 -57.18 -26.21
C GLN B 411 2.67 -57.89 -27.00
N THR B 412 2.58 -59.21 -27.05
CA THR B 412 3.53 -60.04 -27.76
C THR B 412 2.79 -61.01 -28.68
N GLY B 413 3.45 -61.36 -29.77
CA GLY B 413 2.86 -62.26 -30.74
C GLY B 413 3.47 -62.05 -32.10
N ASN B 414 3.15 -62.97 -33.02
CA ASN B 414 3.68 -62.90 -34.37
C ASN B 414 3.23 -61.62 -35.07
N ILE B 415 1.94 -61.30 -34.97
CA ILE B 415 1.43 -60.08 -35.61
C ILE B 415 2.04 -58.84 -34.95
N ALA B 416 2.14 -58.83 -33.62
CA ALA B 416 2.71 -57.68 -32.94
C ALA B 416 4.19 -57.53 -33.25
N ASP B 417 4.94 -58.63 -33.22
CA ASP B 417 6.39 -58.54 -33.39
C ASP B 417 6.81 -58.27 -34.83
N TYR B 418 6.18 -58.95 -35.80
CA TYR B 418 6.68 -58.93 -37.17
C TYR B 418 5.71 -58.31 -38.18
N ASN B 419 4.50 -57.95 -37.77
CA ASN B 419 3.54 -57.37 -38.71
C ASN B 419 3.19 -55.93 -38.37
N TYR B 420 2.78 -55.66 -37.13
CA TYR B 420 2.41 -54.31 -36.72
C TYR B 420 2.66 -54.17 -35.22
N LYS B 421 3.58 -53.29 -34.85
CA LYS B 421 3.94 -53.07 -33.46
C LYS B 421 3.51 -51.68 -33.02
N LEU B 422 2.91 -51.59 -31.84
CA LEU B 422 2.48 -50.32 -31.28
C LEU B 422 3.40 -49.92 -30.12
N PRO B 423 3.63 -48.62 -29.94
CA PRO B 423 4.50 -48.20 -28.82
C PRO B 423 3.86 -48.48 -27.48
N ASP B 424 4.72 -48.65 -26.46
CA ASP B 424 4.24 -48.88 -25.11
C ASP B 424 3.47 -47.68 -24.59
N ASP B 425 3.87 -46.47 -24.98
CA ASP B 425 3.20 -45.24 -24.57
C ASP B 425 2.21 -44.76 -25.63
N PHE B 426 1.59 -45.68 -26.36
CA PHE B 426 0.64 -45.32 -27.40
C PHE B 426 -0.57 -44.62 -26.78
N THR B 427 -0.97 -43.51 -27.40
CA THR B 427 -2.12 -42.72 -26.94
C THR B 427 -3.13 -42.67 -28.10
N GLY B 428 -4.02 -43.64 -28.13
CA GLY B 428 -5.01 -43.70 -29.19
C GLY B 428 -6.02 -44.77 -28.93
N CYS B 429 -6.84 -45.03 -29.95
CA CYS B 429 -7.91 -46.02 -29.87
C CYS B 429 -7.74 -47.05 -30.97
N VAL B 430 -8.11 -48.30 -30.67
CA VAL B 430 -8.07 -49.40 -31.63
C VAL B 430 -9.50 -49.86 -31.87
N ILE B 431 -9.89 -49.91 -33.13
CA ILE B 431 -11.24 -50.26 -33.53
C ILE B 431 -11.19 -51.45 -34.49
N ALA B 432 -11.95 -52.49 -34.18
CA ALA B 432 -12.01 -53.69 -35.00
C ALA B 432 -13.47 -54.06 -35.25
N TRP B 433 -13.75 -54.53 -36.48
CA TRP B 433 -15.07 -55.02 -36.83
C TRP B 433 -14.93 -56.18 -37.79
N ASN B 434 -15.90 -57.10 -37.71
CA ASN B 434 -15.87 -58.30 -38.55
C ASN B 434 -16.13 -57.93 -40.01
N SER B 435 -15.48 -58.65 -40.91
CA SER B 435 -15.62 -58.47 -42.35
C SER B 435 -15.77 -59.82 -43.04
N ASN B 436 -16.49 -60.74 -42.40
CA ASN B 436 -16.70 -62.07 -42.98
C ASN B 436 -17.55 -61.98 -44.24
N LYS B 437 -18.54 -61.09 -44.27
CA LYS B 437 -19.40 -60.96 -45.43
C LYS B 437 -18.72 -60.28 -46.61
N LEU B 438 -17.53 -59.74 -46.43
CA LEU B 438 -16.83 -59.02 -47.49
C LEU B 438 -15.45 -59.57 -47.79
N ASP B 439 -14.71 -60.02 -46.77
CA ASP B 439 -13.33 -60.44 -46.95
C ASP B 439 -13.18 -61.96 -46.99
N SER B 440 -14.27 -62.70 -47.13
CA SER B 440 -14.24 -64.16 -47.20
C SER B 440 -14.64 -64.63 -48.59
N LYS B 441 -13.98 -65.69 -49.05
CA LYS B 441 -14.28 -66.30 -50.34
C LYS B 441 -14.50 -67.79 -50.14
N HIS B 442 -15.43 -68.35 -50.92
CA HIS B 442 -15.74 -69.77 -50.80
C HIS B 442 -14.52 -70.63 -51.13
N SER B 443 -13.78 -70.26 -52.17
CA SER B 443 -12.54 -70.95 -52.50
C SER B 443 -11.36 -70.53 -51.65
N GLY B 444 -11.53 -69.51 -50.81
CA GLY B 444 -10.46 -69.04 -49.96
C GLY B 444 -9.93 -67.68 -50.39
N ASN B 445 -9.84 -66.74 -49.44
CA ASN B 445 -9.33 -65.40 -49.70
C ASN B 445 -7.84 -65.40 -49.40
N TYR B 446 -7.04 -65.60 -50.44
CA TYR B 446 -5.59 -65.64 -50.31
C TYR B 446 -4.93 -64.29 -50.60
N ASP B 447 -5.73 -63.25 -50.88
CA ASP B 447 -5.16 -61.94 -51.16
C ASP B 447 -4.56 -61.28 -49.94
N TYR B 448 -4.90 -61.75 -48.74
CA TYR B 448 -4.38 -61.19 -47.50
C TYR B 448 -3.20 -62.02 -47.02
N TRP B 449 -2.10 -61.35 -46.72
CA TRP B 449 -0.87 -62.01 -46.28
C TRP B 449 -0.37 -61.37 -45.00
N TYR B 450 0.29 -62.18 -44.17
CA TYR B 450 0.86 -61.71 -42.91
C TYR B 450 2.31 -62.16 -42.81
N ARG B 451 3.14 -61.30 -42.21
CA ARG B 451 4.56 -61.59 -42.03
C ARG B 451 4.75 -62.25 -40.67
N SER B 452 4.82 -63.57 -40.65
CA SER B 452 4.99 -64.32 -39.41
C SER B 452 6.45 -64.57 -39.07
N LEU B 453 7.38 -64.20 -39.95
CA LEU B 453 8.80 -64.44 -39.73
C LEU B 453 9.60 -63.19 -40.07
N ARG B 454 10.52 -62.83 -39.20
CA ARG B 454 11.37 -61.67 -39.41
C ARG B 454 12.64 -61.83 -38.58
N LYS B 455 13.71 -61.18 -39.02
CA LYS B 455 14.98 -61.25 -38.29
C LYS B 455 14.86 -60.65 -36.90
N SER B 456 14.19 -59.51 -36.79
CA SER B 456 14.01 -58.83 -35.51
C SER B 456 12.58 -58.32 -35.42
N LYS B 457 12.13 -58.11 -34.18
CA LYS B 457 10.79 -57.59 -33.96
C LYS B 457 10.66 -56.17 -34.51
N LEU B 458 9.52 -55.89 -35.14
CA LEU B 458 9.29 -54.59 -35.74
C LEU B 458 9.20 -53.51 -34.67
N LYS B 459 9.79 -52.36 -34.97
CA LYS B 459 9.68 -51.20 -34.09
C LYS B 459 8.31 -50.56 -34.23
N PRO B 460 7.88 -49.79 -33.22
CA PRO B 460 6.60 -49.09 -33.33
C PRO B 460 6.60 -48.13 -34.52
N PHE B 461 5.43 -48.04 -35.17
CA PHE B 461 5.24 -47.18 -36.35
C PHE B 461 6.25 -47.52 -37.45
N GLU B 462 6.52 -48.81 -37.63
CA GLU B 462 7.41 -49.28 -38.68
C GLU B 462 6.69 -50.34 -39.50
N ARG B 463 6.78 -50.22 -40.83
CA ARG B 463 6.16 -51.14 -41.76
C ARG B 463 7.23 -51.87 -42.55
N ASP B 464 7.12 -53.19 -42.63
CA ASP B 464 8.06 -54.03 -43.37
C ASP B 464 7.43 -54.50 -44.66
N ILE B 465 8.12 -54.27 -45.77
CA ILE B 465 7.63 -54.66 -47.09
C ILE B 465 8.58 -55.60 -47.82
N SER B 466 9.79 -55.80 -47.32
CA SER B 466 10.75 -56.68 -47.99
C SER B 466 10.26 -58.11 -48.00
N THR B 467 10.47 -58.79 -49.13
CA THR B 467 10.06 -60.18 -49.29
C THR B 467 11.24 -61.14 -49.25
N GLU B 468 12.34 -60.74 -48.61
CA GLU B 468 13.52 -61.59 -48.50
C GLU B 468 13.18 -62.85 -47.71
N ILE B 469 13.63 -64.00 -48.21
CA ILE B 469 13.35 -65.28 -47.56
C ILE B 469 14.05 -65.32 -46.21
N TYR B 470 13.30 -65.70 -45.17
CA TYR B 470 13.86 -65.79 -43.83
C TYR B 470 14.95 -66.85 -43.77
N GLN B 471 16.06 -66.50 -43.13
CA GLN B 471 17.22 -67.39 -43.02
C GLN B 471 17.42 -67.76 -41.55
N ALA B 472 17.57 -69.06 -41.31
CA ALA B 472 17.80 -69.59 -39.96
C ALA B 472 19.24 -70.09 -39.89
N GLY B 473 20.07 -69.39 -39.14
CA GLY B 473 21.47 -69.77 -39.01
C GLY B 473 22.40 -68.88 -39.79
N ASN B 474 23.46 -69.46 -40.36
CA ASN B 474 24.43 -68.72 -41.14
C ASN B 474 24.50 -69.13 -42.60
N LYS B 475 23.85 -70.21 -42.98
CA LYS B 475 23.86 -70.65 -44.37
C LYS B 475 22.97 -69.74 -45.21
N PRO B 476 23.48 -69.14 -46.29
CA PRO B 476 22.64 -68.27 -47.12
C PRO B 476 21.49 -69.04 -47.75
N CYS B 477 20.36 -68.36 -47.92
CA CYS B 477 19.16 -68.95 -48.48
C CYS B 477 19.02 -68.54 -49.93
N LYS B 478 19.06 -69.52 -50.83
CA LYS B 478 18.89 -69.29 -52.26
C LYS B 478 17.50 -69.66 -52.75
N GLY B 479 16.60 -70.05 -51.87
CA GLY B 479 15.26 -70.44 -52.27
C GLY B 479 14.61 -71.26 -51.17
N LYS B 480 13.46 -71.83 -51.52
CA LYS B 480 12.72 -72.66 -50.59
C LYS B 480 13.50 -73.94 -50.30
N GLY B 481 13.53 -74.32 -49.01
CA GLY B 481 14.24 -75.50 -48.59
C GLY B 481 14.50 -75.51 -47.10
N PRO B 482 15.49 -76.30 -46.67
CA PRO B 482 15.83 -76.34 -45.24
C PRO B 482 16.28 -74.97 -44.74
N ASN B 483 15.93 -74.67 -43.49
CA ASN B 483 16.29 -73.45 -42.76
C ASN B 483 15.94 -72.18 -43.54
N CYS B 484 15.07 -72.29 -44.54
CA CYS B 484 14.61 -71.15 -45.33
C CYS B 484 13.10 -71.20 -45.41
N TYR B 485 12.45 -70.09 -45.05
CA TYR B 485 10.99 -70.01 -45.10
C TYR B 485 10.58 -68.64 -45.63
N PHE B 486 9.42 -68.60 -46.27
CA PHE B 486 8.89 -67.34 -46.78
C PHE B 486 8.35 -66.50 -45.64
N PRO B 487 8.79 -65.24 -45.51
CA PRO B 487 8.29 -64.40 -44.41
C PRO B 487 6.80 -64.17 -44.45
N LEU B 488 6.20 -64.09 -45.63
CA LEU B 488 4.77 -63.82 -45.78
C LEU B 488 4.01 -65.12 -46.00
N GLN B 489 2.85 -65.22 -45.37
CA GLN B 489 1.99 -66.39 -45.48
C GLN B 489 0.57 -65.94 -45.79
N SER B 490 -0.10 -66.68 -46.67
CA SER B 490 -1.46 -66.34 -47.06
C SER B 490 -2.43 -66.64 -45.92
N TYR B 491 -3.37 -65.73 -45.70
CA TYR B 491 -4.36 -65.93 -44.65
C TYR B 491 -5.34 -67.04 -45.01
N GLY B 492 -5.80 -67.08 -46.26
CA GLY B 492 -6.75 -68.08 -46.69
C GLY B 492 -8.09 -68.01 -45.98
N PHE B 493 -8.63 -66.80 -45.87
CA PHE B 493 -9.90 -66.60 -45.17
C PHE B 493 -11.04 -67.32 -45.89
N ARG B 494 -11.89 -67.99 -45.11
CA ARG B 494 -13.04 -68.70 -45.62
C ARG B 494 -14.24 -68.43 -44.73
N PRO B 495 -15.43 -68.26 -45.31
CA PRO B 495 -16.63 -68.05 -44.48
C PRO B 495 -16.93 -69.22 -43.56
N THR B 496 -16.62 -70.45 -43.96
CA THR B 496 -16.89 -71.62 -43.14
C THR B 496 -15.97 -71.71 -41.92
N TYR B 497 -14.93 -70.89 -41.85
CA TYR B 497 -14.02 -70.92 -40.71
C TYR B 497 -14.72 -70.39 -39.46
N GLY B 498 -14.08 -70.63 -38.31
CA GLY B 498 -14.62 -70.21 -37.04
C GLY B 498 -14.52 -68.71 -36.84
N VAL B 499 -15.02 -68.27 -35.67
CA VAL B 499 -15.02 -66.85 -35.35
C VAL B 499 -13.59 -66.33 -35.24
N GLY B 500 -12.70 -67.10 -34.60
CA GLY B 500 -11.33 -66.66 -34.46
C GLY B 500 -10.59 -66.59 -35.78
N HIS B 501 -10.89 -67.51 -36.70
CA HIS B 501 -10.21 -67.57 -37.98
C HIS B 501 -10.87 -66.72 -39.06
N GLN B 502 -12.00 -66.08 -38.75
CA GLN B 502 -12.65 -65.24 -39.73
C GLN B 502 -11.85 -63.96 -39.96
N PRO B 503 -11.95 -63.36 -41.15
CA PRO B 503 -11.27 -62.08 -41.39
C PRO B 503 -11.90 -60.96 -40.58
N TYR B 504 -11.04 -60.15 -39.96
CA TYR B 504 -11.49 -59.01 -39.16
C TYR B 504 -10.73 -57.77 -39.61
N ARG B 505 -11.48 -56.71 -39.88
CA ARG B 505 -10.89 -55.43 -40.28
C ARG B 505 -10.60 -54.59 -39.04
N VAL B 506 -9.35 -54.17 -38.89
CA VAL B 506 -8.90 -53.42 -37.72
C VAL B 506 -8.36 -52.08 -38.19
N VAL B 507 -8.86 -51.01 -37.61
CA VAL B 507 -8.39 -49.66 -37.89
C VAL B 507 -7.88 -49.07 -36.57
N VAL B 508 -6.64 -48.61 -36.56
CA VAL B 508 -6.00 -48.05 -35.38
C VAL B 508 -5.90 -46.54 -35.56
N LEU B 509 -6.40 -45.80 -34.58
CA LEU B 509 -6.36 -44.34 -34.60
C LEU B 509 -5.23 -43.88 -33.69
N SER B 510 -4.22 -43.24 -34.29
CA SER B 510 -3.07 -42.72 -33.56
C SER B 510 -3.19 -41.21 -33.46
N PHE B 511 -3.02 -40.67 -32.25
CA PHE B 511 -3.16 -39.25 -31.99
C PHE B 511 -1.78 -38.65 -31.72
N GLU B 512 -1.49 -37.54 -32.41
CA GLU B 512 -0.23 -36.84 -32.24
C GLU B 512 -0.31 -35.86 -31.07
N LEU B 513 0.74 -35.85 -30.26
CA LEU B 513 0.76 -34.98 -29.08
C LEU B 513 0.86 -33.51 -29.50
N LEU B 514 0.72 -32.63 -28.50
CA LEU B 514 0.70 -31.19 -28.75
C LEU B 514 2.13 -30.65 -28.84
N HIS B 515 2.81 -31.04 -29.91
CA HIS B 515 4.10 -30.48 -30.25
C HIS B 515 3.99 -29.39 -31.31
N ALA B 516 2.95 -29.42 -32.12
CA ALA B 516 2.62 -28.42 -33.12
C ALA B 516 1.21 -27.90 -32.88
N PRO B 517 0.86 -26.72 -33.40
CA PRO B 517 -0.47 -26.18 -33.17
C PRO B 517 -1.56 -27.15 -33.63
N ALA B 518 -2.63 -27.23 -32.85
CA ALA B 518 -3.67 -28.21 -33.08
C ALA B 518 -4.39 -27.94 -34.40
N THR B 519 -4.65 -29.01 -35.15
CA THR B 519 -5.36 -28.92 -36.42
C THR B 519 -6.66 -29.72 -36.46
N VAL B 520 -6.90 -30.59 -35.49
CA VAL B 520 -8.08 -31.45 -35.47
C VAL B 520 -8.81 -31.26 -34.15
N CYS B 521 -10.12 -31.10 -34.22
CA CYS B 521 -10.96 -30.93 -33.04
C CYS B 521 -12.28 -31.67 -33.28
N GLY B 522 -13.21 -31.51 -32.34
CA GLY B 522 -14.49 -32.16 -32.43
C GLY B 522 -15.64 -31.16 -32.56
N PRO B 523 -16.77 -31.62 -33.09
CA PRO B 523 -17.93 -30.74 -33.29
C PRO B 523 -18.80 -30.61 -32.03
N LYS B 524 -18.21 -30.06 -30.98
CA LYS B 524 -18.93 -29.86 -29.71
C LYS B 524 -19.60 -28.49 -29.74
N LYS B 525 -20.70 -28.41 -30.49
CA LYS B 525 -21.45 -27.18 -30.64
C LYS B 525 -22.93 -27.52 -30.73
N SER B 526 -23.77 -26.64 -30.16
CA SER B 526 -25.21 -26.87 -30.11
C SER B 526 -25.89 -25.54 -29.76
N THR B 527 -27.18 -25.62 -29.41
CA THR B 527 -27.95 -24.52 -28.84
C THR B 527 -28.20 -23.38 -29.82
N ASN B 528 -29.09 -22.45 -29.45
CA ASN B 528 -29.50 -21.34 -30.27
C ASN B 528 -28.82 -20.05 -29.78
N LEU B 529 -29.24 -18.91 -30.33
CA LEU B 529 -28.60 -17.63 -30.02
C LEU B 529 -29.28 -16.88 -28.89
N VAL B 530 -30.62 -16.91 -28.84
CA VAL B 530 -31.49 -16.23 -27.89
C VAL B 530 -30.97 -14.85 -27.47
N LYS B 531 -31.56 -13.80 -28.02
CA LYS B 531 -31.14 -12.43 -27.75
C LYS B 531 -32.00 -11.80 -26.66
N ASN B 532 -31.53 -10.65 -26.16
CA ASN B 532 -32.26 -9.83 -25.19
C ASN B 532 -32.56 -10.60 -23.91
N LYS B 533 -31.55 -11.30 -23.40
CA LYS B 533 -31.68 -12.00 -22.12
C LYS B 533 -30.30 -12.20 -21.53
N CYS B 534 -30.26 -12.34 -20.21
CA CYS B 534 -29.01 -12.53 -19.49
C CYS B 534 -28.65 -14.01 -19.52
N VAL B 535 -27.65 -14.35 -20.33
CA VAL B 535 -27.22 -15.73 -20.52
C VAL B 535 -25.70 -15.76 -20.53
N ASN B 536 -25.15 -16.96 -20.68
CA ASN B 536 -23.71 -17.17 -20.83
C ASN B 536 -23.43 -17.65 -22.24
N PHE B 537 -22.34 -17.17 -22.83
CA PHE B 537 -22.03 -17.45 -24.23
C PHE B 537 -20.60 -17.92 -24.36
N ASN B 538 -20.35 -18.65 -25.45
CA ASN B 538 -19.02 -19.11 -25.81
C ASN B 538 -18.90 -19.04 -27.32
N PHE B 539 -18.11 -18.09 -27.82
CA PHE B 539 -17.95 -17.86 -29.26
C PHE B 539 -16.49 -18.14 -29.64
N ASN B 540 -16.26 -19.29 -30.25
CA ASN B 540 -14.94 -19.66 -30.76
C ASN B 540 -13.86 -19.57 -29.67
N GLY B 541 -14.21 -20.01 -28.47
CA GLY B 541 -13.32 -19.96 -27.34
C GLY B 541 -13.40 -18.69 -26.53
N LEU B 542 -14.14 -17.68 -26.98
CA LEU B 542 -14.37 -16.46 -26.21
C LEU B 542 -15.62 -16.65 -25.37
N THR B 543 -15.48 -16.50 -24.06
CA THR B 543 -16.58 -16.74 -23.14
C THR B 543 -16.86 -15.48 -22.32
N GLY B 544 -18.06 -15.44 -21.75
CA GLY B 544 -18.47 -14.32 -20.93
C GLY B 544 -19.92 -14.45 -20.53
N THR B 545 -20.40 -13.43 -19.85
CA THR B 545 -21.78 -13.39 -19.38
C THR B 545 -22.35 -11.99 -19.63
N GLY B 546 -23.51 -11.94 -20.25
CA GLY B 546 -24.15 -10.67 -20.53
C GLY B 546 -25.38 -10.87 -21.38
N VAL B 547 -25.87 -9.75 -21.92
CA VAL B 547 -27.02 -9.76 -22.82
C VAL B 547 -26.51 -9.46 -24.22
N LEU B 548 -27.22 -9.98 -25.22
CA LEU B 548 -26.81 -9.84 -26.62
C LEU B 548 -27.94 -9.16 -27.39
N THR B 549 -27.63 -8.03 -28.00
CA THR B 549 -28.60 -7.26 -28.77
C THR B 549 -28.06 -7.00 -30.16
N LYS B 550 -28.97 -6.71 -31.08
CA LYS B 550 -28.56 -6.32 -32.43
C LYS B 550 -27.82 -5.00 -32.39
N SER B 551 -26.70 -4.92 -33.11
CA SER B 551 -25.85 -3.75 -33.12
C SER B 551 -25.85 -3.12 -34.51
N ASN B 552 -25.09 -2.03 -34.64
CA ASN B 552 -24.90 -1.36 -35.91
C ASN B 552 -23.44 -1.18 -36.28
N LYS B 553 -22.51 -1.60 -35.42
CA LYS B 553 -21.09 -1.50 -35.74
C LYS B 553 -20.76 -2.45 -36.89
N LYS B 554 -20.04 -1.95 -37.88
CA LYS B 554 -19.71 -2.71 -39.07
C LYS B 554 -18.31 -3.29 -38.91
N PHE B 555 -18.23 -4.61 -38.70
CA PHE B 555 -16.94 -5.26 -38.61
C PHE B 555 -16.31 -5.38 -40.00
N LEU B 556 -14.98 -5.45 -40.03
CA LEU B 556 -14.30 -5.80 -41.26
C LEU B 556 -14.49 -7.29 -41.55
N PRO B 557 -14.36 -7.69 -42.81
CA PRO B 557 -14.64 -9.09 -43.17
C PRO B 557 -13.88 -10.11 -42.35
N PHE B 558 -12.73 -9.73 -41.78
CA PHE B 558 -11.91 -10.66 -41.02
C PHE B 558 -12.02 -10.49 -39.52
N GLN B 559 -12.38 -9.30 -39.04
CA GLN B 559 -12.44 -9.07 -37.60
C GLN B 559 -13.52 -9.94 -36.96
N GLN B 560 -13.18 -10.56 -35.84
CA GLN B 560 -14.09 -11.48 -35.16
C GLN B 560 -14.91 -10.80 -34.07
N PHE B 561 -14.24 -10.23 -33.06
CA PHE B 561 -14.94 -9.60 -31.96
C PHE B 561 -14.33 -8.24 -31.66
N GLY B 562 -15.16 -7.33 -31.16
CA GLY B 562 -14.76 -5.98 -30.88
C GLY B 562 -14.49 -5.75 -29.40
N ARG B 563 -13.58 -4.82 -29.12
CA ARG B 563 -13.19 -4.48 -27.77
C ARG B 563 -13.31 -2.98 -27.57
N ASP B 564 -13.22 -2.56 -26.31
CA ASP B 564 -13.42 -1.18 -25.92
C ASP B 564 -12.09 -0.49 -25.64
N ILE B 565 -12.17 0.80 -25.32
CA ILE B 565 -10.97 1.58 -25.01
C ILE B 565 -10.31 1.05 -23.74
N VAL B 566 -11.11 0.61 -22.77
CA VAL B 566 -10.60 0.05 -21.53
C VAL B 566 -10.23 -1.41 -21.75
N ASP B 567 -10.30 -1.86 -23.00
CA ASP B 567 -9.89 -3.20 -23.43
C ASP B 567 -10.69 -4.27 -22.68
N THR B 568 -12.00 -4.26 -22.97
CA THR B 568 -12.92 -5.28 -22.53
C THR B 568 -13.80 -5.68 -23.72
N THR B 569 -14.23 -6.94 -23.72
CA THR B 569 -15.05 -7.43 -24.83
C THR B 569 -16.36 -6.65 -24.90
N ASP B 570 -16.68 -6.16 -26.08
CA ASP B 570 -17.86 -5.33 -26.24
C ASP B 570 -18.82 -5.84 -27.32
N ALA B 571 -18.30 -6.32 -28.43
CA ALA B 571 -19.16 -6.80 -29.52
C ALA B 571 -18.49 -7.99 -30.18
N VAL B 572 -19.29 -9.02 -30.48
CA VAL B 572 -18.80 -10.23 -31.12
C VAL B 572 -19.62 -10.53 -32.35
N ARG B 573 -19.02 -11.29 -33.27
CA ARG B 573 -19.66 -11.70 -34.51
C ARG B 573 -20.04 -13.18 -34.39
N ASP B 574 -21.29 -13.48 -34.74
CA ASP B 574 -21.77 -14.85 -34.63
C ASP B 574 -21.06 -15.73 -35.65
N PRO B 575 -20.39 -16.79 -35.25
CA PRO B 575 -19.62 -17.60 -36.22
C PRO B 575 -20.49 -18.25 -37.28
N GLN B 576 -21.77 -18.48 -37.03
CA GLN B 576 -22.60 -19.19 -37.99
C GLN B 576 -23.09 -18.29 -39.12
N THR B 577 -23.89 -17.28 -38.78
CA THR B 577 -24.52 -16.42 -39.77
C THR B 577 -23.80 -15.10 -39.97
N LEU B 578 -22.61 -14.94 -39.39
CA LEU B 578 -21.81 -13.72 -39.51
C LEU B 578 -22.55 -12.49 -39.01
N GLU B 579 -23.54 -12.67 -38.15
CA GLU B 579 -24.29 -11.56 -37.60
C GLU B 579 -23.47 -10.87 -36.51
N ILE B 580 -23.65 -9.56 -36.41
CA ILE B 580 -22.95 -8.76 -35.41
C ILE B 580 -23.83 -8.61 -34.18
N LEU B 581 -23.20 -8.66 -33.01
CA LEU B 581 -23.91 -8.52 -31.74
C LEU B 581 -23.03 -7.73 -30.78
N ASP B 582 -23.67 -6.92 -29.94
CA ASP B 582 -22.97 -6.21 -28.89
C ASP B 582 -23.18 -6.93 -27.56
N ILE B 583 -22.19 -6.86 -26.70
CA ILE B 583 -22.23 -7.52 -25.39
C ILE B 583 -22.37 -6.45 -24.33
N THR B 584 -23.49 -6.50 -23.60
CA THR B 584 -23.73 -5.61 -22.48
C THR B 584 -23.81 -6.43 -21.20
N PRO B 585 -23.00 -6.11 -20.18
CA PRO B 585 -23.02 -6.93 -18.95
C PRO B 585 -24.39 -6.87 -18.28
N CYS B 586 -24.78 -8.00 -17.68
CA CYS B 586 -26.02 -8.05 -16.94
C CYS B 586 -25.96 -7.07 -15.78
N SER B 587 -27.08 -6.41 -15.52
CA SER B 587 -27.08 -5.25 -14.64
C SER B 587 -26.69 -5.63 -13.21
N PHE B 588 -26.08 -4.69 -12.51
CA PHE B 588 -25.67 -4.89 -11.13
C PHE B 588 -25.55 -3.53 -10.45
N GLY B 589 -25.49 -3.56 -9.13
CA GLY B 589 -25.30 -2.35 -8.36
C GLY B 589 -25.36 -2.65 -6.88
N GLY B 590 -24.94 -1.68 -6.09
CA GLY B 590 -25.02 -1.82 -4.66
C GLY B 590 -26.44 -1.76 -4.16
N VAL B 591 -26.67 -2.35 -2.99
CA VAL B 591 -27.97 -2.34 -2.34
C VAL B 591 -27.81 -1.60 -1.02
N SER B 592 -28.56 -0.53 -0.85
CA SER B 592 -28.51 0.28 0.36
C SER B 592 -29.83 0.11 1.12
N VAL B 593 -29.73 -0.20 2.40
CA VAL B 593 -30.88 -0.41 3.26
C VAL B 593 -31.12 0.86 4.06
N ILE B 594 -32.33 1.40 3.98
CA ILE B 594 -32.70 2.61 4.71
C ILE B 594 -33.58 2.18 5.87
N THR B 595 -33.09 2.39 7.09
CA THR B 595 -33.82 2.01 8.28
C THR B 595 -33.95 3.21 9.21
N PRO B 596 -35.09 3.36 9.90
CA PRO B 596 -35.24 4.46 10.85
C PRO B 596 -34.69 4.16 12.23
N GLY B 597 -34.13 2.98 12.45
CA GLY B 597 -33.64 2.60 13.76
C GLY B 597 -34.38 1.40 14.30
N THR B 598 -33.66 0.31 14.56
CA THR B 598 -34.33 -0.93 14.95
C THR B 598 -35.07 -0.79 16.27
N ASN B 599 -34.64 0.13 17.14
CA ASN B 599 -35.40 0.38 18.36
C ASN B 599 -36.73 1.03 18.05
N THR B 600 -36.77 1.94 17.08
CA THR B 600 -38.02 2.58 16.70
C THR B 600 -38.93 1.61 15.94
N SER B 601 -38.37 0.91 14.95
CA SER B 601 -39.13 -0.05 14.17
C SER B 601 -38.16 -0.90 13.37
N ASN B 602 -38.66 -2.03 12.87
CA ASN B 602 -37.84 -2.95 12.11
C ASN B 602 -38.12 -2.89 10.60
N GLN B 603 -38.89 -1.91 10.15
CA GLN B 603 -39.12 -1.76 8.72
C GLN B 603 -37.87 -1.24 8.03
N VAL B 604 -37.80 -1.48 6.72
CA VAL B 604 -36.67 -1.05 5.91
C VAL B 604 -37.19 -0.60 4.55
N ALA B 605 -36.30 0.01 3.77
CA ALA B 605 -36.60 0.39 2.39
C ALA B 605 -35.31 0.27 1.60
N VAL B 606 -35.22 -0.74 0.75
CA VAL B 606 -33.98 -1.02 0.03
C VAL B 606 -33.88 -0.13 -1.19
N LEU B 607 -32.65 0.25 -1.54
CA LEU B 607 -32.38 1.07 -2.71
C LEU B 607 -31.41 0.30 -3.60
N TYR B 608 -31.90 -0.14 -4.76
CA TYR B 608 -31.06 -0.81 -5.73
C TYR B 608 -30.33 0.25 -6.54
N GLN B 609 -29.07 0.49 -6.20
CA GLN B 609 -28.35 1.64 -6.75
C GLN B 609 -28.08 1.49 -8.23
N GLY B 610 -28.24 2.59 -8.96
CA GLY B 610 -27.85 2.66 -10.35
C GLY B 610 -28.55 1.68 -11.27
N VAL B 611 -29.88 1.61 -11.19
CA VAL B 611 -30.64 0.73 -12.05
C VAL B 611 -32.06 1.27 -12.16
N ASN B 612 -32.75 0.89 -13.23
CA ASN B 612 -34.14 1.26 -13.46
C ASN B 612 -35.06 0.35 -12.64
N CYS B 613 -36.27 0.84 -12.38
CA CYS B 613 -37.23 0.07 -11.60
C CYS B 613 -37.85 -1.06 -12.41
N THR B 614 -38.13 -0.83 -13.69
CA THR B 614 -38.76 -1.86 -14.51
C THR B 614 -37.87 -3.10 -14.63
N GLU B 615 -36.57 -2.89 -14.81
CA GLU B 615 -35.65 -4.02 -14.89
C GLU B 615 -35.61 -4.81 -13.59
N VAL B 616 -35.62 -4.11 -12.46
CA VAL B 616 -35.62 -4.79 -11.17
C VAL B 616 -36.89 -5.61 -10.99
N SER B 617 -38.04 -5.03 -11.37
CA SER B 617 -39.29 -5.79 -11.26
C SER B 617 -39.28 -7.01 -12.16
N VAL B 618 -38.76 -6.87 -13.38
CA VAL B 618 -38.68 -8.00 -14.29
C VAL B 618 -37.79 -9.09 -13.72
N ALA B 619 -36.65 -8.70 -13.15
CA ALA B 619 -35.77 -9.68 -12.52
C ALA B 619 -36.46 -10.34 -11.33
N ILE B 620 -37.28 -9.59 -10.60
CA ILE B 620 -38.05 -10.16 -9.50
C ILE B 620 -38.98 -11.24 -10.03
N HIS B 621 -39.67 -10.97 -11.13
CA HIS B 621 -40.60 -11.94 -11.70
C HIS B 621 -39.89 -13.12 -12.37
N ALA B 622 -38.58 -13.06 -12.53
CA ALA B 622 -37.83 -14.15 -13.16
C ALA B 622 -36.80 -14.77 -12.21
N ASP B 623 -36.88 -14.47 -10.92
CA ASP B 623 -35.97 -14.96 -9.88
C ASP B 623 -34.53 -14.99 -10.37
N GLN B 624 -34.06 -13.81 -10.78
CA GLN B 624 -32.68 -13.63 -11.24
C GLN B 624 -31.83 -12.82 -10.27
N LEU B 625 -32.42 -12.21 -9.25
CA LEU B 625 -31.67 -11.34 -8.35
C LEU B 625 -30.82 -12.17 -7.40
N THR B 626 -29.54 -11.79 -7.29
CA THR B 626 -28.64 -12.52 -6.39
C THR B 626 -29.06 -12.43 -4.93
N PRO B 627 -29.36 -11.25 -4.35
CA PRO B 627 -29.85 -11.24 -2.96
C PRO B 627 -31.27 -11.77 -2.89
N THR B 628 -31.45 -12.90 -2.23
CA THR B 628 -32.72 -13.64 -2.24
C THR B 628 -33.62 -13.29 -1.06
N TRP B 629 -33.54 -12.07 -0.55
CA TRP B 629 -34.41 -11.60 0.51
C TRP B 629 -35.43 -10.58 0.00
N ARG B 630 -35.91 -10.80 -1.23
CA ARG B 630 -36.74 -9.84 -1.95
C ARG B 630 -37.79 -9.19 -1.05
N VAL B 631 -37.92 -7.89 -1.19
CA VAL B 631 -38.85 -7.11 -0.37
C VAL B 631 -40.18 -6.99 -1.11
N TYR B 632 -41.25 -6.88 -0.34
CA TYR B 632 -42.60 -6.88 -0.90
C TYR B 632 -42.95 -5.49 -1.40
N SER B 633 -43.46 -5.42 -2.63
CA SER B 633 -43.78 -4.16 -3.30
C SER B 633 -45.27 -4.07 -3.50
N THR B 634 -45.85 -2.93 -3.13
CA THR B 634 -47.28 -2.68 -3.28
C THR B 634 -47.65 -2.10 -4.64
N GLY B 635 -46.67 -1.88 -5.50
CA GLY B 635 -46.90 -1.14 -6.74
C GLY B 635 -46.69 0.34 -6.55
N SER B 636 -47.27 0.90 -5.48
CA SER B 636 -46.98 2.26 -5.06
C SER B 636 -45.75 2.35 -4.17
N ASN B 637 -45.25 1.22 -3.67
CA ASN B 637 -44.04 1.23 -2.86
C ASN B 637 -42.79 1.46 -3.70
N VAL B 638 -42.81 1.01 -4.95
CA VAL B 638 -41.67 1.24 -5.83
C VAL B 638 -41.60 2.72 -6.19
N PHE B 639 -40.39 3.19 -6.45
CA PHE B 639 -40.17 4.60 -6.76
C PHE B 639 -38.85 4.74 -7.48
N GLN B 640 -38.86 5.43 -8.62
CA GLN B 640 -37.68 5.59 -9.46
C GLN B 640 -37.01 6.91 -9.14
N THR B 641 -35.89 6.85 -8.44
CA THR B 641 -35.05 8.00 -8.19
C THR B 641 -33.82 7.94 -9.10
N ARG B 642 -33.13 9.08 -9.21
CA ARG B 642 -31.93 9.11 -10.02
C ARG B 642 -30.81 8.28 -9.44
N ALA B 643 -30.83 8.03 -8.13
CA ALA B 643 -29.82 7.18 -7.52
C ALA B 643 -30.09 5.71 -7.79
N GLY B 644 -31.35 5.30 -7.81
CA GLY B 644 -31.69 3.92 -8.04
C GLY B 644 -33.15 3.68 -7.77
N CYS B 645 -33.55 2.42 -7.93
CA CYS B 645 -34.94 2.01 -7.74
C CYS B 645 -35.20 1.80 -6.26
N LEU B 646 -35.65 2.86 -5.59
CA LEU B 646 -35.93 2.81 -4.16
C LEU B 646 -37.26 2.11 -3.95
N ILE B 647 -37.23 0.88 -3.45
CA ILE B 647 -38.43 0.06 -3.25
C ILE B 647 -38.67 -0.09 -1.76
N GLY B 648 -39.88 0.24 -1.33
CA GLY B 648 -40.24 0.17 0.08
C GLY B 648 -40.59 1.49 0.71
N ALA B 649 -40.46 2.60 0.02
CA ALA B 649 -40.79 3.91 0.56
C ALA B 649 -41.93 4.54 -0.24
N GLU B 650 -42.72 5.35 0.43
CA GLU B 650 -43.88 6.01 -0.18
C GLU B 650 -43.51 7.45 -0.52
N TYR B 651 -43.68 7.83 -1.79
CA TYR B 651 -43.40 9.19 -2.20
C TYR B 651 -44.44 10.15 -1.64
N VAL B 652 -43.98 11.25 -1.08
CA VAL B 652 -44.84 12.34 -0.64
C VAL B 652 -44.47 13.59 -1.42
N ASN B 653 -45.45 14.44 -1.69
CA ASN B 653 -45.22 15.62 -2.51
C ASN B 653 -44.68 16.81 -1.73
N ASN B 654 -44.57 16.70 -0.41
CA ASN B 654 -44.12 17.81 0.41
C ASN B 654 -42.59 17.91 0.36
N SER B 655 -42.02 18.74 1.22
CA SER B 655 -40.59 18.89 1.34
C SER B 655 -40.23 19.10 2.80
N TYR B 656 -39.17 18.45 3.25
CA TYR B 656 -38.71 18.56 4.63
C TYR B 656 -37.19 18.61 4.62
N GLU B 657 -36.61 18.80 5.81
CA GLU B 657 -35.16 18.67 5.95
C GLU B 657 -34.76 17.21 5.78
N CYS B 658 -33.58 17.01 5.19
CA CYS B 658 -33.13 15.66 4.90
C CYS B 658 -32.80 14.91 6.18
N ASP B 659 -33.36 13.72 6.33
CA ASP B 659 -33.11 12.86 7.48
C ASP B 659 -32.16 11.73 7.14
N ILE B 660 -32.49 10.93 6.14
CA ILE B 660 -31.63 9.85 5.67
C ILE B 660 -31.25 10.13 4.23
N PRO B 661 -30.03 10.56 3.95
CA PRO B 661 -29.66 10.93 2.59
C PRO B 661 -29.59 9.74 1.64
N ILE B 662 -30.54 9.67 0.70
CA ILE B 662 -30.52 8.59 -0.28
C ILE B 662 -29.62 8.97 -1.46
N GLY B 663 -29.80 10.16 -1.99
CA GLY B 663 -28.97 10.65 -3.09
C GLY B 663 -29.81 11.33 -4.15
N ALA B 664 -29.15 12.17 -4.94
CA ALA B 664 -29.78 12.89 -6.06
C ALA B 664 -30.98 13.68 -5.58
N GLY B 665 -30.84 14.33 -4.42
CA GLY B 665 -31.86 15.22 -3.92
C GLY B 665 -33.04 14.54 -3.26
N ILE B 666 -33.04 13.21 -3.16
CA ILE B 666 -34.13 12.46 -2.56
C ILE B 666 -33.66 11.96 -1.19
N CYS B 667 -34.47 12.18 -0.17
CA CYS B 667 -34.20 11.71 1.17
C CYS B 667 -35.38 10.88 1.66
N ALA B 668 -35.26 10.36 2.88
CA ALA B 668 -36.31 9.54 3.47
C ALA B 668 -36.33 9.76 4.96
N SER B 669 -37.47 9.46 5.57
CA SER B 669 -37.64 9.63 7.01
C SER B 669 -38.81 8.79 7.48
N TYR B 670 -38.87 8.59 8.80
CA TYR B 670 -39.94 7.83 9.43
C TYR B 670 -41.01 8.81 9.92
N GLN B 671 -42.16 8.80 9.25
CA GLN B 671 -43.23 9.73 9.59
C GLN B 671 -44.53 9.21 9.01
N THR B 672 -45.63 9.55 9.67
CA THR B 672 -46.96 9.13 9.24
C THR B 672 -47.29 9.68 7.86
N SER B 685 -50.11 5.01 11.99
CA SER B 685 -49.38 4.01 11.22
C SER B 685 -48.14 4.63 10.58
N GLN B 686 -47.00 4.50 11.25
CA GLN B 686 -45.77 5.07 10.74
C GLN B 686 -45.26 4.27 9.54
N SER B 687 -44.59 4.95 8.63
CA SER B 687 -44.04 4.33 7.43
C SER B 687 -42.87 5.17 6.95
N ILE B 688 -42.07 4.57 6.07
CA ILE B 688 -40.93 5.26 5.47
C ILE B 688 -41.43 6.09 4.30
N ILE B 689 -41.21 7.40 4.35
CA ILE B 689 -41.64 8.32 3.31
C ILE B 689 -40.42 8.92 2.63
N ALA B 690 -40.47 9.00 1.31
CA ALA B 690 -39.41 9.61 0.52
C ALA B 690 -39.91 10.95 -0.02
N TYR B 691 -39.10 11.99 0.12
CA TYR B 691 -39.47 13.32 -0.33
C TYR B 691 -38.27 13.96 -1.03
N THR B 692 -38.47 15.19 -1.48
CA THR B 692 -37.40 15.97 -2.09
C THR B 692 -36.82 16.92 -1.06
N MET B 693 -35.50 17.08 -1.08
CA MET B 693 -34.82 17.90 -0.09
C MET B 693 -35.35 19.32 -0.11
N SER B 694 -35.50 19.90 1.08
CA SER B 694 -35.94 21.27 1.25
C SER B 694 -34.76 22.12 1.69
N LEU B 695 -34.51 23.21 0.97
CA LEU B 695 -33.37 24.08 1.24
C LEU B 695 -33.69 25.20 2.21
N GLY B 696 -34.89 25.20 2.79
CA GLY B 696 -35.28 26.21 3.76
C GLY B 696 -36.55 26.93 3.35
N ALA B 697 -37.03 27.74 4.29
CA ALA B 697 -38.26 28.49 4.06
C ALA B 697 -38.05 29.52 2.95
N GLU B 698 -39.09 29.73 2.15
CA GLU B 698 -39.04 30.69 1.05
C GLU B 698 -39.16 32.09 1.64
N ASN B 699 -38.03 32.76 1.79
CA ASN B 699 -37.99 34.12 2.32
C ASN B 699 -37.75 35.09 1.17
N SER B 700 -38.61 36.09 1.05
CA SER B 700 -38.48 37.13 0.03
C SER B 700 -38.18 38.45 0.72
N VAL B 701 -36.95 38.94 0.55
CA VAL B 701 -36.55 40.19 1.19
C VAL B 701 -37.32 41.34 0.57
N ALA B 702 -37.92 42.18 1.41
CA ALA B 702 -38.70 43.31 0.94
C ALA B 702 -37.78 44.47 0.58
N TYR B 703 -36.88 44.19 -0.36
CA TYR B 703 -35.86 45.17 -0.75
C TYR B 703 -36.52 46.34 -1.43
N SER B 704 -36.45 47.50 -0.79
CA SER B 704 -36.82 48.75 -1.41
C SER B 704 -35.60 49.66 -1.42
N ASN B 705 -35.42 50.37 -2.52
CA ASN B 705 -34.32 51.28 -2.74
C ASN B 705 -34.50 52.66 -2.11
N ASN B 706 -35.38 52.72 -1.12
CA ASN B 706 -35.54 53.92 -0.30
C ASN B 706 -35.66 53.61 1.18
N SER B 707 -35.89 52.34 1.56
CA SER B 707 -36.11 51.94 2.94
C SER B 707 -34.95 51.11 3.46
N ILE B 708 -34.72 51.21 4.77
CA ILE B 708 -33.68 50.45 5.46
C ILE B 708 -34.29 49.83 6.71
N ALA B 709 -33.74 48.69 7.12
CA ALA B 709 -34.21 47.98 8.32
C ALA B 709 -33.08 47.96 9.34
N ILE B 710 -33.36 48.48 10.53
CA ILE B 710 -32.38 48.62 11.59
C ILE B 710 -32.87 47.88 12.81
N PRO B 711 -32.07 47.00 13.42
CA PRO B 711 -32.52 46.29 14.61
C PRO B 711 -32.68 47.24 15.80
N THR B 712 -33.57 46.86 16.70
CA THR B 712 -33.77 47.60 17.94
C THR B 712 -33.38 46.83 19.19
N ASN B 713 -33.15 45.54 19.09
CA ASN B 713 -32.90 44.67 20.23
C ASN B 713 -31.88 43.63 19.80
N PHE B 714 -31.21 43.01 20.76
CA PHE B 714 -30.15 42.08 20.41
C PHE B 714 -30.36 40.76 21.15
N THR B 715 -29.53 39.78 20.81
CA THR B 715 -29.58 38.49 21.49
C THR B 715 -28.15 38.00 21.62
N ILE B 716 -27.73 37.73 22.85
CA ILE B 716 -26.43 37.14 23.12
C ILE B 716 -26.56 35.63 22.99
N SER B 717 -25.82 35.04 22.06
CA SER B 717 -25.87 33.62 21.79
C SER B 717 -24.54 32.98 22.14
N VAL B 718 -24.58 31.79 22.69
CA VAL B 718 -23.39 31.02 23.00
C VAL B 718 -23.50 29.70 22.25
N THR B 719 -22.83 29.61 21.12
CA THR B 719 -22.85 28.41 20.28
C THR B 719 -21.80 27.43 20.76
N THR B 720 -21.52 26.40 19.96
CA THR B 720 -20.52 25.41 20.29
C THR B 720 -19.71 25.09 19.04
N GLU B 721 -18.48 24.62 19.25
CA GLU B 721 -17.62 24.23 18.15
C GLU B 721 -16.60 23.22 18.68
N ILE B 722 -16.59 22.03 18.09
CA ILE B 722 -15.74 20.93 18.54
C ILE B 722 -14.76 20.60 17.43
N LEU B 723 -13.48 20.52 17.75
CA LEU B 723 -12.44 20.24 16.78
C LEU B 723 -11.50 19.17 17.33
N PRO B 724 -11.37 18.02 16.66
CA PRO B 724 -10.35 17.06 17.06
C PRO B 724 -8.96 17.68 16.95
N VAL B 725 -8.12 17.37 17.93
CA VAL B 725 -6.79 17.98 18.00
C VAL B 725 -5.70 16.92 17.88
N SER B 726 -5.97 15.72 18.37
CA SER B 726 -4.97 14.67 18.36
C SER B 726 -5.65 13.31 18.37
N MET B 727 -4.95 12.32 17.85
CA MET B 727 -5.43 10.94 17.85
C MET B 727 -4.55 10.10 18.78
N THR B 728 -4.89 8.82 18.88
CA THR B 728 -4.17 7.92 19.78
C THR B 728 -2.82 7.57 19.19
N LYS B 729 -1.77 7.69 20.00
CA LYS B 729 -0.43 7.31 19.59
C LYS B 729 -0.26 5.80 19.77
N THR B 730 0.12 5.11 18.70
CA THR B 730 0.37 3.69 18.75
C THR B 730 1.77 3.38 18.25
N SER B 731 2.32 2.29 18.78
CA SER B 731 3.62 1.78 18.34
C SER B 731 3.46 0.33 17.96
N VAL B 732 4.27 -0.12 17.00
CA VAL B 732 4.17 -1.46 16.46
C VAL B 732 5.54 -2.12 16.48
N ASP B 733 5.58 -3.38 16.87
CA ASP B 733 6.78 -4.21 16.79
C ASP B 733 6.62 -5.14 15.61
N CYS B 734 7.59 -5.11 14.69
CA CYS B 734 7.50 -5.90 13.47
C CYS B 734 7.53 -7.38 13.77
N THR B 735 8.62 -7.83 14.39
CA THR B 735 8.85 -9.27 14.57
C THR B 735 7.79 -9.89 15.47
N MET B 736 7.44 -9.22 16.56
CA MET B 736 6.45 -9.80 17.47
C MET B 736 5.11 -9.96 16.78
N TYR B 737 4.71 -8.98 15.97
CA TYR B 737 3.41 -9.07 15.30
C TYR B 737 3.44 -10.13 14.20
N ILE B 738 4.45 -10.10 13.34
CA ILE B 738 4.44 -10.97 12.17
C ILE B 738 4.87 -12.38 12.53
N CYS B 739 6.07 -12.53 13.10
CA CYS B 739 6.64 -13.84 13.40
C CYS B 739 7.01 -13.94 14.86
N GLY B 740 6.11 -13.56 15.75
CA GLY B 740 6.40 -13.56 17.17
C GLY B 740 6.80 -14.91 17.72
N ASP B 741 7.94 -14.95 18.43
CA ASP B 741 8.45 -16.17 19.04
C ASP B 741 8.66 -17.28 18.01
N SER B 742 9.25 -16.91 16.87
CA SER B 742 9.55 -17.88 15.82
C SER B 742 10.87 -17.45 15.18
N THR B 743 11.96 -18.12 15.57
CA THR B 743 13.29 -17.70 15.11
C THR B 743 13.41 -17.83 13.60
N GLU B 744 12.96 -18.94 13.04
CA GLU B 744 13.05 -19.14 11.59
C GLU B 744 12.17 -18.14 10.84
N CYS B 745 10.96 -17.89 11.35
CA CYS B 745 10.10 -16.88 10.73
C CYS B 745 10.73 -15.51 10.82
N SER B 746 11.35 -15.19 11.96
CA SER B 746 12.04 -13.92 12.10
C SER B 746 13.19 -13.80 11.11
N ASN B 747 13.95 -14.88 10.91
CA ASN B 747 15.03 -14.87 9.92
C ASN B 747 14.49 -14.65 8.52
N LEU B 748 13.36 -15.30 8.20
CA LEU B 748 12.79 -15.13 6.87
C LEU B 748 12.32 -13.70 6.65
N LEU B 749 11.94 -13.00 7.72
CA LEU B 749 11.59 -11.59 7.59
C LEU B 749 12.80 -10.74 7.27
N LEU B 750 14.00 -11.20 7.65
CA LEU B 750 15.21 -10.43 7.38
C LEU B 750 15.51 -10.33 5.89
N GLN B 751 14.85 -11.13 5.06
CA GLN B 751 15.05 -11.06 3.62
C GLN B 751 14.30 -9.90 2.98
N TYR B 752 13.40 -9.25 3.70
CA TYR B 752 12.72 -8.07 3.19
C TYR B 752 13.46 -6.78 3.52
N GLY B 753 14.63 -6.86 4.14
CA GLY B 753 15.43 -5.68 4.37
C GLY B 753 14.80 -4.75 5.38
N SER B 754 14.65 -3.49 5.00
CA SER B 754 14.12 -2.44 5.87
C SER B 754 12.64 -2.21 5.62
N PHE B 755 11.90 -3.27 5.34
CA PHE B 755 10.49 -3.14 4.99
C PHE B 755 9.62 -2.66 6.14
N CYS B 756 10.14 -2.68 7.38
CA CYS B 756 9.33 -2.24 8.51
C CYS B 756 10.02 -1.21 9.40
N THR B 757 11.32 -0.96 9.23
CA THR B 757 11.90 0.21 9.85
C THR B 757 11.20 1.47 9.37
N GLN B 758 10.75 1.47 8.12
CA GLN B 758 9.90 2.55 7.63
C GLN B 758 8.61 2.64 8.43
N LEU B 759 8.01 1.50 8.74
CA LEU B 759 6.77 1.50 9.51
C LEU B 759 7.00 2.09 10.90
N LYS B 760 8.08 1.67 11.55
CA LYS B 760 8.41 2.18 12.88
C LYS B 760 8.65 3.69 12.83
N ARG B 761 9.41 4.15 11.83
CA ARG B 761 9.68 5.58 11.73
C ARG B 761 8.41 6.37 11.45
N ALA B 762 7.53 5.83 10.60
CA ALA B 762 6.27 6.52 10.30
C ALA B 762 5.41 6.65 11.55
N LEU B 763 5.30 5.58 12.33
CA LEU B 763 4.49 5.64 13.54
C LEU B 763 5.11 6.58 14.57
N THR B 764 6.44 6.59 14.68
CA THR B 764 7.10 7.51 15.59
C THR B 764 6.84 8.96 15.17
N GLY B 765 6.92 9.24 13.87
CA GLY B 765 6.61 10.57 13.40
C GLY B 765 5.18 10.96 13.70
N ILE B 766 4.25 10.03 13.53
CA ILE B 766 2.85 10.31 13.84
C ILE B 766 2.67 10.65 15.32
N ALA B 767 3.31 9.86 16.20
CA ALA B 767 3.18 10.11 17.63
C ALA B 767 3.77 11.46 18.03
N VAL B 768 4.96 11.77 17.51
CA VAL B 768 5.58 13.05 17.81
C VAL B 768 4.70 14.19 17.31
N GLU B 769 4.10 14.02 16.13
CA GLU B 769 3.21 15.05 15.60
C GLU B 769 1.96 15.20 16.44
N GLN B 770 1.44 14.11 17.01
CA GLN B 770 0.30 14.22 17.92
C GLN B 770 0.67 15.05 19.14
N ASP B 771 1.86 14.80 19.71
CA ASP B 771 2.31 15.60 20.84
C ASP B 771 2.46 17.07 20.44
N LYS B 772 3.00 17.32 19.25
CA LYS B 772 3.15 18.69 18.78
C LYS B 772 1.81 19.38 18.63
N ASN B 773 0.82 18.68 18.09
CA ASN B 773 -0.52 19.25 17.94
C ASN B 773 -1.11 19.61 19.30
N THR B 774 -1.04 18.67 20.24
CA THR B 774 -1.64 18.91 21.56
C THR B 774 -0.93 20.04 22.28
N GLN B 775 0.38 20.20 22.07
CA GLN B 775 1.08 21.32 22.69
C GLN B 775 0.75 22.64 22.00
N GLU B 776 0.67 22.63 20.67
CA GLU B 776 0.47 23.85 19.91
C GLU B 776 -0.93 24.42 20.11
N VAL B 777 -1.93 23.57 20.30
CA VAL B 777 -3.29 24.07 20.42
C VAL B 777 -3.47 24.82 21.73
N PHE B 778 -2.97 24.27 22.83
CA PHE B 778 -3.27 24.79 24.17
C PHE B 778 -2.17 25.68 24.73
N ALA B 779 -0.90 25.32 24.55
CA ALA B 779 0.20 26.07 25.18
C ALA B 779 0.42 27.37 24.41
N GLN B 780 -0.47 28.32 24.64
CA GLN B 780 -0.38 29.65 24.04
C GLN B 780 -0.25 30.74 25.08
N VAL B 781 -0.02 30.40 26.35
CA VAL B 781 0.15 31.38 27.41
C VAL B 781 1.54 31.20 28.01
N LYS B 782 2.27 32.30 28.12
CA LYS B 782 3.59 32.25 28.76
C LYS B 782 3.46 31.84 30.23
N GLN B 783 2.44 32.35 30.92
CA GLN B 783 2.24 32.09 32.33
C GLN B 783 0.85 31.48 32.54
N ILE B 784 0.68 30.85 33.70
CA ILE B 784 -0.58 30.20 34.06
C ILE B 784 -1.36 31.19 34.93
N TYR B 785 -2.34 31.85 34.33
CA TYR B 785 -3.13 32.85 35.03
C TYR B 785 -4.16 32.20 35.93
N LYS B 786 -4.60 32.93 36.95
CA LYS B 786 -5.53 32.41 37.94
C LYS B 786 -6.56 33.48 38.28
N THR B 787 -7.81 33.05 38.42
CA THR B 787 -8.88 33.98 38.76
C THR B 787 -8.75 34.41 40.22
N PRO B 788 -9.31 35.56 40.57
CA PRO B 788 -9.37 35.97 41.98
C PRO B 788 -10.24 35.03 42.77
N PRO B 789 -10.07 34.98 44.10
CA PRO B 789 -10.84 34.01 44.90
C PRO B 789 -12.34 34.16 44.78
N ILE B 790 -12.84 35.38 44.60
CA ILE B 790 -14.28 35.64 44.50
C ILE B 790 -14.65 35.80 43.04
N LYS B 791 -15.69 35.09 42.61
CA LYS B 791 -16.08 35.04 41.20
C LYS B 791 -17.26 35.98 40.97
N TYR B 792 -16.95 37.26 40.76
CA TYR B 792 -17.93 38.23 40.30
C TYR B 792 -17.33 39.05 39.17
N PHE B 793 -17.94 38.97 37.99
CA PHE B 793 -17.43 39.57 36.77
C PHE B 793 -18.48 40.47 36.13
N GLY B 794 -19.07 41.34 36.94
CA GLY B 794 -20.06 42.27 36.42
C GLY B 794 -21.40 41.66 36.11
N GLY B 795 -21.73 40.52 36.74
CA GLY B 795 -23.00 39.87 36.54
C GLY B 795 -22.97 38.68 35.62
N PHE B 796 -21.83 38.39 34.98
CA PHE B 796 -21.71 37.25 34.10
C PHE B 796 -21.34 36.03 34.93
N ASN B 797 -22.09 34.94 34.75
CA ASN B 797 -21.93 33.74 35.57
C ASN B 797 -21.01 32.78 34.84
N PHE B 798 -19.77 32.65 35.33
CA PHE B 798 -18.77 31.78 34.74
C PHE B 798 -18.54 30.51 35.55
N SER B 799 -19.48 30.16 36.44
CA SER B 799 -19.27 29.00 37.30
C SER B 799 -19.27 27.69 36.54
N GLN B 800 -19.79 27.67 35.32
CA GLN B 800 -19.87 26.45 34.53
C GLN B 800 -18.67 26.25 33.62
N ILE B 801 -17.68 27.14 33.68
CA ILE B 801 -16.43 26.92 32.96
C ILE B 801 -15.20 27.15 33.82
N LEU B 802 -15.32 27.79 34.97
CA LEU B 802 -14.18 27.96 35.86
C LEU B 802 -13.86 26.65 36.56
N PRO B 803 -12.62 26.46 36.99
CA PRO B 803 -12.23 25.17 37.60
C PRO B 803 -13.03 24.88 38.85
N ASP B 804 -13.29 23.60 39.08
CA ASP B 804 -13.98 23.15 40.28
C ASP B 804 -12.96 22.50 41.21
N PRO B 805 -12.61 23.14 42.32
CA PRO B 805 -11.58 22.57 43.20
C PRO B 805 -11.97 21.24 43.81
N SER B 806 -13.26 20.99 44.01
CA SER B 806 -13.73 19.77 44.67
C SER B 806 -13.80 18.60 43.69
N LYS B 807 -12.65 18.31 43.07
CA LYS B 807 -12.52 17.21 42.14
C LYS B 807 -11.07 16.74 42.14
N PRO B 808 -10.82 15.45 41.87
CA PRO B 808 -9.42 15.00 41.78
C PRO B 808 -8.64 15.72 40.70
N SER B 809 -9.27 16.01 39.57
CA SER B 809 -8.68 16.80 38.51
C SER B 809 -9.45 18.10 38.39
N LYS B 810 -8.73 19.22 38.27
CA LYS B 810 -9.35 20.54 38.22
C LYS B 810 -10.00 20.72 36.85
N ARG B 811 -11.20 20.16 36.71
CA ARG B 811 -11.99 20.27 35.49
C ARG B 811 -13.32 20.92 35.81
N SER B 812 -13.77 21.80 34.92
CA SER B 812 -15.02 22.51 35.14
C SER B 812 -16.20 21.57 34.90
N PHE B 813 -17.41 22.14 35.00
CA PHE B 813 -18.61 21.34 34.81
C PHE B 813 -18.70 20.84 33.37
N ILE B 814 -18.55 21.74 32.40
CA ILE B 814 -18.66 21.34 30.99
C ILE B 814 -17.51 20.42 30.61
N GLU B 815 -16.30 20.70 31.11
CA GLU B 815 -15.17 19.82 30.83
C GLU B 815 -15.42 18.43 31.38
N ASP B 816 -15.96 18.34 32.60
CA ASP B 816 -16.25 17.03 33.19
C ASP B 816 -17.32 16.30 32.41
N LEU B 817 -18.36 17.02 31.97
CA LEU B 817 -19.41 16.38 31.17
C LEU B 817 -18.83 15.85 29.86
N LEU B 818 -17.97 16.63 29.20
CA LEU B 818 -17.37 16.18 27.96
C LEU B 818 -16.47 14.98 28.19
N PHE B 819 -15.72 14.97 29.29
CA PHE B 819 -14.87 13.83 29.60
C PHE B 819 -15.70 12.58 29.85
N ASN B 820 -16.82 12.72 30.56
CA ASN B 820 -17.66 11.56 30.86
C ASN B 820 -18.34 11.02 29.60
N LYS B 821 -18.86 11.92 28.75
CA LYS B 821 -19.61 11.46 27.58
C LYS B 821 -18.73 10.71 26.60
N VAL B 822 -17.50 11.20 26.38
CA VAL B 822 -16.60 10.56 25.42
C VAL B 822 -15.87 9.42 26.13
N THR B 823 -16.14 8.19 25.69
CA THR B 823 -15.56 7.02 26.31
C THR B 823 -14.25 6.63 25.62
N GLN B 849 -5.75 -6.37 22.08
CA GLN B 849 -5.09 -5.77 20.92
C GLN B 849 -3.60 -5.55 21.19
N LYS B 850 -3.26 -5.26 22.45
CA LYS B 850 -1.87 -5.07 22.81
C LYS B 850 -1.07 -6.35 22.70
N PHE B 851 -1.71 -7.48 22.89
CA PHE B 851 -1.05 -8.77 23.04
C PHE B 851 -0.37 -9.26 21.77
N ASN B 852 -0.38 -8.53 20.66
CA ASN B 852 0.45 -8.85 19.49
C ASN B 852 1.17 -7.57 19.07
N GLY B 853 2.31 -7.29 19.70
CA GLY B 853 3.18 -6.18 19.35
C GLY B 853 2.50 -4.86 19.03
N LEU B 854 1.47 -4.49 19.78
CA LEU B 854 0.71 -3.26 19.53
C LEU B 854 0.57 -2.50 20.85
N THR B 855 1.57 -1.70 21.19
CA THR B 855 1.50 -0.89 22.39
C THR B 855 1.00 0.50 22.04
N VAL B 856 0.29 1.11 22.99
CA VAL B 856 -0.27 2.44 22.83
C VAL B 856 0.49 3.38 23.75
N LEU B 857 1.13 4.39 23.17
CA LEU B 857 1.87 5.34 23.96
C LEU B 857 0.95 6.35 24.62
N PRO B 858 1.28 6.82 25.82
CA PRO B 858 0.44 7.81 26.48
C PRO B 858 0.77 9.20 26.00
N PRO B 859 -0.19 10.12 26.02
CA PRO B 859 0.09 11.49 25.58
C PRO B 859 1.11 12.16 26.48
N LEU B 860 1.88 13.08 25.90
CA LEU B 860 2.90 13.78 26.67
C LEU B 860 2.27 14.67 27.74
N LEU B 861 1.14 15.30 27.43
CA LEU B 861 0.46 16.15 28.39
C LEU B 861 -0.71 15.40 28.98
N THR B 862 -0.73 15.28 30.30
CA THR B 862 -1.84 14.62 30.98
C THR B 862 -3.11 15.45 30.85
N ASP B 863 -4.25 14.80 31.13
CA ASP B 863 -5.52 15.52 31.09
C ASP B 863 -5.56 16.63 32.14
N GLU B 864 -4.88 16.43 33.27
CA GLU B 864 -4.80 17.48 34.27
C GLU B 864 -4.03 18.69 33.74
N MET B 865 -2.97 18.45 32.97
CA MET B 865 -2.21 19.55 32.41
C MET B 865 -3.01 20.30 31.34
N ILE B 866 -3.77 19.58 30.52
CA ILE B 866 -4.62 20.25 29.54
C ILE B 866 -5.70 21.06 30.25
N ALA B 867 -6.25 20.52 31.34
CA ALA B 867 -7.22 21.28 32.11
C ALA B 867 -6.60 22.53 32.72
N GLN B 868 -5.36 22.43 33.19
CA GLN B 868 -4.67 23.61 33.70
C GLN B 868 -4.47 24.66 32.62
N TYR B 869 -4.06 24.22 31.42
CA TYR B 869 -3.88 25.16 30.32
C TYR B 869 -5.18 25.86 29.97
N THR B 870 -6.27 25.08 29.90
CA THR B 870 -7.58 25.66 29.59
C THR B 870 -8.02 26.65 30.66
N SER B 871 -7.80 26.31 31.93
CA SER B 871 -8.16 27.22 33.02
C SER B 871 -7.34 28.49 32.95
N ALA B 872 -6.05 28.39 32.64
CA ALA B 872 -5.22 29.58 32.53
C ALA B 872 -5.69 30.47 31.39
N LEU B 873 -5.99 29.88 30.24
CA LEU B 873 -6.48 30.68 29.12
C LEU B 873 -7.78 31.38 29.49
N LEU B 874 -8.69 30.68 30.16
CA LEU B 874 -9.98 31.26 30.52
C LEU B 874 -9.81 32.38 31.53
N ALA B 875 -8.97 32.18 32.54
CA ALA B 875 -8.74 33.22 33.54
C ALA B 875 -8.13 34.45 32.90
N GLY B 876 -7.17 34.25 31.98
CA GLY B 876 -6.61 35.39 31.28
C GLY B 876 -7.64 36.12 30.44
N THR B 877 -8.50 35.38 29.74
CA THR B 877 -9.45 36.02 28.83
C THR B 877 -10.59 36.70 29.57
N ILE B 878 -10.85 36.34 30.82
CA ILE B 878 -11.90 37.04 31.56
C ILE B 878 -11.37 38.12 32.51
N THR B 879 -10.11 38.02 32.94
CA THR B 879 -9.54 39.02 33.84
C THR B 879 -8.60 39.99 33.15
N SER B 880 -8.25 39.76 31.89
CA SER B 880 -7.33 40.65 31.20
C SER B 880 -7.73 40.94 29.76
N GLY B 881 -8.95 40.62 29.35
CA GLY B 881 -9.37 40.90 27.99
C GLY B 881 -8.52 40.16 26.99
N TRP B 882 -8.20 40.85 25.89
CA TRP B 882 -7.28 40.32 24.89
C TRP B 882 -5.84 40.70 25.16
N THR B 883 -5.57 41.51 26.19
CA THR B 883 -4.23 42.02 26.43
C THR B 883 -3.25 40.92 26.78
N PHE B 884 -3.73 39.78 27.28
CA PHE B 884 -2.84 38.69 27.67
C PHE B 884 -2.31 37.91 26.47
N GLY B 885 -2.91 38.07 25.30
CA GLY B 885 -2.42 37.45 24.09
C GLY B 885 -1.46 38.31 23.29
N ALA B 886 -1.06 39.45 23.83
CA ALA B 886 -0.16 40.37 23.14
C ALA B 886 0.89 40.90 24.09
N GLY B 887 1.41 40.05 24.97
CA GLY B 887 2.43 40.43 25.93
C GLY B 887 1.95 40.25 27.35
N ALA B 888 2.28 41.22 28.20
CA ALA B 888 1.90 41.16 29.60
C ALA B 888 0.39 41.32 29.74
N ALA B 889 -0.19 40.60 30.70
CA ALA B 889 -1.63 40.63 30.91
C ALA B 889 -1.99 41.84 31.75
N LEU B 890 -2.85 42.69 31.22
CA LEU B 890 -3.30 43.89 31.90
C LEU B 890 -4.74 43.68 32.35
N GLN B 891 -4.98 43.79 33.66
CA GLN B 891 -6.30 43.54 34.21
C GLN B 891 -7.26 44.65 33.78
N ILE B 892 -8.54 44.31 33.73
CA ILE B 892 -9.57 45.25 33.33
C ILE B 892 -10.92 44.73 33.82
N PRO B 893 -11.80 45.59 34.33
CA PRO B 893 -13.12 45.12 34.77
C PRO B 893 -13.89 44.49 33.61
N PHE B 894 -14.68 43.47 33.92
CA PHE B 894 -15.35 42.74 32.86
C PHE B 894 -16.39 43.58 32.15
N ALA B 895 -17.02 44.52 32.85
CA ALA B 895 -17.95 45.43 32.18
C ALA B 895 -17.24 46.26 31.12
N MET B 896 -16.06 46.79 31.46
CA MET B 896 -15.31 47.58 30.50
C MET B 896 -14.77 46.71 29.38
N GLN B 897 -14.49 45.43 29.64
CA GLN B 897 -14.07 44.55 28.57
C GLN B 897 -15.23 44.24 27.62
N MET B 898 -16.43 44.06 28.15
CA MET B 898 -17.57 43.88 27.27
C MET B 898 -17.87 45.15 26.48
N ALA B 899 -17.62 46.32 27.07
CA ALA B 899 -17.69 47.55 26.28
C ALA B 899 -16.64 47.56 25.18
N TYR B 900 -15.43 47.10 25.49
CA TYR B 900 -14.40 46.89 24.47
C TYR B 900 -14.97 46.09 23.30
N ARG B 901 -15.53 44.93 23.60
CA ARG B 901 -15.96 44.01 22.55
C ARG B 901 -17.16 44.56 21.79
N PHE B 902 -18.07 45.26 22.48
CA PHE B 902 -19.20 45.88 21.80
C PHE B 902 -18.73 46.98 20.85
N ASN B 903 -17.77 47.79 21.30
CA ASN B 903 -17.22 48.81 20.42
C ASN B 903 -16.48 48.18 19.25
N GLY B 904 -15.99 46.95 19.41
CA GLY B 904 -15.29 46.30 18.33
C GLY B 904 -16.17 45.80 17.21
N ILE B 905 -17.49 45.85 17.35
CA ILE B 905 -18.39 45.34 16.31
C ILE B 905 -19.40 46.40 15.91
N GLY B 906 -19.01 47.67 16.03
CA GLY B 906 -19.87 48.74 15.56
C GLY B 906 -21.05 49.08 16.44
N VAL B 907 -20.99 48.77 17.73
CA VAL B 907 -22.02 49.14 18.68
C VAL B 907 -21.37 50.01 19.76
N THR B 908 -21.97 51.16 20.04
CA THR B 908 -21.43 52.04 21.06
C THR B 908 -21.52 51.38 22.43
N GLN B 909 -20.58 51.76 23.31
CA GLN B 909 -20.49 51.12 24.62
C GLN B 909 -21.69 51.44 25.50
N ASN B 910 -22.33 52.60 25.29
CA ASN B 910 -23.47 52.95 26.10
C ASN B 910 -24.60 51.94 25.95
N VAL B 911 -24.65 51.21 24.84
CA VAL B 911 -25.64 50.15 24.68
C VAL B 911 -25.42 49.06 25.71
N LEU B 912 -24.15 48.67 25.94
CA LEU B 912 -23.87 47.69 26.97
C LEU B 912 -24.11 48.27 28.36
N TYR B 913 -23.57 49.46 28.63
CA TYR B 913 -23.66 50.01 29.99
C TYR B 913 -25.10 50.25 30.41
N GLU B 914 -25.97 50.63 29.46
CA GLU B 914 -27.38 50.79 29.75
C GLU B 914 -28.15 49.48 29.70
N ASN B 915 -27.53 48.39 29.23
CA ASN B 915 -28.17 47.09 29.17
C ASN B 915 -27.28 46.01 29.78
N GLN B 916 -26.53 46.36 30.83
CA GLN B 916 -25.66 45.37 31.46
C GLN B 916 -26.45 44.25 32.11
N LYS B 917 -27.56 44.59 32.78
CA LYS B 917 -28.35 43.57 33.46
C LYS B 917 -28.94 42.57 32.48
N LEU B 918 -29.59 43.09 31.43
CA LEU B 918 -30.21 42.21 30.45
C LEU B 918 -29.18 41.35 29.73
N ILE B 919 -28.03 41.94 29.37
CA ILE B 919 -27.00 41.19 28.68
C ILE B 919 -26.43 40.11 29.58
N ALA B 920 -26.22 40.43 30.86
CA ALA B 920 -25.72 39.44 31.79
C ALA B 920 -26.70 38.29 31.95
N ASN B 921 -27.99 38.60 32.07
CA ASN B 921 -28.99 37.54 32.20
C ASN B 921 -29.04 36.69 30.94
N GLN B 922 -28.96 37.32 29.77
CA GLN B 922 -28.98 36.58 28.52
C GLN B 922 -27.77 35.66 28.40
N PHE B 923 -26.60 36.15 28.78
CA PHE B 923 -25.41 35.30 28.71
C PHE B 923 -25.49 34.15 29.70
N ASN B 924 -25.95 34.42 30.92
CA ASN B 924 -26.10 33.34 31.89
C ASN B 924 -27.06 32.28 31.40
N SER B 925 -28.20 32.69 30.83
CA SER B 925 -29.13 31.73 30.30
C SER B 925 -28.54 30.96 29.13
N ALA B 926 -27.83 31.65 28.23
CA ALA B 926 -27.27 30.99 27.06
C ALA B 926 -26.23 29.95 27.44
N ILE B 927 -25.37 30.29 28.40
CA ILE B 927 -24.42 29.28 28.89
C ILE B 927 -25.12 28.21 29.71
N GLY B 928 -26.32 28.50 30.21
CA GLY B 928 -27.10 27.48 30.88
C GLY B 928 -27.56 26.38 29.93
N LYS B 929 -27.88 26.74 28.70
CA LYS B 929 -28.43 25.80 27.73
C LYS B 929 -27.36 24.97 27.04
N ILE B 930 -26.08 25.22 27.31
CA ILE B 930 -25.01 24.48 26.65
C ILE B 930 -25.06 23.00 27.05
N GLN B 931 -25.22 22.74 28.35
CA GLN B 931 -25.20 21.37 28.83
C GLN B 931 -26.35 20.52 28.29
N ASP B 932 -27.36 21.15 27.70
CA ASP B 932 -28.45 20.42 27.07
C ASP B 932 -28.34 20.38 25.55
N SER B 933 -27.66 21.36 24.95
CA SER B 933 -27.47 21.39 23.50
C SER B 933 -26.10 20.86 23.10
N LEU B 934 -25.59 19.90 23.84
CA LEU B 934 -24.27 19.33 23.59
C LEU B 934 -24.29 17.82 23.43
N PHE B 935 -25.16 17.13 24.18
CA PHE B 935 -25.20 15.68 24.19
C PHE B 935 -26.54 15.09 23.77
N SER B 936 -27.61 15.86 23.79
CA SER B 936 -28.94 15.33 23.50
C SER B 936 -29.37 15.54 22.06
N THR B 937 -28.84 16.56 21.39
CA THR B 937 -29.21 16.87 20.01
C THR B 937 -28.29 16.22 18.99
N ALA B 938 -27.37 15.35 19.44
CA ALA B 938 -26.36 14.75 18.57
C ALA B 938 -25.58 15.85 17.86
N SER B 939 -25.70 15.91 16.53
CA SER B 939 -25.06 16.95 15.73
C SER B 939 -23.56 16.98 15.97
N ALA B 940 -23.12 17.85 16.87
CA ALA B 940 -21.69 17.95 17.20
C ALA B 940 -21.34 16.87 18.21
N LEU B 941 -20.10 16.92 18.73
CA LEU B 941 -19.50 15.98 19.67
C LEU B 941 -19.31 14.60 19.04
N GLY B 942 -19.71 14.39 17.80
CA GLY B 942 -19.44 13.14 17.14
C GLY B 942 -18.05 13.01 16.57
N LYS B 943 -17.30 14.11 16.49
CA LYS B 943 -15.98 14.07 15.86
C LYS B 943 -14.96 13.39 16.78
N LEU B 944 -14.95 13.73 18.06
CA LEU B 944 -14.02 13.07 18.99
C LEU B 944 -14.37 11.60 19.13
N GLN B 945 -15.66 11.28 19.25
CA GLN B 945 -16.07 9.89 19.33
C GLN B 945 -15.70 9.14 18.05
N ASP B 946 -15.85 9.80 16.90
CA ASP B 946 -15.47 9.18 15.65
C ASP B 946 -13.97 8.91 15.58
N VAL B 947 -13.15 9.84 16.10
CA VAL B 947 -11.71 9.62 16.12
C VAL B 947 -11.37 8.42 17.00
N VAL B 948 -11.97 8.35 18.19
CA VAL B 948 -11.69 7.23 19.09
C VAL B 948 -12.12 5.91 18.45
N ASN B 949 -13.31 5.90 17.85
CA ASN B 949 -13.82 4.68 17.23
C ASN B 949 -12.98 4.26 16.04
N HIS B 950 -12.54 5.22 15.22
CA HIS B 950 -11.71 4.89 14.08
C HIS B 950 -10.38 4.29 14.53
N ASN B 951 -9.79 4.85 15.58
CA ASN B 951 -8.52 4.30 16.05
C ASN B 951 -8.69 2.89 16.61
N ALA B 952 -9.69 2.70 17.47
CA ALA B 952 -9.91 1.37 18.05
C ALA B 952 -10.23 0.35 16.97
N GLN B 953 -11.06 0.74 16.00
CA GLN B 953 -11.43 -0.15 14.92
C GLN B 953 -10.23 -0.50 14.04
N ALA B 954 -9.37 0.47 13.76
CA ALA B 954 -8.17 0.20 12.98
C ALA B 954 -7.25 -0.77 13.71
N LEU B 955 -7.07 -0.56 15.01
CA LEU B 955 -6.24 -1.46 15.79
C LEU B 955 -6.80 -2.87 15.77
N ASN B 956 -8.12 -3.00 15.97
CA ASN B 956 -8.73 -4.32 15.97
C ASN B 956 -8.61 -5.00 14.62
N THR B 957 -8.84 -4.25 13.54
CA THR B 957 -8.73 -4.85 12.20
C THR B 957 -7.31 -5.29 11.92
N LEU B 958 -6.33 -4.50 12.31
CA LEU B 958 -4.94 -4.88 12.08
C LEU B 958 -4.57 -6.12 12.89
N VAL B 959 -5.08 -6.23 14.12
CA VAL B 959 -4.77 -7.39 14.96
C VAL B 959 -5.73 -8.54 14.72
N LYS B 960 -6.75 -8.36 13.89
CA LYS B 960 -7.59 -9.47 13.46
C LYS B 960 -7.05 -10.20 12.24
N GLN B 961 -6.10 -9.61 11.52
CA GLN B 961 -5.49 -10.26 10.37
C GLN B 961 -4.66 -11.47 10.75
N LEU B 962 -4.35 -11.64 12.04
CA LEU B 962 -3.53 -12.77 12.46
C LEU B 962 -4.25 -14.10 12.31
N SER B 963 -5.57 -14.09 12.18
CA SER B 963 -6.34 -15.31 12.03
C SER B 963 -6.58 -15.68 10.57
N SER B 964 -6.13 -14.87 9.62
CA SER B 964 -6.30 -15.18 8.21
C SER B 964 -5.21 -16.13 7.74
N LYS B 965 -5.48 -16.78 6.60
CA LYS B 965 -4.56 -17.78 6.07
C LYS B 965 -3.75 -17.27 4.88
N PHE B 966 -4.28 -16.33 4.10
CA PHE B 966 -3.61 -15.78 2.92
C PHE B 966 -3.20 -16.86 1.94
N GLY B 967 -3.83 -18.03 2.01
CA GLY B 967 -3.48 -19.15 1.15
C GLY B 967 -2.65 -20.22 1.82
N ALA B 968 -2.14 -19.97 3.02
CA ALA B 968 -1.34 -20.96 3.71
C ALA B 968 -2.23 -22.08 4.26
N ILE B 969 -1.59 -23.13 4.76
CA ILE B 969 -2.33 -24.24 5.34
C ILE B 969 -3.06 -23.80 6.61
N SER B 970 -2.39 -23.02 7.46
CA SER B 970 -2.97 -22.63 8.73
C SER B 970 -2.53 -21.22 9.06
N SER B 971 -3.27 -20.58 9.98
CA SER B 971 -2.96 -19.24 10.43
C SER B 971 -2.06 -19.21 11.66
N VAL B 972 -1.65 -20.37 12.16
CA VAL B 972 -0.79 -20.46 13.34
C VAL B 972 0.60 -20.85 12.86
N LEU B 973 1.59 -20.03 13.22
CA LEU B 973 2.95 -20.28 12.77
C LEU B 973 3.50 -21.59 13.32
N ASN B 974 3.22 -21.88 14.59
CA ASN B 974 3.77 -23.08 15.22
C ASN B 974 3.24 -24.35 14.57
N ASP B 975 1.97 -24.33 14.16
CA ASP B 975 1.39 -25.51 13.51
C ASP B 975 2.10 -25.81 12.20
N ILE B 976 2.31 -24.80 11.36
CA ILE B 976 3.02 -25.00 10.11
C ILE B 976 4.45 -25.44 10.38
N LEU B 977 5.09 -24.84 11.39
CA LEU B 977 6.46 -25.18 11.72
C LEU B 977 6.59 -26.64 12.13
N SER B 978 5.68 -27.11 12.98
CA SER B 978 5.78 -28.47 13.51
C SER B 978 5.35 -29.51 12.47
N ARG B 979 4.31 -29.23 11.70
CA ARG B 979 3.76 -30.25 10.81
C ARG B 979 4.57 -30.41 9.54
N LEU B 980 5.42 -29.45 9.20
CA LEU B 980 6.13 -29.46 7.93
C LEU B 980 7.63 -29.44 8.15
N ASP B 981 8.36 -29.95 7.15
CA ASP B 981 9.80 -29.79 7.11
C ASP B 981 10.14 -28.34 6.76
N PRO B 982 11.32 -27.87 7.12
CA PRO B 982 11.68 -26.47 6.88
C PRO B 982 11.51 -26.06 5.41
N PRO B 983 12.15 -26.76 4.45
CA PRO B 983 12.16 -26.22 3.08
C PRO B 983 10.78 -26.06 2.46
N GLU B 984 9.86 -27.00 2.73
CA GLU B 984 8.51 -26.86 2.18
C GLU B 984 7.71 -25.81 2.95
N ALA B 985 7.87 -25.75 4.28
CA ALA B 985 7.18 -24.75 5.07
C ALA B 985 7.67 -23.35 4.79
N GLU B 986 8.82 -23.19 4.12
CA GLU B 986 9.31 -21.86 3.79
C GLU B 986 8.31 -21.10 2.93
N VAL B 987 7.67 -21.80 1.98
CA VAL B 987 6.72 -21.14 1.09
C VAL B 987 5.53 -20.60 1.86
N GLN B 988 4.97 -21.43 2.75
CA GLN B 988 3.79 -21.01 3.51
C GLN B 988 4.14 -19.91 4.50
N ILE B 989 5.33 -20.00 5.13
CA ILE B 989 5.75 -18.96 6.04
C ILE B 989 5.94 -17.65 5.30
N ASP B 990 6.49 -17.71 4.08
CA ASP B 990 6.62 -16.52 3.25
C ASP B 990 5.27 -15.95 2.89
N ARG B 991 4.29 -16.81 2.61
CA ARG B 991 2.95 -16.34 2.28
C ARG B 991 2.33 -15.60 3.46
N LEU B 992 2.44 -16.18 4.66
CA LEU B 992 1.92 -15.51 5.85
C LEU B 992 2.66 -14.21 6.13
N ILE B 993 3.98 -14.20 5.91
CA ILE B 993 4.75 -12.98 6.11
C ILE B 993 4.29 -11.90 5.16
N THR B 994 4.05 -12.25 3.90
CA THR B 994 3.57 -11.27 2.93
C THR B 994 2.20 -10.74 3.34
N GLY B 995 1.30 -11.62 3.76
CA GLY B 995 -0.02 -11.16 4.17
C GLY B 995 0.02 -10.22 5.35
N ARG B 996 0.79 -10.58 6.37
CA ARG B 996 0.88 -9.74 7.55
C ARG B 996 1.60 -8.44 7.27
N LEU B 997 2.61 -8.46 6.40
CA LEU B 997 3.28 -7.22 6.01
C LEU B 997 2.32 -6.30 5.27
N GLN B 998 1.50 -6.85 4.38
CA GLN B 998 0.52 -6.02 3.68
C GLN B 998 -0.48 -5.43 4.67
N SER B 999 -0.91 -6.22 5.65
CA SER B 999 -1.83 -5.70 6.67
C SER B 999 -1.19 -4.55 7.45
N LEU B 1000 0.06 -4.73 7.87
CA LEU B 1000 0.75 -3.69 8.62
C LEU B 1000 0.93 -2.43 7.79
N GLN B 1001 1.31 -2.59 6.51
CA GLN B 1001 1.51 -1.44 5.66
C GLN B 1001 0.20 -0.69 5.40
N THR B 1002 -0.89 -1.43 5.23
CA THR B 1002 -2.19 -0.79 5.08
C THR B 1002 -2.56 -0.01 6.34
N TYR B 1003 -2.35 -0.60 7.50
CA TYR B 1003 -2.65 0.10 8.75
C TYR B 1003 -1.83 1.37 8.86
N VAL B 1004 -0.53 1.28 8.54
CA VAL B 1004 0.33 2.45 8.68
C VAL B 1004 -0.07 3.53 7.69
N THR B 1005 -0.45 3.15 6.47
CA THR B 1005 -0.86 4.14 5.48
C THR B 1005 -2.13 4.87 5.91
N GLN B 1006 -3.13 4.12 6.38
CA GLN B 1006 -4.35 4.78 6.84
C GLN B 1006 -4.07 5.63 8.07
N GLN B 1007 -3.16 5.21 8.94
CA GLN B 1007 -2.78 6.02 10.08
C GLN B 1007 -2.12 7.32 9.64
N LEU B 1008 -1.28 7.26 8.61
CA LEU B 1008 -0.64 8.47 8.11
C LEU B 1008 -1.66 9.43 7.53
N ILE B 1009 -2.62 8.91 6.76
CA ILE B 1009 -3.64 9.76 6.16
C ILE B 1009 -4.49 10.41 7.26
N ARG B 1010 -4.91 9.61 8.23
CA ARG B 1010 -5.70 10.17 9.33
C ARG B 1010 -4.88 11.15 10.17
N ALA B 1011 -3.58 10.92 10.29
CA ALA B 1011 -2.72 11.86 11.01
C ALA B 1011 -2.64 13.19 10.28
N ALA B 1012 -2.56 13.14 8.95
CA ALA B 1012 -2.58 14.40 8.18
C ALA B 1012 -3.90 15.14 8.38
N GLU B 1013 -5.03 14.42 8.32
CA GLU B 1013 -6.31 15.07 8.51
C GLU B 1013 -6.43 15.67 9.91
N ILE B 1014 -6.01 14.92 10.94
CA ILE B 1014 -6.07 15.41 12.31
C ILE B 1014 -5.12 16.58 12.52
N ARG B 1015 -3.97 16.58 11.85
CA ARG B 1015 -3.07 17.73 11.96
C ARG B 1015 -3.68 18.96 11.32
N ALA B 1016 -4.40 18.78 10.20
CA ALA B 1016 -5.12 19.91 9.64
C ALA B 1016 -6.16 20.44 10.62
N SER B 1017 -6.90 19.55 11.26
CA SER B 1017 -7.88 19.96 12.26
C SER B 1017 -7.21 20.64 13.45
N ALA B 1018 -6.03 20.18 13.84
CA ALA B 1018 -5.34 20.75 14.99
C ALA B 1018 -4.77 22.12 14.66
N ASN B 1019 -4.28 22.32 13.45
CA ASN B 1019 -3.86 23.64 13.02
C ASN B 1019 -5.05 24.60 13.00
N LEU B 1020 -6.20 24.12 12.52
CA LEU B 1020 -7.40 24.96 12.56
C LEU B 1020 -7.79 25.28 13.99
N ALA B 1021 -7.67 24.30 14.90
CA ALA B 1021 -8.02 24.55 16.29
C ALA B 1021 -7.08 25.53 16.95
N ALA B 1022 -5.79 25.45 16.64
CA ALA B 1022 -4.83 26.41 17.17
C ALA B 1022 -5.12 27.81 16.64
N THR B 1023 -5.45 27.92 15.36
CA THR B 1023 -5.84 29.22 14.82
C THR B 1023 -7.10 29.75 15.50
N LYS B 1024 -8.08 28.88 15.72
CA LYS B 1024 -9.30 29.31 16.39
C LYS B 1024 -9.01 29.78 17.80
N MET B 1025 -8.17 29.06 18.52
CA MET B 1025 -7.79 29.51 19.86
C MET B 1025 -7.14 30.88 19.81
N SER B 1026 -6.10 31.02 18.97
CA SER B 1026 -5.35 32.26 18.91
C SER B 1026 -6.21 33.44 18.52
N GLU B 1027 -7.21 33.24 17.65
CA GLU B 1027 -8.00 34.37 17.20
C GLU B 1027 -9.26 34.58 18.02
N CYS B 1028 -10.12 33.56 18.11
CA CYS B 1028 -11.37 33.71 18.86
C CYS B 1028 -11.11 33.88 20.35
N VAL B 1029 -10.19 33.11 20.93
CA VAL B 1029 -10.01 33.15 22.38
C VAL B 1029 -9.11 34.31 22.79
N LEU B 1030 -7.89 34.35 22.25
CA LEU B 1030 -6.92 35.36 22.64
C LEU B 1030 -7.24 36.75 22.08
N GLY B 1031 -8.38 36.92 21.41
CA GLY B 1031 -8.73 38.22 20.90
C GLY B 1031 -10.14 38.22 20.35
N GLN B 1032 -10.51 39.32 19.73
CA GLN B 1032 -11.81 39.45 19.07
C GLN B 1032 -11.62 39.37 17.57
N SER B 1033 -12.39 38.51 16.92
CA SER B 1033 -12.21 38.21 15.51
C SER B 1033 -13.21 38.99 14.68
N LYS B 1034 -12.72 39.65 13.64
CA LYS B 1034 -13.57 40.30 12.64
C LYS B 1034 -13.87 39.40 11.45
N ARG B 1035 -13.33 38.18 11.43
CA ARG B 1035 -13.65 37.24 10.39
C ARG B 1035 -15.07 36.75 10.54
N VAL B 1036 -15.80 36.69 9.43
CA VAL B 1036 -17.21 36.30 9.46
C VAL B 1036 -17.31 34.79 9.62
N ASP B 1037 -18.21 34.36 10.49
CA ASP B 1037 -18.56 32.95 10.67
C ASP B 1037 -17.38 32.11 11.16
N PHE B 1038 -16.24 32.75 11.42
CA PHE B 1038 -15.09 32.01 11.90
C PHE B 1038 -15.28 31.59 13.36
N CYS B 1039 -15.77 32.51 14.18
CA CYS B 1039 -15.91 32.24 15.61
C CYS B 1039 -17.36 32.32 16.05
N GLY B 1040 -18.25 31.67 15.31
CA GLY B 1040 -19.65 31.64 15.66
C GLY B 1040 -20.54 32.30 14.62
N LYS B 1041 -21.83 32.02 14.66
CA LYS B 1041 -22.78 32.61 13.72
C LYS B 1041 -23.27 33.93 14.29
N GLY B 1042 -22.73 35.02 13.78
CA GLY B 1042 -23.06 36.35 14.24
C GLY B 1042 -21.80 37.17 14.40
N TYR B 1043 -21.93 38.32 15.02
CA TYR B 1043 -20.78 39.18 15.29
C TYR B 1043 -20.07 38.66 16.53
N HIS B 1044 -18.87 38.12 16.35
CA HIS B 1044 -18.15 37.47 17.44
C HIS B 1044 -17.82 38.46 18.55
N LEU B 1045 -18.11 38.07 19.79
CA LEU B 1045 -17.72 38.86 20.94
C LEU B 1045 -16.46 38.32 21.60
N MET B 1046 -16.50 37.09 22.12
CA MET B 1046 -15.36 36.52 22.83
C MET B 1046 -15.68 35.08 23.19
N SER B 1047 -14.65 34.24 23.20
CA SER B 1047 -14.83 32.79 23.26
C SER B 1047 -14.13 32.20 24.48
N PHE B 1048 -14.38 30.90 24.70
CA PHE B 1048 -13.83 30.13 25.80
C PHE B 1048 -13.43 28.75 25.30
N PRO B 1049 -12.27 28.25 25.69
CA PRO B 1049 -11.90 26.87 25.38
C PRO B 1049 -12.29 25.92 26.51
N GLN B 1050 -12.60 24.70 26.13
CA GLN B 1050 -12.90 23.64 27.09
C GLN B 1050 -12.24 22.36 26.62
N SER B 1051 -11.34 21.82 27.44
CA SER B 1051 -10.64 20.61 27.06
C SER B 1051 -11.62 19.46 26.93
N ALA B 1052 -11.42 18.63 25.91
CA ALA B 1052 -12.22 17.45 25.67
C ALA B 1052 -11.29 16.32 25.29
N PRO B 1053 -11.72 15.07 25.45
CA PRO B 1053 -10.87 13.95 25.04
C PRO B 1053 -10.53 14.02 23.56
N HIS B 1054 -9.24 14.12 23.26
CA HIS B 1054 -8.74 14.17 21.89
C HIS B 1054 -9.36 15.33 21.10
N GLY B 1055 -9.38 16.52 21.70
CA GLY B 1055 -9.91 17.67 21.01
C GLY B 1055 -10.13 18.82 21.97
N VAL B 1056 -10.79 19.85 21.44
CA VAL B 1056 -11.11 21.06 22.18
C VAL B 1056 -12.50 21.54 21.80
N VAL B 1057 -13.18 22.15 22.76
CA VAL B 1057 -14.54 22.65 22.57
C VAL B 1057 -14.54 24.15 22.85
N PHE B 1058 -15.08 24.92 21.91
CA PHE B 1058 -15.16 26.36 22.03
C PHE B 1058 -16.59 26.79 22.32
N LEU B 1059 -16.74 27.73 23.24
CA LEU B 1059 -18.05 28.31 23.57
C LEU B 1059 -18.07 29.72 23.00
N HIS B 1060 -18.49 29.84 21.74
CA HIS B 1060 -18.42 31.10 21.02
C HIS B 1060 -19.59 32.00 21.42
N VAL B 1061 -19.28 33.09 22.12
CA VAL B 1061 -20.29 34.10 22.43
C VAL B 1061 -20.40 35.05 21.25
N THR B 1062 -21.62 35.30 20.79
CA THR B 1062 -21.84 36.15 19.63
C THR B 1062 -22.93 37.17 19.96
N TYR B 1063 -23.01 38.19 19.10
CA TYR B 1063 -24.00 39.25 19.21
C TYR B 1063 -24.87 39.20 17.97
N VAL B 1064 -26.18 39.06 18.16
CA VAL B 1064 -27.11 38.89 17.05
C VAL B 1064 -28.23 39.91 17.13
N PRO B 1065 -28.49 40.68 16.08
CA PRO B 1065 -29.67 41.55 16.07
C PRO B 1065 -30.95 40.73 16.17
N ALA B 1066 -31.94 41.28 16.88
CA ALA B 1066 -33.13 40.52 17.22
C ALA B 1066 -34.40 41.08 16.57
N GLN B 1067 -34.76 42.33 16.84
CA GLN B 1067 -36.03 42.89 16.41
C GLN B 1067 -35.79 43.98 15.39
N GLU B 1068 -36.16 43.73 14.15
CA GLU B 1068 -35.94 44.66 13.05
C GLU B 1068 -37.23 45.42 12.76
N LYS B 1069 -37.15 46.75 12.76
CA LYS B 1069 -38.26 47.62 12.39
C LYS B 1069 -37.74 48.58 11.33
N ASN B 1070 -38.23 48.45 10.10
CA ASN B 1070 -37.63 49.20 9.00
C ASN B 1070 -38.23 50.60 8.87
N PHE B 1071 -37.38 51.53 8.45
CA PHE B 1071 -37.72 52.94 8.27
C PHE B 1071 -37.46 53.33 6.82
N THR B 1072 -37.58 54.63 6.56
CA THR B 1072 -37.25 55.21 5.26
C THR B 1072 -35.92 55.94 5.36
N THR B 1073 -34.98 55.61 4.49
CA THR B 1073 -33.63 56.14 4.55
C THR B 1073 -33.33 56.98 3.33
N ALA B 1074 -32.16 57.63 3.38
CA ALA B 1074 -31.67 58.44 2.27
C ALA B 1074 -30.17 58.59 2.43
N PRO B 1075 -29.42 58.69 1.33
CA PRO B 1075 -27.96 58.70 1.46
C PRO B 1075 -27.41 59.95 2.12
N ALA B 1076 -27.96 61.12 1.82
CA ALA B 1076 -27.42 62.38 2.31
C ALA B 1076 -28.55 63.31 2.69
N ILE B 1077 -28.19 64.53 3.09
CA ILE B 1077 -29.15 65.56 3.47
C ILE B 1077 -28.70 66.88 2.86
N CYS B 1078 -29.61 67.56 2.16
CA CYS B 1078 -29.33 68.88 1.59
C CYS B 1078 -30.01 69.93 2.47
N HIS B 1079 -29.22 70.57 3.34
CA HIS B 1079 -29.78 71.54 4.28
C HIS B 1079 -29.68 72.97 3.75
N ASP B 1080 -28.46 73.43 3.47
CA ASP B 1080 -28.25 74.80 3.01
C ASP B 1080 -27.57 74.80 1.65
N GLY B 1081 -28.06 73.96 0.75
CA GLY B 1081 -27.42 73.81 -0.54
C GLY B 1081 -26.14 73.01 -0.50
N LYS B 1082 -25.84 72.35 0.61
CA LYS B 1082 -24.65 71.52 0.74
C LYS B 1082 -25.07 70.12 1.18
N ALA B 1083 -24.45 69.11 0.57
CA ALA B 1083 -24.75 67.73 0.90
C ALA B 1083 -24.10 67.36 2.22
N HIS B 1084 -24.89 66.76 3.12
CA HIS B 1084 -24.40 66.28 4.40
C HIS B 1084 -24.45 64.76 4.42
N PHE B 1085 -23.32 64.14 4.75
CA PHE B 1085 -23.25 62.69 4.82
C PHE B 1085 -22.97 62.24 6.24
N PRO B 1086 -23.49 61.08 6.65
CA PRO B 1086 -23.29 60.64 8.03
C PRO B 1086 -21.84 60.34 8.34
N ARG B 1087 -21.45 60.64 9.58
CA ARG B 1087 -20.12 60.27 10.04
C ARG B 1087 -20.02 58.78 10.31
N GLU B 1088 -20.80 58.30 11.28
CA GLU B 1088 -20.88 56.87 11.59
C GLU B 1088 -22.36 56.57 11.89
N GLY B 1089 -23.08 56.12 10.89
CA GLY B 1089 -24.48 55.82 11.04
C GLY B 1089 -25.21 56.01 9.72
N VAL B 1090 -26.54 55.99 9.81
CA VAL B 1090 -27.40 56.15 8.63
C VAL B 1090 -28.51 57.14 8.96
N PHE B 1091 -29.05 57.75 7.91
CA PHE B 1091 -30.14 58.70 8.05
C PHE B 1091 -31.45 57.95 7.91
N VAL B 1092 -32.23 57.91 9.00
CA VAL B 1092 -33.51 57.23 9.02
C VAL B 1092 -34.56 58.18 9.55
N SER B 1093 -35.82 57.82 9.33
CA SER B 1093 -36.94 58.62 9.78
C SER B 1093 -38.16 57.73 9.94
N ASN B 1094 -38.99 58.02 10.95
CA ASN B 1094 -40.23 57.28 11.10
C ASN B 1094 -41.33 57.79 10.19
N GLY B 1095 -41.07 58.85 9.43
CA GLY B 1095 -42.04 59.36 8.49
C GLY B 1095 -42.09 60.87 8.43
N THR B 1096 -41.82 61.53 9.54
CA THR B 1096 -41.86 62.99 9.61
C THR B 1096 -40.55 63.61 10.05
N HIS B 1097 -39.86 63.02 11.02
CA HIS B 1097 -38.63 63.56 11.57
C HIS B 1097 -37.46 62.65 11.18
N TRP B 1098 -36.43 63.23 10.60
CA TRP B 1098 -35.25 62.48 10.20
C TRP B 1098 -34.23 62.46 11.33
N PHE B 1099 -33.65 61.29 11.58
CA PHE B 1099 -32.67 61.10 12.63
C PHE B 1099 -31.45 60.37 12.06
N LEU B 1100 -30.43 60.22 12.90
CA LEU B 1100 -29.22 59.51 12.54
C LEU B 1100 -28.94 58.47 13.63
N THR B 1101 -28.99 57.20 13.26
CA THR B 1101 -28.76 56.11 14.19
C THR B 1101 -27.58 55.28 13.75
N GLN B 1102 -26.99 54.56 14.70
CA GLN B 1102 -25.85 53.71 14.40
C GLN B 1102 -26.29 52.54 13.53
N ARG B 1103 -25.31 51.73 13.13
CA ARG B 1103 -25.55 50.71 12.12
C ARG B 1103 -26.38 49.55 12.66
N ASN B 1104 -26.04 49.07 13.86
CA ASN B 1104 -26.55 47.80 14.36
C ASN B 1104 -27.47 47.95 15.57
N PHE B 1105 -27.95 49.16 15.85
CA PHE B 1105 -28.85 49.36 16.98
C PHE B 1105 -29.57 50.69 16.78
N TYR B 1106 -30.89 50.66 16.85
CA TYR B 1106 -31.68 51.86 16.65
C TYR B 1106 -31.54 52.76 17.87
N GLU B 1107 -30.69 53.78 17.75
CA GLU B 1107 -30.53 54.81 18.77
C GLU B 1107 -30.67 56.15 18.07
N PRO B 1108 -31.88 56.67 17.95
CA PRO B 1108 -32.09 57.89 17.15
C PRO B 1108 -31.48 59.11 17.81
N GLN B 1109 -30.75 59.88 17.02
CA GLN B 1109 -30.12 61.12 17.47
C GLN B 1109 -30.40 62.22 16.47
N ILE B 1110 -30.63 63.43 16.97
CA ILE B 1110 -30.92 64.56 16.09
C ILE B 1110 -29.71 64.85 15.23
N ILE B 1111 -29.95 65.12 13.95
CA ILE B 1111 -28.85 65.38 13.01
C ILE B 1111 -28.27 66.75 13.28
N THR B 1112 -26.99 66.80 13.62
CA THR B 1112 -26.28 68.04 13.86
C THR B 1112 -25.10 68.14 12.90
N THR B 1113 -24.28 69.18 13.07
CA THR B 1113 -23.05 69.30 12.31
C THR B 1113 -21.93 68.45 12.90
N ASP B 1114 -22.09 67.95 14.11
CA ASP B 1114 -21.05 67.15 14.74
C ASP B 1114 -20.99 65.74 14.18
N ASN B 1115 -22.14 65.16 13.83
CA ASN B 1115 -22.21 63.80 13.32
C ASN B 1115 -22.35 63.73 11.81
N THR B 1116 -22.22 64.86 11.11
CA THR B 1116 -22.28 64.88 9.66
C THR B 1116 -21.15 65.74 9.12
N PHE B 1117 -20.65 65.38 7.94
CA PHE B 1117 -19.61 66.16 7.27
C PHE B 1117 -20.09 66.59 5.90
N VAL B 1118 -19.77 67.83 5.55
CA VAL B 1118 -20.24 68.48 4.33
C VAL B 1118 -19.29 68.14 3.19
N SER B 1119 -19.87 67.84 2.02
CA SER B 1119 -19.06 67.53 0.84
C SER B 1119 -19.82 68.00 -0.40
N GLY B 1120 -19.52 69.22 -0.84
CA GLY B 1120 -20.08 69.75 -2.06
C GLY B 1120 -21.54 70.10 -1.93
N ASN B 1121 -22.12 70.51 -3.05
CA ASN B 1121 -23.53 70.89 -3.10
C ASN B 1121 -24.41 69.65 -3.20
N CYS B 1122 -25.72 69.88 -3.15
CA CYS B 1122 -26.70 68.80 -3.04
C CYS B 1122 -27.43 68.54 -4.35
N ASP B 1123 -26.72 68.61 -5.48
CA ASP B 1123 -27.32 68.35 -6.78
C ASP B 1123 -26.71 67.15 -7.50
N VAL B 1124 -25.74 66.47 -6.89
CA VAL B 1124 -25.08 65.35 -7.54
C VAL B 1124 -25.51 64.00 -6.96
N VAL B 1125 -25.85 63.94 -5.67
CA VAL B 1125 -26.26 62.68 -5.08
C VAL B 1125 -27.65 62.31 -5.57
N ILE B 1126 -27.94 61.01 -5.57
CA ILE B 1126 -29.23 60.49 -6.00
C ILE B 1126 -30.02 60.10 -4.77
N GLY B 1127 -31.17 60.74 -4.56
CA GLY B 1127 -32.02 60.43 -3.44
C GLY B 1127 -31.75 61.21 -2.18
N ILE B 1128 -31.03 62.31 -2.26
CA ILE B 1128 -30.73 63.13 -1.09
C ILE B 1128 -31.96 63.93 -0.71
N VAL B 1129 -32.31 63.91 0.56
CA VAL B 1129 -33.62 64.36 1.02
C VAL B 1129 -33.47 65.68 1.76
N ASN B 1130 -34.55 66.45 1.77
CA ASN B 1130 -34.58 67.83 2.26
C ASN B 1130 -34.68 67.78 3.77
N ASN B 1131 -33.82 68.51 4.49
CA ASN B 1131 -33.95 68.48 5.96
C ASN B 1131 -33.14 69.58 6.61
N THR B 1132 -33.27 69.66 7.95
CA THR B 1132 -32.63 70.66 8.77
C THR B 1132 -31.51 70.00 9.58
N VAL B 1133 -30.33 70.61 9.55
CA VAL B 1133 -29.17 70.14 10.30
C VAL B 1133 -28.91 71.14 11.41
N TYR B 1134 -29.05 70.71 12.65
CA TYR B 1134 -28.94 71.61 13.79
C TYR B 1134 -27.49 71.97 14.06
N ASP B 1135 -27.23 73.26 14.25
N ASP B 1135 -27.22 73.26 14.24
CA ASP B 1135 -25.89 73.75 14.61
CA ASP B 1135 -25.87 73.74 14.53
C ASP B 1135 -25.91 74.32 16.01
C ASP B 1135 -25.80 74.16 15.99
N PRO B 1136 -25.39 73.59 17.01
N PRO B 1136 -25.09 73.42 16.84
CA PRO B 1136 -25.44 74.12 18.39
CA PRO B 1136 -25.02 73.80 18.25
C PRO B 1136 -24.72 75.46 18.55
C PRO B 1136 -24.45 75.18 18.49
N LEU B 1137 -23.59 75.64 17.87
N LEU B 1137 -23.47 75.60 17.68
CA LEU B 1137 -22.88 76.90 17.94
CA LEU B 1137 -22.85 76.89 17.87
C LEU B 1137 -23.75 78.04 17.43
C LEU B 1137 -23.86 78.02 17.70
N GLN B 1138 -24.40 77.83 16.29
N GLN B 1138 -24.65 77.97 16.63
CA GLN B 1138 -25.29 78.86 15.73
CA GLN B 1138 -25.62 79.04 16.38
C GLN B 1138 -26.45 79.14 16.67
C GLN B 1138 -26.68 79.10 17.47
N LEU B 1139 -27.01 78.11 17.29
N LEU B 1139 -27.21 77.94 17.88
CA LEU B 1139 -28.14 78.32 18.21
CA LEU B 1139 -28.24 77.93 18.90
C LEU B 1139 -27.72 79.15 19.41
C LEU B 1139 -27.70 78.43 20.23
N GLU B 1140 -26.60 78.80 20.04
N GLU B 1140 -26.49 77.99 20.61
CA GLU B 1140 -26.14 79.54 21.20
CA GLU B 1140 -25.90 78.45 21.86
C GLU B 1140 -25.78 80.98 20.83
C GLU B 1140 -25.62 79.94 21.83
N LEU B 1141 -25.11 81.16 19.70
N LEU B 1141 -25.13 80.45 20.69
CA LEU B 1141 -24.73 82.50 19.26
CA LEU B 1141 -24.86 81.88 20.59
C LEU B 1141 -25.97 83.34 18.97
C LEU B 1141 -26.15 82.68 20.66
N ASP B 1142 -26.97 82.73 18.33
N ASP B 1142 -27.22 82.20 20.03
CA ASP B 1142 -28.21 83.47 18.04
CA ASP B 1142 -28.50 82.90 20.10
C ASP B 1142 -28.93 83.85 19.32
C ASP B 1142 -29.06 82.90 21.51
N SER B 1143 -28.95 82.94 20.31
N SER B 1143 -28.95 81.76 22.21
CA SER B 1143 -29.59 83.27 21.59
CA SER B 1143 -29.41 81.70 23.60
C SER B 1143 -28.88 84.43 22.28
C SER B 1143 -28.61 82.65 24.49
N PHE B 1144 -27.55 84.38 22.33
N PHE B 1144 -27.29 82.69 24.30
CA PHE B 1144 -26.80 85.46 22.97
CA PHE B 1144 -26.46 83.60 25.08
C PHE B 1144 -26.97 86.76 22.20
C PHE B 1144 -26.81 85.06 24.78
N LYS B 1145 -27.00 86.70 20.86
N LYS B 1145 -27.07 85.37 23.51
CA LYS B 1145 -27.19 87.89 20.06
CA LYS B 1145 -27.47 86.73 23.15
C LYS B 1145 -28.57 88.50 20.28
C LYS B 1145 -28.81 87.11 23.77
N GLU B 1146 -29.60 87.65 20.39
N GLU B 1146 -29.76 86.16 23.80
CA GLU B 1146 -30.94 88.16 20.66
CA GLU B 1146 -31.04 86.42 24.45
C GLU B 1146 -31.01 88.82 22.03
C GLU B 1146 -30.86 86.67 25.94
N GLU B 1147 -30.38 88.21 23.04
N GLU B 1147 -30.02 85.86 26.60
CA GLU B 1147 -30.36 88.83 24.37
CA GLU B 1147 -29.77 86.06 28.02
C GLU B 1147 -29.62 90.16 24.34
C GLU B 1147 -29.09 87.41 28.27
N LEU B 1148 -28.49 90.23 23.66
N LEU B 1148 -28.13 87.78 27.40
CA LEU B 1148 -27.73 91.47 23.58
CA LEU B 1148 -27.46 89.07 27.54
C LEU B 1148 -28.51 92.54 22.83
C LEU B 1148 -28.45 90.22 27.36
N ASP B 1149 -29.19 92.16 21.74
N ASP B 1149 -29.36 90.09 26.38
CA ASP B 1149 -29.99 93.11 20.99
CA ASP B 1149 -30.37 91.13 26.18
C ASP B 1149 -31.15 93.64 21.82
C ASP B 1149 -31.29 91.24 27.38
N LYS B 1150 -31.80 92.78 22.60
N LYS B 1150 -31.68 90.11 27.96
CA LYS B 1150 -32.87 93.24 23.49
CA LYS B 1150 -32.52 90.15 29.16
C LYS B 1150 -32.33 94.20 24.54
C LYS B 1150 -31.78 90.83 30.31
N TYR B 1151 -31.17 93.89 25.11
N TYR B 1151 -30.50 90.49 30.50
CA TYR B 1151 -30.57 94.79 26.10
CA TYR B 1151 -29.73 91.13 31.56
C TYR B 1151 -30.21 96.13 25.47
C TYR B 1151 -29.59 92.63 31.33
N PHE B 1152 -29.65 96.11 24.27
N PHE B 1152 -29.35 93.02 30.09
CA PHE B 1152 -29.30 97.35 23.58
CA PHE B 1152 -29.24 94.44 29.76
C PHE B 1152 -30.54 98.18 23.26
C PHE B 1152 -30.54 95.18 30.04
N LYS B 1153 -31.62 97.52 22.82
N LYS B 1153 -31.67 94.60 29.63
CA LYS B 1153 -32.85 98.23 22.53
CA LYS B 1153 -32.97 95.23 29.85
C LYS B 1153 -33.44 98.85 23.79
C LYS B 1153 -33.38 95.20 31.31
N ASN B 1154 -33.39 98.12 24.90
N ASN B 1154 -32.77 94.33 32.12
CA ASN B 1154 -33.87 98.67 26.17
CA ASN B 1154 -33.09 94.29 33.54
C ASN B 1154 -33.02 99.86 26.61
C ASN B 1154 -32.77 95.62 34.23
N HIS B 1155 -31.70 99.78 26.42
N HIS B 1155 -31.63 96.22 33.88
CA HIS B 1155 -30.82 100.89 26.78
CA HIS B 1155 -31.19 97.46 34.51
C HIS B 1155 -31.09 102.11 25.92
C HIS B 1155 -31.30 98.69 33.62
N THR B 1156 -31.27 101.93 24.62
N THR B 1156 -31.02 98.56 32.32
CA THR B 1156 -31.51 103.06 23.73
CA THR B 1156 -31.14 99.71 31.43
C THR B 1156 -32.85 103.73 24.04
C THR B 1156 -32.59 100.16 31.27
N SER B 1157 -33.88 102.93 24.31
N SER B 1157 -33.51 99.20 31.15
CA SER B 1157 -35.21 103.47 24.60
CA SER B 1157 -34.93 99.52 30.98
C SER B 1157 -35.97 102.53 25.53
C SER B 1157 -35.74 99.02 32.17
N CYS C 15 14.35 -27.73 -65.98
CA CYS C 15 13.77 -26.56 -66.62
C CYS C 15 14.49 -26.24 -67.93
N VAL C 16 13.82 -25.49 -68.80
CA VAL C 16 14.36 -25.10 -70.10
C VAL C 16 14.49 -23.58 -70.10
N MET C 17 15.72 -23.09 -70.14
CA MET C 17 15.98 -21.66 -70.15
C MET C 17 16.38 -21.23 -71.54
N PRO C 18 15.54 -20.50 -72.28
CA PRO C 18 15.97 -19.95 -73.56
C PRO C 18 17.09 -18.93 -73.38
N LEU C 19 17.96 -18.85 -74.38
CA LEU C 19 19.10 -17.94 -74.29
C LEU C 19 18.62 -16.49 -74.36
N PHE C 20 19.03 -15.69 -73.38
CA PHE C 20 18.66 -14.29 -73.29
C PHE C 20 19.89 -13.46 -72.96
N ASN C 21 19.84 -12.18 -73.36
CA ASN C 21 20.88 -11.22 -73.00
C ASN C 21 20.57 -10.69 -71.59
N LEU C 22 20.96 -11.49 -70.60
CA LEU C 22 20.64 -11.17 -69.21
C LEU C 22 21.33 -9.88 -68.80
N ILE C 23 20.59 -9.04 -68.08
CA ILE C 23 21.08 -7.75 -67.59
C ILE C 23 21.10 -7.79 -66.07
N THR C 24 22.20 -7.31 -65.49
CA THR C 24 22.37 -7.33 -64.04
C THR C 24 21.31 -6.46 -63.37
N THR C 25 20.81 -6.94 -62.22
CA THR C 25 19.80 -6.20 -61.48
C THR C 25 20.40 -4.94 -60.88
N THR C 26 19.62 -3.86 -60.89
CA THR C 26 20.00 -2.58 -60.30
C THR C 26 19.25 -2.42 -58.99
N GLN C 27 19.99 -2.45 -57.87
CA GLN C 27 19.38 -2.37 -56.55
C GLN C 27 19.43 -0.93 -56.04
N SER C 28 18.59 -0.10 -56.63
CA SER C 28 18.43 1.27 -56.16
C SER C 28 17.62 1.27 -54.86
N TYR C 29 17.80 2.33 -54.08
CA TYR C 29 17.19 2.46 -52.76
C TYR C 29 16.16 3.59 -52.77
N THR C 30 15.08 3.39 -52.01
CA THR C 30 14.03 4.38 -51.89
C THR C 30 13.50 4.37 -50.47
N ASN C 31 12.87 5.47 -50.08
CA ASN C 31 12.28 5.58 -48.76
C ASN C 31 10.94 4.86 -48.70
N SER C 32 10.68 4.20 -47.57
CA SER C 32 9.47 3.40 -47.41
C SER C 32 8.23 4.25 -47.12
N PHE C 33 8.40 5.52 -46.79
CA PHE C 33 7.28 6.41 -46.45
C PHE C 33 6.52 5.80 -45.27
N THR C 34 5.20 5.99 -45.23
CA THR C 34 4.37 5.58 -44.10
C THR C 34 3.49 4.39 -44.46
N ARG C 35 3.99 3.47 -45.27
CA ARG C 35 3.26 2.26 -45.62
C ARG C 35 3.72 1.11 -44.74
N GLY C 36 3.09 -0.04 -44.94
CA GLY C 36 3.48 -1.25 -44.22
C GLY C 36 2.77 -1.49 -42.91
N VAL C 37 1.65 -0.83 -42.66
CA VAL C 37 0.89 -1.03 -41.44
C VAL C 37 -0.19 -2.06 -41.69
N TYR C 38 -0.22 -3.11 -40.86
CA TYR C 38 -1.20 -4.18 -40.97
C TYR C 38 -1.89 -4.36 -39.63
N TYR C 39 -3.11 -4.87 -39.68
CA TYR C 39 -3.88 -5.07 -38.45
C TYR C 39 -3.16 -6.10 -37.57
N PRO C 40 -2.80 -5.75 -36.34
CA PRO C 40 -2.03 -6.70 -35.51
C PRO C 40 -2.76 -7.99 -35.23
N ASP C 41 -4.08 -7.96 -35.18
CA ASP C 41 -4.87 -9.14 -34.85
C ASP C 41 -6.28 -8.98 -35.42
N LYS C 42 -7.18 -9.86 -34.98
CA LYS C 42 -8.54 -9.91 -35.50
C LYS C 42 -9.54 -9.10 -34.69
N VAL C 43 -9.08 -8.37 -33.68
CA VAL C 43 -10.00 -7.68 -32.77
C VAL C 43 -10.49 -6.40 -33.42
N PHE C 44 -11.81 -6.22 -33.46
CA PHE C 44 -12.37 -4.96 -33.90
C PHE C 44 -12.20 -3.91 -32.81
N ARG C 45 -12.03 -2.65 -33.23
CA ARG C 45 -11.81 -1.57 -32.30
C ARG C 45 -12.27 -0.28 -32.96
N SER C 46 -13.10 0.50 -32.26
CA SER C 46 -13.80 1.63 -32.87
C SER C 46 -13.45 2.92 -32.16
N SER C 47 -12.97 3.90 -32.94
CA SER C 47 -12.82 5.28 -32.51
C SER C 47 -11.99 5.42 -31.23
N VAL C 48 -10.96 4.59 -31.09
CA VAL C 48 -9.97 4.75 -30.04
C VAL C 48 -8.59 4.58 -30.64
N LEU C 49 -7.58 5.00 -29.88
CA LEU C 49 -6.18 4.91 -30.28
C LEU C 49 -5.54 3.77 -29.49
N HIS C 50 -4.96 2.81 -30.22
CA HIS C 50 -4.40 1.61 -29.63
C HIS C 50 -2.89 1.62 -29.76
N LEU C 51 -2.20 1.37 -28.66
CA LEU C 51 -0.73 1.31 -28.63
C LEU C 51 -0.32 -0.14 -28.45
N THR C 52 0.24 -0.73 -29.50
CA THR C 52 0.65 -2.12 -29.47
C THR C 52 2.02 -2.27 -30.12
N GLN C 53 2.73 -3.31 -29.72
CA GLN C 53 4.05 -3.61 -30.27
C GLN C 53 4.01 -4.96 -30.98
N ASP C 54 4.61 -4.99 -32.18
CA ASP C 54 4.72 -6.21 -32.98
C ASP C 54 5.79 -5.95 -34.04
N LEU C 55 5.87 -6.85 -35.02
CA LEU C 55 6.80 -6.67 -36.11
C LEU C 55 6.19 -5.73 -37.15
N PHE C 56 6.84 -4.60 -37.39
CA PHE C 56 6.35 -3.61 -38.35
C PHE C 56 7.52 -3.10 -39.18
N LEU C 57 7.19 -2.59 -40.36
CA LEU C 57 8.17 -1.90 -41.18
C LEU C 57 8.42 -0.53 -40.58
N PRO C 58 9.65 -0.20 -40.18
CA PRO C 58 9.91 1.11 -39.58
C PRO C 58 9.58 2.24 -40.54
N PHE C 59 9.07 3.33 -39.98
CA PHE C 59 8.71 4.48 -40.81
C PHE C 59 9.96 5.11 -41.40
N PHE C 60 9.85 5.53 -42.66
CA PHE C 60 10.94 6.16 -43.39
C PHE C 60 12.19 5.28 -43.40
N SER C 61 11.99 3.97 -43.58
CA SER C 61 13.09 3.03 -43.60
C SER C 61 13.70 2.96 -44.99
N ASN C 62 14.57 1.98 -45.22
CA ASN C 62 15.28 1.82 -46.48
C ASN C 62 14.82 0.55 -47.17
N VAL C 63 14.38 0.68 -48.42
CA VAL C 63 13.86 -0.44 -49.19
C VAL C 63 14.61 -0.49 -50.52
N THR C 64 14.43 -1.61 -51.22
CA THR C 64 15.11 -1.86 -52.50
C THR C 64 14.09 -1.94 -53.62
N TRP C 65 14.40 -1.27 -54.74
CA TRP C 65 13.50 -1.18 -55.88
C TRP C 65 14.22 -1.66 -57.13
N PHE C 66 13.54 -2.51 -57.91
CA PHE C 66 14.11 -3.18 -59.08
C PHE C 66 13.25 -2.87 -60.30
N HIS C 67 13.60 -3.52 -61.42
CA HIS C 67 12.82 -3.42 -62.65
C HIS C 67 12.61 -4.81 -63.23
N ALA C 68 11.50 -4.95 -63.96
CA ALA C 68 11.20 -6.16 -64.74
C ALA C 68 10.61 -5.70 -66.06
N ILE C 69 11.48 -5.51 -67.06
CA ILE C 69 11.08 -5.00 -68.36
C ILE C 69 11.94 -5.66 -69.43
N SER C 70 11.46 -5.61 -70.67
CA SER C 70 12.19 -6.12 -71.83
C SER C 70 12.53 -4.95 -72.75
N GLY C 71 13.81 -4.83 -73.09
CA GLY C 71 14.24 -3.74 -73.94
C GLY C 71 13.87 -3.94 -75.40
N THR C 72 13.89 -2.84 -76.14
CA THR C 72 13.58 -2.84 -77.56
C THR C 72 14.78 -3.13 -78.43
N ASN C 73 15.97 -3.29 -77.85
CA ASN C 73 17.19 -3.57 -78.58
C ASN C 73 17.54 -5.05 -78.59
N GLY C 74 16.61 -5.92 -78.17
CA GLY C 74 16.87 -7.34 -78.10
C GLY C 74 17.38 -7.84 -76.77
N THR C 75 17.70 -6.94 -75.84
CA THR C 75 18.17 -7.31 -74.51
C THR C 75 17.04 -7.11 -73.52
N LYS C 76 16.68 -8.17 -72.80
CA LYS C 76 15.60 -8.16 -71.82
C LYS C 76 16.17 -8.17 -70.42
N ARG C 77 15.73 -7.24 -69.58
CA ARG C 77 16.21 -7.15 -68.20
C ARG C 77 15.57 -8.27 -67.39
N PHE C 78 16.32 -9.35 -67.19
CA PHE C 78 15.85 -10.52 -66.43
C PHE C 78 16.37 -10.38 -65.01
N ASP C 79 15.60 -9.71 -64.17
CA ASP C 79 15.98 -9.46 -62.77
C ASP C 79 15.28 -10.50 -61.90
N ASN C 80 16.01 -11.57 -61.56
CA ASN C 80 15.52 -12.62 -60.67
C ASN C 80 16.58 -12.94 -59.63
N PRO C 81 16.86 -12.00 -58.71
CA PRO C 81 17.87 -12.26 -57.68
C PRO C 81 17.30 -12.98 -56.48
N VAL C 82 18.11 -13.16 -55.44
CA VAL C 82 17.70 -13.81 -54.21
C VAL C 82 17.96 -12.86 -53.05
N LEU C 83 17.05 -12.85 -52.06
CA LEU C 83 17.15 -11.97 -50.91
C LEU C 83 16.82 -12.74 -49.64
N PRO C 84 17.45 -12.39 -48.52
CA PRO C 84 17.19 -13.12 -47.28
C PRO C 84 15.83 -12.79 -46.71
N PHE C 85 15.40 -13.62 -45.74
CA PHE C 85 14.11 -13.44 -45.10
C PHE C 85 14.19 -12.69 -43.77
N ASN C 86 15.19 -13.03 -42.94
CA ASN C 86 15.31 -12.48 -41.59
C ASN C 86 14.05 -12.73 -40.78
N ASP C 87 13.19 -11.71 -40.65
CA ASP C 87 12.01 -11.82 -39.80
C ASP C 87 10.71 -11.41 -40.47
N GLY C 88 10.75 -10.74 -41.61
CA GLY C 88 9.51 -10.31 -42.26
C GLY C 88 9.79 -9.80 -43.65
N VAL C 89 8.71 -9.61 -44.40
CA VAL C 89 8.78 -9.13 -45.77
C VAL C 89 7.69 -8.09 -45.98
N TYR C 90 8.04 -6.99 -46.63
CA TYR C 90 7.07 -6.03 -47.16
C TYR C 90 7.25 -6.01 -48.67
N PHE C 91 6.29 -6.57 -49.39
CA PHE C 91 6.38 -6.69 -50.84
C PHE C 91 5.30 -5.83 -51.50
N ALA C 92 5.73 -4.96 -52.40
CA ALA C 92 4.83 -4.14 -53.20
C ALA C 92 5.30 -4.17 -54.65
N SER C 93 4.35 -4.28 -55.58
CA SER C 93 4.70 -4.36 -56.99
C SER C 93 3.72 -3.53 -57.81
N THR C 94 4.19 -3.06 -58.96
CA THR C 94 3.37 -2.32 -59.92
C THR C 94 3.53 -2.96 -61.28
N GLU C 95 2.42 -3.36 -61.89
CA GLU C 95 2.45 -4.02 -63.18
C GLU C 95 1.09 -3.90 -63.83
N LYS C 96 1.05 -4.15 -65.14
CA LYS C 96 -0.17 -4.11 -65.93
C LYS C 96 -0.64 -5.48 -66.40
N SER C 97 0.29 -6.35 -66.80
CA SER C 97 -0.05 -7.68 -67.31
C SER C 97 0.23 -8.78 -66.29
N ASN C 98 0.42 -8.41 -65.02
CA ASN C 98 0.69 -9.37 -63.94
C ASN C 98 1.94 -10.21 -64.25
N ILE C 99 3.05 -9.50 -64.45
CA ILE C 99 4.31 -10.18 -64.75
C ILE C 99 4.75 -11.03 -63.57
N ILE C 100 4.62 -10.50 -62.35
CA ILE C 100 4.91 -11.30 -61.16
C ILE C 100 3.78 -12.30 -60.96
N ARG C 101 4.15 -13.58 -60.82
CA ARG C 101 3.16 -14.65 -60.78
C ARG C 101 3.32 -15.58 -59.59
N GLY C 102 4.05 -15.18 -58.55
CA GLY C 102 4.16 -15.97 -57.35
C GLY C 102 5.52 -15.82 -56.71
N TRP C 103 5.78 -16.70 -55.75
CA TRP C 103 7.02 -16.66 -54.98
C TRP C 103 7.41 -18.07 -54.57
N ILE C 104 8.69 -18.22 -54.23
CA ILE C 104 9.23 -19.45 -53.67
C ILE C 104 9.83 -19.13 -52.31
N PHE C 105 9.55 -19.97 -51.32
CA PHE C 105 10.06 -19.77 -49.97
C PHE C 105 10.83 -21.00 -49.51
N GLY C 106 11.95 -20.76 -48.84
CA GLY C 106 12.78 -21.86 -48.35
C GLY C 106 14.11 -21.34 -47.88
N THR C 107 15.01 -22.30 -47.61
CA THR C 107 16.37 -22.00 -47.19
C THR C 107 17.40 -22.40 -48.23
N THR C 108 17.40 -23.67 -48.65
CA THR C 108 18.36 -24.16 -49.62
C THR C 108 17.79 -24.25 -51.03
N LEU C 109 16.47 -24.09 -51.18
CA LEU C 109 15.82 -24.07 -52.49
C LEU C 109 16.11 -25.34 -53.29
N ASP C 110 16.10 -26.48 -52.61
CA ASP C 110 16.33 -27.77 -53.26
C ASP C 110 15.47 -28.82 -52.58
N SER C 111 15.67 -30.07 -52.95
CA SER C 111 14.95 -31.18 -52.33
C SER C 111 15.46 -31.52 -50.95
N LYS C 112 16.62 -30.97 -50.55
CA LYS C 112 17.15 -31.25 -49.22
C LYS C 112 16.24 -30.72 -48.12
N THR C 113 15.74 -29.49 -48.30
CA THR C 113 14.90 -28.84 -47.30
C THR C 113 13.52 -28.57 -47.88
N GLN C 114 12.52 -28.56 -47.00
CA GLN C 114 11.16 -28.26 -47.41
C GLN C 114 11.06 -26.82 -47.91
N SER C 115 10.31 -26.62 -48.98
CA SER C 115 10.16 -25.31 -49.61
C SER C 115 8.70 -25.01 -49.85
N LEU C 116 8.32 -23.76 -49.64
CA LEU C 116 6.95 -23.30 -49.86
C LEU C 116 6.90 -22.48 -51.15
N LEU C 117 5.94 -22.80 -52.01
CA LEU C 117 5.84 -22.18 -53.33
C LEU C 117 4.47 -21.54 -53.51
N ILE C 118 4.47 -20.33 -54.09
CA ILE C 118 3.25 -19.61 -54.41
C ILE C 118 3.22 -19.42 -55.92
N VAL C 119 2.07 -19.74 -56.54
CA VAL C 119 1.92 -19.69 -57.99
C VAL C 119 0.61 -18.99 -58.33
N ASN C 120 0.67 -18.01 -59.21
CA ASN C 120 -0.50 -17.40 -59.81
C ASN C 120 -0.79 -18.05 -61.16
N ASN C 121 -2.07 -18.09 -61.53
CA ASN C 121 -2.50 -18.83 -62.70
C ASN C 121 -3.56 -18.05 -63.49
N ALA C 122 -3.89 -16.83 -63.05
CA ALA C 122 -4.82 -15.86 -63.64
C ALA C 122 -6.27 -16.22 -63.37
N THR C 123 -6.54 -17.37 -62.77
CA THR C 123 -7.87 -17.68 -62.26
C THR C 123 -7.85 -18.09 -60.80
N ASN C 124 -6.85 -18.86 -60.39
CA ASN C 124 -6.71 -19.28 -59.00
C ASN C 124 -5.28 -19.11 -58.52
N VAL C 125 -4.99 -19.59 -57.31
CA VAL C 125 -3.65 -19.53 -56.75
C VAL C 125 -3.26 -20.93 -56.27
N PHE C 126 -1.95 -21.17 -56.22
CA PHE C 126 -1.39 -22.44 -55.76
C PHE C 126 -0.45 -22.19 -54.60
N ILE C 127 -0.58 -23.02 -53.56
CA ILE C 127 0.28 -22.96 -52.38
C ILE C 127 0.72 -24.39 -52.11
N LYS C 128 1.96 -24.71 -52.47
CA LYS C 128 2.52 -26.05 -52.29
C LYS C 128 3.74 -25.98 -51.40
N VAL C 129 3.84 -26.91 -50.46
CA VAL C 129 4.97 -27.00 -49.54
C VAL C 129 5.57 -28.39 -49.71
N CYS C 130 6.57 -28.51 -50.57
CA CYS C 130 7.27 -29.77 -50.78
C CYS C 130 8.75 -29.48 -50.99
N GLU C 131 9.54 -30.55 -51.12
CA GLU C 131 10.97 -30.43 -51.37
C GLU C 131 11.21 -30.34 -52.88
N PHE C 132 10.79 -29.21 -53.43
CA PHE C 132 10.92 -28.97 -54.87
C PHE C 132 12.38 -28.90 -55.27
N GLN C 133 12.69 -29.47 -56.45
CA GLN C 133 14.03 -29.40 -57.00
C GLN C 133 14.07 -28.24 -58.00
N PHE C 134 14.23 -27.03 -57.47
CA PHE C 134 14.24 -25.84 -58.28
C PHE C 134 15.51 -25.76 -59.12
N CYS C 135 15.38 -25.17 -60.30
CA CYS C 135 16.51 -24.96 -61.19
C CYS C 135 17.23 -23.65 -60.81
N ASN C 136 18.19 -23.24 -61.64
CA ASN C 136 18.94 -22.02 -61.34
C ASN C 136 18.04 -20.79 -61.40
N ASP C 137 17.24 -20.67 -62.45
CA ASP C 137 16.32 -19.54 -62.64
C ASP C 137 14.92 -20.08 -62.94
N PRO C 138 14.22 -20.55 -61.93
CA PRO C 138 12.85 -21.04 -62.16
C PRO C 138 11.94 -19.91 -62.63
N PHE C 139 11.03 -20.25 -63.53
CA PHE C 139 10.07 -19.29 -64.06
C PHE C 139 8.87 -20.04 -64.61
N LEU C 140 7.76 -19.32 -64.75
CA LEU C 140 6.53 -19.90 -65.28
C LEU C 140 6.44 -19.63 -66.77
N ASP C 141 6.19 -20.68 -67.55
CA ASP C 141 6.12 -20.58 -69.00
C ASP C 141 4.70 -20.22 -69.41
N VAL C 142 4.56 -19.07 -70.08
CA VAL C 142 3.28 -18.59 -70.57
C VAL C 142 3.38 -18.47 -72.08
N TYR C 143 2.49 -19.14 -72.80
CA TYR C 143 2.51 -19.14 -74.25
C TYR C 143 1.15 -19.57 -74.78
N HIS C 144 0.96 -19.39 -76.08
CA HIS C 144 -0.31 -19.67 -76.72
C HIS C 144 -0.48 -21.16 -77.01
N LYS C 145 -1.74 -21.58 -77.09
CA LYS C 145 -2.10 -22.92 -77.55
C LYS C 145 -3.09 -22.76 -78.69
N ASN C 146 -2.75 -23.31 -79.85
CA ASN C 146 -3.56 -23.22 -81.06
C ASN C 146 -3.80 -21.78 -81.50
N ASN C 147 -2.99 -20.84 -81.00
CA ASN C 147 -3.09 -19.42 -81.34
C ASN C 147 -4.48 -18.86 -81.02
N LYS C 148 -5.12 -19.38 -79.98
CA LYS C 148 -6.47 -18.94 -79.64
C LYS C 148 -6.62 -18.57 -78.18
N SER C 149 -5.85 -19.21 -77.30
CA SER C 149 -6.02 -19.03 -75.86
C SER C 149 -4.66 -18.90 -75.19
N TRP C 150 -4.67 -18.24 -74.03
CA TRP C 150 -3.50 -18.12 -73.17
C TRP C 150 -3.53 -19.20 -72.09
N MET C 151 -2.36 -19.70 -71.74
CA MET C 151 -2.26 -20.68 -70.66
C MET C 151 -0.84 -20.66 -70.10
N GLU C 152 -0.71 -21.23 -68.91
CA GLU C 152 0.53 -21.19 -68.14
C GLU C 152 1.01 -22.60 -67.84
N SER C 153 2.33 -22.77 -67.79
CA SER C 153 2.95 -24.05 -67.51
C SER C 153 3.94 -23.90 -66.37
N GLU C 154 4.01 -24.91 -65.52
CA GLU C 154 4.92 -24.93 -64.37
C GLU C 154 6.16 -25.79 -64.62
N SER C 155 6.40 -26.20 -65.87
CA SER C 155 7.54 -27.04 -66.17
C SER C 155 8.86 -26.33 -65.92
N GLY C 156 8.91 -25.02 -66.16
CA GLY C 156 10.12 -24.26 -65.97
C GLY C 156 10.43 -23.83 -64.55
N VAL C 157 9.57 -24.19 -63.60
CA VAL C 157 9.77 -23.81 -62.21
C VAL C 157 10.55 -24.89 -61.47
N TYR C 158 9.99 -26.09 -61.42
CA TYR C 158 10.57 -27.21 -60.69
C TYR C 158 10.57 -28.45 -61.57
N SER C 159 11.63 -29.25 -61.46
CA SER C 159 11.68 -30.51 -62.18
C SER C 159 10.68 -31.50 -61.61
N SER C 160 10.61 -31.60 -60.29
CA SER C 160 9.70 -32.53 -59.63
C SER C 160 9.47 -32.08 -58.19
N ALA C 161 8.41 -32.61 -57.60
CA ALA C 161 8.07 -32.34 -56.21
C ALA C 161 7.95 -33.66 -55.46
N ASN C 162 8.61 -33.74 -54.31
CA ASN C 162 8.63 -34.97 -53.52
C ASN C 162 8.42 -34.64 -52.05
N ASN C 163 7.90 -35.62 -51.31
CA ASN C 163 7.67 -35.51 -49.87
C ASN C 163 6.79 -34.30 -49.55
N CYS C 164 5.71 -34.15 -50.32
CA CYS C 164 4.78 -33.05 -50.10
C CYS C 164 4.09 -33.21 -48.75
N THR C 165 3.99 -32.10 -48.02
CA THR C 165 3.32 -32.10 -46.73
C THR C 165 2.05 -31.27 -46.70
N PHE C 166 1.86 -30.36 -47.66
CA PHE C 166 0.65 -29.55 -47.71
C PHE C 166 0.42 -29.08 -49.14
N GLU C 167 -0.86 -28.88 -49.47
CA GLU C 167 -1.27 -28.37 -50.76
C GLU C 167 -2.49 -27.48 -50.58
N TYR C 168 -2.58 -26.42 -51.38
CA TYR C 168 -3.67 -25.47 -51.24
C TYR C 168 -3.86 -24.76 -52.58
N VAL C 169 -5.01 -25.00 -53.21
CA VAL C 169 -5.40 -24.33 -54.45
C VAL C 169 -6.83 -23.83 -54.27
N SER C 170 -6.98 -22.52 -54.10
CA SER C 170 -8.30 -21.93 -53.87
C SER C 170 -8.22 -20.44 -54.24
N GLN C 171 -9.20 -19.67 -53.78
CA GLN C 171 -9.31 -18.23 -54.02
C GLN C 171 -9.39 -17.95 -55.52
N PRO C 172 -10.51 -18.30 -56.17
CA PRO C 172 -10.63 -18.03 -57.60
C PRO C 172 -10.81 -16.55 -57.91
N PHE C 173 -9.74 -15.77 -57.78
CA PHE C 173 -9.77 -14.34 -57.99
C PHE C 173 -8.72 -13.94 -59.01
N LEU C 174 -9.08 -12.99 -59.88
CA LEU C 174 -8.17 -12.48 -60.90
C LEU C 174 -7.42 -11.23 -60.45
N MET C 175 -7.60 -10.80 -59.20
CA MET C 175 -6.95 -9.62 -58.66
C MET C 175 -7.28 -8.37 -59.48
N ASP C 176 -6.41 -8.01 -60.42
CA ASP C 176 -6.62 -6.83 -61.24
C ASP C 176 -7.75 -7.09 -62.23
N LEU C 177 -8.90 -6.48 -61.99
CA LEU C 177 -10.06 -6.62 -62.86
C LEU C 177 -10.73 -5.31 -63.24
N GLU C 178 -10.56 -4.24 -62.46
CA GLU C 178 -11.20 -2.97 -62.78
C GLU C 178 -10.63 -2.38 -64.07
N GLY C 179 -9.33 -2.49 -64.28
CA GLY C 179 -8.71 -1.95 -65.47
C GLY C 179 -7.41 -1.24 -65.19
N LYS C 180 -7.08 -0.24 -66.00
CA LYS C 180 -5.85 0.55 -65.88
C LYS C 180 -6.18 2.03 -65.88
N GLN C 181 -7.17 2.42 -65.07
CA GLN C 181 -7.66 3.80 -65.06
C GLN C 181 -6.59 4.79 -64.62
N GLY C 182 -6.14 4.71 -63.36
CA GLY C 182 -5.13 5.62 -62.89
C GLY C 182 -3.74 5.27 -63.38
N ASN C 183 -3.19 4.17 -62.88
CA ASN C 183 -1.96 3.59 -63.45
C ASN C 183 -2.01 2.09 -63.17
N PHE C 184 -2.60 1.35 -64.11
CA PHE C 184 -2.65 -0.12 -64.10
C PHE C 184 -3.49 -0.65 -62.94
N LYS C 185 -3.93 0.24 -62.04
CA LYS C 185 -4.76 -0.10 -60.89
C LYS C 185 -4.30 -1.37 -60.17
N ASN C 186 -3.00 -1.56 -60.05
CA ASN C 186 -2.46 -2.81 -59.55
C ASN C 186 -1.31 -2.57 -58.56
N LEU C 187 -1.49 -1.63 -57.64
CA LEU C 187 -0.52 -1.42 -56.57
C LEU C 187 -0.78 -2.47 -55.50
N ARG C 188 -0.08 -3.59 -55.61
CA ARG C 188 -0.29 -4.75 -54.75
C ARG C 188 0.75 -4.75 -53.65
N GLU C 189 0.33 -4.38 -52.44
CA GLU C 189 1.22 -4.34 -51.28
C GLU C 189 0.96 -5.58 -50.43
N PHE C 190 2.02 -6.35 -50.17
CA PHE C 190 1.93 -7.58 -49.40
C PHE C 190 2.90 -7.54 -48.23
N VAL C 191 2.55 -8.29 -47.17
CA VAL C 191 3.42 -8.47 -46.02
C VAL C 191 3.38 -9.93 -45.62
N PHE C 192 4.55 -10.53 -45.42
CA PHE C 192 4.68 -11.93 -45.06
C PHE C 192 5.36 -12.05 -43.71
N LYS C 193 4.79 -12.84 -42.81
CA LYS C 193 5.37 -13.08 -41.50
C LYS C 193 5.28 -14.56 -41.16
N ASN C 194 6.18 -15.00 -40.29
CA ASN C 194 6.17 -16.37 -39.77
C ASN C 194 6.31 -16.30 -38.25
N ILE C 195 5.19 -16.50 -37.55
CA ILE C 195 5.15 -16.44 -36.09
C ILE C 195 4.51 -17.72 -35.59
N ASP C 196 5.20 -18.41 -34.66
CA ASP C 196 4.69 -19.62 -34.02
C ASP C 196 4.31 -20.68 -35.05
N GLY C 197 5.10 -20.78 -36.11
CA GLY C 197 4.85 -21.77 -37.14
C GLY C 197 3.71 -21.46 -38.08
N TYR C 198 3.21 -20.22 -38.07
CA TYR C 198 2.11 -19.82 -38.93
C TYR C 198 2.61 -18.89 -40.03
N PHE C 199 2.05 -19.04 -41.22
CA PHE C 199 2.36 -18.17 -42.36
C PHE C 199 1.18 -17.23 -42.55
N LYS C 200 1.39 -15.95 -42.24
CA LYS C 200 0.34 -14.95 -42.32
C LYS C 200 0.49 -14.12 -43.59
N ILE C 201 -0.63 -13.83 -44.24
CA ILE C 201 -0.67 -13.06 -45.47
C ILE C 201 -1.47 -11.79 -45.22
N TYR C 202 -0.83 -10.64 -45.42
CA TYR C 202 -1.49 -9.34 -45.35
C TYR C 202 -1.32 -8.66 -46.70
N SER C 203 -2.43 -8.21 -47.29
CA SER C 203 -2.39 -7.67 -48.63
C SER C 203 -3.42 -6.57 -48.79
N LYS C 204 -3.20 -5.73 -49.79
CA LYS C 204 -4.12 -4.64 -50.12
C LYS C 204 -3.84 -4.19 -51.55
N HIS C 205 -4.90 -3.93 -52.30
CA HIS C 205 -4.81 -3.47 -53.68
C HIS C 205 -5.27 -2.02 -53.72
N THR C 206 -4.32 -1.11 -53.61
CA THR C 206 -4.63 0.32 -53.57
C THR C 206 -4.65 0.90 -54.98
N PRO C 207 -5.72 1.58 -55.37
CA PRO C 207 -5.71 2.28 -56.67
C PRO C 207 -4.64 3.36 -56.68
N ILE C 208 -4.06 3.59 -57.86
CA ILE C 208 -2.93 4.49 -58.01
C ILE C 208 -3.44 5.84 -58.50
N ILE C 209 -3.11 6.90 -57.78
CA ILE C 209 -3.37 8.26 -58.22
C ILE C 209 -2.03 8.94 -58.47
N GLY C 210 -1.55 8.87 -59.71
CA GLY C 210 -0.24 9.36 -60.05
C GLY C 210 0.51 8.39 -60.94
N ARG C 211 1.82 8.27 -60.73
CA ARG C 211 2.66 7.36 -61.52
C ARG C 211 3.22 6.23 -60.68
N ASP C 212 3.93 6.54 -59.59
CA ASP C 212 4.56 5.51 -58.78
C ASP C 212 4.61 5.97 -57.33
N PHE C 213 4.21 5.08 -56.42
CA PHE C 213 4.26 5.30 -54.98
C PHE C 213 3.58 6.60 -54.58
N PRO C 214 2.26 6.70 -54.70
CA PRO C 214 1.57 7.92 -54.27
C PRO C 214 1.64 8.08 -52.76
N GLN C 215 1.62 9.33 -52.32
CA GLN C 215 1.68 9.64 -50.90
C GLN C 215 0.31 9.39 -50.29
N GLY C 216 0.26 8.49 -49.31
CA GLY C 216 -1.00 8.17 -48.65
C GLY C 216 -0.81 7.02 -47.70
N PHE C 217 -1.88 6.74 -46.95
CA PHE C 217 -1.89 5.69 -45.95
C PHE C 217 -2.99 4.69 -46.26
N SER C 218 -2.67 3.41 -46.07
CA SER C 218 -3.63 2.33 -46.32
C SER C 218 -3.21 1.12 -45.53
N ALA C 219 -4.05 0.68 -44.60
CA ALA C 219 -3.74 -0.50 -43.81
C ALA C 219 -3.86 -1.75 -44.67
N LEU C 220 -3.14 -2.80 -44.25
CA LEU C 220 -3.09 -4.06 -44.99
C LEU C 220 -3.90 -5.10 -44.21
N GLU C 221 -5.10 -5.39 -44.72
CA GLU C 221 -5.96 -6.37 -44.09
C GLU C 221 -5.43 -7.78 -44.35
N PRO C 222 -5.39 -8.64 -43.34
CA PRO C 222 -4.97 -10.03 -43.58
C PRO C 222 -5.92 -10.75 -44.52
N LEU C 223 -5.38 -11.65 -45.32
CA LEU C 223 -6.15 -12.43 -46.27
C LEU C 223 -6.32 -13.88 -45.85
N VAL C 224 -5.22 -14.58 -45.57
CA VAL C 224 -5.28 -15.99 -45.20
C VAL C 224 -4.13 -16.30 -44.26
N ASP C 225 -4.40 -17.10 -43.24
CA ASP C 225 -3.39 -17.59 -42.32
C ASP C 225 -3.23 -19.08 -42.52
N LEU C 226 -1.97 -19.54 -42.62
CA LEU C 226 -1.67 -20.93 -42.94
C LEU C 226 -0.63 -21.44 -41.97
N PRO C 227 -0.95 -22.41 -41.12
CA PRO C 227 0.03 -22.97 -40.16
C PRO C 227 0.94 -24.04 -40.77
N ILE C 228 2.00 -23.58 -41.43
CA ILE C 228 2.95 -24.50 -42.04
C ILE C 228 3.95 -24.99 -41.00
N GLY C 229 4.69 -24.07 -40.40
CA GLY C 229 5.66 -24.44 -39.37
C GLY C 229 6.98 -24.93 -39.92
N ILE C 230 7.52 -24.25 -40.93
CA ILE C 230 8.81 -24.60 -41.49
C ILE C 230 9.73 -23.38 -41.40
N ASN C 231 10.90 -23.52 -42.00
CA ASN C 231 12.03 -22.64 -41.75
C ASN C 231 12.29 -21.88 -43.05
N ILE C 232 12.23 -20.55 -43.00
CA ILE C 232 12.31 -19.74 -44.22
C ILE C 232 13.42 -18.71 -44.07
N THR C 233 14.32 -18.66 -45.05
CA THR C 233 15.47 -17.76 -44.99
C THR C 233 15.66 -16.99 -46.30
N ARG C 234 15.16 -17.54 -47.41
CA ARG C 234 15.40 -16.94 -48.72
C ARG C 234 14.14 -17.07 -49.57
N PHE C 235 14.00 -16.18 -50.56
CA PHE C 235 12.92 -16.27 -51.52
C PHE C 235 13.41 -15.79 -52.87
N GLN C 236 12.53 -15.89 -53.87
CA GLN C 236 12.82 -15.37 -55.21
C GLN C 236 11.51 -15.18 -55.95
N THR C 237 11.25 -13.95 -56.37
CA THR C 237 10.02 -13.67 -57.10
C THR C 237 10.06 -14.30 -58.49
N LEU C 238 8.88 -14.65 -58.99
CA LEU C 238 8.73 -15.29 -60.29
C LEU C 238 8.15 -14.28 -61.28
N LEU C 239 8.79 -14.15 -62.43
CA LEU C 239 8.38 -13.22 -63.48
C LEU C 239 7.84 -14.01 -64.66
N ALA C 240 6.64 -13.64 -65.12
CA ALA C 240 6.03 -14.32 -66.25
C ALA C 240 6.79 -14.01 -67.53
N LEU C 241 7.00 -15.05 -68.35
CA LEU C 241 7.63 -14.91 -69.66
C LEU C 241 6.64 -15.33 -70.72
N ASN C 242 6.36 -14.44 -71.66
CA ASN C 242 5.43 -14.69 -72.75
C ASN C 242 6.18 -14.78 -74.06
N ARG C 243 5.87 -15.79 -74.86
CA ARG C 243 6.54 -16.02 -76.14
C ARG C 243 5.99 -15.02 -77.16
N SER C 244 6.47 -13.78 -77.04
CA SER C 244 6.12 -12.69 -77.95
C SER C 244 4.61 -12.43 -77.98
N TYR C 245 4.15 -11.79 -79.06
CA TYR C 245 2.73 -11.50 -79.27
C TYR C 245 2.14 -10.66 -78.14
N LEU C 246 2.92 -9.69 -77.66
CA LEU C 246 2.43 -8.73 -76.68
C LEU C 246 2.49 -7.30 -77.20
N THR C 247 3.62 -6.88 -77.75
CA THR C 247 3.77 -5.52 -78.26
C THR C 247 3.39 -5.49 -79.74
N PRO C 248 2.35 -4.75 -80.13
CA PRO C 248 1.99 -4.66 -81.55
C PRO C 248 3.11 -4.03 -82.36
N GLY C 249 3.24 -4.50 -83.61
CA GLY C 249 4.26 -3.99 -84.50
C GLY C 249 5.64 -4.56 -84.30
N ASP C 250 5.82 -5.52 -83.40
CA ASP C 250 7.12 -6.14 -83.12
C ASP C 250 7.17 -7.50 -83.81
N SER C 251 8.16 -7.67 -84.69
CA SER C 251 8.36 -8.92 -85.40
C SER C 251 9.38 -9.84 -84.73
N SER C 252 9.89 -9.45 -83.56
CA SER C 252 10.89 -10.26 -82.88
C SER C 252 10.24 -11.53 -82.36
N SER C 253 10.56 -12.66 -83.01
CA SER C 253 10.02 -13.96 -82.61
C SER C 253 10.84 -14.49 -81.44
N GLY C 254 10.56 -13.95 -80.26
CA GLY C 254 11.27 -14.34 -79.06
C GLY C 254 10.46 -13.96 -77.84
N TRP C 255 10.92 -14.47 -76.68
CA TRP C 255 10.23 -14.22 -75.43
C TRP C 255 10.36 -12.76 -75.03
N THR C 256 9.23 -12.11 -74.76
CA THR C 256 9.19 -10.73 -74.31
C THR C 256 8.34 -10.64 -73.06
N ALA C 257 8.67 -9.67 -72.20
CA ALA C 257 7.96 -9.47 -70.95
C ALA C 257 7.59 -7.99 -70.81
N GLY C 258 6.44 -7.75 -70.19
CA GLY C 258 5.97 -6.39 -69.98
C GLY C 258 6.68 -5.71 -68.82
N ALA C 259 6.42 -4.41 -68.69
CA ALA C 259 7.04 -3.62 -67.64
C ALA C 259 6.48 -4.02 -66.27
N ALA C 260 7.36 -4.10 -65.29
CA ALA C 260 6.97 -4.43 -63.93
C ALA C 260 8.03 -3.90 -62.96
N ASP C 261 7.57 -3.28 -61.87
CA ASP C 261 8.45 -2.77 -60.83
C ASP C 261 7.92 -3.22 -59.48
N TYR C 262 8.81 -3.77 -58.66
CA TYR C 262 8.42 -4.25 -57.34
C TYR C 262 9.44 -3.80 -56.30
N TYR C 263 8.95 -3.61 -55.07
CA TYR C 263 9.76 -3.17 -53.95
C TYR C 263 9.84 -4.27 -52.91
N VAL C 264 10.91 -4.25 -52.11
CA VAL C 264 11.09 -5.20 -51.02
C VAL C 264 11.45 -4.43 -49.76
N GLY C 265 10.75 -4.71 -48.65
CA GLY C 265 11.04 -4.10 -47.39
C GLY C 265 11.19 -5.15 -46.30
N TYR C 266 11.75 -4.73 -45.17
CA TYR C 266 12.08 -5.64 -44.09
C TYR C 266 11.39 -5.18 -42.81
N LEU C 267 10.88 -6.15 -42.05
CA LEU C 267 10.19 -5.86 -40.81
C LEU C 267 11.18 -5.80 -39.64
N GLN C 268 10.77 -5.10 -38.58
CA GLN C 268 11.58 -4.89 -37.40
C GLN C 268 10.66 -4.85 -36.18
N PRO C 269 11.09 -5.41 -35.05
CA PRO C 269 10.25 -5.33 -33.84
C PRO C 269 10.16 -3.91 -33.30
N ARG C 270 8.98 -3.29 -33.42
CA ARG C 270 8.82 -1.89 -33.04
C ARG C 270 7.59 -1.68 -32.17
N THR C 271 7.26 -0.42 -31.91
CA THR C 271 6.06 -0.06 -31.17
C THR C 271 5.27 0.95 -32.00
N PHE C 272 3.98 0.71 -32.16
CA PHE C 272 3.13 1.53 -33.02
C PHE C 272 1.92 2.01 -32.25
N LEU C 273 1.39 3.15 -32.68
CA LEU C 273 0.15 3.71 -32.15
C LEU C 273 -0.84 3.84 -33.30
N LEU C 274 -1.81 2.95 -33.36
CA LEU C 274 -2.77 2.89 -34.45
C LEU C 274 -4.04 3.62 -34.05
N LYS C 275 -4.58 4.42 -34.98
CA LYS C 275 -5.80 5.18 -34.76
C LYS C 275 -6.94 4.52 -35.53
N TYR C 276 -7.88 3.93 -34.81
CA TYR C 276 -9.08 3.36 -35.41
C TYR C 276 -10.16 4.42 -35.49
N ASN C 277 -10.87 4.45 -36.61
CA ASN C 277 -11.97 5.38 -36.78
C ASN C 277 -13.27 4.72 -36.32
N GLU C 278 -14.42 5.33 -36.61
CA GLU C 278 -15.68 4.81 -36.12
C GLU C 278 -16.04 3.46 -36.74
N ASN C 279 -15.53 3.15 -37.93
CA ASN C 279 -15.79 1.88 -38.58
C ASN C 279 -14.64 0.89 -38.42
N GLY C 280 -13.67 1.17 -37.56
CA GLY C 280 -12.69 0.18 -37.20
C GLY C 280 -11.59 -0.06 -38.21
N THR C 281 -11.50 0.76 -39.25
CA THR C 281 -10.41 0.66 -40.20
C THR C 281 -9.29 1.60 -39.81
N ILE C 282 -8.05 1.10 -39.84
CA ILE C 282 -6.91 1.89 -39.42
C ILE C 282 -6.75 3.07 -40.37
N THR C 283 -6.71 4.27 -39.83
CA THR C 283 -6.62 5.49 -40.61
C THR C 283 -5.24 6.14 -40.53
N ASP C 284 -4.68 6.28 -39.33
CA ASP C 284 -3.38 6.90 -39.15
C ASP C 284 -2.62 6.14 -38.07
N ALA C 285 -1.32 5.96 -38.29
CA ALA C 285 -0.46 5.23 -37.37
C ALA C 285 0.80 6.02 -37.11
N VAL C 286 1.33 5.89 -35.90
CA VAL C 286 2.52 6.61 -35.45
C VAL C 286 3.56 5.59 -35.02
N ASP C 287 4.78 5.73 -35.55
CA ASP C 287 5.90 4.90 -35.15
C ASP C 287 6.56 5.55 -33.94
N CYS C 288 6.61 4.82 -32.82
CA CYS C 288 6.97 5.43 -31.54
C CYS C 288 8.41 5.95 -31.54
N ALA C 289 9.33 5.21 -32.17
CA ALA C 289 10.75 5.51 -32.08
C ALA C 289 11.29 6.21 -33.32
N LEU C 290 10.43 6.79 -34.15
CA LEU C 290 10.91 7.49 -35.33
C LEU C 290 11.61 8.79 -34.96
N ASP C 291 10.99 9.60 -34.10
CA ASP C 291 11.50 10.92 -33.76
C ASP C 291 10.88 11.33 -32.44
N PRO C 292 11.47 12.31 -31.74
CA PRO C 292 10.96 12.65 -30.40
C PRO C 292 9.49 13.03 -30.38
N LEU C 293 9.00 13.72 -31.40
CA LEU C 293 7.60 14.10 -31.42
C LEU C 293 6.69 12.87 -31.45
N SER C 294 7.08 11.86 -32.24
CA SER C 294 6.29 10.63 -32.26
C SER C 294 6.37 9.92 -30.92
N GLU C 295 7.51 9.99 -30.24
CA GLU C 295 7.62 9.39 -28.92
C GLU C 295 6.70 10.09 -27.92
N THR C 296 6.60 11.42 -28.02
CA THR C 296 5.66 12.15 -27.17
C THR C 296 4.21 11.77 -27.51
N LYS C 297 3.92 11.62 -28.79
CA LYS C 297 2.57 11.20 -29.19
C LYS C 297 2.23 9.84 -28.60
N CYS C 298 3.18 8.91 -28.65
CA CYS C 298 2.97 7.60 -28.04
C CYS C 298 2.79 7.73 -26.53
N THR C 299 3.58 8.60 -25.89
CA THR C 299 3.50 8.76 -24.44
C THR C 299 2.14 9.28 -24.01
N LEU C 300 1.62 10.28 -24.71
CA LEU C 300 0.30 10.82 -24.37
C LEU C 300 -0.84 9.95 -24.87
N LYS C 301 -0.57 8.94 -25.69
CA LYS C 301 -1.60 8.12 -26.31
C LYS C 301 -2.58 8.99 -27.08
N SER C 302 -2.09 10.05 -27.70
CA SER C 302 -2.91 10.95 -28.49
C SER C 302 -2.14 11.38 -29.73
N PHE C 303 -2.88 11.70 -30.79
CA PHE C 303 -2.27 12.13 -32.04
C PHE C 303 -1.97 13.62 -32.06
N THR C 304 -2.47 14.38 -31.10
CA THR C 304 -2.16 15.80 -30.97
C THR C 304 -1.45 16.03 -29.64
N VAL C 305 -0.45 16.92 -29.67
CA VAL C 305 0.38 17.19 -28.51
C VAL C 305 0.23 18.66 -28.14
N GLU C 306 -0.25 18.92 -26.93
CA GLU C 306 -0.35 20.28 -26.45
C GLU C 306 1.02 20.82 -26.08
N LYS C 307 1.14 22.15 -26.09
CA LYS C 307 2.41 22.79 -25.76
C LYS C 307 2.84 22.45 -24.35
N GLY C 308 4.13 22.14 -24.20
CA GLY C 308 4.68 21.82 -22.90
C GLY C 308 5.92 20.96 -23.06
N ILE C 309 6.39 20.47 -21.93
CA ILE C 309 7.55 19.58 -21.87
C ILE C 309 7.11 18.25 -21.26
N TYR C 310 7.37 17.16 -21.97
CA TYR C 310 6.91 15.84 -21.58
C TYR C 310 8.09 14.90 -21.39
N GLN C 311 7.92 13.94 -20.50
CA GLN C 311 8.95 12.93 -20.22
C GLN C 311 8.59 11.66 -21.00
N THR C 312 9.51 11.22 -21.86
CA THR C 312 9.24 10.12 -22.77
C THR C 312 9.94 8.83 -22.38
N SER C 313 11.27 8.85 -22.26
CA SER C 313 12.02 7.63 -22.01
C SER C 313 13.32 7.99 -21.31
N ASN C 314 14.22 7.01 -21.22
CA ASN C 314 15.52 7.18 -20.56
C ASN C 314 16.62 6.78 -21.52
N PHE C 315 17.40 7.74 -21.97
CA PHE C 315 18.53 7.44 -22.84
C PHE C 315 19.59 6.68 -22.07
N ARG C 316 20.36 5.87 -22.79
CA ARG C 316 21.38 5.04 -22.18
C ARG C 316 22.51 4.82 -23.16
N VAL C 317 23.74 4.97 -22.70
CA VAL C 317 24.92 4.78 -23.54
C VAL C 317 25.18 3.27 -23.60
N GLN C 318 24.84 2.65 -24.72
CA GLN C 318 24.98 1.21 -24.84
C GLN C 318 26.45 0.83 -24.98
N PRO C 319 26.84 -0.34 -24.47
CA PRO C 319 28.24 -0.77 -24.57
C PRO C 319 28.61 -1.13 -25.99
N THR C 320 29.93 -1.07 -26.25
CA THR C 320 30.47 -1.37 -27.57
C THR C 320 31.03 -2.80 -27.65
N GLU C 321 31.98 -3.13 -26.78
CA GLU C 321 32.60 -4.45 -26.78
C GLU C 321 32.19 -5.24 -25.55
N SER C 322 32.52 -6.52 -25.55
CA SER C 322 32.31 -7.40 -24.41
C SER C 322 33.63 -8.07 -24.07
N ILE C 323 34.01 -8.04 -22.80
CA ILE C 323 35.28 -8.58 -22.36
C ILE C 323 35.04 -9.66 -21.32
N VAL C 324 36.00 -10.59 -21.24
CA VAL C 324 35.96 -11.68 -20.27
C VAL C 324 37.37 -11.83 -19.69
N ARG C 325 37.48 -11.84 -18.38
CA ARG C 325 38.77 -12.00 -17.70
C ARG C 325 38.71 -13.23 -16.80
N PHE C 326 39.52 -14.23 -17.12
CA PHE C 326 39.56 -15.49 -16.40
C PHE C 326 41.01 -15.81 -16.04
N PRO C 327 41.23 -16.58 -14.97
CA PRO C 327 42.60 -16.83 -14.53
C PRO C 327 43.39 -17.68 -15.53
N ASN C 328 44.70 -17.78 -15.26
CA ASN C 328 45.62 -18.46 -16.16
C ASN C 328 45.46 -19.98 -16.15
N VAL C 329 44.68 -20.54 -15.21
CA VAL C 329 44.68 -21.98 -15.01
C VAL C 329 44.20 -22.70 -16.27
N THR C 330 44.89 -23.78 -16.62
CA THR C 330 44.55 -24.59 -17.78
C THR C 330 44.39 -26.08 -17.49
N ASN C 331 44.97 -26.60 -16.40
CA ASN C 331 44.88 -28.02 -16.12
C ASN C 331 43.44 -28.44 -15.84
N LEU C 332 43.03 -29.56 -16.44
CA LEU C 332 41.65 -30.02 -16.30
C LEU C 332 41.44 -30.72 -14.97
N CYS C 333 40.28 -30.46 -14.36
CA CYS C 333 39.94 -31.13 -13.12
C CYS C 333 39.66 -32.61 -13.39
N PRO C 334 40.07 -33.50 -12.49
CA PRO C 334 39.93 -34.95 -12.72
C PRO C 334 38.60 -35.52 -12.22
N PHE C 335 37.52 -35.23 -12.95
CA PHE C 335 36.24 -35.81 -12.58
C PHE C 335 36.19 -37.30 -12.86
N HIS C 336 36.92 -37.76 -13.87
CA HIS C 336 36.87 -39.18 -14.23
C HIS C 336 37.41 -40.06 -13.12
N GLU C 337 38.38 -39.57 -12.35
CA GLU C 337 38.92 -40.38 -11.26
C GLU C 337 37.87 -40.67 -10.20
N VAL C 338 37.07 -39.66 -9.84
CA VAL C 338 35.93 -39.91 -8.96
C VAL C 338 34.77 -40.57 -9.68
N PHE C 339 34.81 -40.59 -11.01
CA PHE C 339 33.84 -41.34 -11.81
C PHE C 339 34.32 -42.74 -12.13
N ASN C 340 35.63 -42.96 -12.18
CA ASN C 340 36.20 -44.29 -12.34
C ASN C 340 36.55 -44.93 -11.00
N ALA C 341 35.89 -44.50 -9.93
CA ALA C 341 36.11 -45.10 -8.61
C ALA C 341 35.69 -46.55 -8.62
N THR C 342 36.68 -47.45 -8.52
CA THR C 342 36.39 -48.88 -8.58
C THR C 342 35.52 -49.33 -7.41
N THR C 343 35.58 -48.62 -6.29
CA THR C 343 34.70 -48.90 -5.16
C THR C 343 34.06 -47.59 -4.71
N PHE C 344 32.82 -47.71 -4.23
CA PHE C 344 32.08 -46.58 -3.69
C PHE C 344 31.87 -46.79 -2.20
N ALA C 345 32.28 -45.80 -1.41
CA ALA C 345 32.19 -45.91 0.03
C ALA C 345 30.73 -45.95 0.48
N SER C 346 30.51 -46.53 1.65
CA SER C 346 29.18 -46.58 2.23
C SER C 346 28.70 -45.18 2.58
N VAL C 347 27.38 -45.02 2.62
CA VAL C 347 26.80 -43.70 2.84
C VAL C 347 27.19 -43.15 4.21
N TYR C 348 27.24 -44.01 5.22
CA TYR C 348 27.58 -43.54 6.56
C TYR C 348 28.99 -42.95 6.62
N ALA C 349 29.87 -43.35 5.71
CA ALA C 349 31.23 -42.83 5.60
C ALA C 349 31.54 -42.47 4.16
N TRP C 350 30.63 -41.70 3.56
CA TRP C 350 30.70 -41.44 2.12
C TRP C 350 32.01 -40.74 1.75
N ASN C 351 32.56 -41.14 0.60
CA ASN C 351 33.78 -40.53 0.10
C ASN C 351 33.55 -39.07 -0.25
N ARG C 352 34.50 -38.22 0.12
CA ARG C 352 34.41 -36.80 -0.18
C ARG C 352 35.77 -36.31 -0.65
N THR C 353 35.79 -35.66 -1.81
CA THR C 353 37.01 -35.11 -2.36
C THR C 353 36.76 -33.68 -2.81
N ARG C 354 37.81 -32.86 -2.72
CA ARG C 354 37.74 -31.46 -3.08
C ARG C 354 38.40 -31.24 -4.44
N ILE C 355 37.82 -30.34 -5.22
CA ILE C 355 38.33 -29.99 -6.55
C ILE C 355 38.61 -28.50 -6.57
N SER C 356 39.84 -28.13 -6.88
CA SER C 356 40.23 -26.73 -6.87
C SER C 356 41.47 -26.55 -7.73
N ASN C 357 41.75 -25.28 -8.06
CA ASN C 357 42.94 -24.89 -8.82
C ASN C 357 43.01 -25.63 -10.16
N CYS C 358 41.88 -25.69 -10.85
CA CYS C 358 41.82 -26.36 -12.14
C CYS C 358 40.61 -25.83 -12.91
N VAL C 359 40.60 -26.10 -14.21
CA VAL C 359 39.50 -25.71 -15.08
C VAL C 359 38.51 -26.86 -15.15
N ALA C 360 37.25 -26.57 -14.89
CA ALA C 360 36.20 -27.58 -14.87
C ALA C 360 35.45 -27.57 -16.20
N ASP C 361 35.42 -28.71 -16.87
CA ASP C 361 34.66 -28.90 -18.10
C ASP C 361 33.58 -29.93 -17.82
N TYR C 362 32.36 -29.47 -17.56
CA TYR C 362 31.25 -30.36 -17.23
C TYR C 362 30.68 -31.06 -18.45
N SER C 363 31.36 -30.98 -19.60
CA SER C 363 30.93 -31.74 -20.76
C SER C 363 31.16 -33.24 -20.57
N VAL C 364 32.14 -33.62 -19.75
CA VAL C 364 32.43 -35.03 -19.53
C VAL C 364 31.30 -35.73 -18.78
N LEU C 365 30.44 -34.97 -18.10
CA LEU C 365 29.30 -35.60 -17.43
C LEU C 365 28.36 -36.24 -18.42
N TYR C 366 28.12 -35.59 -19.56
CA TYR C 366 27.25 -36.15 -20.58
C TYR C 366 27.89 -37.34 -21.28
N ASN C 367 29.21 -37.47 -21.23
CA ASN C 367 29.87 -38.62 -21.84
C ASN C 367 29.52 -39.91 -21.11
N PHE C 368 29.25 -39.83 -19.81
CA PHE C 368 28.72 -40.97 -19.09
C PHE C 368 27.37 -41.36 -19.67
N ALA C 369 27.11 -42.66 -19.75
CA ALA C 369 25.92 -43.13 -20.45
C ALA C 369 24.62 -42.97 -19.66
N PRO C 370 24.48 -43.56 -18.46
CA PRO C 370 23.13 -43.69 -17.87
C PRO C 370 22.47 -42.40 -17.41
N PHE C 371 23.18 -41.60 -16.60
CA PHE C 371 22.68 -40.40 -15.91
C PHE C 371 21.22 -40.55 -15.49
N PHE C 372 20.92 -41.56 -14.66
CA PHE C 372 19.53 -41.82 -14.28
C PHE C 372 18.86 -40.58 -13.71
N ALA C 373 19.57 -39.83 -12.88
CA ALA C 373 19.06 -38.60 -12.28
C ALA C 373 20.13 -37.53 -12.38
N PHE C 374 19.96 -36.60 -13.32
CA PHE C 374 20.89 -35.49 -13.53
C PHE C 374 20.09 -34.21 -13.37
N LYS C 375 20.03 -33.71 -12.14
CA LYS C 375 19.25 -32.52 -11.82
C LYS C 375 20.09 -31.60 -10.95
N CYS C 376 20.18 -30.34 -11.34
CA CYS C 376 21.08 -29.37 -10.72
C CYS C 376 20.26 -28.38 -9.91
N TYR C 377 20.59 -28.24 -8.63
CA TYR C 377 19.94 -27.24 -7.79
C TYR C 377 20.59 -25.88 -7.95
N GLY C 378 19.77 -24.85 -8.11
CA GLY C 378 20.24 -23.48 -8.02
C GLY C 378 21.11 -23.00 -9.16
N VAL C 379 21.54 -23.92 -10.03
CA VAL C 379 22.41 -23.58 -11.15
C VAL C 379 21.89 -24.29 -12.39
N SER C 380 21.84 -23.57 -13.50
CA SER C 380 21.42 -24.16 -14.76
C SER C 380 22.46 -25.18 -15.23
N PRO C 381 22.07 -26.42 -15.53
CA PRO C 381 23.04 -27.38 -16.06
C PRO C 381 23.67 -26.93 -17.36
N THR C 382 22.94 -26.18 -18.19
CA THR C 382 23.52 -25.68 -19.43
C THR C 382 24.48 -24.54 -19.19
N LYS C 383 24.26 -23.75 -18.14
CA LYS C 383 25.10 -22.62 -17.82
C LYS C 383 26.34 -23.01 -17.01
N LEU C 384 26.49 -24.30 -16.70
CA LEU C 384 27.59 -24.73 -15.86
C LEU C 384 28.96 -24.44 -16.47
N ASN C 385 29.03 -24.21 -17.77
CA ASN C 385 30.29 -24.09 -18.48
C ASN C 385 30.86 -22.68 -18.47
N ASP C 386 30.17 -21.71 -17.86
CA ASP C 386 30.57 -20.32 -17.94
C ASP C 386 30.91 -19.69 -16.59
N LEU C 387 30.25 -20.09 -15.51
CA LEU C 387 30.45 -19.45 -14.23
C LEU C 387 31.79 -19.87 -13.63
N CYS C 388 32.12 -19.25 -12.49
CA CYS C 388 33.33 -19.56 -11.73
C CYS C 388 32.94 -19.86 -10.30
N PHE C 389 33.45 -20.96 -9.76
CA PHE C 389 33.19 -21.38 -8.39
C PHE C 389 34.48 -21.33 -7.59
N THR C 390 34.36 -21.07 -6.29
CA THR C 390 35.54 -20.98 -5.44
C THR C 390 36.05 -22.36 -5.07
N ASN C 391 35.23 -23.17 -4.41
CA ASN C 391 35.62 -24.51 -3.99
C ASN C 391 34.53 -25.48 -4.41
N VAL C 392 34.91 -26.47 -5.22
CA VAL C 392 34.01 -27.52 -5.66
C VAL C 392 34.25 -28.75 -4.80
N TYR C 393 33.18 -29.27 -4.21
CA TYR C 393 33.25 -30.47 -3.38
C TYR C 393 32.54 -31.60 -4.10
N ALA C 394 33.24 -32.71 -4.30
CA ALA C 394 32.70 -33.88 -4.98
C ALA C 394 32.52 -35.00 -3.98
N ASP C 395 31.31 -35.51 -3.86
CA ASP C 395 30.98 -36.58 -2.93
C ASP C 395 30.37 -37.74 -3.70
N SER C 396 30.72 -38.97 -3.30
CA SER C 396 30.25 -40.16 -3.98
C SER C 396 29.84 -41.21 -2.95
N PHE C 397 28.82 -41.99 -3.30
CA PHE C 397 28.34 -43.09 -2.46
C PHE C 397 27.40 -43.94 -3.30
N VAL C 398 26.92 -45.03 -2.70
CA VAL C 398 25.95 -45.92 -3.31
C VAL C 398 24.66 -45.84 -2.51
N ILE C 399 23.55 -45.57 -3.18
CA ILE C 399 22.29 -45.27 -2.51
C ILE C 399 21.24 -46.30 -2.90
N LYS C 400 20.21 -46.38 -2.07
CA LYS C 400 19.08 -47.26 -2.32
C LYS C 400 18.31 -46.80 -3.55
N GLY C 401 17.72 -47.77 -4.27
CA GLY C 401 17.11 -47.46 -5.56
C GLY C 401 15.99 -46.44 -5.45
N ASN C 402 15.09 -46.62 -4.49
CA ASN C 402 13.95 -45.72 -4.33
C ASN C 402 14.23 -44.59 -3.35
N GLU C 403 15.44 -44.51 -2.80
CA GLU C 403 15.83 -43.44 -1.90
C GLU C 403 16.56 -42.31 -2.60
N VAL C 404 16.60 -42.33 -3.94
CA VAL C 404 17.23 -41.25 -4.69
C VAL C 404 16.49 -39.94 -4.45
N SER C 405 15.16 -39.98 -4.45
CA SER C 405 14.37 -38.78 -4.23
C SER C 405 14.56 -38.21 -2.83
N GLN C 406 15.09 -39.00 -1.89
CA GLN C 406 15.34 -38.52 -0.54
C GLN C 406 16.62 -37.71 -0.42
N ILE C 407 17.42 -37.61 -1.48
CA ILE C 407 18.61 -36.76 -1.47
C ILE C 407 18.17 -35.39 -1.98
N ALA C 408 17.83 -34.52 -1.04
CA ALA C 408 17.28 -33.20 -1.29
C ALA C 408 17.13 -32.49 0.05
N PRO C 409 17.09 -31.16 0.05
CA PRO C 409 16.96 -30.44 1.33
C PRO C 409 15.70 -30.82 2.07
N GLY C 410 15.85 -30.97 3.40
CA GLY C 410 14.71 -31.19 4.27
C GLY C 410 13.90 -32.44 4.00
N GLN C 411 14.50 -33.43 3.34
CA GLN C 411 13.77 -34.66 3.06
C GLN C 411 13.53 -35.44 4.34
N THR C 412 12.47 -36.24 4.33
CA THR C 412 12.09 -37.09 5.46
C THR C 412 12.40 -38.54 5.13
N GLY C 413 12.82 -39.28 6.15
CA GLY C 413 13.19 -40.67 6.00
C GLY C 413 14.51 -40.98 6.70
N ASN C 414 14.79 -42.28 6.78
CA ASN C 414 15.99 -42.73 7.48
C ASN C 414 17.25 -42.21 6.80
N ILE C 415 17.35 -42.40 5.48
CA ILE C 415 18.56 -42.01 4.76
C ILE C 415 18.75 -40.50 4.83
N ALA C 416 17.64 -39.75 4.80
CA ALA C 416 17.73 -38.29 4.76
C ALA C 416 18.35 -37.72 6.02
N ASP C 417 17.96 -38.21 7.19
CA ASP C 417 18.37 -37.60 8.46
C ASP C 417 19.13 -38.56 9.36
N TYR C 418 19.66 -39.66 8.83
CA TYR C 418 20.47 -40.57 9.62
C TYR C 418 21.77 -40.99 8.97
N ASN C 419 21.91 -40.81 7.66
CA ASN C 419 23.14 -41.18 6.96
C ASN C 419 23.73 -40.05 6.14
N TYR C 420 22.90 -39.26 5.47
CA TYR C 420 23.40 -38.20 4.59
C TYR C 420 22.32 -37.13 4.47
N LYS C 421 22.59 -35.94 5.00
CA LYS C 421 21.63 -34.84 5.01
C LYS C 421 22.18 -33.70 4.15
N LEU C 422 21.41 -33.29 3.16
CA LEU C 422 21.78 -32.13 2.36
C LEU C 422 21.35 -30.85 3.05
N PRO C 423 22.09 -29.75 2.85
CA PRO C 423 21.69 -28.47 3.44
C PRO C 423 20.40 -27.97 2.80
N ASP C 424 19.63 -27.21 3.60
CA ASP C 424 18.39 -26.64 3.11
C ASP C 424 18.63 -25.65 1.97
N ASP C 425 19.81 -25.02 1.95
CA ASP C 425 20.18 -24.07 0.91
C ASP C 425 21.17 -24.66 -0.08
N PHE C 426 20.99 -25.93 -0.45
CA PHE C 426 21.88 -26.57 -1.40
C PHE C 426 21.92 -25.79 -2.70
N THR C 427 23.14 -25.54 -3.19
CA THR C 427 23.35 -24.74 -4.38
C THR C 427 24.26 -25.45 -5.38
N GLY C 428 24.21 -26.78 -5.39
CA GLY C 428 25.04 -27.55 -6.31
C GLY C 428 24.25 -28.45 -7.23
N CYS C 429 24.93 -29.41 -7.86
CA CYS C 429 24.29 -30.37 -8.74
C CYS C 429 24.64 -31.78 -8.28
N VAL C 430 23.88 -32.76 -8.81
CA VAL C 430 24.06 -34.15 -8.42
C VAL C 430 23.69 -35.03 -9.61
N ILE C 431 24.50 -36.05 -9.85
CA ILE C 431 24.26 -37.04 -10.90
C ILE C 431 24.11 -38.41 -10.26
N ALA C 432 23.02 -39.09 -10.57
CA ALA C 432 22.72 -40.41 -10.02
C ALA C 432 22.53 -41.41 -11.14
N TRP C 433 23.02 -42.63 -10.94
CA TRP C 433 22.86 -43.68 -11.93
C TRP C 433 22.97 -45.04 -11.25
N ASN C 434 22.32 -46.03 -11.84
CA ASN C 434 22.31 -47.37 -11.28
C ASN C 434 23.68 -48.03 -11.43
N SER C 435 24.01 -48.89 -10.48
CA SER C 435 25.26 -49.63 -10.46
C SER C 435 25.00 -51.11 -10.19
N ASN C 436 23.92 -51.63 -10.74
CA ASN C 436 23.58 -53.04 -10.54
C ASN C 436 24.64 -53.95 -11.16
N LYS C 437 25.13 -53.61 -12.34
CA LYS C 437 26.12 -54.45 -13.01
C LYS C 437 27.54 -54.23 -12.51
N LEU C 438 27.73 -53.32 -11.54
CA LEU C 438 29.02 -53.16 -10.88
C LEU C 438 29.03 -53.55 -9.42
N ASP C 439 27.93 -53.37 -8.70
CA ASP C 439 27.88 -53.57 -7.25
C ASP C 439 26.75 -54.51 -6.87
N SER C 440 26.63 -55.63 -7.57
CA SER C 440 25.69 -56.68 -7.21
C SER C 440 26.40 -58.03 -7.23
N LYS C 441 26.25 -58.78 -6.15
CA LYS C 441 26.83 -60.11 -6.03
C LYS C 441 25.70 -61.12 -5.86
N HIS C 442 25.88 -62.31 -6.46
CA HIS C 442 24.85 -63.33 -6.40
C HIS C 442 24.61 -63.77 -4.95
N SER C 443 25.68 -63.89 -4.16
CA SER C 443 25.53 -64.25 -2.75
C SER C 443 25.00 -63.09 -1.91
N GLY C 444 25.09 -61.87 -2.41
CA GLY C 444 24.62 -60.72 -1.67
C GLY C 444 25.78 -59.81 -1.31
N ASN C 445 25.56 -58.50 -1.46
CA ASN C 445 26.60 -57.50 -1.16
C ASN C 445 26.37 -56.99 0.25
N TYR C 446 27.17 -57.52 1.18
CA TYR C 446 27.13 -57.09 2.58
C TYR C 446 28.26 -56.12 2.92
N ASP C 447 29.08 -55.74 1.94
CA ASP C 447 30.19 -54.82 2.19
C ASP C 447 29.71 -53.40 2.46
N TYR C 448 28.54 -53.03 1.96
CA TYR C 448 28.00 -51.67 2.13
C TYR C 448 26.93 -51.69 3.21
N TRP C 449 26.90 -50.63 4.01
CA TRP C 449 26.01 -50.56 5.17
C TRP C 449 25.36 -49.18 5.25
N TYR C 450 24.31 -49.08 6.05
CA TYR C 450 23.71 -47.80 6.41
C TYR C 450 23.45 -47.78 7.90
N ARG C 451 23.41 -46.58 8.47
CA ARG C 451 23.09 -46.40 9.88
C ARG C 451 21.62 -46.06 10.03
N SER C 452 20.92 -46.79 10.91
CA SER C 452 19.49 -46.60 11.11
C SER C 452 19.12 -46.21 12.53
N LEU C 453 19.95 -46.53 13.53
CA LEU C 453 19.64 -46.27 14.93
C LEU C 453 20.65 -45.29 15.49
N ARG C 454 20.16 -44.16 16.00
CA ARG C 454 20.99 -43.18 16.68
C ARG C 454 20.09 -42.30 17.53
N LYS C 455 20.69 -41.65 18.52
CA LYS C 455 19.91 -40.84 19.46
C LYS C 455 19.26 -39.66 18.77
N SER C 456 19.98 -39.00 17.87
CA SER C 456 19.49 -37.78 17.24
C SER C 456 19.77 -37.83 15.75
N LYS C 457 18.98 -37.05 15.00
CA LYS C 457 19.19 -36.90 13.58
C LYS C 457 20.45 -36.10 13.30
N LEU C 458 21.03 -36.32 12.12
CA LEU C 458 22.27 -35.66 11.73
C LEU C 458 21.99 -34.30 11.13
N LYS C 459 22.77 -33.30 11.54
CA LYS C 459 22.75 -32.01 10.88
C LYS C 459 23.34 -32.14 9.49
N PRO C 460 23.00 -31.23 8.58
CA PRO C 460 23.47 -31.37 7.18
C PRO C 460 24.99 -31.39 7.10
N PHE C 461 25.50 -32.23 6.19
CA PHE C 461 26.92 -32.38 5.93
C PHE C 461 27.68 -32.79 7.20
N GLU C 462 27.13 -33.77 7.91
CA GLU C 462 27.77 -34.34 9.08
C GLU C 462 28.00 -35.83 8.86
N ARG C 463 29.19 -36.31 9.22
CA ARG C 463 29.58 -37.68 9.01
C ARG C 463 29.71 -38.40 10.35
N ASP C 464 29.01 -39.52 10.49
CA ASP C 464 29.09 -40.37 11.67
C ASP C 464 29.66 -41.71 11.26
N ILE C 465 30.74 -42.12 11.92
CA ILE C 465 31.44 -43.35 11.59
C ILE C 465 31.46 -44.35 12.74
N SER C 466 31.05 -43.94 13.95
CA SER C 466 31.09 -44.84 15.09
C SER C 466 30.10 -46.00 14.92
N THR C 467 30.51 -47.17 15.42
CA THR C 467 29.69 -48.37 15.38
C THR C 467 29.18 -48.77 16.76
N GLU C 468 29.05 -47.80 17.65
CA GLU C 468 28.58 -48.07 19.00
C GLU C 468 27.14 -48.57 18.97
N ILE C 469 26.82 -49.48 19.90
CA ILE C 469 25.47 -50.04 19.96
C ILE C 469 24.48 -48.97 20.37
N TYR C 470 23.22 -49.19 20.00
CA TYR C 470 22.15 -48.27 20.31
C TYR C 470 21.42 -48.72 21.58
N GLN C 471 21.01 -47.75 22.39
CA GLN C 471 20.32 -48.01 23.65
C GLN C 471 18.88 -47.51 23.55
N ALA C 472 17.93 -48.39 23.86
CA ALA C 472 16.52 -48.04 23.87
C ALA C 472 16.05 -47.91 25.31
N GLY C 473 15.44 -46.76 25.63
CA GLY C 473 15.01 -46.50 26.99
C GLY C 473 16.15 -46.03 27.87
N ASN C 474 16.18 -46.52 29.11
CA ASN C 474 17.23 -46.15 30.06
C ASN C 474 18.07 -47.33 30.52
N LYS C 475 17.75 -48.54 30.09
CA LYS C 475 18.53 -49.71 30.50
C LYS C 475 19.89 -49.70 29.80
N PRO C 476 20.98 -49.84 30.55
CA PRO C 476 22.30 -49.82 29.90
C PRO C 476 22.48 -50.98 28.94
N CYS C 477 23.26 -50.74 27.89
CA CYS C 477 23.50 -51.70 26.83
C CYS C 477 24.96 -52.12 26.83
N LYS C 478 25.21 -53.42 26.83
CA LYS C 478 26.55 -53.98 26.78
C LYS C 478 26.76 -54.96 25.65
N GLY C 479 25.76 -55.17 24.80
CA GLY C 479 25.89 -56.10 23.70
C GLY C 479 24.53 -56.35 23.07
N LYS C 480 24.52 -57.28 22.12
CA LYS C 480 23.29 -57.63 21.42
C LYS C 480 22.28 -58.21 22.40
N GLY C 481 21.03 -57.75 22.30
CA GLY C 481 19.98 -58.20 23.17
C GLY C 481 18.80 -57.24 23.19
N PRO C 482 17.97 -57.33 24.24
CA PRO C 482 16.83 -56.41 24.34
C PRO C 482 17.28 -54.96 24.45
N ASN C 483 16.56 -54.08 23.77
CA ASN C 483 16.79 -52.64 23.77
C ASN C 483 18.18 -52.26 23.24
N CYS C 484 18.91 -53.20 22.66
CA CYS C 484 20.24 -52.93 22.11
C CYS C 484 20.35 -53.59 20.75
N TYR C 485 20.53 -52.78 19.70
CA TYR C 485 20.64 -53.27 18.34
C TYR C 485 21.83 -52.63 17.65
N PHE C 486 22.37 -53.34 16.67
CA PHE C 486 23.50 -52.81 15.90
C PHE C 486 23.00 -51.75 14.93
N PRO C 487 23.46 -50.50 15.04
CA PRO C 487 22.95 -49.45 14.14
C PRO C 487 23.20 -49.72 12.67
N LEU C 488 24.28 -50.39 12.32
CA LEU C 488 24.66 -50.58 10.93
C LEU C 488 23.96 -51.81 10.36
N GLN C 489 23.23 -51.62 9.26
CA GLN C 489 22.57 -52.70 8.54
C GLN C 489 23.00 -52.65 7.09
N SER C 490 23.03 -53.81 6.44
CA SER C 490 23.55 -53.92 5.09
C SER C 490 22.44 -53.82 4.05
N TYR C 491 22.79 -53.29 2.88
CA TYR C 491 21.89 -53.31 1.74
C TYR C 491 21.54 -54.73 1.33
N GLY C 492 22.53 -55.61 1.29
CA GLY C 492 22.31 -56.96 0.80
C GLY C 492 21.92 -56.96 -0.66
N PHE C 493 22.64 -56.18 -1.46
CA PHE C 493 22.29 -56.02 -2.87
C PHE C 493 22.47 -57.34 -3.62
N ARG C 494 21.53 -57.62 -4.52
CA ARG C 494 21.58 -58.80 -5.38
C ARG C 494 21.20 -58.40 -6.79
N PRO C 495 21.88 -58.96 -7.80
CA PRO C 495 21.51 -58.62 -9.19
C PRO C 495 20.09 -59.02 -9.56
N THR C 496 19.56 -60.07 -8.95
CA THR C 496 18.20 -60.52 -9.23
C THR C 496 17.14 -59.55 -8.73
N TYR C 497 17.52 -58.59 -7.88
CA TYR C 497 16.55 -57.63 -7.36
C TYR C 497 16.06 -56.71 -8.47
N GLY C 498 14.88 -56.13 -8.26
CA GLY C 498 14.29 -55.26 -9.24
C GLY C 498 15.03 -53.95 -9.39
N VAL C 499 14.60 -53.18 -10.40
CA VAL C 499 15.25 -51.90 -10.68
C VAL C 499 15.13 -50.95 -9.50
N GLY C 500 13.95 -50.91 -8.88
CA GLY C 500 13.78 -50.11 -7.68
C GLY C 500 14.60 -50.61 -6.51
N HIS C 501 14.97 -51.90 -6.52
CA HIS C 501 15.84 -52.47 -5.51
C HIS C 501 17.30 -52.53 -5.94
N GLN C 502 17.62 -52.02 -7.13
CA GLN C 502 18.97 -52.10 -7.65
C GLN C 502 19.89 -51.11 -6.93
N PRO C 503 21.19 -51.39 -6.88
CA PRO C 503 22.13 -50.40 -6.35
C PRO C 503 22.21 -49.19 -7.27
N TYR C 504 22.53 -48.04 -6.68
CA TYR C 504 22.61 -46.79 -7.42
C TYR C 504 23.82 -46.00 -6.95
N ARG C 505 24.74 -45.73 -7.88
CA ARG C 505 25.89 -44.88 -7.60
C ARG C 505 25.50 -43.42 -7.80
N VAL C 506 25.88 -42.56 -6.85
CA VAL C 506 25.52 -41.16 -6.86
C VAL C 506 26.77 -40.32 -6.63
N VAL C 507 26.95 -39.29 -7.43
CA VAL C 507 28.03 -38.32 -7.26
C VAL C 507 27.41 -36.95 -7.02
N VAL C 508 27.85 -36.28 -5.97
CA VAL C 508 27.32 -34.98 -5.58
C VAL C 508 28.38 -33.92 -5.87
N LEU C 509 28.00 -32.90 -6.62
CA LEU C 509 28.87 -31.78 -6.96
C LEU C 509 28.29 -30.53 -6.32
N SER C 510 28.79 -30.17 -5.14
CA SER C 510 28.30 -29.03 -4.38
C SER C 510 29.32 -27.91 -4.49
N PHE C 511 29.02 -26.90 -5.31
CA PHE C 511 29.89 -25.74 -5.46
C PHE C 511 29.28 -24.55 -4.73
N GLU C 512 30.07 -23.93 -3.87
CA GLU C 512 29.68 -22.70 -3.20
C GLU C 512 29.79 -21.52 -4.17
N LEU C 513 28.86 -20.58 -4.04
CA LEU C 513 28.67 -19.53 -5.03
C LEU C 513 29.76 -18.47 -4.89
N LEU C 514 29.57 -17.33 -5.57
CA LEU C 514 30.57 -16.27 -5.56
C LEU C 514 30.65 -15.62 -4.19
N HIS C 515 31.80 -15.79 -3.52
CA HIS C 515 32.10 -15.07 -2.30
C HIS C 515 33.52 -14.51 -2.31
N ALA C 516 34.14 -14.43 -3.51
CA ALA C 516 35.35 -13.72 -3.93
C ALA C 516 36.49 -14.66 -4.32
N PRO C 517 37.02 -15.52 -3.41
CA PRO C 517 38.23 -16.27 -3.77
C PRO C 517 37.95 -17.40 -4.76
N ALA C 518 37.56 -17.04 -5.98
CA ALA C 518 37.25 -18.04 -6.99
C ALA C 518 38.53 -18.63 -7.56
N THR C 519 38.58 -19.96 -7.66
CA THR C 519 39.73 -20.63 -8.26
C THR C 519 39.36 -21.72 -9.25
N VAL C 520 38.09 -22.14 -9.31
CA VAL C 520 37.64 -23.12 -10.28
C VAL C 520 36.75 -22.38 -11.28
N CYS C 521 37.18 -22.34 -12.53
CA CYS C 521 36.50 -21.56 -13.56
C CYS C 521 36.23 -22.42 -14.77
N GLY C 522 35.26 -21.99 -15.57
CA GLY C 522 34.91 -22.67 -16.80
C GLY C 522 35.96 -22.45 -17.87
N PRO C 523 35.89 -23.22 -18.94
CA PRO C 523 36.89 -23.14 -20.00
C PRO C 523 36.72 -21.95 -20.94
N LYS C 524 35.90 -20.96 -20.59
CA LYS C 524 35.71 -19.81 -21.47
C LYS C 524 37.00 -19.02 -21.61
N LYS C 525 37.39 -18.75 -22.85
CA LYS C 525 38.62 -18.03 -23.10
C LYS C 525 38.48 -16.55 -22.74
N SER C 526 39.59 -15.94 -22.38
CA SER C 526 39.62 -14.54 -21.96
C SER C 526 40.18 -13.67 -23.08
N THR C 527 39.66 -12.46 -23.17
CA THR C 527 40.07 -11.50 -24.19
C THR C 527 40.85 -10.35 -23.53
N ASN C 528 41.26 -9.41 -24.36
CA ASN C 528 42.01 -8.26 -23.87
C ASN C 528 41.10 -7.33 -23.07
N LEU C 529 41.72 -6.57 -22.18
CA LEU C 529 41.01 -5.63 -21.32
C LEU C 529 41.07 -4.23 -21.91
N VAL C 530 39.93 -3.54 -21.89
CA VAL C 530 39.81 -2.19 -22.44
C VAL C 530 39.24 -1.28 -21.35
N LYS C 531 39.86 -0.11 -21.18
CA LYS C 531 39.45 0.84 -20.17
C LYS C 531 38.89 2.10 -20.81
N ASN C 532 38.19 2.89 -19.99
CA ASN C 532 37.59 4.16 -20.41
C ASN C 532 36.67 3.98 -21.61
N LYS C 533 35.92 2.87 -21.61
CA LYS C 533 34.92 2.61 -22.65
C LYS C 533 33.83 1.75 -22.06
N CYS C 534 32.59 2.20 -22.19
CA CYS C 534 31.45 1.44 -21.69
C CYS C 534 31.39 0.08 -22.37
N VAL C 535 31.63 -0.99 -21.62
CA VAL C 535 31.72 -2.34 -22.16
C VAL C 535 31.02 -3.31 -21.22
N ASN C 536 30.73 -4.50 -21.74
CA ASN C 536 30.18 -5.59 -20.95
C ASN C 536 31.34 -6.40 -20.39
N PHE C 537 31.49 -6.38 -19.07
CA PHE C 537 32.57 -7.10 -18.43
C PHE C 537 32.08 -8.42 -17.85
N ASN C 538 32.99 -9.37 -17.73
CA ASN C 538 32.74 -10.65 -17.05
C ASN C 538 34.01 -10.96 -16.27
N PHE C 539 34.06 -10.50 -15.03
CA PHE C 539 35.23 -10.65 -14.17
C PHE C 539 35.01 -11.86 -13.27
N ASN C 540 35.64 -12.98 -13.63
CA ASN C 540 35.61 -14.19 -12.82
C ASN C 540 34.19 -14.66 -12.54
N GLY C 541 33.29 -14.42 -13.49
CA GLY C 541 31.90 -14.82 -13.34
C GLY C 541 30.95 -13.72 -12.89
N LEU C 542 31.41 -12.47 -12.82
CA LEU C 542 30.57 -11.35 -12.41
C LEU C 542 30.20 -10.56 -13.66
N THR C 543 28.97 -10.73 -14.12
CA THR C 543 28.50 -10.06 -15.32
C THR C 543 27.96 -8.67 -14.99
N GLY C 544 27.90 -7.82 -16.00
CA GLY C 544 27.40 -6.48 -15.81
C GLY C 544 27.68 -5.63 -17.03
N THR C 545 27.61 -4.32 -16.83
CA THR C 545 27.87 -3.36 -17.91
C THR C 545 28.30 -2.05 -17.27
N GLY C 546 29.48 -1.57 -17.63
CA GLY C 546 29.98 -0.33 -17.06
C GLY C 546 31.30 0.04 -17.67
N VAL C 547 31.81 1.18 -17.23
CA VAL C 547 33.11 1.68 -17.68
C VAL C 547 34.17 1.27 -16.67
N LEU C 548 35.38 1.02 -17.16
CA LEU C 548 36.48 0.57 -16.33
C LEU C 548 37.58 1.62 -16.33
N THR C 549 38.22 1.79 -15.18
CA THR C 549 39.26 2.79 -15.03
C THR C 549 40.21 2.36 -13.92
N LYS C 550 41.37 3.02 -13.88
CA LYS C 550 42.34 2.77 -12.82
C LYS C 550 41.76 3.21 -11.48
N SER C 551 42.21 2.54 -10.41
CA SER C 551 41.66 2.73 -9.08
C SER C 551 42.71 3.34 -8.17
N ASN C 552 42.33 4.39 -7.44
CA ASN C 552 43.17 4.91 -6.37
C ASN C 552 42.91 4.21 -5.03
N LYS C 553 41.82 3.47 -4.92
CA LYS C 553 41.55 2.70 -3.71
C LYS C 553 42.54 1.55 -3.61
N LYS C 554 43.13 1.38 -2.42
CA LYS C 554 44.17 0.37 -2.21
C LYS C 554 43.53 -0.87 -1.59
N PHE C 555 43.30 -1.88 -2.42
CA PHE C 555 42.87 -3.17 -1.92
C PHE C 555 43.99 -3.81 -1.13
N LEU C 556 43.67 -4.38 0.02
CA LEU C 556 44.61 -5.24 0.71
C LEU C 556 44.70 -6.57 -0.05
N PRO C 557 45.82 -7.29 0.11
CA PRO C 557 46.05 -8.47 -0.74
C PRO C 557 44.92 -9.50 -0.74
N PHE C 558 44.25 -9.70 0.39
CA PHE C 558 43.26 -10.77 0.46
C PHE C 558 41.95 -10.41 -0.25
N GLN C 559 41.56 -9.14 -0.25
CA GLN C 559 40.27 -8.76 -0.82
C GLN C 559 40.27 -8.94 -2.34
N GLN C 560 39.09 -9.21 -2.89
CA GLN C 560 38.94 -9.43 -4.32
C GLN C 560 38.18 -8.30 -5.00
N PHE C 561 36.96 -7.98 -4.56
CA PHE C 561 36.19 -6.93 -5.19
C PHE C 561 35.53 -6.07 -4.12
N GLY C 562 35.44 -4.77 -4.41
CA GLY C 562 34.83 -3.83 -3.49
C GLY C 562 33.33 -3.74 -3.67
N ARG C 563 32.72 -2.88 -2.84
CA ARG C 563 31.29 -2.67 -2.90
C ARG C 563 30.98 -1.23 -2.52
N ASP C 564 29.81 -0.78 -2.95
CA ASP C 564 29.31 0.54 -2.61
C ASP C 564 28.61 0.50 -1.26
N ILE C 565 28.31 1.70 -0.73
CA ILE C 565 27.58 1.75 0.53
C ILE C 565 26.16 1.24 0.36
N VAL C 566 25.59 1.39 -0.83
CA VAL C 566 24.25 0.90 -1.12
C VAL C 566 24.35 -0.58 -1.52
N ASP C 567 25.52 -1.17 -1.31
CA ASP C 567 25.77 -2.59 -1.58
C ASP C 567 25.57 -2.92 -3.07
N THR C 568 26.38 -2.25 -3.89
CA THR C 568 26.48 -2.57 -5.31
C THR C 568 27.96 -2.69 -5.65
N THR C 569 28.27 -3.61 -6.58
CA THR C 569 29.65 -3.84 -6.96
C THR C 569 30.24 -2.59 -7.59
N ASP C 570 31.38 -2.14 -7.04
CA ASP C 570 32.00 -0.89 -7.47
C ASP C 570 33.42 -1.07 -7.97
N ALA C 571 34.21 -1.92 -7.35
CA ALA C 571 35.59 -2.15 -7.76
C ALA C 571 35.84 -3.64 -7.88
N VAL C 572 36.63 -4.03 -8.87
CA VAL C 572 36.97 -5.43 -9.12
C VAL C 572 38.45 -5.52 -9.43
N ARG C 573 39.11 -6.52 -8.85
CA ARG C 573 40.52 -6.78 -9.11
C ARG C 573 40.63 -7.74 -10.29
N ASP C 574 41.48 -7.40 -11.25
CA ASP C 574 41.66 -8.20 -12.45
C ASP C 574 42.32 -9.53 -12.09
N PRO C 575 41.71 -10.67 -12.42
CA PRO C 575 42.33 -11.95 -12.04
C PRO C 575 43.71 -12.19 -12.65
N GLN C 576 43.96 -11.68 -13.85
CA GLN C 576 45.22 -11.97 -14.53
C GLN C 576 46.33 -11.00 -14.13
N THR C 577 46.12 -9.70 -14.40
CA THR C 577 47.14 -8.70 -14.13
C THR C 577 47.16 -8.23 -12.69
N LEU C 578 46.23 -8.72 -11.85
CA LEU C 578 46.16 -8.33 -10.45
C LEU C 578 46.06 -6.81 -10.30
N GLU C 579 45.30 -6.19 -11.18
CA GLU C 579 45.05 -4.76 -11.15
C GLU C 579 43.65 -4.49 -10.62
N ILE C 580 43.53 -3.44 -9.82
CA ILE C 580 42.26 -3.05 -9.22
C ILE C 580 41.63 -1.97 -10.08
N LEU C 581 40.37 -2.18 -10.47
CA LEU C 581 39.67 -1.25 -11.35
C LEU C 581 38.32 -0.89 -10.74
N ASP C 582 37.88 0.33 -11.03
CA ASP C 582 36.54 0.75 -10.68
C ASP C 582 35.53 0.19 -11.69
N ILE C 583 34.26 0.32 -11.34
CA ILE C 583 33.17 -0.07 -12.23
C ILE C 583 32.11 1.01 -12.11
N THR C 584 31.98 1.86 -13.13
CA THR C 584 31.00 2.92 -13.15
C THR C 584 30.01 2.68 -14.28
N PRO C 585 28.72 2.65 -14.00
CA PRO C 585 27.76 2.39 -15.07
C PRO C 585 27.79 3.49 -16.12
N CYS C 586 27.50 3.10 -17.35
CA CYS C 586 27.52 4.05 -18.46
C CYS C 586 26.42 5.09 -18.27
N SER C 587 26.68 6.30 -18.78
CA SER C 587 25.79 7.43 -18.52
C SER C 587 24.38 7.16 -19.02
N PHE C 588 23.40 7.61 -18.25
CA PHE C 588 22.00 7.51 -18.65
C PHE C 588 21.26 8.70 -18.06
N GLY C 589 19.94 8.62 -18.03
CA GLY C 589 19.12 9.71 -17.54
C GLY C 589 17.84 9.85 -18.34
N GLY C 590 16.90 10.62 -17.83
CA GLY C 590 15.65 10.80 -18.54
C GLY C 590 15.82 11.65 -19.78
N VAL C 591 14.79 11.62 -20.63
CA VAL C 591 14.73 12.43 -21.82
C VAL C 591 13.41 13.18 -21.82
N SER C 592 13.47 14.51 -21.97
CA SER C 592 12.29 15.35 -21.99
C SER C 592 12.20 16.02 -23.35
N VAL C 593 11.00 16.00 -23.93
CA VAL C 593 10.75 16.59 -25.24
C VAL C 593 10.00 17.90 -25.02
N ILE C 594 10.58 18.99 -25.49
CA ILE C 594 9.97 20.31 -25.39
C ILE C 594 9.30 20.62 -26.73
N THR C 595 7.99 20.79 -26.72
CA THR C 595 7.27 21.06 -27.96
C THR C 595 6.38 22.29 -27.78
N PRO C 596 6.24 23.11 -28.82
CA PRO C 596 5.37 24.28 -28.73
C PRO C 596 3.93 23.96 -29.07
N GLY C 597 3.58 22.68 -29.07
CA GLY C 597 2.26 22.26 -29.48
C GLY C 597 2.26 21.77 -30.91
N THR C 598 1.63 20.62 -31.16
CA THR C 598 1.71 20.03 -32.49
C THR C 598 0.90 20.81 -33.52
N ASN C 599 -0.02 21.67 -33.10
CA ASN C 599 -0.75 22.49 -34.06
C ASN C 599 0.10 23.64 -34.56
N THR C 600 0.91 24.24 -33.68
CA THR C 600 1.75 25.36 -34.10
C THR C 600 2.88 24.91 -35.01
N SER C 601 3.59 23.87 -34.62
CA SER C 601 4.72 23.38 -35.40
C SER C 601 5.07 21.96 -34.94
N ASN C 602 5.87 21.29 -35.76
CA ASN C 602 6.34 19.95 -35.45
C ASN C 602 7.77 19.95 -34.92
N GLN C 603 8.41 21.10 -34.78
CA GLN C 603 9.76 21.16 -34.24
C GLN C 603 9.74 20.84 -32.76
N VAL C 604 10.75 20.09 -32.31
CA VAL C 604 10.87 19.70 -30.91
C VAL C 604 12.30 19.97 -30.45
N ALA C 605 12.46 20.05 -29.13
CA ALA C 605 13.76 20.20 -28.50
C ALA C 605 13.88 19.16 -27.40
N VAL C 606 14.99 18.44 -27.37
CA VAL C 606 15.20 17.33 -26.45
C VAL C 606 16.17 17.78 -25.36
N LEU C 607 15.79 17.51 -24.12
CA LEU C 607 16.62 17.84 -22.95
C LEU C 607 17.09 16.53 -22.31
N TYR C 608 18.39 16.29 -22.38
CA TYR C 608 18.98 15.08 -21.81
C TYR C 608 19.31 15.37 -20.34
N GLN C 609 18.51 14.83 -19.44
CA GLN C 609 18.59 15.21 -18.04
C GLN C 609 19.88 14.69 -17.40
N GLY C 610 20.56 15.57 -16.67
CA GLY C 610 21.69 15.17 -15.85
C GLY C 610 22.87 14.58 -16.57
N VAL C 611 23.32 15.22 -17.64
CA VAL C 611 24.47 14.74 -18.39
C VAL C 611 25.06 15.90 -19.19
N ASN C 612 26.38 15.99 -19.22
CA ASN C 612 27.03 17.03 -19.99
C ASN C 612 26.82 16.82 -21.47
N CYS C 613 26.82 17.92 -22.22
CA CYS C 613 26.70 17.83 -23.67
C CYS C 613 27.88 17.14 -24.32
N THR C 614 29.06 17.17 -23.68
CA THR C 614 30.21 16.48 -24.24
C THR C 614 29.97 14.98 -24.32
N GLU C 615 29.49 14.38 -23.22
CA GLU C 615 29.24 12.94 -23.22
C GLU C 615 28.14 12.56 -24.20
N VAL C 616 27.08 13.35 -24.25
CA VAL C 616 25.97 13.05 -25.17
C VAL C 616 26.45 13.14 -26.62
N SER C 617 27.22 14.19 -26.94
CA SER C 617 27.73 14.34 -28.30
C SER C 617 28.69 13.23 -28.67
N VAL C 618 29.54 12.81 -27.73
CA VAL C 618 30.46 11.71 -28.00
C VAL C 618 29.69 10.42 -28.24
N ALA C 619 28.68 10.15 -27.39
CA ALA C 619 27.90 8.92 -27.56
C ALA C 619 27.14 8.92 -28.87
N ILE C 620 26.59 10.07 -29.26
CA ILE C 620 25.88 10.16 -30.54
C ILE C 620 26.86 9.94 -31.69
N HIS C 621 28.05 10.54 -31.61
CA HIS C 621 29.04 10.35 -32.66
C HIS C 621 29.51 8.91 -32.75
N ALA C 622 29.43 8.16 -31.64
CA ALA C 622 29.82 6.76 -31.63
C ALA C 622 28.64 5.82 -31.79
N ASP C 623 27.43 6.34 -31.98
CA ASP C 623 26.22 5.55 -32.15
C ASP C 623 26.04 4.58 -30.99
N GLN C 624 25.85 5.14 -29.80
CA GLN C 624 25.68 4.35 -28.58
C GLN C 624 24.42 4.67 -27.80
N LEU C 625 23.75 5.79 -28.05
CA LEU C 625 22.54 6.11 -27.30
C LEU C 625 21.42 5.13 -27.63
N THR C 626 20.70 4.69 -26.60
CA THR C 626 19.61 3.74 -26.82
C THR C 626 18.50 4.31 -27.69
N PRO C 627 17.95 5.51 -27.43
CA PRO C 627 17.01 6.08 -28.39
C PRO C 627 17.75 6.53 -29.65
N THR C 628 17.34 6.00 -30.79
CA THR C 628 18.08 6.17 -32.04
C THR C 628 17.42 7.18 -32.97
N TRP C 629 16.91 8.29 -32.42
CA TRP C 629 16.31 9.31 -33.26
C TRP C 629 17.06 10.63 -33.15
N ARG C 630 18.38 10.57 -33.22
CA ARG C 630 19.29 11.70 -32.97
C ARG C 630 18.75 13.00 -33.55
N VAL C 631 18.59 14.00 -32.70
CA VAL C 631 18.13 15.32 -33.12
C VAL C 631 19.27 16.05 -33.80
N TYR C 632 18.99 16.68 -34.94
CA TYR C 632 20.01 17.35 -35.71
C TYR C 632 20.68 18.44 -34.88
N SER C 633 22.02 18.44 -34.90
CA SER C 633 22.83 19.42 -34.18
C SER C 633 23.67 20.20 -35.17
N THR C 634 23.64 21.52 -35.07
CA THR C 634 24.37 22.40 -35.98
C THR C 634 25.27 23.35 -35.21
N GLY C 635 25.90 22.83 -34.16
CA GLY C 635 26.78 23.66 -33.35
C GLY C 635 26.09 24.62 -32.41
N SER C 636 25.18 25.44 -32.92
CA SER C 636 24.43 26.39 -32.12
C SER C 636 23.14 25.79 -31.55
N ASN C 637 22.84 24.53 -31.86
CA ASN C 637 21.66 23.87 -31.32
C ASN C 637 21.93 23.13 -30.02
N VAL C 638 23.15 23.21 -29.48
CA VAL C 638 23.52 22.51 -28.27
C VAL C 638 23.70 23.54 -27.16
N PHE C 639 22.94 23.38 -26.08
CA PHE C 639 22.98 24.28 -24.95
C PHE C 639 23.06 23.46 -23.66
N GLN C 640 23.94 23.89 -22.75
CA GLN C 640 24.20 23.18 -21.51
C GLN C 640 23.54 23.92 -20.36
N THR C 641 22.39 23.42 -19.92
CA THR C 641 21.71 23.96 -18.76
C THR C 641 22.11 23.18 -17.51
N ARG C 642 21.70 23.69 -16.35
CA ARG C 642 21.98 22.97 -15.11
C ARG C 642 21.12 21.73 -14.97
N ALA C 643 19.99 21.66 -15.68
CA ALA C 643 19.14 20.48 -15.65
C ALA C 643 19.63 19.38 -16.60
N GLY C 644 20.53 19.69 -17.51
CA GLY C 644 21.04 18.72 -18.45
C GLY C 644 21.51 19.40 -19.72
N CYS C 645 21.45 18.66 -20.82
CA CYS C 645 21.85 19.14 -22.13
C CYS C 645 20.62 19.38 -22.98
N LEU C 646 20.46 20.62 -23.46
CA LEU C 646 19.33 21.00 -24.29
C LEU C 646 19.78 21.01 -25.75
N ILE C 647 19.21 20.10 -26.54
CA ILE C 647 19.55 19.97 -27.95
C ILE C 647 18.30 20.28 -28.77
N GLY C 648 18.44 21.20 -29.72
CA GLY C 648 17.34 21.57 -30.60
C GLY C 648 16.82 22.98 -30.39
N ALA C 649 17.29 23.69 -29.37
CA ALA C 649 16.81 25.03 -29.06
C ALA C 649 17.97 26.01 -29.00
N GLU C 650 17.75 27.20 -29.52
CA GLU C 650 18.75 28.26 -29.53
C GLU C 650 18.65 29.09 -28.26
N TYR C 651 19.80 29.44 -27.69
CA TYR C 651 19.86 30.21 -26.45
C TYR C 651 20.05 31.68 -26.78
N VAL C 652 19.01 32.48 -26.52
CA VAL C 652 19.07 33.92 -26.76
C VAL C 652 19.55 34.61 -25.49
N ASN C 653 19.97 35.86 -25.63
CA ASN C 653 20.43 36.66 -24.50
C ASN C 653 19.32 37.50 -23.88
N ASN C 654 18.10 37.45 -24.43
CA ASN C 654 17.01 38.25 -23.92
C ASN C 654 16.38 37.57 -22.71
N SER C 655 15.23 38.05 -22.28
CA SER C 655 14.54 37.49 -21.12
C SER C 655 13.07 37.85 -21.21
N TYR C 656 12.21 36.84 -21.36
CA TYR C 656 10.77 37.04 -21.43
C TYR C 656 10.09 36.23 -20.33
N GLU C 657 8.84 36.59 -20.05
CA GLU C 657 8.04 35.83 -19.10
C GLU C 657 7.90 34.41 -19.64
N CYS C 658 8.56 33.46 -18.99
CA CYS C 658 8.80 32.17 -19.63
C CYS C 658 7.54 31.32 -19.65
N ASP C 659 7.42 30.53 -20.71
CA ASP C 659 6.23 29.72 -20.96
C ASP C 659 6.44 28.25 -20.59
N ILE C 660 7.43 27.62 -21.20
CA ILE C 660 7.70 26.20 -20.97
C ILE C 660 8.83 26.09 -19.95
N PRO C 661 8.57 25.61 -18.74
CA PRO C 661 9.63 25.53 -17.72
C PRO C 661 10.54 24.34 -17.96
N ILE C 662 11.84 24.60 -18.02
CA ILE C 662 12.84 23.55 -18.20
C ILE C 662 13.52 23.21 -16.88
N GLY C 663 14.01 24.21 -16.18
CA GLY C 663 14.63 24.01 -14.87
C GLY C 663 15.82 24.89 -14.62
N ALA C 664 16.00 25.28 -13.36
CA ALA C 664 17.12 26.11 -12.94
C ALA C 664 17.14 27.45 -13.67
N GLY C 665 15.99 28.11 -13.70
CA GLY C 665 15.90 29.43 -14.26
C GLY C 665 15.91 29.50 -15.77
N ILE C 666 15.85 28.36 -16.45
CA ILE C 666 15.86 28.30 -17.91
C ILE C 666 14.48 27.92 -18.39
N CYS C 667 13.97 28.65 -19.38
CA CYS C 667 12.69 28.35 -19.99
C CYS C 667 12.82 28.45 -21.49
N ALA C 668 11.91 27.77 -22.20
CA ALA C 668 11.92 27.74 -23.65
C ALA C 668 10.58 28.20 -24.19
N SER C 669 10.59 28.70 -25.42
CA SER C 669 9.37 29.18 -26.06
C SER C 669 9.59 29.21 -27.56
N TYR C 670 8.47 29.28 -28.29
CA TYR C 670 8.47 29.32 -29.75
C TYR C 670 8.33 30.77 -30.19
N GLN C 671 9.40 31.33 -30.75
CA GLN C 671 9.42 32.72 -31.16
C GLN C 671 10.14 32.85 -32.49
N THR C 672 9.74 33.84 -33.28
CA THR C 672 10.33 34.09 -34.59
C THR C 672 11.84 34.28 -34.52
N SER C 685 12.92 32.53 -39.58
CA SER C 685 11.51 32.29 -39.39
C SER C 685 11.20 31.93 -37.94
N GLN C 686 10.14 31.16 -37.74
CA GLN C 686 9.74 30.74 -36.40
C GLN C 686 10.55 29.52 -35.99
N SER C 687 11.30 29.64 -34.91
CA SER C 687 12.06 28.53 -34.35
C SER C 687 11.80 28.47 -32.85
N ILE C 688 12.32 27.43 -32.22
CA ILE C 688 12.23 27.29 -30.77
C ILE C 688 13.49 27.85 -30.14
N ILE C 689 13.33 28.57 -29.03
CA ILE C 689 14.44 29.25 -28.38
C ILE C 689 14.43 28.92 -26.89
N ALA C 690 15.58 29.13 -26.27
CA ALA C 690 15.74 28.99 -24.83
C ALA C 690 16.35 30.25 -24.26
N TYR C 691 15.97 30.59 -23.05
CA TYR C 691 16.42 31.83 -22.41
C TYR C 691 16.31 31.67 -20.90
N THR C 692 16.75 32.69 -20.19
CA THR C 692 16.56 32.73 -18.74
C THR C 692 15.23 33.40 -18.43
N MET C 693 14.58 32.91 -17.37
CA MET C 693 13.28 33.46 -16.98
C MET C 693 13.42 34.92 -16.59
N SER C 694 12.38 35.70 -16.91
CA SER C 694 12.31 37.10 -16.51
C SER C 694 11.25 37.22 -15.43
N LEU C 695 11.66 37.66 -14.25
CA LEU C 695 10.75 37.76 -13.12
C LEU C 695 9.72 38.88 -13.31
N GLY C 696 10.14 39.97 -13.93
CA GLY C 696 9.23 41.08 -14.16
C GLY C 696 9.99 42.32 -14.56
N ALA C 697 9.23 43.31 -15.01
CA ALA C 697 9.83 44.58 -15.42
C ALA C 697 10.53 45.25 -14.24
N GLU C 698 11.68 45.84 -14.50
CA GLU C 698 12.43 46.54 -13.47
C GLU C 698 11.75 47.88 -13.16
N ASN C 699 11.51 48.13 -11.88
CA ASN C 699 10.89 49.36 -11.44
C ASN C 699 11.54 49.82 -10.15
N SER C 700 11.80 51.12 -10.05
CA SER C 700 12.45 51.72 -8.89
C SER C 700 11.48 52.73 -8.27
N VAL C 701 11.00 52.43 -7.06
CA VAL C 701 10.10 53.35 -6.38
C VAL C 701 10.87 54.60 -6.00
N ALA C 702 10.30 55.76 -6.35
CA ALA C 702 10.96 57.04 -6.10
C ALA C 702 10.75 57.48 -4.66
N TYR C 703 11.21 56.63 -3.73
CA TYR C 703 11.11 56.93 -2.32
C TYR C 703 12.00 58.12 -1.99
N SER C 704 11.41 59.16 -1.42
CA SER C 704 12.14 60.34 -1.00
C SER C 704 11.83 60.61 0.48
N ASN C 705 12.33 61.74 0.98
CA ASN C 705 12.14 62.08 2.37
C ASN C 705 10.69 62.45 2.66
N ASN C 706 10.10 63.29 1.81
CA ASN C 706 8.77 63.83 2.04
C ASN C 706 7.95 63.80 0.75
N SER C 707 7.99 62.68 0.05
CA SER C 707 7.22 62.48 -1.16
C SER C 707 6.23 61.36 -0.95
N ILE C 708 4.94 61.64 -1.13
CA ILE C 708 3.88 60.64 -1.01
C ILE C 708 3.02 60.72 -2.26
N ALA C 709 2.58 59.57 -2.74
CA ALA C 709 1.79 59.47 -3.97
C ALA C 709 0.35 59.13 -3.59
N ILE C 710 -0.51 60.14 -3.60
CA ILE C 710 -1.91 59.97 -3.25
C ILE C 710 -2.68 59.68 -4.53
N PRO C 711 -3.38 58.56 -4.64
CA PRO C 711 -4.18 58.30 -5.84
C PRO C 711 -5.31 59.31 -5.97
N THR C 712 -5.63 59.63 -7.21
CA THR C 712 -6.64 60.64 -7.52
C THR C 712 -7.89 60.04 -8.15
N ASN C 713 -7.87 58.76 -8.48
CA ASN C 713 -8.95 58.16 -9.25
C ASN C 713 -8.79 56.64 -9.20
N PHE C 714 -9.90 55.93 -9.28
CA PHE C 714 -9.93 54.51 -8.96
C PHE C 714 -10.43 53.68 -10.14
N THR C 715 -10.50 52.37 -9.91
CA THR C 715 -10.96 51.42 -10.91
C THR C 715 -11.56 50.21 -10.20
N ILE C 716 -12.82 49.90 -10.50
CA ILE C 716 -13.50 48.74 -9.94
C ILE C 716 -13.21 47.53 -10.84
N SER C 717 -12.62 46.50 -10.26
CA SER C 717 -12.23 45.31 -11.01
C SER C 717 -12.91 44.08 -10.43
N VAL C 718 -13.35 43.18 -11.31
CA VAL C 718 -14.01 41.94 -10.92
C VAL C 718 -13.14 40.80 -11.41
N THR C 719 -12.55 40.05 -10.48
CA THR C 719 -11.70 38.92 -10.79
C THR C 719 -12.40 37.61 -10.43
N THR C 720 -11.80 36.51 -10.85
CA THR C 720 -12.40 35.19 -10.67
C THR C 720 -11.51 34.30 -9.82
N GLU C 721 -12.12 33.27 -9.25
CA GLU C 721 -11.39 32.32 -8.41
C GLU C 721 -12.16 31.02 -8.42
N ILE C 722 -11.59 29.99 -9.05
CA ILE C 722 -12.23 28.69 -9.17
C ILE C 722 -11.61 27.76 -8.14
N LEU C 723 -12.45 27.12 -7.33
CA LEU C 723 -12.00 26.22 -6.27
C LEU C 723 -12.78 24.92 -6.38
N PRO C 724 -12.11 23.78 -6.56
CA PRO C 724 -12.81 22.49 -6.46
C PRO C 724 -13.39 22.32 -5.06
N VAL C 725 -14.56 21.69 -5.00
CA VAL C 725 -15.32 21.52 -3.76
C VAL C 725 -15.58 20.05 -3.48
N SER C 726 -16.05 19.30 -4.47
CA SER C 726 -16.33 17.90 -4.31
C SER C 726 -15.71 17.11 -5.46
N MET C 727 -15.59 15.81 -5.26
CA MET C 727 -15.00 14.93 -6.25
C MET C 727 -15.88 13.70 -6.43
N THR C 728 -15.78 13.08 -7.60
CA THR C 728 -16.71 12.03 -7.98
C THR C 728 -16.72 10.90 -6.97
N LYS C 729 -17.91 10.57 -6.48
CA LYS C 729 -18.05 9.50 -5.50
C LYS C 729 -18.02 8.14 -6.20
N THR C 730 -17.38 7.18 -5.55
CA THR C 730 -17.22 5.86 -6.13
C THR C 730 -17.51 4.79 -5.09
N SER C 731 -17.91 3.62 -5.57
CA SER C 731 -18.09 2.43 -4.75
C SER C 731 -17.45 1.24 -5.46
N VAL C 732 -16.93 0.31 -4.67
CA VAL C 732 -16.23 -0.85 -5.21
C VAL C 732 -16.97 -2.11 -4.78
N ASP C 733 -16.55 -3.23 -5.35
CA ASP C 733 -17.04 -4.54 -4.95
C ASP C 733 -15.98 -5.55 -5.34
N CYS C 734 -15.27 -6.10 -4.34
CA CYS C 734 -14.23 -7.08 -4.64
C CYS C 734 -14.80 -8.29 -5.36
N THR C 735 -15.89 -8.84 -4.83
CA THR C 735 -16.41 -10.10 -5.32
C THR C 735 -16.73 -10.07 -6.81
N MET C 736 -17.02 -8.89 -7.37
CA MET C 736 -17.16 -8.79 -8.81
C MET C 736 -15.92 -8.21 -9.48
N TYR C 737 -15.06 -7.50 -8.75
CA TYR C 737 -13.83 -7.00 -9.35
C TYR C 737 -12.75 -8.08 -9.33
N ILE C 738 -12.38 -8.55 -8.14
CA ILE C 738 -11.30 -9.51 -8.02
C ILE C 738 -11.70 -10.86 -8.60
N CYS C 739 -12.88 -11.36 -8.23
CA CYS C 739 -13.31 -12.71 -8.54
C CYS C 739 -14.70 -12.70 -9.15
N GLY C 740 -14.89 -11.90 -10.19
CA GLY C 740 -16.17 -11.78 -10.86
C GLY C 740 -16.91 -13.08 -11.10
N ASP C 741 -18.13 -13.17 -10.55
CA ASP C 741 -19.08 -14.27 -10.71
C ASP C 741 -18.44 -15.66 -10.68
N SER C 742 -17.41 -15.83 -9.85
CA SER C 742 -16.76 -17.12 -9.65
C SER C 742 -16.86 -17.48 -8.18
N THR C 743 -17.53 -18.60 -7.88
CA THR C 743 -17.83 -18.93 -6.49
C THR C 743 -16.59 -19.39 -5.74
N GLU C 744 -15.77 -20.25 -6.35
CA GLU C 744 -14.59 -20.75 -5.67
C GLU C 744 -13.52 -19.67 -5.55
N CYS C 745 -13.45 -18.74 -6.50
CA CYS C 745 -12.55 -17.61 -6.33
C CYS C 745 -12.97 -16.75 -5.15
N SER C 746 -14.28 -16.55 -4.98
CA SER C 746 -14.77 -15.86 -3.81
C SER C 746 -14.44 -16.65 -2.54
N ASN C 747 -14.45 -17.97 -2.64
CA ASN C 747 -14.03 -18.80 -1.52
C ASN C 747 -12.56 -18.55 -1.19
N LEU C 748 -11.71 -18.44 -2.21
CA LEU C 748 -10.30 -18.16 -1.98
C LEU C 748 -10.10 -16.73 -1.50
N LEU C 749 -10.92 -15.79 -1.98
CA LEU C 749 -10.78 -14.40 -1.56
C LEU C 749 -11.09 -14.25 -0.08
N LEU C 750 -11.92 -15.12 0.48
CA LEU C 750 -12.26 -15.04 1.89
C LEU C 750 -11.10 -15.39 2.81
N GLN C 751 -10.02 -15.93 2.27
CA GLN C 751 -8.84 -16.29 3.05
C GLN C 751 -7.87 -15.14 3.21
N TYR C 752 -8.18 -13.97 2.65
CA TYR C 752 -7.31 -12.81 2.75
C TYR C 752 -7.73 -11.85 3.86
N GLY C 753 -8.68 -12.24 4.70
CA GLY C 753 -9.08 -11.42 5.82
C GLY C 753 -10.12 -10.39 5.50
N SER C 754 -9.97 -9.18 6.05
CA SER C 754 -10.96 -8.13 5.89
C SER C 754 -10.38 -6.93 5.15
N PHE C 755 -9.61 -7.18 4.08
CA PHE C 755 -9.12 -6.09 3.25
C PHE C 755 -10.27 -5.39 2.54
N CYS C 756 -11.23 -6.16 2.03
CA CYS C 756 -12.32 -5.57 1.25
C CYS C 756 -13.26 -4.76 2.11
N THR C 757 -13.47 -5.16 3.37
CA THR C 757 -14.23 -4.31 4.27
C THR C 757 -13.56 -2.96 4.44
N GLN C 758 -12.23 -2.96 4.59
CA GLN C 758 -11.49 -1.71 4.72
C GLN C 758 -11.64 -0.85 3.46
N LEU C 759 -11.54 -1.47 2.28
CA LEU C 759 -11.66 -0.70 1.04
C LEU C 759 -13.06 -0.10 0.90
N LYS C 760 -14.09 -0.92 1.11
CA LYS C 760 -15.46 -0.45 0.99
C LYS C 760 -15.73 0.69 1.95
N ARG C 761 -15.29 0.54 3.20
CA ARG C 761 -15.47 1.57 4.21
C ARG C 761 -14.71 2.84 3.86
N ALA C 762 -13.49 2.72 3.35
CA ALA C 762 -12.72 3.90 2.97
C ALA C 762 -13.44 4.68 1.88
N LEU C 763 -13.95 3.97 0.87
CA LEU C 763 -14.63 4.66 -0.21
C LEU C 763 -15.98 5.22 0.24
N THR C 764 -16.65 4.56 1.18
CA THR C 764 -17.89 5.12 1.73
C THR C 764 -17.61 6.40 2.52
N GLY C 765 -16.52 6.41 3.28
CA GLY C 765 -16.13 7.64 3.96
C GLY C 765 -15.84 8.76 2.99
N ILE C 766 -15.15 8.45 1.89
CA ILE C 766 -14.90 9.44 0.85
C ILE C 766 -16.22 9.96 0.28
N ALA C 767 -17.14 9.05 0.00
CA ALA C 767 -18.41 9.44 -0.61
C ALA C 767 -19.22 10.34 0.32
N VAL C 768 -19.23 10.03 1.62
CA VAL C 768 -19.93 10.90 2.56
C VAL C 768 -19.22 12.23 2.68
N GLU C 769 -17.89 12.22 2.63
CA GLU C 769 -17.12 13.45 2.77
C GLU C 769 -17.42 14.42 1.63
N GLN C 770 -17.63 13.90 0.42
CA GLN C 770 -17.95 14.80 -0.70
C GLN C 770 -19.27 15.54 -0.48
N ASP C 771 -20.30 14.84 -0.02
CA ASP C 771 -21.56 15.50 0.28
C ASP C 771 -21.41 16.49 1.42
N LYS C 772 -20.61 16.13 2.44
CA LYS C 772 -20.36 17.07 3.52
C LYS C 772 -19.66 18.33 3.01
N ASN C 773 -18.70 18.16 2.09
CA ASN C 773 -18.00 19.30 1.53
C ASN C 773 -18.96 20.22 0.79
N THR C 774 -19.81 19.65 -0.06
CA THR C 774 -20.75 20.49 -0.81
C THR C 774 -21.71 21.21 0.12
N GLN C 775 -22.23 20.51 1.13
CA GLN C 775 -23.14 21.14 2.09
C GLN C 775 -22.45 22.28 2.83
N GLU C 776 -21.20 22.06 3.26
CA GLU C 776 -20.48 23.09 4.00
C GLU C 776 -20.19 24.30 3.13
N VAL C 777 -19.84 24.07 1.85
CA VAL C 777 -19.49 25.19 0.98
C VAL C 777 -20.72 26.02 0.62
N PHE C 778 -21.82 25.36 0.28
CA PHE C 778 -22.96 26.08 -0.30
C PHE C 778 -24.08 26.36 0.68
N ALA C 779 -24.46 25.39 1.52
CA ALA C 779 -25.62 25.54 2.40
C ALA C 779 -25.25 26.44 3.58
N GLN C 780 -25.01 27.70 3.26
CA GLN C 780 -24.69 28.72 4.26
C GLN C 780 -25.85 29.66 4.52
N VAL C 781 -27.03 29.38 3.99
CA VAL C 781 -28.19 30.25 4.13
C VAL C 781 -29.31 29.46 4.80
N LYS C 782 -29.84 30.00 5.90
CA LYS C 782 -30.99 29.38 6.55
C LYS C 782 -32.23 29.47 5.67
N GLN C 783 -32.45 30.60 5.04
CA GLN C 783 -33.62 30.85 4.21
C GLN C 783 -33.19 31.14 2.78
N ILE C 784 -34.03 30.75 1.82
CA ILE C 784 -33.75 30.94 0.41
C ILE C 784 -34.24 32.34 0.04
N TYR C 785 -33.34 33.32 0.12
CA TYR C 785 -33.69 34.68 -0.24
C TYR C 785 -33.93 34.80 -1.74
N LYS C 786 -34.88 35.65 -2.10
CA LYS C 786 -35.21 35.88 -3.50
C LYS C 786 -35.17 37.36 -3.80
N THR C 787 -34.63 37.71 -4.97
CA THR C 787 -34.59 39.09 -5.39
C THR C 787 -36.01 39.61 -5.63
N PRO C 788 -36.24 40.90 -5.41
CA PRO C 788 -37.56 41.47 -5.66
C PRO C 788 -37.86 41.48 -7.15
N PRO C 789 -39.14 41.62 -7.53
CA PRO C 789 -39.46 41.63 -8.98
C PRO C 789 -38.73 42.70 -9.75
N ILE C 790 -38.54 43.88 -9.17
CA ILE C 790 -37.73 44.91 -9.82
C ILE C 790 -36.26 44.53 -9.73
N LYS C 791 -35.49 44.97 -10.72
CA LYS C 791 -34.07 44.63 -10.81
C LYS C 791 -33.23 45.89 -10.99
N TYR C 792 -33.52 46.91 -10.18
CA TYR C 792 -32.72 48.13 -10.14
C TYR C 792 -31.99 48.18 -8.81
N PHE C 793 -30.66 48.28 -8.87
CA PHE C 793 -29.80 48.28 -7.70
C PHE C 793 -28.87 49.48 -7.72
N GLY C 794 -29.43 50.66 -7.99
CA GLY C 794 -28.63 51.87 -7.99
C GLY C 794 -27.59 51.94 -9.08
N GLY C 795 -27.95 51.58 -10.31
CA GLY C 795 -27.05 51.70 -11.44
C GLY C 795 -26.47 50.38 -11.90
N PHE C 796 -26.04 49.55 -10.96
CA PHE C 796 -25.57 48.22 -11.29
C PHE C 796 -26.72 47.36 -11.79
N ASN C 797 -26.40 46.34 -12.59
CA ASN C 797 -27.33 45.22 -12.66
C ASN C 797 -26.52 43.94 -12.68
N PHE C 798 -27.19 42.85 -12.32
CA PHE C 798 -26.56 41.55 -12.17
C PHE C 798 -27.21 40.53 -13.09
N SER C 799 -27.69 40.99 -14.25
CA SER C 799 -28.37 40.09 -15.17
C SER C 799 -27.47 38.98 -15.69
N GLN C 800 -26.16 39.19 -15.67
CA GLN C 800 -25.23 38.14 -16.07
C GLN C 800 -25.06 37.07 -14.99
N ILE C 801 -25.41 37.36 -13.75
CA ILE C 801 -25.23 36.42 -12.65
C ILE C 801 -26.51 36.11 -11.90
N LEU C 802 -27.60 36.81 -12.18
CA LEU C 802 -28.87 36.48 -11.56
C LEU C 802 -29.55 35.33 -12.31
N PRO C 803 -30.39 34.55 -11.63
CA PRO C 803 -30.99 33.38 -12.27
C PRO C 803 -31.88 33.78 -13.44
N ASP C 804 -31.91 32.89 -14.45
CA ASP C 804 -32.74 33.09 -15.63
C ASP C 804 -34.03 32.30 -15.46
N PRO C 805 -35.18 32.95 -15.32
CA PRO C 805 -36.44 32.19 -15.19
C PRO C 805 -36.74 31.30 -16.37
N SER C 806 -36.36 31.73 -17.58
CA SER C 806 -36.63 30.95 -18.79
C SER C 806 -35.53 29.93 -19.02
N LYS C 807 -35.55 28.89 -18.19
CA LYS C 807 -34.58 27.80 -18.27
C LYS C 807 -35.12 26.64 -17.45
N PRO C 808 -35.01 25.40 -17.93
CA PRO C 808 -35.50 24.26 -17.11
C PRO C 808 -34.80 24.17 -15.76
N SER C 809 -33.51 24.48 -15.71
CA SER C 809 -32.78 24.60 -14.46
C SER C 809 -32.43 26.07 -14.27
N LYS C 810 -32.88 26.65 -13.15
CA LYS C 810 -32.75 28.09 -12.97
C LYS C 810 -31.32 28.49 -12.67
N ARG C 811 -30.45 28.34 -13.66
CA ARG C 811 -29.05 28.74 -13.55
C ARG C 811 -28.85 30.09 -14.23
N SER C 812 -27.85 30.82 -13.75
CA SER C 812 -27.56 32.14 -14.31
C SER C 812 -26.73 31.98 -15.58
N PHE C 813 -26.47 33.12 -16.23
CA PHE C 813 -25.71 33.09 -17.48
C PHE C 813 -24.31 32.54 -17.26
N ILE C 814 -23.60 33.05 -16.25
CA ILE C 814 -22.26 32.57 -15.97
C ILE C 814 -22.28 31.12 -15.50
N GLU C 815 -23.25 30.78 -14.64
CA GLU C 815 -23.39 29.40 -14.19
C GLU C 815 -23.64 28.47 -15.37
N ASP C 816 -24.50 28.89 -16.30
CA ASP C 816 -24.78 28.09 -17.49
C ASP C 816 -23.53 27.91 -18.34
N LEU C 817 -22.76 28.99 -18.52
CA LEU C 817 -21.54 28.89 -19.32
C LEU C 817 -20.54 27.94 -18.66
N LEU C 818 -20.39 28.05 -17.34
CA LEU C 818 -19.47 27.16 -16.63
C LEU C 818 -19.90 25.71 -16.73
N PHE C 819 -21.21 25.46 -16.64
CA PHE C 819 -21.73 24.10 -16.79
C PHE C 819 -21.45 23.59 -18.19
N ASN C 820 -21.65 24.42 -19.20
CA ASN C 820 -21.44 23.99 -20.58
C ASN C 820 -19.96 23.71 -20.86
N LYS C 821 -19.06 24.53 -20.31
CA LYS C 821 -17.64 24.38 -20.63
C LYS C 821 -17.06 23.11 -20.02
N VAL C 822 -17.44 22.78 -18.79
CA VAL C 822 -16.91 21.61 -18.11
C VAL C 822 -17.78 20.40 -18.44
N THR C 823 -17.17 19.39 -19.05
CA THR C 823 -17.89 18.18 -19.44
C THR C 823 -17.61 17.03 -18.48
N LYS C 850 -17.63 1.36 -15.29
CA LYS C 850 -18.94 1.03 -14.75
C LYS C 850 -19.21 -0.46 -14.92
N PHE C 851 -18.75 -1.02 -16.03
CA PHE C 851 -19.11 -2.38 -16.40
C PHE C 851 -18.48 -3.45 -15.52
N ASN C 852 -17.53 -3.09 -14.65
CA ASN C 852 -16.84 -4.06 -13.81
C ASN C 852 -16.89 -3.59 -12.35
N GLY C 853 -17.99 -3.91 -11.67
CA GLY C 853 -18.09 -3.74 -10.24
C GLY C 853 -17.94 -2.34 -9.69
N LEU C 854 -17.79 -1.34 -10.56
CA LEU C 854 -17.60 0.04 -10.15
C LEU C 854 -18.85 0.84 -10.47
N THR C 855 -19.43 1.47 -9.45
CA THR C 855 -20.60 2.33 -9.62
C THR C 855 -20.27 3.72 -9.11
N VAL C 856 -20.67 4.72 -9.89
CA VAL C 856 -20.47 6.12 -9.54
C VAL C 856 -21.74 6.61 -8.86
N LEU C 857 -21.64 6.89 -7.57
CA LEU C 857 -22.80 7.35 -6.81
C LEU C 857 -23.13 8.79 -7.20
N PRO C 858 -24.41 9.14 -7.28
CA PRO C 858 -24.78 10.52 -7.61
C PRO C 858 -24.66 11.41 -6.38
N PRO C 859 -24.31 12.68 -6.57
CA PRO C 859 -24.20 13.59 -5.42
C PRO C 859 -25.55 13.80 -4.76
N LEU C 860 -25.51 14.01 -3.44
CA LEU C 860 -26.74 14.18 -2.69
C LEU C 860 -27.51 15.42 -3.14
N LEU C 861 -26.81 16.53 -3.36
CA LEU C 861 -27.43 17.77 -3.79
C LEU C 861 -27.28 17.92 -5.30
N THR C 862 -28.40 17.93 -6.01
CA THR C 862 -28.36 18.08 -7.45
C THR C 862 -27.90 19.49 -7.83
N ASP C 863 -27.56 19.65 -9.10
CA ASP C 863 -27.11 20.96 -9.58
C ASP C 863 -28.19 22.02 -9.44
N GLU C 864 -29.46 21.62 -9.52
CA GLU C 864 -30.55 22.59 -9.33
C GLU C 864 -30.52 23.17 -7.93
N MET C 865 -30.30 22.33 -6.92
CA MET C 865 -30.26 22.86 -5.55
C MET C 865 -28.99 23.66 -5.30
N ILE C 866 -27.88 23.30 -5.94
CA ILE C 866 -26.68 24.13 -5.84
C ILE C 866 -26.93 25.51 -6.43
N ALA C 867 -27.58 25.55 -7.59
CA ALA C 867 -27.92 26.82 -8.20
C ALA C 867 -28.90 27.61 -7.33
N GLN C 868 -29.83 26.92 -6.67
CA GLN C 868 -30.75 27.59 -5.77
C GLN C 868 -30.01 28.20 -4.58
N TYR C 869 -29.07 27.46 -4.00
CA TYR C 869 -28.27 28.00 -2.91
C TYR C 869 -27.47 29.21 -3.36
N THR C 870 -26.86 29.13 -4.53
CA THR C 870 -26.09 30.26 -5.05
C THR C 870 -26.98 31.46 -5.29
N SER C 871 -28.18 31.25 -5.85
CA SER C 871 -29.10 32.35 -6.05
C SER C 871 -29.52 32.97 -4.74
N ALA C 872 -29.77 32.14 -3.72
CA ALA C 872 -30.14 32.67 -2.41
C ALA C 872 -29.01 33.50 -1.82
N LEU C 873 -27.78 33.01 -1.92
CA LEU C 873 -26.64 33.77 -1.40
C LEU C 873 -26.46 35.09 -2.13
N LEU C 874 -26.59 35.09 -3.45
CA LEU C 874 -26.44 36.32 -4.21
C LEU C 874 -27.56 37.31 -3.91
N ALA C 875 -28.80 36.82 -3.83
CA ALA C 875 -29.92 37.70 -3.51
C ALA C 875 -29.76 38.28 -2.11
N GLY C 876 -29.31 37.48 -1.15
CA GLY C 876 -29.07 38.00 0.18
C GLY C 876 -28.00 39.07 0.19
N THR C 877 -26.89 38.82 -0.50
CA THR C 877 -25.79 39.77 -0.45
C THR C 877 -26.05 41.03 -1.25
N ILE C 878 -27.01 41.01 -2.18
CA ILE C 878 -27.35 42.24 -2.91
C ILE C 878 -28.59 42.94 -2.38
N THR C 879 -29.38 42.29 -1.53
CA THR C 879 -30.55 42.96 -0.97
C THR C 879 -30.42 43.28 0.52
N SER C 880 -29.46 42.69 1.22
CA SER C 880 -29.32 42.95 2.65
C SER C 880 -27.88 43.15 3.11
N GLY C 881 -26.91 43.15 2.21
CA GLY C 881 -25.54 43.37 2.64
C GLY C 881 -25.01 42.19 3.43
N TRP C 882 -24.11 42.49 4.37
CA TRP C 882 -23.50 41.44 5.17
C TRP C 882 -24.36 41.03 6.36
N THR C 883 -25.49 41.69 6.59
CA THR C 883 -26.29 41.40 7.77
C THR C 883 -26.92 40.02 7.70
N PHE C 884 -27.23 39.53 6.49
CA PHE C 884 -27.86 38.22 6.37
C PHE C 884 -26.95 37.10 6.82
N GLY C 885 -25.65 37.33 6.88
CA GLY C 885 -24.71 36.35 7.39
C GLY C 885 -24.50 36.37 8.88
N ALA C 886 -25.15 37.30 9.59
CA ALA C 886 -25.03 37.41 11.03
C ALA C 886 -26.38 37.67 11.66
N GLY C 887 -27.41 36.94 11.21
CA GLY C 887 -28.75 37.09 11.71
C GLY C 887 -29.73 37.22 10.57
N ALA C 888 -30.92 37.71 10.90
CA ALA C 888 -31.96 37.89 9.89
C ALA C 888 -31.56 38.97 8.91
N ALA C 889 -31.94 38.78 7.64
CA ALA C 889 -31.57 39.73 6.60
C ALA C 889 -32.35 41.03 6.76
N LEU C 890 -31.63 42.15 6.73
CA LEU C 890 -32.22 43.47 6.84
C LEU C 890 -31.95 44.22 5.55
N GLN C 891 -33.00 44.65 4.87
CA GLN C 891 -32.83 45.26 3.56
C GLN C 891 -32.15 46.61 3.68
N ILE C 892 -31.48 47.01 2.60
CA ILE C 892 -30.77 48.28 2.53
C ILE C 892 -30.51 48.58 1.06
N PRO C 893 -30.70 49.82 0.61
CA PRO C 893 -30.44 50.14 -0.80
C PRO C 893 -29.00 49.85 -1.18
N PHE C 894 -28.80 49.38 -2.41
CA PHE C 894 -27.47 48.96 -2.83
C PHE C 894 -26.50 50.12 -2.85
N ALA C 895 -26.96 51.33 -3.12
CA ALA C 895 -26.08 52.48 -3.03
C ALA C 895 -25.56 52.67 -1.61
N MET C 896 -26.45 52.54 -0.61
CA MET C 896 -26.04 52.67 0.77
C MET C 896 -25.10 51.54 1.17
N GLN C 897 -25.35 50.32 0.66
CA GLN C 897 -24.47 49.21 0.95
C GLN C 897 -23.08 49.44 0.38
N MET C 898 -23.01 49.94 -0.86
CA MET C 898 -21.70 50.24 -1.45
C MET C 898 -21.00 51.37 -0.69
N ALA C 899 -21.76 52.33 -0.17
CA ALA C 899 -21.15 53.35 0.68
C ALA C 899 -20.60 52.75 1.96
N TYR C 900 -21.31 51.79 2.54
CA TYR C 900 -20.81 51.06 3.69
C TYR C 900 -19.48 50.39 3.37
N ARG C 901 -19.45 49.66 2.26
CA ARG C 901 -18.23 48.95 1.87
C ARG C 901 -17.09 49.92 1.58
N PHE C 902 -17.40 51.07 0.97
CA PHE C 902 -16.38 52.07 0.71
C PHE C 902 -15.82 52.63 2.01
N ASN C 903 -16.69 52.92 2.97
CA ASN C 903 -16.22 53.32 4.29
C ASN C 903 -15.40 52.23 4.95
N GLY C 904 -15.61 50.97 4.55
CA GLY C 904 -14.84 49.88 5.08
C GLY C 904 -13.46 49.70 4.50
N ILE C 905 -13.05 50.52 3.54
CA ILE C 905 -11.70 50.44 3.01
C ILE C 905 -11.02 51.80 3.08
N GLY C 906 -11.43 52.62 4.04
CA GLY C 906 -10.77 53.88 4.29
C GLY C 906 -11.15 55.02 3.38
N VAL C 907 -12.15 54.85 2.53
CA VAL C 907 -12.62 55.89 1.62
C VAL C 907 -13.96 56.42 2.12
N THR C 908 -14.05 57.73 2.28
CA THR C 908 -15.28 58.34 2.76
C THR C 908 -16.42 58.06 1.79
N GLN C 909 -17.62 57.85 2.35
CA GLN C 909 -18.75 57.39 1.55
C GLN C 909 -19.21 58.42 0.53
N ASN C 910 -18.80 59.68 0.67
CA ASN C 910 -19.17 60.67 -0.35
C ASN C 910 -18.51 60.38 -1.68
N VAL C 911 -17.42 59.61 -1.69
CA VAL C 911 -16.74 59.29 -2.94
C VAL C 911 -17.65 58.47 -3.84
N LEU C 912 -18.32 57.47 -3.27
CA LEU C 912 -19.25 56.65 -4.06
C LEU C 912 -20.45 57.47 -4.52
N TYR C 913 -21.07 58.21 -3.59
CA TYR C 913 -22.28 58.95 -3.93
C TYR C 913 -22.03 59.98 -5.01
N GLU C 914 -20.90 60.68 -4.93
CA GLU C 914 -20.56 61.65 -5.96
C GLU C 914 -20.13 61.00 -7.27
N ASN C 915 -19.86 59.69 -7.27
CA ASN C 915 -19.42 58.99 -8.47
C ASN C 915 -20.20 57.70 -8.67
N GLN C 916 -21.47 57.68 -8.26
CA GLN C 916 -22.25 56.45 -8.32
C GLN C 916 -22.43 55.97 -9.74
N LYS C 917 -22.71 56.88 -10.68
CA LYS C 917 -22.86 56.49 -12.07
C LYS C 917 -21.56 55.94 -12.63
N LEU C 918 -20.44 56.60 -12.33
CA LEU C 918 -19.15 56.14 -12.81
C LEU C 918 -18.81 54.76 -12.26
N ILE C 919 -19.04 54.55 -10.96
CA ILE C 919 -18.73 53.25 -10.35
C ILE C 919 -19.63 52.17 -10.94
N ALA C 920 -20.91 52.48 -11.14
CA ALA C 920 -21.81 51.49 -11.72
C ALA C 920 -21.39 51.13 -13.14
N ASN C 921 -21.01 52.13 -13.95
CA ASN C 921 -20.57 51.85 -15.30
C ASN C 921 -19.29 51.02 -15.30
N GLN C 922 -18.36 51.34 -14.40
CA GLN C 922 -17.12 50.56 -14.32
C GLN C 922 -17.41 49.12 -13.92
N PHE C 923 -18.33 48.92 -12.97
CA PHE C 923 -18.67 47.55 -12.57
C PHE C 923 -19.36 46.80 -13.69
N ASN C 924 -20.26 47.47 -14.42
CA ASN C 924 -20.92 46.81 -15.54
C ASN C 924 -19.93 46.42 -16.63
N SER C 925 -18.97 47.31 -16.93
CA SER C 925 -17.94 46.96 -17.89
C SER C 925 -17.07 45.81 -17.39
N ALA C 926 -16.75 45.82 -16.09
CA ALA C 926 -15.92 44.75 -15.52
C ALA C 926 -16.67 43.42 -15.52
N ILE C 927 -17.95 43.42 -15.15
CA ILE C 927 -18.71 42.18 -15.14
C ILE C 927 -18.98 41.70 -16.57
N GLY C 928 -18.97 42.62 -17.54
CA GLY C 928 -19.22 42.24 -18.91
C GLY C 928 -18.06 41.50 -19.56
N LYS C 929 -16.86 41.65 -19.02
CA LYS C 929 -15.70 40.95 -19.53
C LYS C 929 -15.44 39.64 -18.82
N ILE C 930 -16.26 39.28 -17.83
CA ILE C 930 -16.06 38.02 -17.12
C ILE C 930 -16.27 36.83 -18.04
N GLN C 931 -17.34 36.86 -18.84
CA GLN C 931 -17.67 35.76 -19.72
C GLN C 931 -16.63 35.56 -20.82
N ASP C 932 -15.72 36.51 -21.04
CA ASP C 932 -14.65 36.35 -22.01
C ASP C 932 -13.41 35.75 -21.37
N SER C 933 -12.88 36.41 -20.33
CA SER C 933 -11.63 35.98 -19.71
C SER C 933 -11.76 34.67 -18.96
N LEU C 934 -12.98 34.19 -18.73
CA LEU C 934 -13.14 32.94 -17.99
C LEU C 934 -12.70 31.74 -18.81
N PHE C 935 -12.89 31.77 -20.12
CA PHE C 935 -12.65 30.62 -20.98
C PHE C 935 -11.56 30.86 -22.01
N SER C 936 -11.56 32.01 -22.69
CA SER C 936 -10.63 32.23 -23.79
C SER C 936 -9.19 32.27 -23.30
N THR C 937 -8.94 32.91 -22.16
CA THR C 937 -7.58 33.06 -21.66
C THR C 937 -7.03 31.78 -21.03
N ALA C 938 -7.84 30.73 -20.92
CA ALA C 938 -7.46 29.47 -20.27
C ALA C 938 -7.08 29.80 -18.84
N SER C 939 -5.85 29.52 -18.39
CA SER C 939 -5.42 29.84 -17.04
C SER C 939 -6.34 29.20 -16.00
N ALA C 940 -7.33 29.96 -15.54
CA ALA C 940 -8.31 29.44 -14.60
C ALA C 940 -9.21 28.42 -15.27
N LEU C 941 -10.17 27.90 -14.50
CA LEU C 941 -11.14 26.90 -14.94
C LEU C 941 -10.49 25.56 -15.29
N GLY C 942 -9.22 25.39 -14.97
CA GLY C 942 -8.57 24.11 -15.21
C GLY C 942 -8.60 23.16 -14.04
N LYS C 943 -8.94 23.65 -12.85
CA LYS C 943 -8.93 22.78 -11.68
C LYS C 943 -10.08 21.78 -11.71
N LEU C 944 -11.27 22.22 -12.09
CA LEU C 944 -12.40 21.31 -12.20
C LEU C 944 -12.17 20.28 -13.30
N GLN C 945 -11.63 20.71 -14.44
CA GLN C 945 -11.31 19.79 -15.50
C GLN C 945 -10.26 18.79 -15.05
N ASP C 946 -9.26 19.25 -14.29
CA ASP C 946 -8.25 18.34 -13.77
C ASP C 946 -8.86 17.33 -12.82
N VAL C 947 -9.80 17.76 -11.98
CA VAL C 947 -10.46 16.83 -11.06
C VAL C 947 -11.20 15.76 -11.84
N VAL C 948 -11.99 16.17 -12.83
CA VAL C 948 -12.77 15.21 -13.60
C VAL C 948 -11.85 14.25 -14.34
N ASN C 949 -10.81 14.79 -14.98
CA ASN C 949 -9.89 13.95 -15.73
C ASN C 949 -9.16 12.97 -14.83
N HIS C 950 -8.73 13.43 -13.65
CA HIS C 950 -8.01 12.54 -12.74
C HIS C 950 -8.90 11.41 -12.25
N ASN C 951 -10.14 11.72 -11.89
CA ASN C 951 -11.03 10.67 -11.41
C ASN C 951 -11.36 9.68 -12.53
N ALA C 952 -11.65 10.18 -13.73
CA ALA C 952 -11.93 9.29 -14.85
C ALA C 952 -10.72 8.43 -15.20
N GLN C 953 -9.53 9.02 -15.16
CA GLN C 953 -8.31 8.29 -15.48
C GLN C 953 -8.02 7.22 -14.44
N ALA C 954 -8.26 7.52 -13.17
CA ALA C 954 -8.10 6.50 -12.14
C ALA C 954 -9.07 5.35 -12.34
N LEU C 955 -10.32 5.67 -12.66
CA LEU C 955 -11.30 4.61 -12.93
C LEU C 955 -10.88 3.74 -14.12
N ASN C 956 -10.45 4.39 -15.20
CA ASN C 956 -10.05 3.65 -16.39
C ASN C 956 -8.83 2.78 -16.14
N THR C 957 -7.86 3.30 -15.39
CA THR C 957 -6.68 2.51 -15.06
C THR C 957 -7.03 1.34 -14.17
N LEU C 958 -7.97 1.54 -13.24
CA LEU C 958 -8.41 0.43 -12.41
C LEU C 958 -9.08 -0.65 -13.24
N VAL C 959 -9.91 -0.25 -14.21
CA VAL C 959 -10.60 -1.24 -15.04
C VAL C 959 -9.60 -1.96 -15.96
N LYS C 960 -8.63 -1.23 -16.49
CA LYS C 960 -7.68 -1.83 -17.43
C LYS C 960 -6.80 -2.87 -16.75
N GLN C 961 -6.59 -2.75 -15.44
CA GLN C 961 -5.75 -3.71 -14.73
C GLN C 961 -6.32 -5.12 -14.76
N LEU C 962 -7.61 -5.28 -15.09
CA LEU C 962 -8.20 -6.61 -15.09
C LEU C 962 -7.63 -7.47 -16.20
N SER C 963 -7.13 -6.87 -17.27
CA SER C 963 -6.56 -7.62 -18.38
C SER C 963 -5.11 -8.02 -18.15
N SER C 964 -4.52 -7.63 -17.03
CA SER C 964 -3.13 -7.98 -16.75
C SER C 964 -3.02 -9.42 -16.29
N LYS C 965 -1.85 -10.00 -16.54
CA LYS C 965 -1.59 -11.39 -16.17
C LYS C 965 -1.00 -11.52 -14.77
N PHE C 966 -0.16 -10.56 -14.36
CA PHE C 966 0.50 -10.58 -13.06
C PHE C 966 1.35 -11.84 -12.87
N GLY C 967 1.89 -12.37 -13.96
CA GLY C 967 2.65 -13.59 -13.92
C GLY C 967 1.84 -14.85 -14.11
N ALA C 968 0.52 -14.77 -14.02
CA ALA C 968 -0.32 -15.93 -14.30
C ALA C 968 -0.33 -16.21 -15.80
N ILE C 969 -0.63 -17.47 -16.15
CA ILE C 969 -0.64 -17.86 -17.54
C ILE C 969 -1.79 -17.21 -18.30
N SER C 970 -2.80 -16.72 -17.60
CA SER C 970 -3.94 -16.11 -18.26
C SER C 970 -4.50 -15.01 -17.36
N SER C 971 -5.23 -14.07 -17.98
CA SER C 971 -5.78 -12.93 -17.27
C SER C 971 -7.30 -13.02 -17.11
N VAL C 972 -7.91 -14.13 -17.48
CA VAL C 972 -9.35 -14.31 -17.38
C VAL C 972 -9.62 -15.49 -16.45
N LEU C 973 -10.53 -15.29 -15.51
CA LEU C 973 -10.85 -16.33 -14.52
C LEU C 973 -11.39 -17.58 -15.20
N ASN C 974 -12.26 -17.42 -16.20
CA ASN C 974 -12.96 -18.55 -16.77
C ASN C 974 -12.01 -19.50 -17.51
N ASP C 975 -11.02 -18.96 -18.22
CA ASP C 975 -10.11 -19.81 -18.98
C ASP C 975 -9.27 -20.68 -18.05
N ILE C 976 -8.64 -20.07 -17.04
CA ILE C 976 -7.88 -20.84 -16.06
C ILE C 976 -8.80 -21.80 -15.32
N LEU C 977 -10.04 -21.39 -15.07
CA LEU C 977 -11.00 -22.25 -14.40
C LEU C 977 -11.25 -23.54 -15.19
N SER C 978 -11.60 -23.39 -16.46
CA SER C 978 -12.01 -24.55 -17.25
C SER C 978 -10.83 -25.40 -17.67
N ARG C 979 -9.72 -24.77 -18.04
CA ARG C 979 -8.60 -25.50 -18.61
C ARG C 979 -7.77 -26.25 -17.59
N LEU C 980 -7.85 -25.89 -16.31
CA LEU C 980 -7.07 -26.55 -15.27
C LEU C 980 -7.97 -26.91 -14.09
N ASP C 981 -7.62 -28.00 -13.42
CA ASP C 981 -8.34 -28.41 -12.23
C ASP C 981 -8.02 -27.45 -11.08
N PRO C 982 -8.94 -27.31 -10.12
CA PRO C 982 -8.73 -26.37 -9.00
C PRO C 982 -7.44 -26.63 -8.24
N PRO C 983 -7.08 -27.89 -7.93
CA PRO C 983 -5.86 -28.09 -7.12
C PRO C 983 -4.60 -27.54 -7.75
N GLU C 984 -4.52 -27.48 -9.08
CA GLU C 984 -3.37 -26.87 -9.74
C GLU C 984 -3.61 -25.41 -10.14
N ALA C 985 -4.84 -25.06 -10.47
CA ALA C 985 -5.17 -23.69 -10.86
C ALA C 985 -5.22 -22.73 -9.68
N GLU C 986 -5.18 -23.25 -8.44
CA GLU C 986 -5.26 -22.37 -7.28
C GLU C 986 -4.10 -21.38 -7.25
N VAL C 987 -2.91 -21.78 -7.71
CA VAL C 987 -1.77 -20.86 -7.70
C VAL C 987 -2.01 -19.69 -8.64
N GLN C 988 -2.49 -19.97 -9.86
CA GLN C 988 -2.79 -18.89 -10.80
C GLN C 988 -3.90 -18.00 -10.26
N ILE C 989 -4.92 -18.60 -9.65
CA ILE C 989 -5.99 -17.81 -9.07
C ILE C 989 -5.45 -16.90 -7.97
N ASP C 990 -4.53 -17.41 -7.16
CA ASP C 990 -3.93 -16.59 -6.12
C ASP C 990 -3.12 -15.44 -6.70
N ARG C 991 -2.37 -15.70 -7.77
CA ARG C 991 -1.61 -14.63 -8.41
C ARG C 991 -2.53 -13.53 -8.92
N LEU C 992 -3.61 -13.93 -9.60
CA LEU C 992 -4.56 -12.93 -10.11
C LEU C 992 -5.23 -12.18 -8.97
N ILE C 993 -5.58 -12.87 -7.89
CA ILE C 993 -6.23 -12.23 -6.77
C ILE C 993 -5.31 -11.19 -6.15
N THR C 994 -4.04 -11.55 -5.95
CA THR C 994 -3.10 -10.61 -5.35
C THR C 994 -2.89 -9.41 -6.25
N GLY C 995 -2.75 -9.62 -7.56
CA GLY C 995 -2.56 -8.50 -8.46
C GLY C 995 -3.74 -7.55 -8.46
N ARG C 996 -4.96 -8.10 -8.56
CA ARG C 996 -6.14 -7.26 -8.60
C ARG C 996 -6.36 -6.55 -7.27
N LEU C 997 -6.09 -7.23 -6.15
CA LEU C 997 -6.23 -6.59 -4.85
C LEU C 997 -5.22 -5.46 -4.69
N GLN C 998 -4.00 -5.65 -5.17
CA GLN C 998 -3.01 -4.58 -5.09
C GLN C 998 -3.42 -3.39 -5.92
N SER C 999 -3.96 -3.62 -7.12
CA SER C 999 -4.44 -2.51 -7.94
C SER C 999 -5.58 -1.77 -7.24
N LEU C 1000 -6.50 -2.52 -6.64
CA LEU C 1000 -7.60 -1.89 -5.91
C LEU C 1000 -7.08 -1.06 -4.74
N GLN C 1001 -6.10 -1.59 -4.01
CA GLN C 1001 -5.55 -0.84 -2.87
C GLN C 1001 -4.87 0.43 -3.34
N THR C 1002 -4.12 0.35 -4.45
CA THR C 1002 -3.49 1.56 -4.98
C THR C 1002 -4.53 2.60 -5.37
N TYR C 1003 -5.61 2.16 -6.03
CA TYR C 1003 -6.67 3.09 -6.40
C TYR C 1003 -7.31 3.72 -5.18
N VAL C 1004 -7.57 2.91 -4.14
CA VAL C 1004 -8.23 3.44 -2.94
C VAL C 1004 -7.31 4.42 -2.22
N THR C 1005 -6.02 4.12 -2.13
CA THR C 1005 -5.10 5.04 -1.49
C THR C 1005 -4.99 6.36 -2.25
N GLN C 1006 -4.91 6.29 -3.58
CA GLN C 1006 -4.87 7.52 -4.37
C GLN C 1006 -6.15 8.31 -4.19
N GLN C 1007 -7.30 7.62 -4.11
CA GLN C 1007 -8.56 8.32 -3.89
C GLN C 1007 -8.61 8.96 -2.51
N LEU C 1008 -8.04 8.31 -1.50
CA LEU C 1008 -8.02 8.90 -0.17
C LEU C 1008 -7.17 10.16 -0.14
N ILE C 1009 -6.00 10.13 -0.80
CA ILE C 1009 -5.16 11.32 -0.85
C ILE C 1009 -5.84 12.44 -1.63
N ARG C 1010 -6.45 12.11 -2.77
CA ARG C 1010 -7.16 13.12 -3.55
C ARG C 1010 -8.35 13.68 -2.76
N ALA C 1011 -9.02 12.83 -1.99
CA ALA C 1011 -10.12 13.30 -1.16
C ALA C 1011 -9.63 14.24 -0.08
N ALA C 1012 -8.46 13.96 0.50
CA ALA C 1012 -7.89 14.90 1.46
C ALA C 1012 -7.59 16.25 0.79
N GLU C 1013 -7.01 16.22 -0.41
CA GLU C 1013 -6.74 17.46 -1.13
C GLU C 1013 -8.03 18.23 -1.42
N ILE C 1014 -9.06 17.52 -1.89
CA ILE C 1014 -10.33 18.16 -2.20
C ILE C 1014 -11.00 18.68 -0.94
N ARG C 1015 -10.85 17.99 0.19
CA ARG C 1015 -11.41 18.49 1.44
C ARG C 1015 -10.72 19.76 1.88
N ALA C 1016 -9.40 19.84 1.71
CA ALA C 1016 -8.70 21.08 2.00
C ALA C 1016 -9.20 22.21 1.12
N SER C 1017 -9.37 21.94 -0.18
CA SER C 1017 -9.86 22.98 -1.08
C SER C 1017 -11.30 23.36 -0.75
N ALA C 1018 -12.13 22.41 -0.33
CA ALA C 1018 -13.52 22.71 -0.02
C ALA C 1018 -13.63 23.51 1.27
N ASN C 1019 -12.78 23.21 2.26
CA ASN C 1019 -12.73 24.04 3.45
C ASN C 1019 -12.29 25.46 3.11
N LEU C 1020 -11.30 25.59 2.23
CA LEU C 1020 -10.89 26.92 1.79
C LEU C 1020 -12.03 27.63 1.08
N ALA C 1021 -12.80 26.92 0.25
CA ALA C 1021 -13.91 27.54 -0.47
C ALA C 1021 -15.02 27.96 0.50
N ALA C 1022 -15.29 27.15 1.52
CA ALA C 1022 -16.26 27.54 2.53
C ALA C 1022 -15.82 28.78 3.28
N THR C 1023 -14.53 28.84 3.64
CA THR C 1023 -14.01 30.05 4.29
C THR C 1023 -14.13 31.25 3.37
N LYS C 1024 -13.80 31.08 2.09
CA LYS C 1024 -13.90 32.19 1.15
C LYS C 1024 -15.34 32.67 1.03
N MET C 1025 -16.29 31.75 0.96
CA MET C 1025 -17.70 32.16 0.90
C MET C 1025 -18.10 32.90 2.16
N SER C 1026 -17.77 32.36 3.32
CA SER C 1026 -18.19 32.96 4.58
C SER C 1026 -17.57 34.33 4.79
N GLU C 1027 -16.36 34.57 4.28
CA GLU C 1027 -15.67 35.80 4.58
C GLU C 1027 -15.72 36.83 3.46
N CYS C 1028 -16.02 36.44 2.22
CA CYS C 1028 -16.12 37.39 1.13
C CYS C 1028 -17.54 37.57 0.61
N VAL C 1029 -18.38 36.55 0.67
CA VAL C 1029 -19.77 36.72 0.24
C VAL C 1029 -20.67 37.13 1.39
N LEU C 1030 -20.45 36.57 2.57
CA LEU C 1030 -21.24 36.91 3.74
C LEU C 1030 -20.73 38.14 4.47
N GLY C 1031 -19.67 38.76 3.99
CA GLY C 1031 -19.15 39.94 4.64
C GLY C 1031 -18.00 40.52 3.84
N GLN C 1032 -17.37 41.54 4.42
CA GLN C 1032 -16.21 42.17 3.83
C GLN C 1032 -14.97 41.84 4.66
N SER C 1033 -13.94 41.32 4.01
CA SER C 1033 -12.74 40.86 4.67
C SER C 1033 -11.62 41.86 4.46
N LYS C 1034 -10.93 42.20 5.55
CA LYS C 1034 -9.75 43.07 5.49
C LYS C 1034 -8.47 42.30 5.22
N ARG C 1035 -8.54 40.99 5.09
CA ARG C 1035 -7.34 40.20 4.80
C ARG C 1035 -6.86 40.50 3.39
N VAL C 1036 -5.58 40.85 3.27
CA VAL C 1036 -5.04 41.28 1.99
C VAL C 1036 -4.95 40.08 1.05
N ASP C 1037 -5.44 40.25 -0.18
CA ASP C 1037 -5.35 39.28 -1.26
C ASP C 1037 -6.13 38.01 -0.99
N PHE C 1038 -6.91 37.96 0.09
CA PHE C 1038 -7.72 36.77 0.33
C PHE C 1038 -8.90 36.71 -0.64
N CYS C 1039 -9.59 37.83 -0.83
CA CYS C 1039 -10.75 37.88 -1.71
C CYS C 1039 -10.46 38.75 -2.93
N GLY C 1040 -9.30 38.54 -3.54
CA GLY C 1040 -8.94 39.24 -4.75
C GLY C 1040 -7.78 40.18 -4.54
N LYS C 1041 -7.12 40.52 -5.64
CA LYS C 1041 -5.97 41.42 -5.60
C LYS C 1041 -6.48 42.86 -5.57
N GLY C 1042 -6.46 43.45 -4.39
CA GLY C 1042 -6.89 44.81 -4.21
C GLY C 1042 -7.66 44.94 -2.91
N TYR C 1043 -8.37 46.06 -2.78
CA TYR C 1043 -9.21 46.32 -1.61
C TYR C 1043 -10.57 45.71 -1.87
N HIS C 1044 -10.90 44.65 -1.13
CA HIS C 1044 -12.12 43.90 -1.37
C HIS C 1044 -13.35 44.74 -1.06
N LEU C 1045 -14.36 44.64 -1.93
CA LEU C 1045 -15.65 45.25 -1.71
C LEU C 1045 -16.73 44.20 -1.47
N MET C 1046 -16.92 43.28 -2.41
CA MET C 1046 -17.92 42.24 -2.28
C MET C 1046 -17.58 41.11 -3.24
N SER C 1047 -18.21 39.96 -3.01
CA SER C 1047 -18.02 38.80 -3.86
C SER C 1047 -19.37 38.20 -4.20
N PHE C 1048 -19.41 37.48 -5.31
CA PHE C 1048 -20.60 36.78 -5.75
C PHE C 1048 -20.24 35.35 -6.09
N PRO C 1049 -20.90 34.35 -5.52
CA PRO C 1049 -20.61 32.96 -5.85
C PRO C 1049 -21.36 32.49 -7.08
N GLN C 1050 -20.75 31.53 -7.77
CA GLN C 1050 -21.39 30.87 -8.90
C GLN C 1050 -21.12 29.38 -8.81
N SER C 1051 -22.03 28.59 -9.37
CA SER C 1051 -21.98 27.14 -9.27
C SER C 1051 -21.38 26.55 -10.52
N ALA C 1052 -20.30 25.79 -10.36
CA ALA C 1052 -19.59 25.12 -11.44
C ALA C 1052 -19.50 23.64 -11.11
N PRO C 1053 -19.32 22.78 -12.11
CA PRO C 1053 -19.28 21.34 -11.84
C PRO C 1053 -18.19 20.99 -10.85
N HIS C 1054 -18.59 20.47 -9.70
CA HIS C 1054 -17.67 20.04 -8.64
C HIS C 1054 -16.80 21.18 -8.14
N GLY C 1055 -17.39 22.37 -8.06
CA GLY C 1055 -16.61 23.51 -7.63
C GLY C 1055 -17.48 24.74 -7.43
N VAL C 1056 -16.80 25.86 -7.21
CA VAL C 1056 -17.47 27.14 -7.01
C VAL C 1056 -16.60 28.22 -7.63
N VAL C 1057 -17.23 29.28 -8.14
CA VAL C 1057 -16.55 30.39 -8.76
C VAL C 1057 -16.91 31.65 -7.99
N PHE C 1058 -15.90 32.42 -7.60
CA PHE C 1058 -16.09 33.65 -6.86
C PHE C 1058 -15.74 34.83 -7.75
N LEU C 1059 -16.65 35.80 -7.82
CA LEU C 1059 -16.42 37.01 -8.63
C LEU C 1059 -16.04 38.14 -7.68
N HIS C 1060 -14.76 38.17 -7.31
CA HIS C 1060 -14.28 39.15 -6.34
C HIS C 1060 -14.31 40.55 -6.96
N VAL C 1061 -15.03 41.46 -6.31
CA VAL C 1061 -15.12 42.86 -6.74
C VAL C 1061 -14.21 43.67 -5.84
N THR C 1062 -13.14 44.22 -6.40
CA THR C 1062 -12.12 44.90 -5.61
C THR C 1062 -11.95 46.34 -6.08
N TYR C 1063 -11.74 47.23 -5.12
CA TYR C 1063 -11.42 48.62 -5.40
C TYR C 1063 -9.92 48.75 -5.63
N VAL C 1064 -9.54 49.43 -6.71
CA VAL C 1064 -8.14 49.53 -7.11
C VAL C 1064 -7.82 50.99 -7.45
N PRO C 1065 -6.88 51.62 -6.76
CA PRO C 1065 -6.47 52.99 -7.13
C PRO C 1065 -5.86 53.01 -8.52
N ALA C 1066 -6.12 54.09 -9.26
CA ALA C 1066 -5.72 54.15 -10.66
C ALA C 1066 -4.71 55.25 -10.96
N GLN C 1067 -5.02 56.51 -10.67
CA GLN C 1067 -4.21 57.63 -11.14
C GLN C 1067 -3.53 58.29 -9.96
N GLU C 1068 -2.22 58.14 -9.88
CA GLU C 1068 -1.44 58.62 -8.74
C GLU C 1068 -0.67 59.89 -9.12
N LYS C 1069 -0.96 60.98 -8.44
CA LYS C 1069 -0.17 62.19 -8.50
C LYS C 1069 0.48 62.39 -7.14
N ASN C 1070 1.79 62.54 -7.11
CA ASN C 1070 2.52 62.56 -5.84
C ASN C 1070 2.77 63.98 -5.38
N PHE C 1071 2.45 64.24 -4.11
CA PHE C 1071 2.61 65.54 -3.48
C PHE C 1071 3.74 65.49 -2.48
N THR C 1072 3.90 66.58 -1.73
CA THR C 1072 4.87 66.68 -0.64
C THR C 1072 4.14 66.56 0.68
N THR C 1073 4.61 65.66 1.54
CA THR C 1073 3.97 65.37 2.81
C THR C 1073 4.76 65.95 3.97
N ALA C 1074 4.15 65.92 5.15
CA ALA C 1074 4.77 66.38 6.38
C ALA C 1074 4.10 65.65 7.54
N PRO C 1075 4.88 65.10 8.47
CA PRO C 1075 4.26 64.36 9.58
C PRO C 1075 3.37 65.21 10.48
N ALA C 1076 3.68 66.49 10.66
CA ALA C 1076 2.94 67.33 11.58
C ALA C 1076 2.98 68.77 11.10
N ILE C 1077 2.07 69.57 11.63
CA ILE C 1077 1.95 70.98 11.26
C ILE C 1077 2.15 71.81 12.52
N CYS C 1078 3.10 72.74 12.47
CA CYS C 1078 3.39 73.63 13.58
C CYS C 1078 2.75 74.98 13.32
N HIS C 1079 1.79 75.37 14.16
CA HIS C 1079 1.04 76.61 13.95
C HIS C 1079 1.37 77.66 15.01
N ASP C 1080 1.20 77.34 16.28
CA ASP C 1080 1.46 78.28 17.38
C ASP C 1080 2.39 77.64 18.39
N GLY C 1081 3.45 77.00 17.88
CA GLY C 1081 4.36 76.27 18.75
C GLY C 1081 3.83 74.94 19.22
N LYS C 1082 2.72 74.46 18.68
CA LYS C 1082 2.12 73.19 19.05
C LYS C 1082 1.95 72.33 17.81
N ALA C 1083 2.45 71.09 17.87
CA ALA C 1083 2.34 70.20 16.73
C ALA C 1083 0.89 69.79 16.51
N HIS C 1084 0.48 69.75 15.25
CA HIS C 1084 -0.84 69.29 14.85
C HIS C 1084 -0.68 68.05 14.00
N PHE C 1085 -1.40 67.00 14.35
CA PHE C 1085 -1.37 65.75 13.61
C PHE C 1085 -2.73 65.49 12.97
N PRO C 1086 -2.78 64.80 11.84
CA PRO C 1086 -4.07 64.55 11.19
C PRO C 1086 -4.93 63.61 12.02
N ARG C 1087 -6.24 63.82 11.93
CA ARG C 1087 -7.17 62.88 12.55
C ARG C 1087 -7.26 61.61 11.73
N GLU C 1088 -7.70 61.73 10.47
CA GLU C 1088 -7.60 60.67 9.49
C GLU C 1088 -7.10 61.28 8.19
N GLY C 1089 -6.09 60.68 7.60
CA GLY C 1089 -5.50 61.20 6.39
C GLY C 1089 -4.10 61.73 6.63
N VAL C 1090 -3.58 62.41 5.60
CA VAL C 1090 -2.21 62.91 5.59
C VAL C 1090 -2.20 64.35 5.11
N PHE C 1091 -1.16 65.08 5.51
CA PHE C 1091 -0.96 66.44 5.02
C PHE C 1091 -0.21 66.41 3.70
N VAL C 1092 -0.77 67.03 2.67
CA VAL C 1092 -0.13 67.10 1.37
C VAL C 1092 -0.12 68.54 0.88
N SER C 1093 0.83 68.84 0.01
CA SER C 1093 0.98 70.18 -0.55
C SER C 1093 1.32 70.06 -2.03
N ASN C 1094 0.72 70.94 -2.84
CA ASN C 1094 1.04 70.97 -4.26
C ASN C 1094 2.22 71.87 -4.57
N GLY C 1095 2.85 72.45 -3.55
CA GLY C 1095 3.96 73.36 -3.74
C GLY C 1095 3.88 74.64 -2.93
N THR C 1096 2.67 75.16 -2.73
CA THR C 1096 2.48 76.39 -1.96
C THR C 1096 1.50 76.25 -0.81
N HIS C 1097 0.41 75.51 -0.99
CA HIS C 1097 -0.63 75.38 0.04
C HIS C 1097 -0.67 73.95 0.55
N TRP C 1098 -0.91 73.80 1.85
CA TRP C 1098 -0.99 72.50 2.50
C TRP C 1098 -2.44 72.13 2.75
N PHE C 1099 -2.81 70.92 2.38
CA PHE C 1099 -4.14 70.40 2.62
C PHE C 1099 -4.03 69.04 3.29
N LEU C 1100 -5.14 68.62 3.89
CA LEU C 1100 -5.24 67.30 4.51
C LEU C 1100 -6.12 66.45 3.62
N THR C 1101 -5.50 65.54 2.88
CA THR C 1101 -6.24 64.61 2.04
C THR C 1101 -6.49 63.32 2.82
N GLN C 1102 -7.48 62.57 2.36
CA GLN C 1102 -7.87 61.35 3.06
C GLN C 1102 -6.92 60.22 2.68
N ARG C 1103 -7.31 59.00 3.03
CA ARG C 1103 -6.43 57.84 2.91
C ARG C 1103 -6.08 57.55 1.45
N ASN C 1104 -7.08 57.20 0.64
CA ASN C 1104 -6.86 56.56 -0.64
C ASN C 1104 -7.52 57.32 -1.79
N PHE C 1105 -7.71 58.62 -1.64
CA PHE C 1105 -8.37 59.42 -2.67
C PHE C 1105 -8.03 60.87 -2.45
N TYR C 1106 -7.51 61.54 -3.48
CA TYR C 1106 -7.11 62.93 -3.32
C TYR C 1106 -8.33 63.83 -3.22
N GLU C 1107 -8.75 64.13 -1.99
CA GLU C 1107 -9.84 65.07 -1.73
C GLU C 1107 -9.30 66.11 -0.75
N PRO C 1108 -8.66 67.17 -1.26
CA PRO C 1108 -8.02 68.14 -0.38
C PRO C 1108 -9.02 68.81 0.55
N GLN C 1109 -8.58 69.06 1.78
CA GLN C 1109 -9.38 69.69 2.81
C GLN C 1109 -8.57 70.81 3.45
N ILE C 1110 -9.23 71.94 3.71
CA ILE C 1110 -8.56 73.03 4.41
C ILE C 1110 -8.21 72.57 5.82
N ILE C 1111 -6.99 72.92 6.26
CA ILE C 1111 -6.55 72.53 7.59
C ILE C 1111 -7.43 73.21 8.64
N THR C 1112 -7.91 72.43 9.60
CA THR C 1112 -8.86 72.91 10.57
C THR C 1112 -8.57 72.25 11.91
N THR C 1113 -8.96 72.91 13.00
CA THR C 1113 -8.82 72.33 14.32
C THR C 1113 -9.77 71.15 14.53
N ASP C 1114 -10.74 70.94 13.64
CA ASP C 1114 -11.64 69.80 13.77
C ASP C 1114 -10.96 68.50 13.38
N ASN C 1115 -10.16 68.50 12.32
CA ASN C 1115 -9.53 67.28 11.82
C ASN C 1115 -8.06 67.18 12.20
N THR C 1116 -7.60 67.99 13.14
CA THR C 1116 -6.23 67.90 13.63
C THR C 1116 -6.23 68.00 15.14
N PHE C 1117 -5.47 67.12 15.80
CA PHE C 1117 -5.38 67.10 17.25
C PHE C 1117 -3.97 67.50 17.68
N VAL C 1118 -3.90 68.34 18.70
CA VAL C 1118 -2.64 68.91 19.16
C VAL C 1118 -1.95 67.93 20.11
N SER C 1119 -0.63 67.83 19.99
CA SER C 1119 0.15 66.94 20.85
C SER C 1119 1.53 67.55 21.04
N GLY C 1120 1.74 68.15 22.22
CA GLY C 1120 3.06 68.67 22.55
C GLY C 1120 3.43 69.91 21.74
N ASN C 1121 4.72 70.12 21.60
CA ASN C 1121 5.28 71.26 20.88
C ASN C 1121 6.03 70.77 19.65
N CYS C 1122 6.64 71.71 18.93
CA CYS C 1122 7.22 71.43 17.61
C CYS C 1122 8.70 71.07 17.66
N ASP C 1123 9.30 70.95 18.83
CA ASP C 1123 10.72 70.65 18.93
C ASP C 1123 11.02 69.16 19.00
N VAL C 1124 10.00 68.31 18.85
CA VAL C 1124 10.18 66.87 19.01
C VAL C 1124 10.05 66.09 17.71
N VAL C 1125 9.18 66.52 16.79
CA VAL C 1125 8.91 65.76 15.58
C VAL C 1125 9.95 66.12 14.52
N ILE C 1126 10.38 65.12 13.76
CA ILE C 1126 11.33 65.31 12.67
C ILE C 1126 10.55 65.50 11.38
N GLY C 1127 10.72 66.65 10.75
CA GLY C 1127 10.00 66.98 9.54
C GLY C 1127 8.79 67.88 9.73
N ILE C 1128 8.60 68.44 10.92
CA ILE C 1128 7.46 69.32 11.15
C ILE C 1128 7.66 70.61 10.37
N VAL C 1129 6.55 71.16 9.85
CA VAL C 1129 6.59 72.33 8.99
C VAL C 1129 5.69 73.41 9.56
N ASN C 1130 5.95 74.65 9.13
CA ASN C 1130 5.13 75.79 9.48
C ASN C 1130 3.89 75.81 8.60
N ASN C 1131 2.75 76.15 9.20
CA ASN C 1131 1.55 76.52 8.45
C ASN C 1131 0.49 76.99 9.44
N THR C 1132 -0.44 77.79 8.93
CA THR C 1132 -1.56 78.26 9.72
C THR C 1132 -2.64 77.20 9.78
N VAL C 1133 -3.15 76.94 10.98
CA VAL C 1133 -4.25 76.01 11.19
C VAL C 1133 -5.49 76.85 11.46
N TYR C 1134 -6.45 76.83 10.53
CA TYR C 1134 -7.62 77.69 10.63
C TYR C 1134 -8.53 77.23 11.77
N ASP C 1135 -9.00 78.19 12.55
N ASP C 1135 -9.00 78.19 12.56
CA ASP C 1135 -9.90 77.94 13.67
CA ASP C 1135 -9.85 77.92 13.71
C ASP C 1135 -11.25 78.57 13.40
C ASP C 1135 -11.27 78.38 13.43
N PRO C 1136 -12.32 77.80 13.29
N PRO C 1136 -12.24 77.47 13.31
CA PRO C 1136 -13.64 78.39 13.00
CA PRO C 1136 -13.62 77.92 13.04
C PRO C 1136 -14.16 79.24 14.14
C PRO C 1136 -14.18 78.81 14.12
N LEU C 1137 -14.12 78.69 15.35
N LEU C 1137 -13.88 78.53 15.39
CA LEU C 1137 -14.63 79.43 16.52
CA LEU C 1137 -14.45 79.32 16.49
C LEU C 1137 -13.84 80.71 16.74
C LEU C 1137 -13.96 80.76 16.44
N GLN C 1138 -12.52 80.64 16.62
N GLN C 1138 -12.65 80.94 16.26
CA GLN C 1138 -11.70 81.83 16.81
CA GLN C 1138 -12.10 82.30 16.23
C GLN C 1138 -12.02 82.89 15.76
C GLN C 1138 -12.64 83.09 15.06
N LEU C 1139 -12.19 82.47 14.50
N LEU C 1139 -12.71 82.47 13.87
CA LEU C 1139 -12.51 83.42 13.44
CA LEU C 1139 -13.22 83.17 12.70
C LEU C 1139 -13.85 84.09 13.69
C LEU C 1139 -14.70 83.52 12.87
N GLU C 1140 -14.87 83.30 14.04
N GLU C 1140 -15.49 82.59 13.41
CA GLU C 1140 -16.19 83.88 14.30
CA GLU C 1140 -16.91 82.87 13.63
C GLU C 1140 -16.16 84.81 15.49
C GLU C 1140 -17.09 83.98 14.65
N LEU C 1141 -15.46 84.42 16.56
N LEU C 1141 -16.29 83.97 15.72
CA LEU C 1141 -15.35 85.27 17.73
CA LEU C 1141 -16.37 85.03 16.72
C LEU C 1141 -14.62 86.56 17.41
C LEU C 1141 -15.99 86.38 16.12
N ASP C 1142 -13.55 86.49 16.62
N ASP C 1142 -14.95 86.41 15.29
CA ASP C 1142 -12.83 87.69 16.23
CA ASP C 1142 -14.55 87.67 14.65
C ASP C 1142 -13.70 88.62 15.40
C ASP C 1142 -15.64 88.19 13.72
N SER C 1143 -14.48 88.06 14.47
N SER C 1143 -16.24 87.29 12.93
CA SER C 1143 -15.37 88.88 13.66
CA SER C 1143 -17.32 87.70 12.04
C SER C 1143 -16.42 89.58 14.51
C SER C 1143 -18.52 88.22 12.83
N PHE C 1144 -17.06 88.82 15.41
N PHE C 1144 -18.87 87.53 13.91
CA PHE C 1144 -18.10 89.42 16.26
CA PHE C 1144 -19.99 87.96 14.74
C PHE C 1144 -17.51 90.43 17.23
C PHE C 1144 -19.71 89.32 15.38
N LYS C 1145 -16.31 90.16 17.75
N LYS C 1145 -18.47 89.53 15.84
CA LYS C 1145 -15.65 91.11 18.64
CA LYS C 1145 -18.12 90.81 16.43
C LYS C 1145 -15.28 92.39 17.91
C LYS C 1145 -18.16 91.94 15.40
N GLU C 1146 -14.80 92.29 16.67
N GLU C 1146 -17.70 91.66 14.18
CA GLU C 1146 -14.50 93.47 15.88
CA GLU C 1146 -17.78 92.66 13.12
C GLU C 1146 -15.77 94.28 15.62
C GLU C 1146 -19.23 93.00 12.80
N GLU C 1147 -16.87 93.59 15.30
N GLU C 1147 -20.09 91.97 12.71
CA GLU C 1147 -18.14 94.30 15.08
CA GLU C 1147 -21.51 92.23 12.45
C GLU C 1147 -18.59 95.03 16.34
C GLU C 1147 -22.14 93.03 13.57
N LEU C 1148 -18.51 94.35 17.49
N LEU C 1148 -21.81 92.71 14.83
CA LEU C 1148 -18.92 94.98 18.74
CA LEU C 1148 -22.33 93.44 15.96
C LEU C 1148 -18.02 96.16 19.10
C LEU C 1148 -21.87 94.89 15.95
N ASP C 1149 -16.71 96.02 18.86
N ASP C 1149 -20.59 95.13 15.61
CA ASP C 1149 -15.79 97.12 19.14
CA ASP C 1149 -20.08 96.49 15.52
C ASP C 1149 -16.07 98.31 18.24
C ASP C 1149 -20.79 97.27 14.42
N LYS C 1150 -16.35 98.07 16.97
N LYS C 1150 -21.03 96.62 13.27
CA LYS C 1150 -16.71 99.16 16.07
CA LYS C 1150 -21.76 97.29 12.19
C LYS C 1150 -18.00 99.84 16.51
C LYS C 1150 -23.18 97.63 12.63
N TYR C 1151 -18.99 99.05 16.93
N TYR C 1151 -23.86 96.69 13.29
CA TYR C 1151 -20.24 99.63 17.41
CA TYR C 1151 -25.21 96.94 13.77
C TYR C 1151 -20.02 100.48 18.66
C TYR C 1151 -25.25 98.08 14.78
N PHE C 1152 -19.20 99.98 19.59
N PHE C 1152 -24.26 98.13 15.68
CA PHE C 1152 -18.91 100.75 20.81
CA PHE C 1152 -24.19 99.20 16.66
C PHE C 1152 -18.15 102.03 20.48
C PHE C 1152 -23.97 100.55 15.97
N LYS C 1153 -17.19 101.97 19.55
N LYS C 1153 -23.02 100.61 15.03
CA LYS C 1153 -16.47 103.16 19.16
CA LYS C 1153 -22.74 101.85 14.33
C LYS C 1153 -17.39 104.19 18.51
C LYS C 1153 -23.87 102.26 13.40
N ASN C 1154 -18.32 103.73 17.68
N ASN C 1154 -24.77 101.34 13.05
CA ASN C 1154 -19.30 104.63 17.08
CA ASN C 1154 -25.90 101.69 12.21
C ASN C 1154 -20.20 105.24 18.14
C ASN C 1154 -26.80 102.72 12.88
N HIS C 1155 -20.60 104.44 19.14
N HIS C 1155 -27.03 102.57 14.19
CA HIS C 1155 -21.44 104.97 20.21
CA HIS C 1155 -27.93 103.46 14.92
C HIS C 1155 -20.71 106.02 21.03
C HIS C 1155 -27.23 104.35 15.93
N THR C 1156 -19.44 105.77 21.36
N THR C 1156 -26.20 103.86 16.62
CA THR C 1156 -18.67 106.73 22.15
CA THR C 1156 -25.50 104.70 17.58
C THR C 1156 -18.45 108.02 21.37
C THR C 1156 -24.76 105.83 16.88
N SER C 1157 -18.15 107.92 20.08
N SER C 1157 -24.14 105.54 15.74
CA SER C 1157 -17.91 109.09 19.26
CA SER C 1157 -23.39 106.55 14.99
C SER C 1157 -18.35 108.85 17.82
C SER C 1157 -24.04 106.80 13.63
C1 NAG D . 45.54 6.20 4.67
C2 NAG D . 46.40 6.30 5.93
C3 NAG D . 47.57 7.18 5.51
C4 NAG D . 48.14 6.91 4.11
C5 NAG D . 47.24 6.12 3.15
C6 NAG D . 48.00 5.25 2.18
C7 NAG D . 45.64 6.29 8.26
C8 NAG D . 46.29 4.92 8.39
N2 NAG D . 45.74 6.88 7.06
O3 NAG D . 48.55 7.11 6.50
O4 NAG D . 48.34 8.20 3.52
O5 NAG D . 46.23 5.34 3.79
O6 NAG D . 48.92 6.07 1.51
O7 NAG D . 45.08 6.81 9.21
C1 NAG D . 49.66 8.75 3.76
C2 NAG D . 49.93 9.83 2.70
C3 NAG D . 51.27 10.53 2.98
C4 NAG D . 51.31 11.02 4.42
C5 NAG D . 51.01 9.85 5.37
C6 NAG D . 50.98 10.25 6.83
C7 NAG D . 48.90 9.49 0.47
C8 NAG D . 47.77 10.38 0.92
N2 NAG D . 49.89 9.28 1.37
O3 NAG D . 51.43 11.59 2.07
O4 NAG D . 52.60 11.54 4.66
O5 NAG D . 49.73 9.33 5.04
O6 NAG D . 50.06 11.29 7.03
O7 NAG D . 48.90 8.99 -0.64
C1 NAG E . -17.73 45.12 42.74
C2 NAG E . -17.95 44.90 44.23
C3 NAG E . -19.30 44.21 44.33
C4 NAG E . -20.31 45.28 43.92
C5 NAG E . -19.89 46.04 42.63
C6 NAG E . -20.59 47.38 42.47
C7 NAG E . -16.43 42.97 44.71
C8 NAG E . -15.28 42.60 45.61
N2 NAG E . -16.88 44.22 44.91
O3 NAG E . -19.42 43.74 45.64
O4 NAG E . -21.58 44.65 43.73
O5 NAG E . -18.50 46.27 42.48
O6 NAG E . -19.95 48.15 41.48
O7 NAG E . -16.87 42.19 43.89
C1 NAG E . -22.33 44.49 44.95
C2 NAG E . -22.55 42.97 45.13
C3 NAG E . -23.11 42.63 46.51
C4 NAG E . -22.28 43.31 47.59
C5 NAG E . -22.25 44.81 47.33
C6 NAG E . -21.47 45.59 48.36
C7 NAG E . -23.32 41.22 43.57
C8 NAG E . -24.32 40.92 42.49
N2 NAG E . -23.41 42.46 44.09
O3 NAG E . -23.10 41.24 46.66
O4 NAG E . -22.87 43.00 48.84
O5 NAG E . -21.66 45.04 46.06
O6 NAG E . -21.33 46.93 47.95
O7 NAG E . -22.50 40.40 43.94
C1 NAG F . 10.79 53.18 27.50
C2 NAG F . 11.37 54.31 28.36
C3 NAG F . 12.73 54.76 27.83
C4 NAG F . 13.65 53.58 27.57
C5 NAG F . 12.91 52.57 26.69
C6 NAG F . 13.72 51.33 26.33
C7 NAG F . 9.65 55.75 29.38
C8 NAG F . 8.78 56.96 29.15
N2 NAG F . 10.46 55.43 28.36
O3 NAG F . 13.27 55.66 28.75
O4 NAG F . 14.80 54.08 26.93
O5 NAG F . 11.75 52.16 27.35
O6 NAG F . 13.84 50.52 27.48
O7 NAG F . 9.61 55.13 30.44
C1 NAG F . 15.94 53.92 27.80
C2 NAG F . 17.19 53.80 26.92
C3 NAG F . 18.42 53.68 27.82
C4 NAG F . 18.47 54.83 28.81
C5 NAG F . 17.15 54.88 29.58
C6 NAG F . 17.07 56.02 30.58
C7 NAG F . 17.10 52.76 24.69
C8 NAG F . 16.99 51.46 23.96
N2 NAG F . 17.10 52.67 26.04
O3 NAG F . 19.55 53.66 26.99
O4 NAG F . 19.57 54.58 29.68
O5 NAG F . 16.09 55.02 28.65
O6 NAG F . 17.29 57.24 29.92
O7 NAG F . 17.19 53.83 24.10
C1 NAG G . 23.27 49.45 10.20
C2 NAG G . 24.28 50.59 10.31
C3 NAG G . 25.66 50.11 9.90
C4 NAG G . 26.05 48.82 10.62
C5 NAG G . 24.92 47.79 10.46
C6 NAG G . 25.15 46.49 11.16
C7 NAG G . 23.26 52.80 9.96
C8 NAG G . 22.89 53.82 8.91
N2 NAG G . 23.86 51.70 9.49
O3 NAG G . 26.58 51.15 10.17
O4 NAG G . 27.24 48.37 10.02
O5 NAG G . 23.73 48.35 10.95
O6 NAG G . 24.00 45.68 11.10
O7 NAG G . 23.02 52.98 11.14
C1 NAG G . 28.24 48.14 11.04
C2 NAG G . 29.33 47.26 10.43
C3 NAG G . 30.42 46.99 11.47
C4 NAG G . 30.92 48.31 12.05
C5 NAG G . 29.73 49.14 12.57
C6 NAG G . 30.13 50.49 13.12
C7 NAG G . 28.47 45.80 8.65
C8 NAG G . 27.90 44.45 8.34
N2 NAG G . 28.78 46.03 9.93
O3 NAG G . 31.44 46.26 10.85
O4 NAG G . 31.82 47.99 13.09
O5 NAG G . 28.81 49.34 11.51
O6 NAG G . 30.84 51.21 12.15
O7 NAG G . 28.65 46.64 7.76
C1 NAG H . -22.78 62.67 42.18
C2 NAG H . -23.36 61.84 43.34
C3 NAG H . -24.88 62.02 43.35
C4 NAG H . -25.19 63.51 43.41
C5 NAG H . -24.56 64.19 42.20
C6 NAG H . -24.90 65.66 42.06
C7 NAG H . -22.30 59.70 44.06
C8 NAG H . -22.06 58.29 43.60
N2 NAG H . -22.98 60.47 43.18
O3 NAG H . -25.41 61.31 44.43
O4 NAG H . -26.59 63.68 43.46
O5 NAG H . -23.17 64.02 42.29
O6 NAG H . -24.66 66.31 43.28
O7 NAG H . -21.92 60.09 45.16
C1 NAG H . -26.87 64.11 44.81
C2 NAG H . -28.12 65.01 44.83
C3 NAG H . -28.42 65.39 46.28
C4 NAG H . -28.50 64.14 47.16
C5 NAG H . -27.23 63.30 46.98
C6 NAG H . -27.21 62.03 47.78
C7 NAG H . -28.48 66.36 42.80
C8 NAG H . -28.09 67.64 42.11
N2 NAG H . -27.90 66.16 44.01
O3 NAG H . -29.61 66.11 46.30
O4 NAG H . -28.67 64.56 48.50
O5 NAG H . -27.11 62.98 45.62
O6 NAG H . -28.37 61.28 47.50
O7 NAG H . -29.27 65.58 42.30
C1 FUC H . -24.30 67.69 43.03
C2 FUC H . -24.53 68.47 44.32
C3 FUC H . -23.63 67.91 45.41
C4 FUC H . -22.16 68.01 44.96
C5 FUC H . -22.02 67.29 43.63
C6 FUC H . -20.63 67.39 43.03
O2 FUC H . -25.90 68.38 44.65
O3 FUC H . -23.89 68.59 46.61
O4 FUC H . -21.82 69.37 44.88
O5 FUC H . -22.95 67.80 42.67
C1 NAG I . -7.35 -38.83 33.68
C2 NAG I . -8.69 -38.26 34.14
C3 NAG I . -8.51 -37.80 35.57
C4 NAG I . -8.04 -38.96 36.45
C5 NAG I . -6.88 -39.73 35.78
C6 NAG I . -6.56 -41.04 36.47
C7 NAG I . -10.19 -37.35 32.43
C8 NAG I . -10.50 -36.15 31.59
N2 NAG I . -9.14 -37.21 33.27
O3 NAG I . -9.73 -37.25 36.02
O4 NAG I . -7.64 -38.41 37.68
O5 NAG I . -7.15 -40.00 34.42
O6 NAG I . -6.20 -40.80 37.81
O7 NAG I . -10.84 -38.39 32.34
C1 NAG I . -8.62 -38.67 38.72
C2 NAG I . -8.14 -37.93 39.98
C3 NAG I . -9.18 -38.07 41.10
C4 NAG I . -10.55 -37.65 40.59
C5 NAG I . -10.89 -38.46 39.34
C6 NAG I . -12.24 -38.13 38.74
C7 NAG I . -5.71 -37.76 40.32
C8 NAG I . -4.50 -38.48 40.84
N2 NAG I . -6.86 -38.44 40.41
O3 NAG I . -8.75 -37.28 42.17
O4 NAG I . -11.47 -37.88 41.63
O5 NAG I . -9.89 -38.22 38.36
O6 NAG I . -12.29 -36.77 38.40
O7 NAG I . -5.63 -36.63 39.87
C1 NAG J . -24.17 30.35 38.28
C2 NAG J . -25.24 30.84 39.28
C3 NAG J . -25.39 29.84 40.42
C4 NAG J . -25.64 28.44 39.88
C5 NAG J . -24.54 28.08 38.89
C6 NAG J . -24.71 26.72 38.25
C7 NAG J . -25.57 33.25 39.49
C8 NAG J . -25.06 34.51 40.15
N2 NAG J . -24.90 32.13 39.79
O3 NAG J . -26.43 30.29 41.23
O4 NAG J . -25.65 27.56 40.97
O5 NAG J . -24.50 29.04 37.85
O6 NAG J . -26.00 26.65 37.67
O7 NAG J . -26.54 33.28 38.74
C1 NAG J . -26.97 26.99 41.08
C2 NAG J . -26.83 25.55 41.61
C3 NAG J . -28.20 24.93 41.81
C4 NAG J . -29.06 25.82 42.71
C5 NAG J . -29.09 27.24 42.11
C6 NAG J . -29.89 28.22 42.93
C7 NAG J . -24.79 24.33 40.97
C8 NAG J . -24.15 23.49 39.89
N2 NAG J . -26.04 24.75 40.70
O3 NAG J . -28.02 23.66 42.37
O4 NAG J . -30.34 25.25 42.76
O5 NAG J . -27.77 27.72 41.99
O6 NAG J . -29.39 28.26 44.24
O7 NAG J . -24.20 24.58 42.01
C1 NAG K . -35.38 70.60 -1.49
C2 NAG K . -36.47 70.00 -2.43
C3 NAG K . -36.49 70.67 -3.79
C4 NAG K . -36.80 72.13 -3.55
C5 NAG K . -35.60 72.67 -2.76
C6 NAG K . -35.65 74.17 -2.53
C7 NAG K . -37.34 67.73 -2.92
C8 NAG K . -36.93 66.31 -3.18
N2 NAG K . -36.32 68.60 -2.71
O3 NAG K . -37.44 70.04 -4.59
O4 NAG K . -37.02 72.72 -4.81
O5 NAG K . -35.54 72.02 -1.50
O6 NAG K . -36.96 74.65 -2.75
O7 NAG K . -38.52 68.06 -2.89
C1 NAG K . -38.43 72.99 -5.01
C2 NAG K . -38.55 73.95 -6.21
C3 NAG K . -40.00 74.33 -6.40
C4 NAG K . -40.88 73.09 -6.52
C5 NAG K . -40.58 72.13 -5.36
C6 NAG K . -41.38 70.84 -5.41
C7 NAG K . -36.43 75.19 -6.44
C8 NAG K . -35.75 76.49 -6.10
N2 NAG K . -37.70 75.09 -6.00
O3 NAG K . -40.08 75.15 -7.54
O4 NAG K . -42.21 73.53 -6.52
O5 NAG K . -39.20 71.85 -5.30
O6 NAG K . -41.38 70.33 -6.73
O7 NAG K . -35.86 74.31 -7.06
C1 FUC K . -37.47 75.19 -1.51
C2 FUC K . -38.64 76.12 -1.86
C3 FUC K . -39.85 75.33 -2.36
C4 FUC K . -40.24 74.25 -1.34
C5 FUC K . -39.01 73.38 -1.06
C6 FUC K . -39.25 72.33 0.00
O2 FUC K . -38.20 77.05 -2.80
O3 FUC K . -40.88 76.25 -2.60
O4 FUC K . -40.73 74.89 -0.18
O5 FUC K . -37.89 74.17 -0.65
C1 NAG L . -22.17 -22.46 -41.54
C2 NAG L . -21.99 -21.32 -42.54
C3 NAG L . -23.33 -20.61 -42.70
C4 NAG L . -24.43 -21.60 -43.08
C5 NAG L . -24.40 -22.80 -42.12
C6 NAG L . -25.39 -23.89 -42.48
C7 NAG L . -19.85 -20.12 -42.80
C8 NAG L . -18.93 -19.12 -42.15
N2 NAG L . -20.98 -20.39 -42.11
O3 NAG L . -23.16 -19.61 -43.67
O4 NAG L . -25.66 -20.92 -43.01
O5 NAG L . -23.10 -23.36 -42.07
O6 NAG L . -26.70 -23.38 -42.39
O7 NAG L . -19.57 -20.65 -43.86
C1 NAG L . -26.13 -20.63 -44.33
C2 NAG L . -27.61 -20.23 -44.24
C3 NAG L . -28.14 -19.80 -45.60
C4 NAG L . -27.24 -18.74 -46.21
C5 NAG L . -25.79 -19.24 -46.22
C6 NAG L . -24.79 -18.26 -46.79
C7 NAG L . -29.09 -21.26 -42.55
C8 NAG L . -29.84 -22.51 -42.20
N2 NAG L . -28.40 -21.32 -43.71
O3 NAG L . -29.45 -19.35 -45.45
O4 NAG L . -27.71 -18.48 -47.51
O5 NAG L . -25.41 -19.56 -44.90
O6 NAG L . -24.84 -17.06 -46.06
O7 NAG L . -29.10 -20.28 -41.83
C1 NAG M . -24.40 -17.87 33.74
C2 NAG M . -25.40 -16.70 33.73
C3 NAG M . -25.31 -16.02 35.09
C4 NAG M . -25.57 -17.02 36.21
C5 NAG M . -24.76 -18.31 36.00
C6 NAG M . -25.12 -19.44 36.95
C7 NAG M . -26.03 -15.45 31.72
C8 NAG M . -25.55 -14.43 30.70
N2 NAG M . -25.13 -15.76 32.67
O3 NAG M . -26.22 -14.95 35.10
O4 NAG M . -25.15 -16.36 37.38
O5 NAG M . -24.88 -18.80 34.68
O6 NAG M . -26.50 -19.74 36.84
O7 NAG M . -27.14 -15.93 31.66
C1 NAG M . -26.24 -16.28 38.31
C2 NAG M . -25.68 -15.76 39.65
C3 NAG M . -26.81 -15.67 40.67
C4 NAG M . -27.94 -14.80 40.09
C5 NAG M . -28.37 -15.34 38.73
C6 NAG M . -29.44 -14.51 38.06
C7 NAG M . -23.32 -16.28 40.06
C8 NAG M . -22.37 -17.31 40.61
N2 NAG M . -24.62 -16.61 40.12
O3 NAG M . -26.29 -15.12 41.85
O4 NAG M . -29.00 -14.83 41.03
O5 NAG M . -27.24 -15.40 37.87
O6 NAG M . -29.03 -13.17 38.01
O7 NAG M . -22.92 -15.22 39.59
C1 NAG N . -35.68 53.12 -7.07
C2 NAG N . -35.07 54.37 -7.73
C3 NAG N . -35.98 54.91 -8.83
C4 NAG N . -36.46 53.76 -9.72
C5 NAG N . -37.18 52.75 -8.85
C6 NAG N . -37.85 51.61 -9.58
C7 NAG N . -35.74 55.94 -5.90
C8 NAG N . -35.20 56.99 -4.97
N2 NAG N . -34.84 55.39 -6.73
O3 NAG N . -35.28 55.91 -9.52
O4 NAG N . -37.29 54.25 -10.74
O5 NAG N . -36.18 52.21 -8.02
O6 NAG N . -38.21 50.63 -8.66
O7 NAG N . -36.93 55.65 -5.89
C1 NAG N . -36.47 54.31 -11.92
C2 NAG N . -37.28 53.85 -13.15
C3 NAG N . -36.46 54.08 -14.41
C4 NAG N . -35.93 55.51 -14.47
C5 NAG N . -35.16 55.79 -13.18
C6 NAG N . -34.55 57.17 -13.08
C7 NAG N . -38.81 51.93 -13.41
C8 NAG N . -38.95 50.44 -13.18
N2 NAG N . -37.63 52.46 -13.02
O3 NAG N . -37.29 53.79 -15.51
O4 NAG N . -35.12 55.62 -15.61
O5 NAG N . -36.05 55.63 -12.10
O6 NAG N . -34.06 57.37 -11.78
O7 NAG N . -39.71 52.58 -13.90
C1 NAG O . -34.68 43.04 24.34
C2 NAG O . -35.81 43.62 25.20
C3 NAG O . -35.90 42.93 26.56
C4 NAG O . -35.95 41.43 26.40
C5 NAG O . -34.85 40.97 25.44
C6 NAG O . -34.88 39.49 25.15
C7 NAG O . -36.46 45.94 24.85
C8 NAG O . -36.17 47.37 25.19
N2 NAG O . -35.65 45.03 25.42
O3 NAG O . -37.03 43.47 27.20
O4 NAG O . -35.75 40.84 27.68
O5 NAG O . -34.93 41.67 24.22
O6 NAG O . -36.21 39.09 24.98
O7 NAG O . -37.38 45.64 24.11
C1 NAG O . -37.00 40.36 28.20
C2 NAG O . -36.70 39.56 29.46
C3 NAG O . -37.99 39.10 30.11
C4 NAG O . -38.90 40.29 30.34
C5 NAG O . -39.12 41.04 29.03
C6 NAG O . -39.96 42.28 29.18
C7 NAG O . -34.66 38.27 29.83
C8 NAG O . -33.88 37.03 29.42
N2 NAG O . -35.83 38.45 29.20
O3 NAG O . -37.66 38.45 31.31
O4 NAG O . -40.12 39.79 30.85
O5 NAG O . -37.86 41.43 28.50
O6 NAG O . -39.46 43.02 30.28
O7 NAG O . -34.23 39.03 30.68
C1 NAG P . -18.27 4.70 -41.64
C2 NAG P . -17.96 5.72 -42.75
C3 NAG P . -19.16 6.66 -42.94
C4 NAG P . -20.45 5.86 -43.14
C5 NAG P . -20.60 4.88 -41.98
C6 NAG P . -21.84 4.00 -42.06
C7 NAG P . -15.67 6.56 -43.15
C8 NAG P . -15.69 5.77 -44.44
N2 NAG P . -16.79 6.48 -42.41
O3 NAG P . -18.88 7.49 -44.03
O4 NAG P . -21.52 6.76 -43.19
O5 NAG P . -19.47 4.03 -41.96
O6 NAG P . -21.87 3.33 -43.28
O7 NAG P . -14.70 7.21 -42.84
C1 NAG P . -22.06 6.77 -44.53
C2 NAG P . -23.58 6.81 -44.46
C3 NAG P . -24.17 6.90 -45.86
C4 NAG P . -23.54 8.06 -46.63
C5 NAG P . -22.02 7.93 -46.59
C6 NAG P . -21.29 9.06 -47.30
C7 NAG P . -24.87 5.65 -42.68
C8 NAG P . -25.21 7.01 -42.14
N2 NAG P . -24.09 5.64 -43.79
O3 NAG P . -25.56 7.03 -45.75
O4 NAG P . -24.04 8.01 -47.95
O5 NAG P . -21.60 7.90 -45.23
O6 NAG P . -21.69 10.29 -46.75
O7 NAG P . -25.28 4.62 -42.15
C1 NAG Q . 16.39 62.89 4.48
C2 NAG Q . 17.72 62.84 3.73
C3 NAG Q . 18.77 62.26 4.67
C4 NAG Q . 18.84 63.12 5.93
C5 NAG Q . 17.45 63.30 6.53
C6 NAG Q . 17.40 64.22 7.72
C7 NAG Q . 17.15 60.87 2.30
C8 NAG Q . 17.14 60.41 0.86
N2 NAG Q . 17.60 62.12 2.48
O3 NAG Q . 20.00 62.22 3.98
O4 NAG Q . 19.73 62.47 6.83
O5 NAG Q . 16.54 63.79 5.56
O6 NAG Q . 16.07 64.46 8.10
O7 NAG Q . 16.79 60.12 3.19
C1 NAG Q . 20.95 63.23 6.92
C2 NAG Q . 21.96 62.40 7.72
C3 NAG Q . 23.32 63.09 7.74
C4 NAG Q . 23.76 63.46 6.32
C5 NAG Q . 22.66 64.29 5.67
C6 NAG Q . 22.97 64.72 4.25
C7 NAG Q . 21.32 60.97 9.61
C8 NAG Q . 20.82 60.99 11.05
N2 NAG Q . 21.50 62.18 9.07
O3 NAG Q . 24.24 62.22 8.36
O4 NAG Q . 24.97 64.18 6.43
O5 NAG Q . 21.47 63.52 5.65
O6 NAG Q . 21.85 65.37 3.70
O7 NAG Q . 21.52 59.92 9.03
C1 NAG R . -11.42 57.78 -13.32
C2 NAG R . -11.70 59.13 -13.99
C3 NAG R . -12.85 59.01 -14.97
C4 NAG R . -12.61 57.89 -15.98
C5 NAG R . -12.28 56.60 -15.22
C6 NAG R . -11.91 55.43 -16.11
C7 NAG R . -11.45 61.38 -12.99
C8 NAG R . -11.93 62.29 -11.88
N2 NAG R . -12.02 60.16 -13.03
O3 NAG R . -13.00 60.25 -15.60
O4 NAG R . -13.79 57.77 -16.72
O5 NAG R . -11.19 56.83 -14.35
O6 NAG R . -10.73 55.74 -16.82
O7 NAG R . -10.59 61.75 -13.77
C1 NAG R . -13.55 58.06 -18.12
C2 NAG R . -14.76 57.57 -18.91
C3 NAG R . -14.53 57.82 -20.39
C4 NAG R . -14.22 59.29 -20.63
C5 NAG R . -13.07 59.73 -19.71
C6 NAG R . -12.71 61.19 -19.84
C7 NAG R . -16.14 55.68 -18.11
C8 NAG R . -16.16 54.18 -17.96
N2 NAG R . -15.01 56.17 -18.66
O3 NAG R . -15.67 57.40 -21.09
O4 NAG R . -13.88 59.43 -22.00
O5 NAG R . -13.39 59.44 -18.36
O6 NAG R . -13.85 61.98 -19.55
O7 NAG R . -17.08 56.37 -17.76
C1 NAG S . -27.85 45.13 -17.65
C2 NAG S . -28.45 46.03 -18.71
C3 NAG S . -28.60 45.16 -19.95
C4 NAG S . -27.28 44.48 -20.33
C5 NAG S . -26.52 43.96 -19.09
C6 NAG S . -25.11 43.49 -19.40
C7 NAG S . -30.04 47.81 -18.11
C8 NAG S . -31.46 48.09 -17.67
N2 NAG S . -29.74 46.51 -18.29
O3 NAG S . -29.09 45.96 -20.98
O4 NAG S . -27.64 43.39 -21.16
O5 NAG S . -26.50 44.89 -18.01
O6 NAG S . -25.16 42.47 -20.37
O7 NAG S . -29.24 48.72 -18.27
C1 NAG S . -27.43 43.66 -22.56
C2 NAG S . -28.14 42.56 -23.35
C3 NAG S . -28.00 42.81 -24.85
C4 NAG S . -28.50 44.20 -25.19
C5 NAG S . -27.77 45.22 -24.33
C6 NAG S . -28.24 46.64 -24.55
C7 NAG S . -28.43 40.23 -22.62
C8 NAG S . -27.71 38.94 -22.32
N2 NAG S . -27.65 41.24 -23.02
O3 NAG S . -28.74 41.81 -25.52
O4 NAG S . -28.28 44.41 -26.57
O5 NAG S . -27.95 44.90 -22.96
O6 NAG S . -29.63 46.73 -24.42
O7 NAG S . -29.65 40.33 -22.49
C1 NAG T . 8.52 76.91 12.07
C2 NAG T . 9.93 76.95 11.45
C3 NAG T . 11.01 77.17 12.50
C4 NAG T . 10.68 78.40 13.33
C5 NAG T . 9.29 78.21 13.94
C6 NAG T . 8.82 79.39 14.77
C7 NAG T . 10.83 75.78 9.51
C8 NAG T . 11.04 74.42 8.86
N2 NAG T . 10.21 75.76 10.69
O3 NAG T . 12.24 77.30 11.84
O4 NAG T . 11.68 78.54 14.32
O5 NAG T . 8.36 78.06 12.90
O6 NAG T . 8.92 80.55 13.97
O7 NAG T . 11.21 76.81 8.96
C1 NAG T . 12.36 79.80 14.14
C2 NAG T . 12.70 80.37 15.52
C3 NAG T . 13.47 81.67 15.37
C4 NAG T . 14.68 81.47 14.47
C5 NAG T . 14.22 80.86 13.14
C6 NAG T . 15.35 80.59 12.17
C7 NAG T . 11.23 79.92 17.44
C8 NAG T . 9.92 80.30 18.10
N2 NAG T . 11.51 80.59 16.30
O3 NAG T . 13.84 82.11 16.65
O4 NAG T . 15.28 82.73 14.29
O5 NAG T . 13.55 79.64 13.40
O6 NAG T . 16.37 79.87 12.82
O7 NAG T . 11.95 79.06 17.92
C1 FUC T . 8.12 81.59 14.57
C2 FUC T . 8.63 82.92 14.01
C3 FUC T . 8.38 82.99 12.51
C4 FUC T . 6.90 82.78 12.21
C5 FUC T . 6.46 81.45 12.84
C6 FUC T . 4.97 81.19 12.70
O2 FUC T . 9.98 83.04 14.34
O3 FUC T . 8.86 84.24 12.06
O4 FUC T . 6.18 83.88 12.71
O5 FUC T . 6.76 81.43 14.22
C1 NAG U . 37.98 -41.24 -1.85
C2 NAG U . 38.90 -41.01 -0.64
C3 NAG U . 40.31 -40.64 -1.12
C4 NAG U . 40.82 -41.72 -2.06
C5 NAG U . 39.80 -41.90 -3.21
C6 NAG U . 40.18 -42.96 -4.22
C7 NAG U . 37.63 -40.22 1.32
C8 NAG U . 37.17 -39.00 2.06
N2 NAG U . 38.36 -39.97 0.21
O3 NAG U . 41.12 -40.52 0.03
O4 NAG U . 42.12 -41.39 -2.50
O5 NAG U . 38.55 -42.23 -2.67
O6 NAG U . 39.14 -43.13 -5.14
O7 NAG U . 37.37 -41.35 1.70
C1 NAG U . 42.14 -40.14 -3.21
C2 NAG U . 43.34 -39.33 -2.73
C3 NAG U . 43.46 -38.03 -3.53
C4 NAG U . 43.47 -38.32 -5.01
C5 NAG U . 42.24 -39.16 -5.36
C6 NAG U . 42.16 -39.54 -6.83
C7 NAG U . 44.09 -39.56 -0.38
C8 NAG U . 45.18 -40.46 -0.89
N2 NAG U . 43.26 -39.06 -1.32
O3 NAG U . 44.63 -37.37 -3.11
O4 NAG U . 43.46 -37.08 -5.69
O5 NAG U . 42.26 -40.35 -4.60
O6 NAG U . 41.09 -40.43 -7.03
O7 NAG U . 43.98 -39.31 0.82
C1 NAG V . -1.77 46.58 40.37
C2 NAG V . -0.24 46.51 40.39
C3 NAG V . 0.13 45.43 41.41
C4 NAG V . -0.50 45.74 42.77
C5 NAG V . -2.00 46.05 42.62
C6 NAG V . -2.65 46.51 43.91
C7 NAG V . 1.53 46.60 38.70
C8 NAG V . 1.93 46.16 37.32
N2 NAG V . 0.32 46.20 39.11
O3 NAG V . 1.52 45.36 41.48
O4 NAG V . -0.29 44.62 43.59
O5 NAG V . -2.21 47.03 41.63
O6 NAG V . -2.01 47.69 44.35
O7 NAG V . 2.28 47.27 39.40
C1 NAG W . -2.53 63.17 39.80
C2 NAG W . -1.63 63.68 40.94
C3 NAG W . -1.75 65.19 41.04
C4 NAG W . -1.46 65.84 39.70
C5 NAG W . -2.37 65.23 38.63
C6 NAG W . -2.13 65.77 37.25
C7 NAG W . -1.20 62.15 42.81
C8 NAG W . -1.75 61.62 44.10
N2 NAG W . -1.97 63.05 42.18
O3 NAG W . -0.87 65.63 42.03
O4 NAG W . -1.70 67.22 39.84
O5 NAG W . -2.16 63.82 38.61
O6 NAG W . -0.78 65.59 36.89
O7 NAG W . -0.12 61.78 42.37
C1 NAG X . 1.11 -1.98 38.36
C2 NAG X . -0.24 -2.36 37.75
C3 NAG X . -1.41 -1.83 38.60
C4 NAG X . -1.20 -2.13 40.07
C5 NAG X . 0.17 -1.60 40.50
C6 NAG X . 0.50 -1.80 41.96
C7 NAG X . -0.32 -0.58 35.98
C8 NAG X . -0.45 -0.38 34.49
N2 NAG X . -0.35 -1.87 36.39
O3 NAG X . -2.59 -2.40 38.11
O4 NAG X . -2.24 -1.49 40.78
O5 NAG X . 1.14 -2.27 39.73
O6 NAG X . 0.68 -3.17 42.22
O7 NAG X . -0.20 0.38 36.72
C1 NAG Y . 31.43 -33.31 16.67
C2 NAG Y . 29.99 -33.69 16.32
C3 NAG Y . 29.08 -33.51 17.54
C4 NAG Y . 29.67 -34.22 18.76
C5 NAG Y . 31.11 -33.75 18.97
C6 NAG Y . 31.80 -34.38 20.17
C7 NAG Y . 29.50 -33.27 13.94
C8 NAG Y . 28.97 -32.25 12.98
N2 NAG Y . 29.52 -32.88 15.24
O3 NAG Y . 27.81 -34.00 17.21
O4 NAG Y . 28.84 -33.91 19.86
O5 NAG Y . 31.85 -34.04 17.80
O6 NAG Y . 31.82 -35.78 20.00
O7 NAG Y . 29.88 -34.37 13.57
C1 NAG Z . 34.41 -13.27 34.33
C2 NAG Z . 33.23 -12.31 34.62
C3 NAG Z . 33.30 -11.71 36.02
C4 NAG Z . 33.35 -12.85 37.02
C5 NAG Z . 34.58 -13.71 36.69
C6 NAG Z . 34.75 -14.84 37.67
C7 NAG Z . 32.01 -10.84 33.04
C8 NAG Z . 32.20 -9.70 32.06
N2 NAG Z . 33.13 -11.23 33.67
O3 NAG Z . 32.17 -10.90 36.21
O4 NAG Z . 33.45 -12.30 38.32
O5 NAG Z . 34.48 -14.22 35.37
O6 NAG Z . 34.85 -14.32 38.97
O7 NAG Z . 30.91 -11.34 33.23
C1 NAG AA . 62.19 -26.68 9.31
C2 NAG AA . 61.80 -28.08 8.79
C3 NAG AA . 62.99 -28.85 8.22
C4 NAG AA . 63.81 -27.98 7.27
C5 NAG AA . 64.18 -26.68 8.00
C6 NAG AA . 65.03 -25.74 7.18
C7 NAG AA . 61.31 -29.37 10.98
C8 NAG AA . 62.67 -29.19 11.60
N2 NAG AA . 61.03 -28.85 9.75
O3 NAG AA . 62.50 -30.00 7.57
O4 NAG AA . 64.96 -28.72 6.91
O5 NAG AA . 62.98 -26.02 8.34
O6 NAG AA . 65.22 -24.54 7.88
O7 NAG AA . 60.46 -30.00 11.59
C1 NAG BA . 42.69 -45.31 8.51
C2 NAG BA . 42.17 -45.63 9.92
C3 NAG BA . 42.01 -47.14 10.10
C4 NAG BA . 41.20 -47.73 8.96
C5 NAG BA . 41.81 -47.31 7.63
C6 NAG BA . 41.07 -47.85 6.42
C7 NAG BA . 44.32 -45.34 11.15
C8 NAG BA . 44.93 -44.60 12.32
N2 NAG BA . 43.02 -45.07 10.95
O3 NAG BA . 41.41 -47.37 11.35
O4 NAG BA . 41.20 -49.14 9.12
O5 NAG BA . 41.84 -45.90 7.55
O6 NAG BA . 39.71 -47.51 6.51
O7 NAG BA . 44.99 -46.11 10.49
C1 NAG CA . -7.24 -64.46 15.51
C2 NAG CA . -7.23 -63.81 16.90
C3 NAG CA . -8.67 -63.67 17.40
C4 NAG CA . -9.53 -62.94 16.37
C5 NAG CA . -9.39 -63.63 15.01
C6 NAG CA . -10.15 -62.96 13.90
C7 NAG CA . -5.18 -64.27 18.17
C8 NAG CA . -4.52 -65.22 19.14
N2 NAG CA . -6.43 -64.58 17.82
O3 NAG CA . -8.63 -62.98 18.64
O4 NAG CA . -10.85 -62.97 16.84
O5 NAG CA . -8.03 -63.67 14.65
O6 NAG CA . -9.79 -63.51 12.67
O7 NAG CA . -4.57 -63.28 17.75
C1 NAG DA . -40.47 46.33 6.07
C2 NAG DA . -41.10 45.25 6.97
C3 NAG DA . -42.15 44.53 6.15
C4 NAG DA . -43.14 45.53 5.55
C5 NAG DA . -42.40 46.65 4.82
C6 NAG DA . -43.30 47.72 4.23
C7 NAG DA . -39.85 44.06 8.73
C8 NAG DA . -38.74 43.08 8.98
N2 NAG DA . -40.08 44.34 7.44
O3 NAG DA . -42.78 43.59 6.97
O4 NAG DA . -43.97 44.79 4.66
O5 NAG DA . -41.47 47.24 5.70
O6 NAG DA . -44.13 48.24 5.25
O7 NAG DA . -40.48 44.56 9.64
C1 NAG EA . -40.26 59.76 15.40
C2 NAG EA . -41.61 60.34 15.84
C3 NAG EA . -41.37 61.60 16.68
C4 NAG EA . -40.53 61.22 17.89
C5 NAG EA . -39.24 60.55 17.42
C6 NAG EA . -38.36 60.07 18.56
C7 NAG EA . -43.62 59.96 14.50
C8 NAG EA . -44.39 60.40 13.28
N2 NAG EA . -42.47 60.62 14.72
O3 NAG EA . -42.62 62.12 17.05
O4 NAG EA . -40.27 62.41 18.62
O5 NAG EA . -39.53 59.45 16.57
O6 NAG EA . -37.20 59.45 18.05
O7 NAG EA . -44.01 59.05 15.22
C1 NAG FA . -35.54 3.61 -16.70
C2 NAG FA . -34.20 3.34 -17.43
C3 NAG FA . -33.91 4.23 -18.63
C4 NAG FA . -35.15 4.55 -19.44
C5 NAG FA . -36.18 5.13 -18.47
C6 NAG FA . -37.44 5.61 -19.15
C7 NAG FA . -32.74 4.60 -15.84
C8 NAG FA . -31.51 4.45 -14.96
N2 NAG FA . -33.09 3.48 -16.53
O3 NAG FA . -32.93 3.60 -19.41
O4 NAG FA . -34.79 5.48 -20.43
O5 NAG FA . -36.54 4.09 -17.59
O6 NAG FA . -38.01 4.57 -19.91
O7 NAG FA . -33.33 5.67 -15.90
C1 NAG GA . -20.33 -41.37 -2.27
C2 NAG GA . -19.85 -40.26 -3.21
C3 NAG GA . -21.04 -39.43 -3.67
C4 NAG GA . -22.11 -40.33 -4.28
C5 NAG GA . -22.45 -41.46 -3.29
C6 NAG GA . -23.48 -42.43 -3.81
C7 NAG GA . -17.53 -39.58 -2.75
C8 NAG GA . -16.67 -38.62 -1.96
N2 NAG GA . -18.85 -39.45 -2.56
O3 NAG GA . -20.58 -38.48 -4.59
O4 NAG GA . -23.23 -39.52 -4.55
O5 NAG GA . -21.27 -42.16 -2.96
O6 NAG GA . -23.11 -42.88 -5.09
O7 NAG GA . -17.03 -40.42 -3.49
C1 NAG HA . -29.52 -53.53 25.56
C2 NAG HA . -28.56 -54.45 24.77
C3 NAG HA . -28.30 -55.78 25.49
C4 NAG HA . -27.94 -55.53 26.95
C5 NAG HA . -29.03 -54.67 27.59
C6 NAG HA . -28.81 -54.38 29.05
C7 NAG HA . -30.00 -55.20 22.75
C8 NAG HA . -31.13 -55.81 23.56
N2 NAG HA . -28.94 -54.64 23.37
O3 NAG HA . -27.27 -56.45 24.82
O4 NAG HA . -27.84 -56.79 27.57
O5 NAG HA . -29.09 -53.43 26.89
O6 NAG HA . -29.77 -53.45 29.50
O7 NAG HA . -30.08 -55.22 21.52
C1 NAG IA . -16.58 -58.09 2.11
C2 NAG IA . -17.52 -58.00 0.90
C3 NAG IA . -17.26 -59.19 -0.04
C4 NAG IA . -15.78 -59.29 -0.38
C5 NAG IA . -14.95 -59.30 0.90
C6 NAG IA . -13.46 -59.36 0.66
C7 NAG IA . -19.59 -58.81 2.02
C8 NAG IA . -21.03 -58.43 2.27
N2 NAG IA . -18.90 -57.92 1.29
O3 NAG IA . -18.06 -59.02 -1.17
O4 NAG IA . -15.61 -60.46 -1.14
O5 NAG IA . -15.24 -58.15 1.67
O6 NAG IA . -13.06 -58.28 -0.16
O7 NAG IA . -19.14 -59.86 2.47
C1 NAG JA . -43.71 -23.63 2.20
C2 NAG JA . -44.00 -22.17 2.59
C3 NAG JA . -45.52 -22.17 2.43
C4 NAG JA . -45.94 -22.56 1.01
C5 NAG JA . -45.18 -23.79 0.48
C6 NAG JA . -45.36 -23.99 -1.01
C7 NAG JA . -43.34 -20.69 4.51
C8 NAG JA . -43.31 -19.48 3.60
N2 NAG JA . -43.67 -21.87 3.96
O3 NAG JA . -46.03 -20.92 2.77
O4 NAG JA . -47.32 -22.83 1.07
O5 NAG JA . -43.79 -23.73 0.80
O6 NAG JA . -46.71 -23.76 -1.33
O7 NAG JA . -43.06 -20.55 5.69
C1 NAG KA . -4.47 -45.62 -48.20
C2 NAG KA . -3.29 -45.00 -48.95
C3 NAG KA . -3.67 -43.58 -49.37
C4 NAG KA . -4.97 -43.60 -50.17
C5 NAG KA . -6.06 -44.35 -49.38
C6 NAG KA . -7.36 -44.49 -50.12
C7 NAG KA . -1.06 -45.82 -48.33
C8 NAG KA . 0.08 -45.65 -47.35
N2 NAG KA . -2.11 -45.00 -48.13
O3 NAG KA . -2.61 -43.04 -50.12
O4 NAG KA . -5.34 -42.26 -50.41
O5 NAG KA . -5.59 -45.64 -49.05
O6 NAG KA . -7.91 -43.21 -50.35
O7 NAG KA . -1.01 -46.66 -49.21
C1 NAG LA . 49.08 -14.98 -15.45
C2 NAG LA . 49.75 -14.69 -14.10
C3 NAG LA . 50.31 -13.27 -14.09
C4 NAG LA . 51.22 -13.06 -15.29
C5 NAG LA . 50.47 -13.42 -16.57
C6 NAG LA . 51.30 -13.29 -17.82
C7 NAG LA . 48.97 -15.81 -12.05
C8 NAG LA . 50.20 -16.68 -12.16
N2 NAG LA . 48.83 -14.89 -13.02
O3 NAG LA . 50.98 -13.08 -12.87
O4 NAG LA . 51.63 -11.72 -15.28
O5 NAG LA . 50.01 -14.75 -16.47
O6 NAG LA . 50.62 -13.89 -18.91
O7 NAG LA . 48.17 -15.96 -11.13
C1 NAG MA . 6.80 61.78 -8.30
C2 NAG MA . 6.37 61.20 -9.65
C3 NAG MA . 7.55 61.30 -10.61
C4 NAG MA . 8.06 62.73 -10.68
C5 NAG MA . 8.33 63.27 -9.25
C6 NAG MA . 8.78 64.71 -9.21
C7 NAG MA . 4.69 59.42 -9.90
C8 NAG MA . 4.42 57.96 -9.65
N2 NAG MA . 5.91 59.85 -9.51
O3 NAG MA . 7.13 60.82 -11.86
O4 NAG MA . 9.24 62.71 -11.45
O5 NAG MA . 7.14 63.13 -8.48
O6 NAG MA . 7.79 65.54 -9.75
O7 NAG MA . 3.87 60.14 -10.43
C1 NAG NA . -2.59 74.36 -4.90
C2 NAG NA . -2.25 75.44 -5.92
C3 NAG NA . -2.87 76.75 -5.46
C4 NAG NA . -4.37 76.58 -5.30
C5 NAG NA . -4.65 75.37 -4.40
C6 NAG NA . -6.14 75.08 -4.22
C7 NAG NA . -0.20 75.55 -7.26
C8 NAG NA . 1.30 75.66 -7.21
N2 NAG NA . -0.82 75.55 -6.07
O3 NAG NA . -2.58 77.73 -6.43
O4 NAG NA . -4.88 77.77 -4.75
O5 NAG NA . -4.00 74.22 -4.89
O6 NAG NA . -6.69 74.61 -5.44
O7 NAG NA . -0.80 75.48 -8.33
C1 NAG OA . 19.73 3.66 -47.70
C2 NAG OA . 19.90 5.06 -47.11
C3 NAG OA . 20.88 5.87 -47.97
C4 NAG OA . 22.17 5.10 -48.19
C5 NAG OA . 21.83 3.72 -48.77
C6 NAG OA . 23.04 2.85 -49.03
C7 NAG OA . 18.11 6.18 -45.85
C8 NAG OA . 16.78 6.87 -45.99
N2 NAG OA . 18.65 5.74 -47.00
O3 NAG OA . 21.11 7.10 -47.31
O4 NAG OA . 22.95 5.86 -49.09
O5 NAG OA . 20.98 3.05 -47.86
O6 NAG OA . 23.84 3.43 -50.03
O7 NAG OA . 18.64 6.04 -44.76
C1 NAG PA . -5.77 -22.48 -63.51
C2 NAG PA . -5.05 -23.79 -63.88
C3 NAG PA . -6.00 -24.89 -64.36
C4 NAG PA . -7.20 -25.00 -63.43
C5 NAG PA . -7.86 -23.62 -63.38
C6 NAG PA . -9.17 -23.61 -62.62
C7 NAG PA . -2.79 -23.98 -64.90
C8 NAG PA . -2.35 -24.79 -63.71
N2 NAG PA . -4.07 -23.55 -64.91
O3 NAG PA . -5.28 -26.09 -64.41
O4 NAG PA . -8.06 -25.98 -63.98
O5 NAG PA . -6.96 -22.73 -62.78
O6 NAG PA . -10.06 -24.54 -63.20
O7 NAG PA . -2.00 -23.74 -65.82
C1 NAG QA . 11.79 -37.94 -48.69
C2 NAG QA . 13.26 -37.55 -48.93
C3 NAG QA . 14.12 -38.80 -49.02
C4 NAG QA . 13.89 -39.70 -47.80
C5 NAG QA . 12.39 -39.96 -47.64
C6 NAG QA . 12.05 -40.83 -46.45
C7 NAG QA . 13.09 -37.03 -51.38
C8 NAG QA . 13.38 -35.94 -52.37
N2 NAG QA . 13.42 -36.72 -50.10
O3 NAG QA . 15.47 -38.41 -49.13
O4 NAG QA . 14.61 -40.89 -48.01
O5 NAG QA . 11.71 -38.73 -47.53
O6 NAG QA . 12.58 -40.25 -45.28
O7 NAG QA . 12.61 -38.10 -51.73
C1 NAG RA . 30.67 19.95 -18.61
C2 NAG RA . 31.06 19.86 -17.13
C3 NAG RA . 31.15 21.28 -16.59
C4 NAG RA . 32.14 22.08 -17.43
C5 NAG RA . 31.83 21.95 -18.93
C6 NAG RA . 32.87 22.61 -19.82
C7 NAG RA . 30.27 17.74 -16.22
C8 NAG RA . 29.15 17.07 -15.47
N2 NAG RA . 30.10 19.06 -16.42
O3 NAG RA . 31.52 21.21 -15.24
O4 NAG RA . 32.07 23.41 -17.00
O5 NAG RA . 31.72 20.58 -19.29
O6 NAG RA . 34.16 22.19 -19.43
O7 NAG RA . 31.24 17.12 -16.61
C1 NAG SA . 37.38 -45.07 -16.89
C2 NAG SA . 38.55 -44.40 -17.64
C3 NAG SA . 39.06 -45.28 -18.78
C4 NAG SA . 39.28 -46.68 -18.25
C5 NAG SA . 37.89 -47.25 -17.97
C6 NAG SA . 37.97 -48.62 -17.31
C7 NAG SA . 39.02 -42.04 -18.20
C8 NAG SA . 38.41 -40.78 -18.75
N2 NAG SA . 38.19 -43.11 -18.15
O3 NAG SA . 40.25 -44.69 -19.25
O4 NAG SA . 39.98 -47.41 -19.23
O5 NAG SA . 37.06 -46.42 -17.20
O6 NAG SA . 36.70 -48.99 -16.79
O7 NAG SA . 40.18 -42.06 -17.81
C1 NAG TA . 14.55 -24.59 -38.04
C2 NAG TA . 15.96 -24.89 -37.54
C3 NAG TA . 15.74 -25.99 -36.52
C4 NAG TA . 14.74 -25.55 -35.45
C5 NAG TA . 13.50 -24.83 -36.03
C6 NAG TA . 12.63 -24.14 -35.00
C7 NAG TA . 17.68 -24.48 -39.25
C8 NAG TA . 18.48 -25.08 -40.39
N2 NAG TA . 16.81 -25.29 -38.63
O3 NAG TA . 16.97 -26.37 -35.97
O4 NAG TA . 14.36 -26.73 -34.77
O5 NAG TA . 13.86 -23.89 -37.03
O6 NAG TA . 13.08 -24.46 -33.70
O7 NAG TA . 17.83 -23.30 -38.95
#